data_2J69
#
_entry.id   2J69
#
_cell.length_a   214.289
_cell.length_b   218.596
_cell.length_c   151.198
_cell.angle_alpha   90.00
_cell.angle_beta   134.81
_cell.angle_gamma   90.00
#
_symmetry.space_group_name_H-M   'C 1 2 1'
#
_entity_poly.entity_id   1
_entity_poly.type   'polypeptide(L)'
_entity_poly.pdbx_seq_one_letter_code
;MVNQVATDRFIQDLERVAQVRSEMSVCLNKLAETINKAELAGDSSSGKLSLERDIEDITIASKNLQQGVFRLLVLGDMKR
GKSTFLNALIGENLLPSDVNPCTAVLTVLRYGPEKKVTIHFNDGKSPQQLDFQNFKYKYTIDPAEAKKLEQEKKQAFPDV
DYAVVEYPLTLLQKGIEIVDSPGLNDTEARNELSLGYVNNCHAILFVMRASQPCTLGERRYLENYIKGRGLTVFFLVNAW
DQVRESLIDPDDVEELQASENRLRQVFNANLAEYCTVEGQNIYDERVFELSSIQALRRRLKNPQADLDGTGFPKFMDSLN
TFLTRERAIAELRQVRTLARLACNHTREAVARRIPLLEQDVNELKKRIDSVEPEFNKLTGIRDEFQKEIINTRDTQARTI
SESFRSYVLNLGNTFENDFLRYQPELNLFDFLSSGKREAFNAALQKAFEQYITDKSAAWTLTAEKDINAAFKELSRSASQ
YGASYNQITDQITEKLTGKDVKVHTTTTAEEDNSPGWAKWAMGLLSLSKGNLAGFALAGAGFDWKNILLNYFTVIGIGGI
ITAVTGILLGPIGFALLGLGVGFLQADQARRELVKTAKKELVKHLPQVAHEQSQVVYNAVKECFDSYEREVSKRINDDIV
SRKSELDNLVKQKQTREINRESEFNRLKNLQEDVIAQLQKIEAAYSNLLAYYSHH
;
_entity_poly.pdbx_strand_id   A,B,C,D
#
# COMPACT_ATOMS: atom_id res chain seq x y z
N GLN A 4 -5.00 15.40 -3.49
CA GLN A 4 -6.44 15.19 -3.13
C GLN A 4 -6.99 13.81 -3.56
N VAL A 5 -7.27 12.98 -2.56
CA VAL A 5 -7.71 11.59 -2.76
C VAL A 5 -9.10 11.44 -3.39
N ALA A 6 -9.37 10.25 -3.91
CA ALA A 6 -10.64 9.93 -4.56
C ALA A 6 -11.84 10.02 -3.62
N THR A 7 -11.61 9.77 -2.32
CA THR A 7 -12.68 9.83 -1.31
C THR A 7 -13.25 11.24 -1.19
N ASP A 8 -12.37 12.23 -1.19
CA ASP A 8 -12.75 13.63 -1.14
C ASP A 8 -13.28 14.13 -2.47
N ARG A 9 -12.56 13.81 -3.55
CA ARG A 9 -12.98 14.19 -4.91
C ARG A 9 -14.42 13.77 -5.21
N PHE A 10 -14.85 12.64 -4.64
CA PHE A 10 -16.22 12.15 -4.72
C PHE A 10 -17.15 13.03 -3.88
N ILE A 11 -16.75 13.27 -2.63
CA ILE A 11 -17.53 14.14 -1.73
C ILE A 11 -17.60 15.57 -2.26
N GLN A 12 -16.52 16.01 -2.90
CA GLN A 12 -16.45 17.33 -3.55
C GLN A 12 -17.51 17.44 -4.64
N ASP A 13 -17.42 16.54 -5.63
CA ASP A 13 -18.34 16.48 -6.78
C ASP A 13 -19.81 16.36 -6.35
N LEU A 14 -20.03 15.49 -5.38
CA LEU A 14 -21.35 15.19 -4.86
C LEU A 14 -22.02 16.44 -4.27
N GLU A 15 -21.22 17.29 -3.63
CA GLU A 15 -21.71 18.51 -2.99
C GLU A 15 -21.96 19.62 -4.01
N ARG A 16 -21.14 19.63 -5.06
CA ARG A 16 -21.36 20.51 -6.20
C ARG A 16 -22.76 20.28 -6.78
N VAL A 17 -23.11 19.01 -7.00
CA VAL A 17 -24.41 18.67 -7.56
C VAL A 17 -25.52 19.07 -6.61
N ALA A 18 -25.31 18.87 -5.31
CA ALA A 18 -26.30 19.26 -4.31
C ALA A 18 -26.56 20.76 -4.36
N GLN A 19 -25.49 21.55 -4.45
CA GLN A 19 -25.59 23.02 -4.62
C GLN A 19 -26.42 23.37 -5.86
N VAL A 20 -26.06 22.77 -6.99
CA VAL A 20 -26.69 23.03 -8.26
C VAL A 20 -28.16 22.63 -8.19
N ARG A 21 -28.42 21.54 -7.47
CA ARG A 21 -29.78 21.05 -7.26
C ARG A 21 -30.53 22.05 -6.39
N SER A 22 -29.87 22.51 -5.33
CA SER A 22 -30.47 23.44 -4.41
C SER A 22 -30.90 24.75 -5.08
N GLU A 23 -30.01 25.35 -5.89
CA GLU A 23 -30.38 26.61 -6.54
C GLU A 23 -31.58 26.47 -7.46
N MET A 24 -31.56 25.43 -8.30
CA MET A 24 -32.65 25.16 -9.23
C MET A 24 -33.98 25.10 -8.48
N SER A 25 -33.95 24.46 -7.33
CA SER A 25 -35.12 24.32 -6.48
C SER A 25 -35.63 25.67 -6.02
N VAL A 26 -34.71 26.55 -5.61
CA VAL A 26 -35.04 27.92 -5.17
C VAL A 26 -35.59 28.73 -6.35
N CYS A 27 -34.97 28.56 -7.52
CA CYS A 27 -35.42 29.19 -8.75
C CYS A 27 -36.82 28.75 -9.16
N LEU A 28 -37.10 27.45 -9.05
CA LEU A 28 -38.40 26.90 -9.44
C LEU A 28 -39.52 27.37 -8.51
N ASN A 29 -39.21 27.45 -7.21
CA ASN A 29 -40.12 28.01 -6.22
C ASN A 29 -40.48 29.47 -6.50
N LYS A 30 -39.49 30.28 -6.86
CA LYS A 30 -39.73 31.68 -7.20
C LYS A 30 -40.49 31.80 -8.52
N LEU A 31 -40.25 30.85 -9.42
CA LEU A 31 -40.93 30.78 -10.69
C LEU A 31 -42.42 30.49 -10.49
N ALA A 32 -42.74 29.38 -9.84
CA ALA A 32 -44.14 29.01 -9.58
C ALA A 32 -44.88 30.09 -8.80
N GLU A 33 -44.18 30.69 -7.84
CA GLU A 33 -44.74 31.78 -7.04
C GLU A 33 -45.06 32.97 -7.93
N THR A 34 -44.15 33.29 -8.85
CA THR A 34 -44.34 34.39 -9.82
C THR A 34 -45.60 34.20 -10.68
N ILE A 35 -45.71 33.04 -11.34
CA ILE A 35 -46.88 32.71 -12.14
C ILE A 35 -48.15 32.80 -11.29
N ASN A 36 -48.10 32.18 -10.12
CA ASN A 36 -49.25 32.14 -9.23
C ASN A 36 -49.73 33.51 -8.75
N LYS A 37 -48.78 34.38 -8.43
CA LYS A 37 -49.07 35.74 -8.00
C LYS A 37 -49.72 36.54 -9.14
N ALA A 38 -49.18 36.36 -10.34
CA ALA A 38 -49.72 36.99 -11.54
C ALA A 38 -51.13 36.51 -11.80
N GLU A 39 -51.40 35.26 -11.42
CA GLU A 39 -52.70 34.67 -11.65
C GLU A 39 -53.73 35.17 -10.64
N LEU A 40 -53.37 35.11 -9.35
CA LEU A 40 -54.27 35.56 -8.27
C LEU A 40 -54.43 37.08 -8.26
N ALA A 41 -53.95 37.73 -9.31
CA ALA A 41 -54.16 39.15 -9.56
C ALA A 41 -54.82 39.32 -10.92
N GLY A 42 -54.92 38.21 -11.65
CA GLY A 42 -55.44 38.19 -13.02
C GLY A 42 -56.94 38.35 -13.12
N ASP A 43 -57.70 37.46 -12.48
CA ASP A 43 -59.15 37.46 -12.64
C ASP A 43 -59.85 38.61 -11.90
N SER A 44 -59.07 39.65 -11.58
CA SER A 44 -59.61 40.94 -11.15
C SER A 44 -59.07 42.03 -12.07
N SER A 45 -58.10 41.66 -12.89
CA SER A 45 -57.53 42.52 -13.92
C SER A 45 -58.06 42.12 -15.30
N SER A 46 -57.17 41.61 -16.16
CA SER A 46 -57.55 41.22 -17.54
C SER A 46 -58.11 39.82 -17.68
N GLY A 47 -57.94 39.02 -16.63
CA GLY A 47 -58.34 37.62 -16.67
C GLY A 47 -57.12 36.73 -16.70
N LYS A 48 -57.21 35.61 -15.99
CA LYS A 48 -56.14 34.65 -15.88
C LYS A 48 -55.82 34.02 -17.23
N LEU A 49 -54.53 33.89 -17.52
CA LEU A 49 -54.05 32.98 -18.55
C LEU A 49 -54.15 31.65 -17.85
N SER A 50 -54.56 30.60 -18.54
CA SER A 50 -54.79 29.36 -17.83
C SER A 50 -53.49 28.54 -17.71
N LEU A 51 -52.67 28.90 -16.72
CA LEU A 51 -51.34 28.32 -16.55
C LEU A 51 -51.23 27.39 -15.33
N GLU A 52 -52.37 26.93 -14.82
CA GLU A 52 -52.43 26.06 -13.64
C GLU A 52 -51.61 24.77 -13.81
N ARG A 53 -51.81 24.11 -14.94
CA ARG A 53 -51.10 22.88 -15.31
C ARG A 53 -49.58 23.01 -15.18
N ASP A 54 -49.06 24.22 -15.37
CA ASP A 54 -47.61 24.45 -15.31
C ASP A 54 -47.10 24.80 -13.91
N ILE A 55 -47.94 25.45 -13.11
CA ILE A 55 -47.60 25.76 -11.72
C ILE A 55 -47.30 24.50 -10.93
N GLU A 56 -48.20 23.51 -10.99
CA GLU A 56 -48.01 22.26 -10.26
C GLU A 56 -46.78 21.49 -10.73
N ASP A 57 -46.63 21.31 -12.04
CA ASP A 57 -45.46 20.61 -12.57
C ASP A 57 -44.18 21.27 -12.05
N ILE A 58 -44.19 22.59 -11.98
CA ILE A 58 -43.07 23.35 -11.42
C ILE A 58 -42.91 23.05 -9.93
N THR A 59 -43.97 23.27 -9.16
CA THR A 59 -44.01 22.95 -7.73
C THR A 59 -43.53 21.52 -7.43
N ILE A 60 -44.19 20.53 -8.04
CA ILE A 60 -43.84 19.13 -7.89
C ILE A 60 -42.35 18.92 -8.13
N ALA A 61 -41.84 19.43 -9.25
CA ALA A 61 -40.43 19.28 -9.60
C ALA A 61 -39.51 19.91 -8.54
N SER A 62 -39.91 21.08 -8.04
CA SER A 62 -39.13 21.76 -7.02
C SER A 62 -39.01 20.89 -5.77
N LYS A 63 -40.14 20.35 -5.29
CA LYS A 63 -40.15 19.46 -4.13
C LYS A 63 -39.24 18.26 -4.33
N ASN A 64 -39.32 17.65 -5.50
CA ASN A 64 -38.52 16.47 -5.77
C ASN A 64 -37.01 16.72 -5.88
N LEU A 65 -36.64 17.97 -6.16
CA LEU A 65 -35.22 18.36 -6.12
C LEU A 65 -34.66 18.37 -4.71
N GLN A 66 -35.30 19.09 -3.79
CA GLN A 66 -34.79 19.17 -2.42
C GLN A 66 -34.78 17.81 -1.69
N GLN A 67 -35.77 16.97 -1.99
CA GLN A 67 -35.88 15.65 -1.34
C GLN A 67 -35.06 14.55 -2.01
N GLY A 68 -35.04 14.53 -3.34
CA GLY A 68 -34.32 13.51 -4.10
C GLY A 68 -32.90 13.19 -3.63
N VAL A 69 -32.52 11.92 -3.79
CA VAL A 69 -31.26 11.41 -3.27
C VAL A 69 -30.75 10.26 -4.16
N PHE A 70 -29.42 10.11 -4.24
CA PHE A 70 -28.82 9.00 -4.96
C PHE A 70 -28.93 7.72 -4.14
N ARG A 71 -29.55 6.70 -4.73
CA ARG A 71 -29.72 5.42 -4.06
C ARG A 71 -28.77 4.33 -4.59
N LEU A 72 -28.04 3.72 -3.68
CA LEU A 72 -27.20 2.59 -4.03
C LEU A 72 -27.76 1.35 -3.36
N LEU A 73 -28.06 0.35 -4.16
CA LEU A 73 -28.57 -0.92 -3.66
C LEU A 73 -27.41 -1.90 -3.65
N VAL A 74 -27.09 -2.42 -2.47
CA VAL A 74 -25.95 -3.29 -2.31
C VAL A 74 -26.38 -4.77 -2.17
N LEU A 75 -26.01 -5.59 -3.16
CA LEU A 75 -26.41 -6.99 -3.23
C LEU A 75 -25.25 -7.96 -3.16
N GLY A 76 -25.55 -9.19 -2.74
CA GLY A 76 -24.55 -10.23 -2.66
C GLY A 76 -24.79 -11.23 -1.55
N ASP A 77 -24.24 -12.43 -1.72
CA ASP A 77 -24.28 -13.47 -0.71
C ASP A 77 -23.68 -13.04 0.62
N MET A 78 -23.98 -13.84 1.65
CA MET A 78 -23.33 -13.73 2.94
C MET A 78 -21.91 -14.29 2.81
N LYS A 79 -21.04 -13.88 3.72
CA LYS A 79 -19.64 -14.30 3.72
C LYS A 79 -18.90 -13.88 2.47
N ARG A 80 -19.23 -12.70 1.94
CA ARG A 80 -18.48 -12.10 0.82
C ARG A 80 -17.80 -10.80 1.23
N GLY A 81 -18.04 -10.38 2.47
CA GLY A 81 -17.46 -9.14 2.97
C GLY A 81 -18.23 -7.92 2.54
N LYS A 82 -19.51 -8.11 2.19
CA LYS A 82 -20.40 -7.01 1.83
C LYS A 82 -20.44 -5.90 2.87
N SER A 83 -20.46 -6.23 4.15
CA SER A 83 -20.63 -5.19 5.15
C SER A 83 -19.32 -4.50 5.48
N THR A 84 -18.24 -5.23 5.25
CA THR A 84 -16.89 -4.67 5.31
C THR A 84 -16.68 -3.75 4.12
N PHE A 85 -17.16 -4.15 2.94
CA PHE A 85 -17.12 -3.27 1.79
C PHE A 85 -17.86 -1.97 2.08
N LEU A 86 -19.08 -2.09 2.58
CA LEU A 86 -19.84 -0.91 2.93
C LEU A 86 -19.14 -0.12 4.02
N ASN A 87 -18.65 -0.81 5.04
CA ASN A 87 -17.97 -0.11 6.13
C ASN A 87 -16.84 0.79 5.63
N ALA A 88 -16.02 0.25 4.73
CA ALA A 88 -14.92 0.96 4.13
C ALA A 88 -15.44 2.14 3.31
N LEU A 89 -16.55 1.92 2.61
CA LEU A 89 -17.17 2.97 1.79
C LEU A 89 -17.57 4.14 2.67
N ILE A 90 -18.31 3.85 3.74
CA ILE A 90 -18.87 4.91 4.58
C ILE A 90 -17.82 5.56 5.47
N GLY A 91 -16.84 4.77 5.94
CA GLY A 91 -15.74 5.33 6.73
C GLY A 91 -15.55 4.78 8.12
N GLU A 92 -16.50 3.97 8.59
CA GLU A 92 -16.33 3.32 9.89
C GLU A 92 -16.97 1.94 10.00
N ASN A 93 -16.63 1.23 11.07
CA ASN A 93 -17.05 -0.13 11.30
C ASN A 93 -18.45 -0.10 11.89
N LEU A 94 -19.42 0.23 11.05
CA LEU A 94 -20.79 0.51 11.49
C LEU A 94 -21.72 -0.69 11.40
N LEU A 95 -21.77 -1.33 10.22
CA LEU A 95 -22.56 -2.55 10.02
C LEU A 95 -21.80 -3.75 10.58
N PRO A 96 -22.51 -4.68 11.25
CA PRO A 96 -21.85 -5.92 11.66
C PRO A 96 -21.63 -6.84 10.45
N SER A 97 -20.69 -7.77 10.54
CA SER A 97 -20.35 -8.55 9.35
C SER A 97 -21.39 -9.65 9.03
N ASP A 98 -21.76 -9.76 7.74
CA ASP A 98 -22.76 -10.72 7.26
C ASP A 98 -22.22 -12.15 7.16
N VAL A 99 -22.22 -12.85 8.30
CA VAL A 99 -21.78 -14.24 8.31
C VAL A 99 -22.87 -15.20 8.79
N ASN A 100 -24.03 -14.66 9.13
CA ASN A 100 -25.14 -15.49 9.62
C ASN A 100 -26.42 -15.35 8.82
N PRO A 101 -26.85 -16.44 8.14
CA PRO A 101 -27.97 -16.47 7.19
C PRO A 101 -29.29 -15.91 7.72
N CYS A 102 -29.48 -15.95 9.04
CA CYS A 102 -30.69 -15.44 9.66
C CYS A 102 -30.40 -14.72 10.97
N THR A 103 -29.80 -13.55 10.82
CA THR A 103 -29.54 -12.61 11.90
C THR A 103 -29.62 -11.25 11.24
N ALA A 104 -29.11 -11.20 10.01
CA ALA A 104 -29.10 -9.98 9.22
C ALA A 104 -30.50 -9.62 8.74
N VAL A 105 -30.74 -8.32 8.57
CA VAL A 105 -32.02 -7.79 8.13
C VAL A 105 -31.82 -6.53 7.31
N LEU A 106 -32.64 -6.39 6.27
CA LEU A 106 -32.55 -5.27 5.33
C LEU A 106 -32.39 -3.92 6.02
N THR A 107 -31.29 -3.23 5.72
CA THR A 107 -30.96 -1.96 6.34
C THR A 107 -30.89 -0.84 5.32
N VAL A 108 -31.61 0.24 5.58
CA VAL A 108 -31.46 1.45 4.79
C VAL A 108 -30.55 2.37 5.58
N LEU A 109 -29.71 3.12 4.88
CA LEU A 109 -28.70 3.93 5.53
C LEU A 109 -28.69 5.31 4.88
N ARG A 110 -28.92 6.34 5.67
CA ARG A 110 -28.98 7.71 5.15
C ARG A 110 -28.56 8.74 6.19
N TYR A 111 -28.39 9.99 5.75
CA TYR A 111 -27.93 11.05 6.64
C TYR A 111 -28.92 11.42 7.73
N GLY A 112 -28.39 11.72 8.91
CA GLY A 112 -29.15 12.18 10.05
C GLY A 112 -28.22 12.89 11.00
N PRO A 113 -28.69 13.99 11.64
CA PRO A 113 -27.83 14.74 12.55
C PRO A 113 -27.36 13.88 13.72
N GLU A 114 -28.28 13.13 14.31
CA GLU A 114 -27.94 12.18 15.36
C GLU A 114 -28.15 10.74 14.92
N LYS A 115 -27.41 9.83 15.56
CA LYS A 115 -27.46 8.42 15.22
C LYS A 115 -28.76 7.78 15.70
N LYS A 116 -29.76 7.79 14.83
CA LYS A 116 -31.08 7.23 15.13
C LYS A 116 -31.34 6.02 14.25
N VAL A 117 -32.10 5.05 14.79
CA VAL A 117 -32.51 3.89 14.02
C VAL A 117 -34.03 3.69 14.10
N THR A 118 -34.70 3.73 12.95
CA THR A 118 -36.14 3.54 12.87
C THR A 118 -36.48 2.13 12.38
N ILE A 119 -37.01 1.30 13.27
CA ILE A 119 -37.40 -0.07 12.89
C ILE A 119 -38.83 -0.15 12.33
N HIS A 120 -38.96 -0.73 11.13
CA HIS A 120 -40.25 -1.02 10.53
C HIS A 120 -40.56 -2.51 10.68
N PHE A 121 -41.76 -2.82 11.20
CA PHE A 121 -42.16 -4.21 11.45
C PHE A 121 -43.03 -4.79 10.32
N ASN A 122 -43.13 -6.12 10.28
CA ASN A 122 -43.97 -6.82 9.29
C ASN A 122 -45.28 -7.41 9.85
N ASP A 123 -45.33 -7.60 11.18
CA ASP A 123 -46.54 -8.09 11.86
C ASP A 123 -47.46 -6.96 12.41
N GLY A 124 -47.45 -5.83 11.71
CA GLY A 124 -48.43 -4.76 11.93
C GLY A 124 -48.09 -3.71 12.96
N LYS A 125 -47.30 -4.08 13.99
CA LYS A 125 -47.05 -3.17 15.12
C LYS A 125 -46.22 -1.94 14.72
N SER A 126 -46.39 -0.87 15.51
CA SER A 126 -45.85 0.46 15.18
C SER A 126 -44.34 0.52 15.02
N PRO A 127 -43.87 1.26 13.98
CA PRO A 127 -42.43 1.46 13.73
C PRO A 127 -41.68 1.98 14.97
N GLN A 128 -41.02 1.05 15.67
CA GLN A 128 -40.23 1.34 16.87
C GLN A 128 -39.03 2.25 16.54
N GLN A 129 -38.95 3.41 17.18
CA GLN A 129 -37.77 4.25 17.04
C GLN A 129 -36.91 4.20 18.30
N LEU A 130 -35.59 4.15 18.08
CA LEU A 130 -34.62 4.12 19.17
C LEU A 130 -33.27 4.63 18.69
N ASP A 131 -32.53 5.27 19.60
CA ASP A 131 -31.18 5.76 19.32
C ASP A 131 -30.23 4.61 19.00
N PHE A 132 -29.18 4.91 18.25
CA PHE A 132 -28.30 3.91 17.65
C PHE A 132 -27.75 2.87 18.62
N GLN A 133 -27.16 3.32 19.72
CA GLN A 133 -26.55 2.39 20.68
C GLN A 133 -27.61 1.53 21.38
N ASN A 134 -28.78 2.12 21.59
CA ASN A 134 -29.97 1.41 22.08
C ASN A 134 -30.30 0.25 21.14
N PHE A 135 -30.59 0.60 19.88
CA PHE A 135 -30.77 -0.36 18.79
C PHE A 135 -29.72 -1.48 18.79
N LYS A 136 -28.45 -1.10 18.77
CA LYS A 136 -27.37 -2.06 18.57
C LYS A 136 -27.32 -3.09 19.69
N TYR A 137 -27.55 -2.65 20.92
CA TYR A 137 -27.50 -3.55 22.08
C TYR A 137 -28.64 -4.56 22.09
N LYS A 138 -29.84 -4.12 21.71
CA LYS A 138 -31.01 -5.00 21.67
C LYS A 138 -30.98 -6.03 20.56
N TYR A 139 -30.64 -5.59 19.34
CA TYR A 139 -30.68 -6.46 18.17
C TYR A 139 -29.38 -7.20 17.85
N THR A 140 -28.45 -7.19 18.80
CA THR A 140 -27.24 -8.02 18.71
C THR A 140 -27.47 -9.29 19.49
N ILE A 141 -27.18 -10.43 18.88
CA ILE A 141 -27.30 -11.71 19.57
C ILE A 141 -25.91 -12.28 19.88
N ASP A 142 -25.83 -13.07 20.94
CA ASP A 142 -24.57 -13.70 21.36
C ASP A 142 -24.15 -14.83 20.41
N PRO A 143 -22.82 -15.08 20.26
CA PRO A 143 -22.29 -16.15 19.40
C PRO A 143 -22.93 -17.55 19.59
N ALA A 144 -23.53 -17.78 20.76
CA ALA A 144 -24.21 -19.06 21.05
C ALA A 144 -25.58 -19.14 20.37
N GLU A 145 -26.49 -18.28 20.81
CA GLU A 145 -27.85 -18.18 20.25
C GLU A 145 -27.86 -18.17 18.71
N ALA A 146 -26.88 -17.49 18.12
CA ALA A 146 -26.76 -17.39 16.66
C ALA A 146 -26.55 -18.75 16.01
N LYS A 147 -25.69 -19.59 16.61
CA LYS A 147 -25.43 -20.94 16.10
C LYS A 147 -26.71 -21.78 16.13
N LYS A 148 -27.40 -21.77 17.27
CA LYS A 148 -28.61 -22.57 17.48
C LYS A 148 -29.76 -22.17 16.55
N LEU A 149 -29.98 -20.86 16.38
CA LEU A 149 -30.97 -20.37 15.43
C LEU A 149 -30.57 -20.69 14.00
N GLU A 150 -29.28 -20.61 13.72
CA GLU A 150 -28.72 -20.88 12.39
C GLU A 150 -28.88 -22.35 12.02
N GLN A 151 -28.46 -23.23 12.93
CA GLN A 151 -28.53 -24.69 12.74
C GLN A 151 -29.98 -25.20 12.62
N GLU A 152 -30.93 -24.27 12.55
CA GLU A 152 -32.35 -24.62 12.48
C GLU A 152 -33.07 -24.01 11.27
N LYS A 153 -33.89 -23.01 11.53
CA LYS A 153 -34.86 -22.50 10.56
C LYS A 153 -35.13 -21.04 10.84
N LYS A 154 -35.19 -20.71 12.13
CA LYS A 154 -35.75 -19.45 12.58
C LYS A 154 -34.88 -18.22 12.33
N GLN A 155 -35.41 -17.34 11.50
CA GLN A 155 -34.95 -15.97 11.35
C GLN A 155 -35.00 -15.32 12.75
N ALA A 156 -33.85 -14.79 13.19
CA ALA A 156 -33.66 -14.29 14.56
C ALA A 156 -34.60 -13.16 14.99
N PHE A 157 -35.09 -12.39 14.01
CA PHE A 157 -36.08 -11.36 14.27
C PHE A 157 -37.24 -11.47 13.28
N PRO A 158 -38.20 -12.38 13.58
CA PRO A 158 -39.31 -12.71 12.68
C PRO A 158 -40.17 -11.50 12.38
N ASP A 159 -40.41 -10.70 13.42
CA ASP A 159 -41.24 -9.50 13.35
C ASP A 159 -40.64 -8.37 12.51
N VAL A 160 -39.33 -8.45 12.28
CA VAL A 160 -38.57 -7.34 11.67
C VAL A 160 -38.64 -7.36 10.15
N ASP A 161 -39.19 -6.28 9.59
CA ASP A 161 -39.22 -6.04 8.15
C ASP A 161 -37.90 -5.40 7.73
N TYR A 162 -37.75 -4.11 8.01
CA TYR A 162 -36.54 -3.37 7.66
C TYR A 162 -36.19 -2.22 8.63
N ALA A 163 -34.89 -2.03 8.84
CA ALA A 163 -34.40 -0.97 9.72
C ALA A 163 -33.80 0.19 8.94
N VAL A 164 -34.24 1.40 9.26
CA VAL A 164 -33.64 2.62 8.73
C VAL A 164 -32.63 3.17 9.73
N VAL A 165 -31.37 3.26 9.33
CA VAL A 165 -30.31 3.84 10.14
C VAL A 165 -29.91 5.22 9.61
N GLU A 166 -30.06 6.23 10.45
CA GLU A 166 -29.57 7.58 10.16
C GLU A 166 -28.27 7.81 10.91
N TYR A 167 -27.30 8.40 10.24
CA TYR A 167 -25.99 8.57 10.83
C TYR A 167 -25.34 9.85 10.32
N PRO A 168 -24.53 10.51 11.15
CA PRO A 168 -23.88 11.68 10.58
C PRO A 168 -22.58 11.29 9.88
N LEU A 169 -22.70 10.44 8.85
CA LEU A 169 -21.58 10.14 7.97
C LEU A 169 -21.58 11.17 6.86
N THR A 170 -20.42 11.77 6.60
CA THR A 170 -20.31 12.84 5.60
C THR A 170 -20.69 12.36 4.18
N LEU A 171 -20.25 11.18 3.79
CA LEU A 171 -20.64 10.62 2.49
C LEU A 171 -22.16 10.60 2.30
N LEU A 172 -22.88 10.26 3.37
CA LEU A 172 -24.34 10.23 3.32
C LEU A 172 -24.96 11.61 3.42
N GLN A 173 -24.15 12.60 3.81
CA GLN A 173 -24.63 13.98 3.94
C GLN A 173 -24.89 14.61 2.58
N LYS A 174 -24.02 14.30 1.62
CA LYS A 174 -24.05 14.92 0.31
C LYS A 174 -25.07 14.30 -0.66
N GLY A 175 -25.99 13.51 -0.13
CA GLY A 175 -27.11 12.98 -0.92
C GLY A 175 -26.92 11.55 -1.40
N ILE A 176 -26.55 10.67 -0.48
CA ILE A 176 -26.43 9.25 -0.78
C ILE A 176 -27.34 8.48 0.16
N GLU A 177 -27.97 7.44 -0.37
CA GLU A 177 -28.70 6.47 0.42
C GLU A 177 -28.19 5.08 0.02
N ILE A 178 -27.97 4.24 1.01
CA ILE A 178 -27.48 2.90 0.77
C ILE A 178 -28.49 1.92 1.28
N VAL A 179 -28.92 1.01 0.41
CA VAL A 179 -29.81 -0.06 0.82
C VAL A 179 -28.95 -1.32 0.88
N ASP A 180 -28.74 -1.80 2.09
CA ASP A 180 -27.91 -2.96 2.37
C ASP A 180 -28.82 -4.17 2.54
N SER A 181 -28.98 -4.91 1.45
CA SER A 181 -29.81 -6.12 1.44
C SER A 181 -29.05 -7.27 2.10
N PRO A 182 -29.78 -8.27 2.62
CA PRO A 182 -29.19 -9.54 2.98
C PRO A 182 -28.80 -10.35 1.75
N GLY A 183 -28.60 -11.65 1.93
CA GLY A 183 -28.18 -12.55 0.87
C GLY A 183 -29.13 -12.68 -0.31
N LEU A 184 -28.74 -13.50 -1.27
CA LEU A 184 -29.48 -13.67 -2.50
C LEU A 184 -30.81 -14.39 -2.32
N ASN A 185 -30.83 -15.41 -1.48
CA ASN A 185 -32.07 -16.13 -1.18
C ASN A 185 -33.08 -15.26 -0.43
N ASP A 186 -32.67 -14.73 0.72
CA ASP A 186 -33.53 -13.85 1.52
C ASP A 186 -34.09 -12.66 0.71
N THR A 187 -33.28 -12.10 -0.19
CA THR A 187 -33.73 -11.04 -1.10
C THR A 187 -34.75 -11.55 -2.12
N GLU A 188 -34.45 -12.70 -2.73
CA GLU A 188 -35.41 -13.36 -3.63
C GLU A 188 -36.76 -13.46 -2.92
N ALA A 189 -36.74 -14.03 -1.71
CA ALA A 189 -37.90 -14.16 -0.83
C ALA A 189 -38.66 -12.84 -0.56
N ARG A 190 -38.08 -11.71 -0.97
CA ARG A 190 -38.68 -10.40 -0.75
C ARG A 190 -38.81 -9.59 -2.04
N ASN A 191 -40.05 -9.49 -2.53
CA ASN A 191 -40.33 -8.82 -3.81
C ASN A 191 -40.17 -7.30 -3.80
N GLU A 192 -40.35 -6.70 -2.62
CA GLU A 192 -40.06 -5.27 -2.39
C GLU A 192 -38.56 -4.95 -2.57
N LEU A 193 -37.74 -6.00 -2.67
CA LEU A 193 -36.31 -5.89 -2.96
C LEU A 193 -36.01 -6.24 -4.42
N SER A 194 -36.14 -7.52 -4.74
CA SER A 194 -35.73 -8.09 -6.03
C SER A 194 -36.44 -7.49 -7.25
N LEU A 195 -37.51 -6.74 -6.98
CA LEU A 195 -38.23 -6.05 -8.02
C LEU A 195 -38.38 -4.58 -7.65
N GLY A 196 -38.50 -4.32 -6.35
CA GLY A 196 -38.73 -2.99 -5.81
C GLY A 196 -37.53 -2.09 -6.00
N TYR A 197 -36.50 -2.31 -5.19
CA TYR A 197 -35.31 -1.47 -5.23
C TYR A 197 -34.49 -1.71 -6.48
N VAL A 198 -34.33 -2.97 -6.88
CA VAL A 198 -33.60 -3.28 -8.12
C VAL A 198 -34.00 -2.31 -9.24
N ASN A 199 -35.30 -2.07 -9.37
CA ASN A 199 -35.78 -1.25 -10.46
C ASN A 199 -35.85 0.26 -10.24
N ASN A 200 -36.08 0.69 -9.00
CA ASN A 200 -35.92 2.10 -8.65
C ASN A 200 -34.80 2.36 -7.62
N CYS A 201 -33.57 2.34 -8.13
CA CYS A 201 -32.37 2.77 -7.43
C CYS A 201 -31.42 3.27 -8.51
N HIS A 202 -30.43 4.09 -8.14
CA HIS A 202 -29.51 4.64 -9.14
C HIS A 202 -28.45 3.66 -9.65
N ALA A 203 -27.94 2.82 -8.76
CA ALA A 203 -26.89 1.86 -9.12
C ALA A 203 -26.86 0.67 -8.17
N ILE A 204 -26.59 -0.50 -8.74
CA ILE A 204 -26.50 -1.72 -7.96
C ILE A 204 -25.04 -2.07 -7.68
N LEU A 205 -24.75 -2.28 -6.41
CA LEU A 205 -23.43 -2.61 -5.98
C LEU A 205 -23.43 -4.08 -5.63
N PHE A 206 -22.85 -4.90 -6.50
CA PHE A 206 -22.89 -6.35 -6.36
C PHE A 206 -21.56 -6.86 -5.84
N VAL A 207 -21.58 -7.35 -4.60
CA VAL A 207 -20.36 -7.74 -3.93
C VAL A 207 -20.13 -9.22 -4.16
N MET A 208 -18.97 -9.54 -4.69
CA MET A 208 -18.56 -10.94 -4.83
C MET A 208 -17.21 -11.16 -4.17
N ARG A 209 -16.90 -12.41 -3.85
CA ARG A 209 -15.59 -12.74 -3.31
C ARG A 209 -14.69 -13.38 -4.39
N ALA A 210 -13.44 -12.91 -4.48
CA ALA A 210 -12.46 -13.40 -5.46
C ALA A 210 -12.23 -14.92 -5.42
N SER A 211 -12.09 -15.48 -4.20
CA SER A 211 -11.89 -16.92 -3.98
C SER A 211 -12.91 -17.77 -4.73
N GLN A 212 -14.17 -17.34 -4.75
CA GLN A 212 -15.28 -18.09 -5.34
C GLN A 212 -15.98 -17.24 -6.38
N PRO A 213 -15.41 -17.18 -7.59
CA PRO A 213 -16.00 -16.37 -8.62
C PRO A 213 -17.30 -16.98 -9.09
N CYS A 214 -18.32 -16.12 -9.23
CA CYS A 214 -19.56 -16.43 -9.92
C CYS A 214 -20.28 -17.73 -9.51
N THR A 215 -20.64 -17.81 -8.24
CA THR A 215 -21.46 -18.89 -7.69
C THR A 215 -22.63 -19.25 -8.63
N LEU A 216 -23.12 -20.48 -8.51
CA LEU A 216 -24.40 -20.86 -9.13
C LEU A 216 -25.42 -19.80 -8.70
N GLY A 217 -25.52 -19.58 -7.39
CA GLY A 217 -26.54 -18.67 -6.84
C GLY A 217 -26.48 -17.23 -7.31
N GLU A 218 -25.27 -16.77 -7.66
CA GLU A 218 -25.03 -15.40 -8.09
C GLU A 218 -25.48 -15.18 -9.51
N ARG A 219 -25.04 -16.05 -10.42
CA ARG A 219 -25.46 -15.94 -11.81
C ARG A 219 -26.95 -16.25 -12.00
N ARG A 220 -27.49 -17.11 -11.12
CA ARG A 220 -28.93 -17.33 -11.07
C ARG A 220 -29.62 -16.01 -10.74
N TYR A 221 -29.17 -15.33 -9.69
CA TYR A 221 -29.76 -14.05 -9.34
C TYR A 221 -29.62 -13.07 -10.49
N LEU A 222 -28.40 -12.95 -11.03
CA LEU A 222 -28.12 -11.93 -12.03
C LEU A 222 -29.01 -12.13 -13.24
N GLU A 223 -29.21 -13.38 -13.63
CA GLU A 223 -30.01 -13.73 -14.80
C GLU A 223 -31.52 -13.50 -14.58
N ASN A 224 -31.98 -13.76 -13.36
CA ASN A 224 -33.37 -13.61 -13.04
C ASN A 224 -33.81 -12.16 -12.93
N TYR A 225 -32.93 -11.30 -12.40
CA TYR A 225 -33.34 -9.96 -12.01
C TYR A 225 -32.58 -8.82 -12.63
N ILE A 226 -31.45 -9.12 -13.27
CA ILE A 226 -30.57 -8.07 -13.79
C ILE A 226 -30.26 -8.24 -15.26
N LYS A 227 -30.10 -9.47 -15.73
CA LYS A 227 -29.72 -9.67 -17.12
C LYS A 227 -30.77 -9.05 -18.02
N GLY A 228 -30.32 -8.11 -18.87
CA GLY A 228 -31.13 -7.57 -19.93
C GLY A 228 -32.10 -6.45 -19.60
N ARG A 229 -32.36 -6.18 -18.32
CA ARG A 229 -33.23 -5.04 -18.01
C ARG A 229 -32.49 -3.68 -17.92
N GLY A 230 -31.36 -3.59 -18.65
CA GLY A 230 -30.52 -2.39 -18.74
C GLY A 230 -30.43 -1.52 -17.48
N LEU A 231 -29.86 -2.08 -16.41
CA LEU A 231 -29.58 -1.34 -15.17
C LEU A 231 -28.08 -1.11 -15.10
N THR A 232 -27.66 -0.15 -14.27
CA THR A 232 -26.24 0.03 -14.05
C THR A 232 -25.85 -0.64 -12.76
N VAL A 233 -25.12 -1.75 -12.90
CA VAL A 233 -24.58 -2.44 -11.75
C VAL A 233 -23.06 -2.46 -11.75
N PHE A 234 -22.46 -2.09 -10.62
CA PHE A 234 -21.04 -2.25 -10.40
C PHE A 234 -20.81 -3.60 -9.72
N PHE A 235 -19.75 -4.29 -10.15
CA PHE A 235 -19.38 -5.58 -9.59
C PHE A 235 -18.09 -5.47 -8.80
N LEU A 236 -18.16 -5.76 -7.51
CA LEU A 236 -17.00 -5.63 -6.66
C LEU A 236 -16.49 -7.01 -6.29
N VAL A 237 -15.36 -7.37 -6.87
CA VAL A 237 -14.67 -8.61 -6.57
C VAL A 237 -13.86 -8.33 -5.33
N ASN A 238 -14.34 -8.84 -4.21
CA ASN A 238 -13.75 -8.54 -2.93
C ASN A 238 -12.70 -9.56 -2.52
N ALA A 239 -12.07 -9.32 -1.38
CA ALA A 239 -11.08 -10.22 -0.82
C ALA A 239 -10.10 -10.67 -1.89
N TRP A 240 -9.71 -9.72 -2.72
CA TRP A 240 -8.82 -9.98 -3.84
C TRP A 240 -7.45 -10.49 -3.37
N ASP A 241 -7.02 -9.99 -2.21
CA ASP A 241 -5.73 -10.34 -1.61
C ASP A 241 -5.63 -11.74 -1.00
N GLN A 242 -6.70 -12.55 -1.11
CA GLN A 242 -6.70 -13.89 -0.52
C GLN A 242 -6.67 -14.98 -1.57
N VAL A 243 -6.50 -14.59 -2.83
CA VAL A 243 -6.27 -15.51 -3.92
C VAL A 243 -5.15 -16.44 -3.49
N ARG A 244 -4.32 -15.93 -2.58
CA ARG A 244 -3.10 -16.59 -2.16
C ARG A 244 -3.29 -17.87 -1.35
N GLU A 245 -4.42 -18.02 -0.66
CA GLU A 245 -4.69 -19.21 0.18
C GLU A 245 -4.78 -20.46 -0.68
N SER A 246 -5.33 -20.27 -1.87
CA SER A 246 -5.61 -21.37 -2.76
C SER A 246 -4.33 -21.91 -3.42
N LEU A 247 -3.23 -21.20 -3.28
CA LEU A 247 -2.00 -21.55 -4.02
C LEU A 247 -1.38 -22.83 -3.51
N ILE A 248 -0.76 -23.57 -4.43
CA ILE A 248 0.07 -24.73 -4.09
C ILE A 248 1.14 -24.28 -3.11
N ASP A 249 1.93 -23.31 -3.58
CA ASP A 249 3.00 -22.67 -2.84
C ASP A 249 2.61 -21.23 -2.66
N PRO A 250 2.20 -20.86 -1.44
CA PRO A 250 1.79 -19.51 -1.10
C PRO A 250 2.85 -18.43 -1.37
N ASP A 251 4.11 -18.82 -1.46
CA ASP A 251 5.19 -17.84 -1.59
C ASP A 251 5.66 -17.57 -3.02
N ASP A 252 4.88 -18.05 -3.99
CA ASP A 252 5.28 -18.02 -5.39
C ASP A 252 4.52 -16.97 -6.18
N VAL A 253 5.24 -15.95 -6.66
CA VAL A 253 4.58 -14.82 -7.32
C VAL A 253 4.04 -15.18 -8.69
N GLU A 254 4.77 -16.05 -9.39
CA GLU A 254 4.35 -16.50 -10.73
C GLU A 254 3.07 -17.32 -10.65
N GLU A 255 3.03 -18.30 -9.75
CA GLU A 255 1.78 -19.02 -9.49
C GLU A 255 0.63 -18.09 -9.11
N LEU A 256 0.93 -17.06 -8.31
CA LEU A 256 -0.08 -16.07 -7.93
C LEU A 256 -0.63 -15.33 -9.12
N GLN A 257 0.23 -14.76 -9.95
CA GLN A 257 -0.23 -14.00 -11.11
C GLN A 257 -1.04 -14.90 -12.04
N ALA A 258 -0.56 -16.12 -12.27
CA ALA A 258 -1.30 -17.10 -13.06
C ALA A 258 -2.71 -17.28 -12.50
N SER A 259 -2.77 -17.45 -11.18
CA SER A 259 -3.99 -17.74 -10.46
C SER A 259 -4.93 -16.54 -10.44
N GLU A 260 -4.38 -15.34 -10.34
CA GLU A 260 -5.18 -14.13 -10.42
C GLU A 260 -5.72 -13.94 -11.83
N ASN A 261 -4.91 -14.24 -12.83
CA ASN A 261 -5.27 -14.02 -14.23
C ASN A 261 -6.40 -14.91 -14.73
N ARG A 262 -6.40 -16.17 -14.30
CA ARG A 262 -7.48 -17.05 -14.72
C ARG A 262 -8.76 -16.78 -13.91
N LEU A 263 -8.59 -16.37 -12.65
CA LEU A 263 -9.68 -15.87 -11.85
C LEU A 263 -10.30 -14.65 -12.53
N ARG A 264 -9.46 -13.72 -12.97
CA ARG A 264 -9.93 -12.54 -13.69
C ARG A 264 -10.73 -12.94 -14.92
N GLN A 265 -10.29 -14.02 -15.59
CA GLN A 265 -10.95 -14.54 -16.80
C GLN A 265 -12.35 -15.05 -16.55
N VAL A 266 -12.57 -15.70 -15.42
CA VAL A 266 -13.86 -16.25 -15.08
C VAL A 266 -14.83 -15.10 -14.93
N PHE A 267 -14.40 -14.07 -14.21
CA PHE A 267 -15.21 -12.91 -13.99
C PHE A 267 -15.57 -12.26 -15.32
N ASN A 268 -14.58 -12.15 -16.20
CA ASN A 268 -14.82 -11.60 -17.53
C ASN A 268 -15.73 -12.46 -18.42
N ALA A 269 -15.62 -13.77 -18.29
CA ALA A 269 -16.46 -14.66 -19.07
C ALA A 269 -17.92 -14.47 -18.70
N ASN A 270 -18.22 -14.43 -17.41
CA ASN A 270 -19.60 -14.41 -16.91
C ASN A 270 -20.22 -13.02 -16.82
N LEU A 271 -19.39 -11.98 -16.68
CA LEU A 271 -19.91 -10.64 -16.42
C LEU A 271 -19.84 -9.66 -17.58
N ALA A 272 -19.05 -9.96 -18.61
CA ALA A 272 -18.79 -9.02 -19.70
C ALA A 272 -20.09 -8.52 -20.30
N GLU A 273 -21.01 -9.46 -20.47
CA GLU A 273 -22.33 -9.23 -20.99
C GLU A 273 -23.16 -8.22 -20.17
N TYR A 274 -22.91 -8.16 -18.87
CA TYR A 274 -23.61 -7.26 -17.97
C TYR A 274 -23.05 -5.85 -18.02
N CYS A 275 -21.87 -5.71 -18.60
CA CYS A 275 -21.17 -4.42 -18.63
C CYS A 275 -21.12 -3.81 -20.02
N THR A 276 -21.89 -4.39 -20.94
CA THR A 276 -22.05 -3.81 -22.27
C THR A 276 -23.47 -3.29 -22.39
N VAL A 277 -23.59 -2.01 -22.73
CA VAL A 277 -24.89 -1.32 -22.65
C VAL A 277 -25.65 -1.30 -23.99
N GLU A 278 -25.02 -0.70 -25.02
CA GLU A 278 -25.67 -0.50 -26.33
C GLU A 278 -24.70 -0.90 -27.44
N GLY A 279 -24.04 -2.04 -27.24
CA GLY A 279 -22.96 -2.48 -28.10
C GLY A 279 -21.61 -2.12 -27.53
N GLN A 280 -21.58 -1.14 -26.62
CA GLN A 280 -20.32 -0.63 -26.06
C GLN A 280 -19.86 -1.37 -24.81
N ASN A 281 -18.67 -1.94 -24.89
CA ASN A 281 -18.04 -2.61 -23.74
C ASN A 281 -17.39 -1.64 -22.76
N ILE A 282 -17.88 -1.64 -21.52
CA ILE A 282 -17.33 -0.80 -20.46
C ILE A 282 -17.03 -1.62 -19.20
N TYR A 283 -16.49 -2.83 -19.40
CA TYR A 283 -16.13 -3.74 -18.31
C TYR A 283 -15.26 -3.04 -17.27
N ASP A 284 -14.17 -2.42 -17.73
CA ASP A 284 -13.20 -1.74 -16.86
C ASP A 284 -13.79 -0.60 -16.00
N GLU A 285 -15.00 -0.17 -16.31
CA GLU A 285 -15.59 0.90 -15.53
C GLU A 285 -16.71 0.38 -14.66
N ARG A 286 -16.77 -0.93 -14.52
CA ARG A 286 -17.82 -1.58 -13.73
C ARG A 286 -17.36 -2.68 -12.78
N VAL A 287 -16.28 -3.36 -13.16
CA VAL A 287 -15.80 -4.54 -12.45
C VAL A 287 -14.50 -4.23 -11.75
N PHE A 288 -14.56 -4.13 -10.41
CA PHE A 288 -13.43 -3.68 -9.63
C PHE A 288 -12.94 -4.67 -8.55
N GLU A 289 -11.64 -4.89 -8.54
CA GLU A 289 -10.99 -5.75 -7.56
C GLU A 289 -10.63 -4.98 -6.31
N LEU A 290 -11.37 -5.20 -5.23
CA LEU A 290 -11.17 -4.45 -4.00
C LEU A 290 -10.57 -5.28 -2.91
N SER A 291 -9.88 -4.62 -1.98
CA SER A 291 -9.51 -5.20 -0.71
C SER A 291 -10.17 -4.36 0.38
N SER A 292 -11.45 -4.60 0.65
CA SER A 292 -12.22 -3.87 1.64
C SER A 292 -11.54 -3.84 3.02
N ILE A 293 -10.96 -4.96 3.44
CA ILE A 293 -10.40 -5.01 4.78
C ILE A 293 -9.25 -4.01 4.93
N GLN A 294 -8.42 -3.91 3.90
CA GLN A 294 -7.31 -2.97 3.91
C GLN A 294 -7.90 -1.56 3.92
N ALA A 295 -8.87 -1.31 3.05
CA ALA A 295 -9.56 -0.01 3.00
C ALA A 295 -10.23 0.37 4.33
N LEU A 296 -10.91 -0.58 4.97
CA LEU A 296 -11.50 -0.34 6.30
C LEU A 296 -10.44 0.00 7.36
N ARG A 297 -9.38 -0.80 7.43
CA ARG A 297 -8.28 -0.61 8.37
C ARG A 297 -7.67 0.77 8.24
N ARG A 298 -7.36 1.15 7.01
CA ARG A 298 -6.78 2.47 6.74
C ARG A 298 -7.67 3.61 7.22
N ARG A 299 -8.92 3.63 6.72
CA ARG A 299 -9.87 4.70 7.01
C ARG A 299 -10.26 4.74 8.48
N LEU A 300 -10.06 3.63 9.19
CA LEU A 300 -10.31 3.57 10.62
C LEU A 300 -9.21 4.32 11.37
N LYS A 301 -7.96 4.13 10.92
CA LYS A 301 -6.79 4.86 11.42
C LYS A 301 -6.78 6.34 10.99
N ASN A 302 -7.27 6.61 9.77
CA ASN A 302 -7.39 7.98 9.25
C ASN A 302 -8.50 8.12 8.21
N PRO A 303 -9.60 8.82 8.58
CA PRO A 303 -10.75 8.97 7.67
C PRO A 303 -10.37 9.45 6.26
N GLN A 304 -9.23 10.13 6.13
CA GLN A 304 -8.83 10.76 4.88
C GLN A 304 -7.64 10.06 4.20
N ALA A 305 -7.27 8.88 4.70
CA ALA A 305 -6.10 8.18 4.19
C ALA A 305 -6.14 7.89 2.68
N ASP A 306 -4.96 7.75 2.08
CA ASP A 306 -4.83 7.41 0.66
C ASP A 306 -5.19 5.94 0.51
N LEU A 307 -6.05 5.62 -0.45
CA LEU A 307 -6.51 4.24 -0.61
C LEU A 307 -5.88 3.53 -1.80
N ASP A 308 -4.73 4.00 -2.27
CA ASP A 308 -4.09 3.35 -3.41
C ASP A 308 -3.64 1.96 -2.99
N GLY A 309 -3.84 1.00 -3.89
CA GLY A 309 -3.52 -0.40 -3.61
C GLY A 309 -4.71 -1.23 -3.14
N THR A 310 -5.77 -0.55 -2.69
CA THR A 310 -6.95 -1.23 -2.18
C THR A 310 -8.01 -1.48 -3.27
N GLY A 311 -7.87 -0.83 -4.43
CA GLY A 311 -8.86 -0.98 -5.50
C GLY A 311 -9.93 0.10 -5.50
N PHE A 312 -10.15 0.70 -4.33
CA PHE A 312 -11.21 1.67 -4.12
C PHE A 312 -11.16 2.95 -4.98
N PRO A 313 -9.97 3.59 -5.09
CA PRO A 313 -9.86 4.81 -5.89
C PRO A 313 -10.42 4.67 -7.31
N LYS A 314 -10.08 3.59 -8.01
CA LYS A 314 -10.60 3.41 -9.37
C LYS A 314 -12.12 3.14 -9.38
N PHE A 315 -12.61 2.39 -8.39
CA PHE A 315 -14.04 2.11 -8.32
C PHE A 315 -14.83 3.38 -8.02
N MET A 316 -14.40 4.13 -7.02
CA MET A 316 -15.09 5.38 -6.63
C MET A 316 -15.13 6.43 -7.73
N ASP A 317 -14.06 6.54 -8.51
CA ASP A 317 -14.06 7.39 -9.69
C ASP A 317 -15.22 7.05 -10.60
N SER A 318 -15.34 5.78 -10.97
CA SER A 318 -16.36 5.39 -11.92
C SER A 318 -17.74 5.63 -11.35
N LEU A 319 -17.92 5.31 -10.07
CA LEU A 319 -19.19 5.54 -9.38
C LEU A 319 -19.50 7.03 -9.37
N ASN A 320 -18.46 7.83 -9.14
CA ASN A 320 -18.58 9.27 -9.21
C ASN A 320 -19.11 9.73 -10.57
N THR A 321 -18.35 9.45 -11.64
CA THR A 321 -18.69 9.85 -13.01
C THR A 321 -20.11 9.43 -13.40
N PHE A 322 -20.53 8.29 -12.88
CA PHE A 322 -21.84 7.79 -13.22
C PHE A 322 -22.92 8.61 -12.54
N LEU A 323 -22.73 8.90 -11.26
CA LEU A 323 -23.78 9.58 -10.52
C LEU A 323 -23.82 11.08 -10.80
N THR A 324 -22.66 11.71 -10.83
CA THR A 324 -22.58 13.16 -10.85
C THR A 324 -22.45 13.75 -12.25
N ARG A 325 -22.14 12.89 -13.22
CA ARG A 325 -21.94 13.35 -14.61
C ARG A 325 -23.01 12.83 -15.55
N GLU A 326 -23.60 11.68 -15.22
CA GLU A 326 -24.60 11.07 -16.07
C GLU A 326 -25.98 11.17 -15.46
N ARG A 327 -26.22 10.44 -14.37
CA ARG A 327 -27.50 10.49 -13.68
C ARG A 327 -27.88 11.86 -13.13
N ALA A 328 -26.90 12.75 -13.02
CA ALA A 328 -27.13 14.10 -12.52
C ALA A 328 -27.46 15.05 -13.65
N ILE A 329 -26.59 15.09 -14.67
CA ILE A 329 -26.85 15.87 -15.88
C ILE A 329 -28.23 15.53 -16.46
N ALA A 330 -28.63 14.26 -16.38
CA ALA A 330 -29.94 13.81 -16.82
C ALA A 330 -31.07 14.37 -15.98
N GLU A 331 -30.96 14.19 -14.65
CA GLU A 331 -31.96 14.69 -13.71
C GLU A 331 -32.20 16.18 -13.94
N LEU A 332 -31.12 16.93 -14.13
CA LEU A 332 -31.19 18.38 -14.27
C LEU A 332 -31.66 18.85 -15.65
N ARG A 333 -31.29 18.10 -16.70
CA ARG A 333 -31.68 18.43 -18.07
C ARG A 333 -33.20 18.57 -18.15
N GLN A 334 -33.89 17.56 -17.65
CA GLN A 334 -35.34 17.53 -17.60
C GLN A 334 -35.90 18.67 -16.78
N VAL A 335 -35.17 19.09 -15.76
CA VAL A 335 -35.61 20.16 -14.88
C VAL A 335 -35.60 21.49 -15.63
N ARG A 336 -34.55 21.73 -16.41
CA ARG A 336 -34.52 22.94 -17.22
C ARG A 336 -35.52 22.92 -18.38
N THR A 337 -35.85 21.74 -18.90
CA THR A 337 -36.90 21.58 -19.89
C THR A 337 -38.26 22.02 -19.35
N LEU A 338 -38.58 21.56 -18.13
CA LEU A 338 -39.80 21.96 -17.42
C LEU A 338 -39.88 23.46 -17.25
N ALA A 339 -38.77 24.05 -16.87
CA ALA A 339 -38.65 25.50 -16.74
C ALA A 339 -38.93 26.11 -18.11
N ARG A 340 -38.18 25.68 -19.12
CA ARG A 340 -38.36 26.13 -20.49
C ARG A 340 -39.81 25.97 -20.99
N LEU A 341 -40.49 24.92 -20.54
CA LEU A 341 -41.90 24.72 -20.89
C LEU A 341 -42.81 25.74 -20.21
N ALA A 342 -42.65 25.88 -18.90
CA ALA A 342 -43.47 26.78 -18.09
C ALA A 342 -43.26 28.18 -18.58
N CYS A 343 -42.01 28.50 -18.86
CA CYS A 343 -41.61 29.82 -19.28
C CYS A 343 -42.15 30.17 -20.66
N ASN A 344 -42.14 29.22 -21.58
CA ASN A 344 -42.64 29.45 -22.93
C ASN A 344 -44.15 29.50 -23.00
N HIS A 345 -44.81 28.71 -22.16
CA HIS A 345 -46.27 28.71 -22.13
C HIS A 345 -46.81 30.02 -21.62
N THR A 346 -46.05 30.68 -20.74
CA THR A 346 -46.39 32.00 -20.24
C THR A 346 -46.13 33.03 -21.33
N ARG A 347 -44.89 33.08 -21.78
CA ARG A 347 -44.46 33.96 -22.87
C ARG A 347 -45.47 33.91 -24.04
N GLU A 348 -45.78 32.71 -24.52
CA GLU A 348 -46.76 32.52 -25.60
C GLU A 348 -48.16 32.99 -25.24
N ALA A 349 -48.58 32.78 -24.00
CA ALA A 349 -49.92 33.17 -23.54
C ALA A 349 -50.09 34.68 -23.54
N VAL A 350 -49.12 35.37 -22.95
CA VAL A 350 -49.10 36.82 -22.92
C VAL A 350 -49.05 37.38 -24.34
N ALA A 351 -48.39 36.66 -25.24
CA ALA A 351 -48.29 37.04 -26.65
C ALA A 351 -49.65 37.04 -27.36
N ARG A 352 -50.52 36.10 -27.02
CA ARG A 352 -51.89 36.08 -27.56
C ARG A 352 -52.75 37.15 -26.88
N ARG A 353 -52.55 37.34 -25.58
CA ARG A 353 -53.36 38.24 -24.80
C ARG A 353 -53.16 39.72 -25.19
N ILE A 354 -51.91 40.16 -25.26
CA ILE A 354 -51.57 41.57 -25.53
C ILE A 354 -52.39 42.19 -26.69
N PRO A 355 -52.29 41.60 -27.91
CA PRO A 355 -52.96 42.20 -29.07
C PRO A 355 -54.48 42.24 -28.97
N LEU A 356 -55.03 41.36 -28.13
CA LEU A 356 -56.47 41.28 -27.93
C LEU A 356 -56.99 42.32 -26.95
N LEU A 357 -56.10 42.87 -26.13
CA LEU A 357 -56.47 43.85 -25.11
C LEU A 357 -57.17 45.08 -25.69
N GLU A 358 -56.63 45.58 -26.79
CA GLU A 358 -57.12 46.81 -27.41
C GLU A 358 -58.32 46.55 -28.31
N GLN A 359 -58.63 45.28 -28.56
CA GLN A 359 -59.86 44.90 -29.23
C GLN A 359 -61.02 44.82 -28.22
N ASP A 360 -62.22 44.53 -28.70
CA ASP A 360 -63.41 44.43 -27.86
C ASP A 360 -64.58 44.50 -28.81
N VAL A 361 -65.52 43.55 -28.73
CA VAL A 361 -65.51 42.35 -27.89
C VAL A 361 -66.21 41.36 -28.80
N ASN A 362 -67.00 41.93 -29.72
CA ASN A 362 -67.62 41.22 -30.82
C ASN A 362 -66.55 40.81 -31.81
N GLU A 363 -65.44 41.55 -31.83
CA GLU A 363 -64.29 41.22 -32.65
C GLU A 363 -63.54 40.09 -31.98
N LEU A 364 -63.49 40.15 -30.65
CA LEU A 364 -62.90 39.07 -29.87
C LEU A 364 -63.72 37.80 -30.07
N LYS A 365 -65.03 37.89 -29.82
CA LYS A 365 -65.95 36.79 -30.05
C LYS A 365 -65.85 36.25 -31.47
N LYS A 366 -65.76 37.16 -32.45
CA LYS A 366 -65.61 36.82 -33.89
C LYS A 366 -64.33 36.06 -34.18
N ARG A 367 -63.21 36.53 -33.63
CA ARG A 367 -61.91 35.86 -33.76
C ARG A 367 -61.96 34.44 -33.20
N ILE A 368 -62.46 34.32 -31.97
CA ILE A 368 -62.63 33.02 -31.32
C ILE A 368 -63.45 32.06 -32.19
N ASP A 369 -64.57 32.53 -32.72
CA ASP A 369 -65.41 31.69 -33.59
C ASP A 369 -64.66 31.21 -34.82
N SER A 370 -63.76 32.04 -35.34
CA SER A 370 -62.99 31.72 -36.54
C SER A 370 -62.01 30.58 -36.29
N VAL A 371 -61.75 30.29 -35.02
CA VAL A 371 -60.74 29.30 -34.64
C VAL A 371 -61.36 27.96 -34.22
N GLU A 372 -62.68 27.90 -34.14
CA GLU A 372 -63.37 26.68 -33.73
C GLU A 372 -63.03 25.46 -34.59
N PRO A 373 -62.95 25.62 -35.94
CA PRO A 373 -62.57 24.45 -36.73
C PRO A 373 -61.28 23.78 -36.25
N GLU A 374 -60.43 24.55 -35.56
CA GLU A 374 -59.08 24.11 -35.21
C GLU A 374 -58.92 23.54 -33.81
N PHE A 375 -59.66 24.09 -32.85
CA PHE A 375 -59.77 23.46 -31.55
C PHE A 375 -60.35 22.07 -31.78
N ASN A 376 -61.26 21.96 -32.75
CA ASN A 376 -61.81 20.68 -33.18
C ASN A 376 -60.71 19.78 -33.73
N LYS A 377 -59.70 20.38 -34.35
CA LYS A 377 -58.56 19.64 -34.87
C LYS A 377 -57.63 19.18 -33.75
N LEU A 378 -57.42 20.03 -32.75
CA LEU A 378 -56.67 19.65 -31.56
C LEU A 378 -57.37 18.48 -30.86
N THR A 379 -58.67 18.64 -30.65
CA THR A 379 -59.52 17.56 -30.13
C THR A 379 -59.33 16.29 -30.97
N GLY A 380 -59.45 16.43 -32.28
CA GLY A 380 -59.26 15.32 -33.21
C GLY A 380 -57.93 14.62 -33.04
N ILE A 381 -56.90 15.37 -32.64
CA ILE A 381 -55.59 14.78 -32.34
C ILE A 381 -55.68 13.95 -31.05
N ARG A 382 -56.16 14.57 -29.97
CA ARG A 382 -56.42 13.85 -28.73
C ARG A 382 -57.16 12.54 -29.01
N ASP A 383 -58.28 12.61 -29.73
CA ASP A 383 -59.06 11.42 -30.06
C ASP A 383 -58.38 10.40 -30.98
N GLU A 384 -57.54 10.86 -31.91
CA GLU A 384 -56.87 9.93 -32.81
C GLU A 384 -55.70 9.23 -32.13
N PHE A 385 -55.00 9.97 -31.26
CA PHE A 385 -53.89 9.41 -30.49
C PHE A 385 -54.43 8.50 -29.41
N GLN A 386 -55.57 8.91 -28.86
CA GLN A 386 -56.28 8.12 -27.86
C GLN A 386 -56.54 6.74 -28.45
N LYS A 387 -57.16 6.73 -29.63
CA LYS A 387 -57.55 5.50 -30.31
C LYS A 387 -56.34 4.63 -30.67
N GLU A 388 -55.19 5.27 -30.86
CA GLU A 388 -53.97 4.54 -31.17
C GLU A 388 -53.38 3.87 -29.92
N ILE A 389 -53.34 4.62 -28.82
CA ILE A 389 -52.86 4.11 -27.53
C ILE A 389 -53.67 2.89 -27.09
N ILE A 390 -55.00 3.00 -27.18
CA ILE A 390 -55.86 1.89 -26.81
C ILE A 390 -55.68 0.69 -27.74
N ASN A 391 -55.61 0.95 -29.04
CA ASN A 391 -55.38 -0.11 -30.01
C ASN A 391 -54.12 -0.91 -29.70
N THR A 392 -53.08 -0.21 -29.26
CA THR A 392 -51.82 -0.83 -28.82
C THR A 392 -52.00 -1.63 -27.52
N ARG A 393 -52.73 -1.09 -26.55
CA ARG A 393 -52.97 -1.81 -25.30
C ARG A 393 -53.82 -3.05 -25.51
N ASP A 394 -54.44 -3.15 -26.68
CA ASP A 394 -55.22 -4.32 -27.01
C ASP A 394 -54.38 -5.30 -27.79
N THR A 395 -53.51 -4.79 -28.65
CA THR A 395 -52.65 -5.67 -29.43
C THR A 395 -51.63 -6.32 -28.51
N GLN A 396 -51.05 -5.52 -27.64
CA GLN A 396 -49.94 -5.95 -26.82
C GLN A 396 -50.41 -6.91 -25.73
N ALA A 397 -51.52 -6.58 -25.07
CA ALA A 397 -52.10 -7.43 -24.03
C ALA A 397 -52.55 -8.80 -24.55
N ARG A 398 -52.96 -8.87 -25.81
CA ARG A 398 -53.29 -10.13 -26.45
C ARG A 398 -52.02 -10.92 -26.78
N THR A 399 -51.09 -10.29 -27.51
CA THR A 399 -49.84 -10.90 -27.93
C THR A 399 -49.02 -11.46 -26.74
N ILE A 400 -48.88 -10.66 -25.68
CA ILE A 400 -48.10 -11.05 -24.50
C ILE A 400 -48.79 -12.17 -23.71
N SER A 401 -50.12 -12.20 -23.75
CA SER A 401 -50.89 -13.31 -23.16
C SER A 401 -50.65 -14.62 -23.90
N GLU A 402 -50.75 -14.59 -25.23
CA GLU A 402 -50.49 -15.78 -26.03
C GLU A 402 -49.03 -16.22 -25.89
N SER A 403 -48.13 -15.25 -25.91
CA SER A 403 -46.71 -15.49 -25.68
C SER A 403 -46.50 -16.24 -24.36
N PHE A 404 -47.30 -15.90 -23.37
CA PHE A 404 -47.28 -16.57 -22.09
C PHE A 404 -47.78 -18.00 -22.20
N ARG A 405 -49.00 -18.19 -22.72
CA ARG A 405 -49.55 -19.53 -22.93
C ARG A 405 -48.53 -20.38 -23.68
N SER A 406 -48.04 -19.84 -24.79
CA SER A 406 -47.09 -20.52 -25.68
C SER A 406 -45.82 -20.95 -24.97
N TYR A 407 -45.31 -20.09 -24.08
CA TYR A 407 -44.14 -20.39 -23.27
C TYR A 407 -44.49 -21.44 -22.23
N VAL A 408 -45.58 -21.22 -21.50
CA VAL A 408 -46.01 -22.14 -20.43
C VAL A 408 -46.32 -23.55 -20.94
N LEU A 409 -46.96 -23.67 -22.11
CA LEU A 409 -47.21 -25.01 -22.71
C LEU A 409 -45.94 -25.70 -23.21
N ASN A 410 -45.00 -24.92 -23.75
CA ASN A 410 -43.72 -25.45 -24.23
C ASN A 410 -42.68 -25.74 -23.15
N LEU A 411 -43.14 -25.87 -21.90
CA LEU A 411 -42.23 -26.16 -20.78
C LEU A 411 -41.79 -27.61 -20.73
N GLY A 412 -42.72 -28.53 -21.00
CA GLY A 412 -42.45 -29.96 -21.07
C GLY A 412 -41.26 -30.35 -21.93
N ASN A 413 -40.92 -29.53 -22.91
CA ASN A 413 -39.76 -29.76 -23.78
C ASN A 413 -38.40 -29.63 -23.06
N THR A 414 -37.82 -28.43 -23.00
CA THR A 414 -36.60 -28.24 -22.21
C THR A 414 -36.96 -28.30 -20.74
N PHE A 415 -37.21 -29.51 -20.24
CA PHE A 415 -37.38 -29.72 -18.80
C PHE A 415 -36.19 -30.44 -18.22
N GLU A 416 -35.89 -31.62 -18.77
CA GLU A 416 -34.73 -32.41 -18.35
C GLU A 416 -33.47 -31.55 -18.14
N ASN A 417 -32.93 -30.99 -19.22
CA ASN A 417 -31.74 -30.10 -19.16
C ASN A 417 -31.87 -29.05 -18.05
N ASP A 418 -33.06 -28.50 -17.94
CA ASP A 418 -33.30 -27.35 -17.08
C ASP A 418 -33.48 -27.75 -15.63
N PHE A 419 -34.26 -28.80 -15.37
CA PHE A 419 -34.58 -29.22 -13.99
C PHE A 419 -33.43 -29.93 -13.29
N LEU A 420 -32.71 -30.77 -14.03
CA LEU A 420 -31.63 -31.58 -13.49
C LEU A 420 -30.61 -30.83 -12.64
N ARG A 421 -30.39 -29.56 -12.94
CA ARG A 421 -29.46 -28.76 -12.15
C ARG A 421 -30.04 -28.26 -10.82
N TYR A 422 -31.33 -28.51 -10.58
CA TYR A 422 -31.94 -28.21 -9.30
C TYR A 422 -32.20 -29.47 -8.50
N GLN A 423 -32.54 -30.54 -9.20
CA GLN A 423 -33.06 -31.77 -8.60
C GLN A 423 -32.26 -32.21 -7.39
N PRO A 424 -32.95 -32.47 -6.26
CA PRO A 424 -32.31 -32.97 -5.05
C PRO A 424 -31.78 -34.37 -5.24
N GLU A 425 -30.62 -34.65 -4.67
CA GLU A 425 -30.07 -36.00 -4.66
C GLU A 425 -30.87 -36.86 -3.71
N LEU A 426 -30.91 -38.16 -3.97
CA LEU A 426 -31.70 -39.07 -3.16
C LEU A 426 -31.07 -40.47 -3.13
N ASN A 427 -30.15 -40.69 -2.20
CA ASN A 427 -29.52 -42.01 -2.07
C ASN A 427 -30.39 -43.08 -1.43
N LEU A 428 -29.81 -44.26 -1.24
CA LEU A 428 -30.55 -45.49 -0.96
C LEU A 428 -31.68 -45.35 0.07
N PHE A 429 -31.39 -45.64 1.33
CA PHE A 429 -32.48 -45.82 2.28
C PHE A 429 -33.13 -44.52 2.77
N ASP A 430 -32.88 -43.41 2.07
CA ASP A 430 -33.38 -42.09 2.46
C ASP A 430 -34.90 -42.02 2.60
N PHE A 431 -35.61 -42.44 1.56
CA PHE A 431 -37.07 -42.31 1.54
C PHE A 431 -37.78 -43.25 2.54
N LEU A 432 -37.01 -43.91 3.41
CA LEU A 432 -37.54 -44.78 4.47
C LEU A 432 -37.65 -44.03 5.79
N SER A 433 -36.67 -43.16 6.06
CA SER A 433 -36.63 -42.29 7.23
C SER A 433 -37.52 -41.05 7.06
N SER A 434 -38.58 -40.95 7.88
CA SER A 434 -39.54 -39.82 7.87
C SER A 434 -38.90 -38.41 7.90
N GLY A 435 -37.70 -38.33 8.49
CA GLY A 435 -36.94 -37.08 8.57
C GLY A 435 -36.17 -36.74 7.31
N LYS A 436 -35.49 -37.74 6.75
CA LYS A 436 -34.75 -37.56 5.50
C LYS A 436 -35.73 -37.37 4.34
N ARG A 437 -36.91 -37.97 4.46
CA ARG A 437 -37.99 -37.81 3.49
C ARG A 437 -38.53 -36.38 3.51
N GLU A 438 -38.44 -35.73 4.67
CA GLU A 438 -38.82 -34.32 4.80
C GLU A 438 -37.72 -33.41 4.23
N ALA A 439 -36.48 -33.64 4.67
CA ALA A 439 -35.33 -32.88 4.18
C ALA A 439 -35.33 -32.89 2.65
N PHE A 440 -35.49 -34.07 2.06
CA PHE A 440 -35.62 -34.20 0.62
C PHE A 440 -36.82 -33.44 0.10
N ASN A 441 -37.97 -33.63 0.72
CA ASN A 441 -39.21 -32.99 0.27
C ASN A 441 -39.16 -31.47 0.25
N ALA A 442 -38.47 -30.91 1.24
CA ALA A 442 -38.21 -29.47 1.29
C ALA A 442 -37.34 -29.08 0.10
N ALA A 443 -36.25 -29.83 -0.10
CA ALA A 443 -35.34 -29.62 -1.23
C ALA A 443 -36.07 -29.73 -2.57
N LEU A 444 -37.01 -30.67 -2.68
CA LEU A 444 -37.83 -30.79 -3.87
C LEU A 444 -38.69 -29.54 -4.02
N GLN A 445 -39.29 -29.11 -2.91
CA GLN A 445 -40.03 -27.84 -2.84
C GLN A 445 -39.19 -26.69 -3.39
N LYS A 446 -37.97 -26.56 -2.89
CA LYS A 446 -37.06 -25.49 -3.27
C LYS A 446 -36.64 -25.59 -4.72
N ALA A 447 -36.48 -26.81 -5.23
CA ALA A 447 -36.11 -27.05 -6.63
C ALA A 447 -37.14 -26.47 -7.60
N PHE A 448 -38.39 -26.88 -7.44
CA PHE A 448 -39.46 -26.42 -8.31
C PHE A 448 -39.64 -24.92 -8.25
N GLU A 449 -39.52 -24.38 -7.05
CA GLU A 449 -39.55 -22.93 -6.83
C GLU A 449 -38.49 -22.26 -7.68
N GLN A 450 -37.25 -22.72 -7.52
CA GLN A 450 -36.12 -22.21 -8.27
C GLN A 450 -36.33 -22.37 -9.76
N TYR A 451 -36.70 -23.58 -10.17
CA TYR A 451 -37.01 -23.85 -11.56
C TYR A 451 -38.03 -22.86 -12.11
N ILE A 452 -39.21 -22.80 -11.49
CA ILE A 452 -40.27 -21.92 -11.96
C ILE A 452 -39.80 -20.45 -12.00
N THR A 453 -39.17 -20.01 -10.91
CA THR A 453 -38.67 -18.64 -10.84
C THR A 453 -37.69 -18.33 -11.98
N ASP A 454 -36.79 -19.27 -12.29
CA ASP A 454 -35.89 -19.11 -13.42
C ASP A 454 -36.65 -18.99 -14.74
N LYS A 455 -37.63 -19.85 -14.94
CA LYS A 455 -38.36 -19.93 -16.20
C LYS A 455 -39.27 -18.72 -16.43
N SER A 456 -40.00 -18.31 -15.40
CA SER A 456 -40.92 -17.19 -15.57
C SER A 456 -40.19 -15.84 -15.64
N ALA A 457 -39.08 -15.72 -14.90
CA ALA A 457 -38.22 -14.54 -15.01
C ALA A 457 -37.60 -14.45 -16.38
N ALA A 458 -37.27 -15.60 -16.97
CA ALA A 458 -36.75 -15.66 -18.33
C ALA A 458 -37.76 -15.09 -19.31
N TRP A 459 -39.03 -15.48 -19.13
CA TRP A 459 -40.10 -15.10 -20.06
C TRP A 459 -40.42 -13.62 -19.95
N THR A 460 -40.39 -13.10 -18.74
CA THR A 460 -40.69 -11.69 -18.49
C THR A 460 -39.73 -10.80 -19.27
N LEU A 461 -38.44 -11.14 -19.19
CA LEU A 461 -37.37 -10.49 -19.93
C LEU A 461 -37.70 -10.38 -21.42
N THR A 462 -38.50 -11.35 -21.91
CA THR A 462 -38.89 -11.40 -23.31
C THR A 462 -40.15 -10.59 -23.57
N ALA A 463 -41.00 -10.45 -22.55
CA ALA A 463 -42.17 -9.56 -22.62
C ALA A 463 -41.75 -8.10 -22.55
N GLU A 464 -40.97 -7.74 -21.53
CA GLU A 464 -40.35 -6.42 -21.41
C GLU A 464 -39.93 -5.87 -22.77
N LYS A 465 -39.23 -6.71 -23.54
CA LYS A 465 -38.71 -6.32 -24.84
C LYS A 465 -39.83 -5.81 -25.74
N ASP A 466 -40.95 -6.54 -25.80
CA ASP A 466 -42.14 -6.14 -26.55
C ASP A 466 -42.78 -4.87 -25.95
N ILE A 467 -43.02 -4.85 -24.65
CA ILE A 467 -43.59 -3.67 -23.98
C ILE A 467 -42.80 -2.42 -24.35
N ASN A 468 -41.49 -2.43 -24.12
CA ASN A 468 -40.59 -1.34 -24.52
C ASN A 468 -40.74 -0.92 -25.98
N ALA A 469 -40.83 -1.91 -26.87
CA ALA A 469 -40.86 -1.68 -28.31
C ALA A 469 -42.12 -0.91 -28.68
N ALA A 470 -43.19 -1.17 -27.94
CA ALA A 470 -44.47 -0.51 -28.12
C ALA A 470 -44.42 0.95 -27.66
N PHE A 471 -43.99 1.17 -26.42
CA PHE A 471 -43.85 2.52 -25.86
C PHE A 471 -42.89 3.40 -26.64
N LYS A 472 -41.92 2.80 -27.32
CA LYS A 472 -40.99 3.57 -28.14
C LYS A 472 -41.73 4.10 -29.37
N GLU A 473 -42.64 3.28 -29.90
CA GLU A 473 -43.40 3.64 -31.08
C GLU A 473 -44.52 4.61 -30.74
N LEU A 474 -45.02 4.53 -29.50
CA LEU A 474 -46.02 5.47 -29.00
C LEU A 474 -45.37 6.82 -28.72
N SER A 475 -44.12 6.77 -28.29
CA SER A 475 -43.30 7.96 -28.12
C SER A 475 -43.10 8.71 -29.45
N ARG A 476 -42.95 7.95 -30.54
CA ARG A 476 -42.77 8.51 -31.88
C ARG A 476 -44.06 9.11 -32.43
N SER A 477 -45.19 8.46 -32.20
CA SER A 477 -46.49 9.01 -32.58
C SER A 477 -46.77 10.29 -31.82
N ALA A 478 -46.40 10.32 -30.55
CA ALA A 478 -46.52 11.51 -29.74
C ALA A 478 -45.71 12.65 -30.35
N SER A 479 -44.55 12.32 -30.91
CA SER A 479 -43.71 13.30 -31.55
C SER A 479 -44.37 13.90 -32.79
N GLN A 480 -44.98 13.05 -33.62
CA GLN A 480 -45.72 13.46 -34.81
C GLN A 480 -46.97 14.26 -34.46
N TYR A 481 -47.87 13.63 -33.71
CA TYR A 481 -49.07 14.28 -33.26
C TYR A 481 -48.73 15.62 -32.61
N GLY A 482 -47.62 15.65 -31.87
CA GLY A 482 -47.10 16.90 -31.30
C GLY A 482 -46.79 17.97 -32.35
N ALA A 483 -46.10 17.55 -33.42
CA ALA A 483 -45.73 18.46 -34.49
C ALA A 483 -46.98 18.95 -35.19
N SER A 484 -47.90 18.01 -35.40
CA SER A 484 -49.17 18.33 -36.02
C SER A 484 -49.96 19.27 -35.11
N TYR A 485 -49.85 19.05 -33.81
CA TYR A 485 -50.48 19.88 -32.78
C TYR A 485 -49.96 21.31 -32.83
N ASN A 486 -48.65 21.46 -33.09
CA ASN A 486 -48.05 22.78 -33.17
C ASN A 486 -48.52 23.58 -34.39
N GLN A 487 -48.58 22.92 -35.54
CA GLN A 487 -49.23 23.50 -36.73
C GLN A 487 -50.50 24.20 -36.28
N ILE A 488 -51.47 23.41 -35.83
CA ILE A 488 -52.77 23.92 -35.45
C ILE A 488 -52.67 25.04 -34.41
N THR A 489 -51.69 24.94 -33.52
CA THR A 489 -51.60 25.86 -32.40
C THR A 489 -51.09 27.25 -32.81
N ASP A 490 -50.23 27.31 -33.82
CA ASP A 490 -49.74 28.58 -34.38
C ASP A 490 -50.77 29.23 -35.29
N GLN A 491 -51.54 28.39 -35.98
CA GLN A 491 -52.69 28.85 -36.75
C GLN A 491 -53.72 29.53 -35.85
N ILE A 492 -53.82 29.06 -34.62
CA ILE A 492 -54.69 29.69 -33.63
C ILE A 492 -54.15 31.07 -33.26
N THR A 493 -52.85 31.15 -32.96
CA THR A 493 -52.22 32.41 -32.59
C THR A 493 -52.27 33.43 -33.75
N GLU A 494 -52.11 32.94 -34.97
CA GLU A 494 -52.22 33.77 -36.18
C GLU A 494 -53.65 34.31 -36.35
N LYS A 495 -54.62 33.41 -36.51
CA LYS A 495 -56.02 33.79 -36.66
C LYS A 495 -56.56 34.67 -35.53
N LEU A 496 -55.83 34.75 -34.42
CA LEU A 496 -56.22 35.59 -33.30
C LEU A 496 -55.54 36.96 -33.33
N THR A 497 -54.26 36.98 -33.72
CA THR A 497 -53.50 38.23 -33.77
C THR A 497 -53.51 38.87 -35.16
N GLY A 498 -53.06 38.11 -36.16
CA GLY A 498 -52.79 38.65 -37.49
C GLY A 498 -51.37 38.32 -37.90
N LYS A 499 -50.42 38.63 -37.01
CA LYS A 499 -48.98 38.39 -37.23
C LYS A 499 -48.45 37.14 -36.51
N ASP A 500 -47.48 36.48 -37.13
CA ASP A 500 -46.88 35.26 -36.57
C ASP A 500 -45.67 35.60 -35.69
N VAL A 501 -45.15 34.60 -34.97
CA VAL A 501 -43.86 34.71 -34.27
C VAL A 501 -42.86 33.68 -34.82
N GLU A 510 -32.20 22.91 -31.98
CA GLU A 510 -31.74 21.52 -31.87
C GLU A 510 -32.31 20.73 -30.67
N GLU A 511 -32.73 21.44 -29.61
CA GLU A 511 -33.44 20.82 -28.50
C GLU A 511 -34.95 20.75 -28.81
N ASP A 512 -35.47 19.52 -28.86
CA ASP A 512 -36.82 19.25 -29.37
C ASP A 512 -37.90 20.03 -28.61
N ASN A 513 -38.62 20.90 -29.32
CA ASN A 513 -39.76 21.59 -28.71
C ASN A 513 -41.13 21.22 -29.32
N SER A 514 -41.52 19.98 -29.07
CA SER A 514 -42.90 19.53 -29.24
C SER A 514 -43.66 19.96 -27.98
N PRO A 515 -45.02 19.99 -28.02
CA PRO A 515 -45.77 20.62 -26.94
C PRO A 515 -45.63 19.87 -25.63
N GLY A 516 -45.82 20.58 -24.52
CA GLY A 516 -45.71 20.01 -23.17
C GLY A 516 -46.20 18.59 -23.05
N TRP A 517 -47.47 18.36 -23.35
CA TRP A 517 -48.06 17.02 -23.27
C TRP A 517 -47.26 15.98 -24.05
N ALA A 518 -46.77 16.36 -25.23
CA ALA A 518 -46.09 15.42 -26.10
C ALA A 518 -44.77 14.99 -25.44
N LYS A 519 -44.06 15.95 -24.86
CA LYS A 519 -42.85 15.66 -24.12
C LYS A 519 -43.14 14.63 -23.03
N TRP A 520 -44.08 14.92 -22.12
CA TRP A 520 -44.49 13.93 -21.11
C TRP A 520 -44.76 12.55 -21.74
N ALA A 521 -45.63 12.52 -22.74
CA ALA A 521 -45.97 11.30 -23.46
C ALA A 521 -44.75 10.63 -24.07
N MET A 522 -43.77 11.43 -24.48
CA MET A 522 -42.55 10.90 -25.06
C MET A 522 -41.60 10.39 -23.98
N GLY A 523 -41.86 10.75 -22.73
CA GLY A 523 -41.04 10.29 -21.62
C GLY A 523 -39.85 11.19 -21.37
N LEU A 524 -39.82 12.32 -22.06
CA LEU A 524 -38.77 13.32 -21.88
C LEU A 524 -38.83 13.99 -20.51
N LEU A 525 -39.96 13.88 -19.83
CA LEU A 525 -40.12 14.48 -18.52
C LEU A 525 -40.53 13.44 -17.50
N SER A 526 -39.81 13.41 -16.37
CA SER A 526 -40.13 12.56 -15.21
C SER A 526 -39.32 12.91 -13.95
N ALA A 540 -35.18 5.68 -19.12
CA ALA A 540 -36.30 4.95 -18.54
C ALA A 540 -37.68 5.52 -18.93
N GLY A 541 -37.69 6.51 -19.82
CA GLY A 541 -38.93 7.05 -20.43
C GLY A 541 -40.16 7.07 -19.52
N PHE A 542 -41.23 6.43 -19.96
CA PHE A 542 -42.43 6.28 -19.15
C PHE A 542 -42.27 5.07 -18.25
N ASP A 543 -42.70 5.19 -16.98
CA ASP A 543 -42.40 4.19 -15.97
C ASP A 543 -43.39 3.03 -15.87
N TRP A 544 -43.59 2.35 -16.99
CA TRP A 544 -44.53 1.22 -17.07
C TRP A 544 -44.12 0.09 -16.12
N LYS A 545 -42.80 -0.04 -15.91
CA LYS A 545 -42.21 -1.09 -15.09
C LYS A 545 -42.81 -1.05 -13.70
N ASN A 546 -42.97 0.15 -13.15
CA ASN A 546 -43.55 0.35 -11.82
C ASN A 546 -45.07 0.29 -11.77
N ILE A 547 -45.72 0.81 -12.82
CA ILE A 547 -47.17 0.62 -13.01
C ILE A 547 -47.47 -0.88 -12.95
N LEU A 548 -46.76 -1.64 -13.79
CA LEU A 548 -46.83 -3.10 -13.85
C LEU A 548 -46.53 -3.75 -12.51
N LEU A 549 -45.53 -3.20 -11.81
CA LEU A 549 -45.03 -3.80 -10.58
C LEU A 549 -45.88 -3.48 -9.34
N ASN A 550 -46.53 -2.31 -9.34
CA ASN A 550 -47.45 -1.95 -8.27
C ASN A 550 -48.74 -2.73 -8.38
N TYR A 551 -49.17 -3.00 -9.62
CA TYR A 551 -50.35 -3.79 -9.91
C TYR A 551 -50.18 -5.27 -9.55
N PHE A 552 -48.96 -5.79 -9.70
CA PHE A 552 -48.64 -7.18 -9.32
C PHE A 552 -48.57 -7.39 -7.80
N THR A 553 -48.36 -6.29 -7.07
CA THR A 553 -48.41 -6.31 -5.60
C THR A 553 -49.85 -6.44 -5.08
N VAL A 554 -50.80 -5.80 -5.76
CA VAL A 554 -52.21 -5.84 -5.36
C VAL A 554 -52.94 -7.13 -5.84
N ILE A 555 -52.15 -8.17 -6.15
CA ILE A 555 -52.69 -9.50 -6.48
C ILE A 555 -51.93 -10.63 -5.73
N GLY A 556 -50.60 -10.73 -5.93
CA GLY A 556 -49.78 -11.76 -5.29
C GLY A 556 -48.73 -12.37 -6.21
N ILE A 557 -47.66 -12.91 -5.62
CA ILE A 557 -46.58 -13.61 -6.36
C ILE A 557 -45.35 -14.11 -5.52
N GLY A 558 -45.58 -14.65 -4.32
CA GLY A 558 -46.90 -14.95 -3.75
C GLY A 558 -47.52 -16.24 -4.27
N GLY A 559 -48.76 -16.13 -4.74
CA GLY A 559 -49.51 -17.27 -5.29
C GLY A 559 -48.97 -17.81 -6.60
N ILE A 560 -47.96 -17.14 -7.14
CA ILE A 560 -47.31 -17.58 -8.36
C ILE A 560 -46.45 -18.80 -8.03
N ILE A 561 -45.52 -18.63 -7.10
CA ILE A 561 -44.44 -19.59 -6.89
C ILE A 561 -44.80 -20.75 -5.93
N THR A 562 -44.84 -20.46 -4.63
CA THR A 562 -44.98 -21.49 -3.59
C THR A 562 -46.33 -22.21 -3.68
N ALA A 563 -47.40 -21.48 -4.01
CA ALA A 563 -48.73 -22.07 -4.13
C ALA A 563 -48.79 -23.10 -5.26
N VAL A 564 -48.51 -22.65 -6.49
CA VAL A 564 -48.52 -23.52 -7.68
C VAL A 564 -47.73 -24.81 -7.43
N THR A 565 -46.50 -24.63 -6.95
CA THR A 565 -45.59 -25.73 -6.64
C THR A 565 -46.21 -26.80 -5.72
N GLY A 566 -46.89 -26.38 -4.65
CA GLY A 566 -47.47 -27.28 -3.66
C GLY A 566 -48.39 -28.34 -4.25
N ILE A 567 -49.07 -27.99 -5.34
CA ILE A 567 -49.96 -28.92 -6.07
C ILE A 567 -49.20 -30.08 -6.73
N LEU A 568 -47.87 -30.02 -6.71
CA LEU A 568 -47.00 -31.00 -7.38
C LEU A 568 -46.28 -31.97 -6.43
N LEU A 569 -45.88 -31.46 -5.27
CA LEU A 569 -45.07 -32.23 -4.29
C LEU A 569 -45.75 -33.49 -3.75
N GLY A 570 -47.02 -33.35 -3.36
CA GLY A 570 -47.82 -34.47 -2.90
C GLY A 570 -47.75 -35.63 -3.88
N PRO A 571 -48.42 -35.47 -5.05
CA PRO A 571 -48.48 -36.46 -6.14
C PRO A 571 -47.13 -36.99 -6.69
N ILE A 572 -46.02 -36.31 -6.42
CA ILE A 572 -44.70 -36.85 -6.73
C ILE A 572 -44.23 -37.81 -5.64
N GLY A 573 -44.49 -37.47 -4.37
CA GLY A 573 -44.28 -38.40 -3.25
C GLY A 573 -45.08 -39.69 -3.42
N PHE A 574 -46.34 -39.55 -3.81
CA PHE A 574 -47.20 -40.67 -4.17
C PHE A 574 -46.49 -41.54 -5.21
N ALA A 575 -46.12 -40.92 -6.33
CA ALA A 575 -45.56 -41.63 -7.49
C ALA A 575 -44.20 -42.28 -7.20
N LEU A 576 -43.38 -41.60 -6.40
CA LEU A 576 -42.08 -42.14 -5.98
C LEU A 576 -42.23 -43.40 -5.12
N LEU A 577 -43.33 -43.50 -4.37
CA LEU A 577 -43.64 -44.74 -3.65
C LEU A 577 -44.02 -45.88 -4.59
N GLY A 578 -44.68 -45.52 -5.69
CA GLY A 578 -45.21 -46.46 -6.66
C GLY A 578 -44.15 -47.24 -7.42
N LEU A 579 -42.98 -46.64 -7.59
CA LEU A 579 -41.85 -47.37 -8.17
C LEU A 579 -40.77 -47.79 -7.14
N GLY A 580 -41.07 -47.62 -5.85
CA GLY A 580 -40.29 -48.23 -4.78
C GLY A 580 -38.97 -47.59 -4.39
N VAL A 581 -38.88 -46.26 -4.55
CA VAL A 581 -37.72 -45.50 -4.07
C VAL A 581 -37.57 -45.69 -2.56
N GLY A 582 -36.40 -45.35 -2.04
CA GLY A 582 -36.04 -45.77 -0.71
C GLY A 582 -35.33 -47.11 -0.79
N PHE A 583 -35.73 -47.93 -1.77
CA PHE A 583 -34.95 -49.12 -2.14
C PHE A 583 -34.23 -48.98 -3.50
N LEU A 584 -34.27 -47.78 -4.08
CA LEU A 584 -33.45 -47.45 -5.26
C LEU A 584 -32.22 -46.63 -4.89
N GLN A 585 -31.18 -46.70 -5.71
CA GLN A 585 -29.94 -46.00 -5.44
C GLN A 585 -29.92 -44.67 -6.17
N ALA A 586 -29.04 -43.75 -5.77
CA ALA A 586 -29.05 -42.37 -6.28
C ALA A 586 -29.24 -42.29 -7.79
N ASP A 587 -28.51 -43.11 -8.54
CA ASP A 587 -28.62 -43.14 -9.99
C ASP A 587 -30.01 -43.61 -10.47
N GLN A 588 -30.52 -44.70 -9.89
CA GLN A 588 -31.84 -45.21 -10.26
C GLN A 588 -32.90 -44.19 -9.89
N ALA A 589 -32.74 -43.57 -8.73
CA ALA A 589 -33.74 -42.68 -8.16
C ALA A 589 -33.79 -41.38 -8.93
N ARG A 590 -32.63 -40.93 -9.37
CA ARG A 590 -32.49 -39.73 -10.19
C ARG A 590 -33.35 -39.87 -11.45
N ARG A 591 -33.00 -40.85 -12.29
CA ARG A 591 -33.72 -41.19 -13.51
C ARG A 591 -35.26 -41.10 -13.32
N GLU A 592 -35.76 -41.79 -12.31
CA GLU A 592 -37.18 -41.84 -12.00
C GLU A 592 -37.79 -40.54 -11.46
N LEU A 593 -36.97 -39.70 -10.81
CA LEU A 593 -37.44 -38.41 -10.28
C LEU A 593 -37.83 -37.47 -11.42
N VAL A 594 -36.87 -37.19 -12.30
CA VAL A 594 -37.08 -36.29 -13.44
C VAL A 594 -38.32 -36.68 -14.21
N LYS A 595 -38.44 -37.96 -14.55
CA LYS A 595 -39.59 -38.45 -15.31
C LYS A 595 -40.90 -38.22 -14.57
N THR A 596 -40.94 -38.59 -13.29
CA THR A 596 -42.10 -38.32 -12.44
C THR A 596 -42.40 -36.84 -12.39
N ALA A 597 -41.35 -36.04 -12.18
CA ALA A 597 -41.47 -34.59 -12.17
C ALA A 597 -42.08 -34.04 -13.46
N LYS A 598 -41.47 -34.39 -14.60
CA LYS A 598 -41.94 -33.96 -15.93
C LYS A 598 -43.41 -34.34 -16.14
N LYS A 599 -43.75 -35.60 -15.87
CA LYS A 599 -45.10 -36.09 -16.08
C LYS A 599 -46.10 -35.34 -15.21
N GLU A 600 -45.70 -35.00 -14.00
CA GLU A 600 -46.57 -34.26 -13.08
C GLU A 600 -46.73 -32.80 -13.53
N LEU A 601 -45.62 -32.12 -13.79
CA LEU A 601 -45.63 -30.73 -14.23
C LEU A 601 -46.51 -30.52 -15.47
N VAL A 602 -46.40 -31.41 -16.45
CA VAL A 602 -47.18 -31.28 -17.68
C VAL A 602 -48.68 -31.53 -17.41
N LYS A 603 -48.99 -32.16 -16.29
CA LYS A 603 -50.37 -32.44 -15.93
C LYS A 603 -51.11 -31.16 -15.50
N HIS A 604 -50.36 -30.12 -15.12
CA HIS A 604 -50.95 -28.84 -14.72
C HIS A 604 -50.63 -27.67 -15.62
N LEU A 605 -49.87 -27.91 -16.69
CA LEU A 605 -49.53 -26.85 -17.62
C LEU A 605 -50.75 -26.14 -18.24
N PRO A 606 -51.76 -26.91 -18.74
CA PRO A 606 -52.94 -26.25 -19.31
C PRO A 606 -53.68 -25.33 -18.33
N GLN A 607 -53.83 -25.76 -17.08
CA GLN A 607 -54.57 -25.01 -16.06
C GLN A 607 -53.86 -23.72 -15.60
N VAL A 608 -52.52 -23.75 -15.55
CA VAL A 608 -51.74 -22.56 -15.24
C VAL A 608 -51.79 -21.57 -16.41
N ALA A 609 -51.64 -22.08 -17.63
CA ALA A 609 -51.62 -21.25 -18.83
C ALA A 609 -52.97 -20.61 -19.10
N HIS A 610 -54.03 -21.19 -18.53
CA HIS A 610 -55.38 -20.63 -18.64
C HIS A 610 -55.59 -19.55 -17.58
N GLU A 611 -55.48 -19.91 -16.31
CA GLU A 611 -55.77 -18.99 -15.21
C GLU A 611 -54.83 -17.80 -15.19
N GLN A 612 -53.54 -18.06 -15.42
CA GLN A 612 -52.50 -17.02 -15.25
C GLN A 612 -52.32 -16.13 -16.47
N SER A 613 -52.72 -16.61 -17.63
CA SER A 613 -52.57 -15.86 -18.86
C SER A 613 -53.45 -14.62 -18.83
N GLN A 614 -54.65 -14.78 -18.26
CA GLN A 614 -55.62 -13.69 -18.11
C GLN A 614 -55.11 -12.62 -17.12
N VAL A 615 -54.30 -13.03 -16.15
CA VAL A 615 -53.69 -12.09 -15.21
C VAL A 615 -52.62 -11.27 -15.92
N VAL A 616 -51.87 -11.90 -16.82
CA VAL A 616 -50.88 -11.19 -17.63
C VAL A 616 -51.61 -10.18 -18.49
N TYR A 617 -52.65 -10.64 -19.19
CA TYR A 617 -53.48 -9.75 -20.00
C TYR A 617 -53.81 -8.47 -19.24
N ASN A 618 -54.45 -8.61 -18.08
CA ASN A 618 -54.87 -7.48 -17.27
C ASN A 618 -53.73 -6.59 -16.83
N ALA A 619 -52.56 -7.19 -16.59
CA ALA A 619 -51.37 -6.44 -16.20
C ALA A 619 -50.89 -5.54 -17.33
N VAL A 620 -50.78 -6.13 -18.52
CA VAL A 620 -50.33 -5.42 -19.71
C VAL A 620 -51.38 -4.38 -20.14
N LYS A 621 -52.62 -4.62 -19.75
CA LYS A 621 -53.72 -3.72 -20.07
C LYS A 621 -53.65 -2.48 -19.19
N GLU A 622 -53.44 -2.64 -17.89
CA GLU A 622 -53.42 -1.51 -16.96
C GLU A 622 -52.19 -0.67 -17.23
N CYS A 623 -51.25 -1.29 -17.95
CA CYS A 623 -50.00 -0.67 -18.29
C CYS A 623 -50.26 0.45 -19.29
N PHE A 624 -50.84 0.10 -20.44
CA PHE A 624 -51.14 1.09 -21.45
C PHE A 624 -52.34 1.95 -21.11
N ASP A 625 -53.31 1.40 -20.38
CA ASP A 625 -54.41 2.21 -19.84
C ASP A 625 -53.89 3.33 -18.93
N SER A 626 -52.88 3.04 -18.11
CA SER A 626 -52.29 4.04 -17.21
C SER A 626 -51.74 5.24 -17.98
N TYR A 627 -50.94 4.95 -19.01
CA TYR A 627 -50.41 5.92 -19.97
C TYR A 627 -51.56 6.71 -20.65
N GLU A 628 -52.49 5.99 -21.27
CA GLU A 628 -53.64 6.58 -21.96
C GLU A 628 -54.39 7.59 -21.08
N ARG A 629 -54.39 7.33 -19.78
CA ARG A 629 -55.13 8.13 -18.83
C ARG A 629 -54.38 9.42 -18.55
N GLU A 630 -53.07 9.34 -18.30
CA GLU A 630 -52.25 10.53 -18.06
C GLU A 630 -52.15 11.41 -19.31
N VAL A 631 -52.06 10.78 -20.48
CA VAL A 631 -51.88 11.51 -21.74
C VAL A 631 -53.15 12.25 -22.15
N SER A 632 -54.29 11.56 -22.17
CA SER A 632 -55.56 12.21 -22.48
C SER A 632 -55.77 13.42 -21.57
N LYS A 633 -55.45 13.27 -20.28
CA LYS A 633 -55.56 14.35 -19.32
C LYS A 633 -54.70 15.54 -19.75
N ARG A 634 -53.44 15.27 -20.07
CA ARG A 634 -52.49 16.33 -20.41
C ARG A 634 -52.81 17.04 -21.74
N ILE A 635 -53.40 16.31 -22.70
CA ILE A 635 -53.81 16.92 -23.97
C ILE A 635 -55.10 17.73 -23.79
N ASN A 636 -56.01 17.24 -22.95
CA ASN A 636 -57.21 18.00 -22.61
C ASN A 636 -56.92 19.23 -21.78
N ASP A 637 -55.99 19.10 -20.83
CA ASP A 637 -55.60 20.23 -19.98
C ASP A 637 -55.14 21.38 -20.86
N ASP A 638 -54.32 21.06 -21.87
CA ASP A 638 -53.85 22.05 -22.82
C ASP A 638 -55.00 22.71 -23.58
N ILE A 639 -55.85 21.91 -24.22
CA ILE A 639 -56.97 22.44 -24.98
C ILE A 639 -57.84 23.32 -24.09
N VAL A 640 -58.22 22.79 -22.92
CA VAL A 640 -59.07 23.50 -21.97
C VAL A 640 -58.41 24.81 -21.52
N SER A 641 -57.11 24.75 -21.23
CA SER A 641 -56.35 25.95 -20.89
C SER A 641 -56.51 27.00 -21.96
N ARG A 642 -56.14 26.65 -23.18
CA ARG A 642 -56.21 27.56 -24.32
C ARG A 642 -57.61 28.17 -24.49
N LYS A 643 -58.66 27.36 -24.36
CA LYS A 643 -60.04 27.86 -24.38
C LYS A 643 -60.33 28.81 -23.21
N SER A 644 -59.81 28.48 -22.03
CA SER A 644 -60.05 29.28 -20.82
C SER A 644 -59.39 30.64 -20.96
N GLU A 645 -58.16 30.63 -21.49
CA GLU A 645 -57.36 31.84 -21.64
C GLU A 645 -58.11 32.88 -22.45
N LEU A 646 -58.85 32.39 -23.45
CA LEU A 646 -59.60 33.28 -24.31
C LEU A 646 -60.89 33.70 -23.63
N ASP A 647 -61.60 32.73 -23.06
CA ASP A 647 -62.88 32.98 -22.41
C ASP A 647 -62.78 33.94 -21.24
N ASN A 648 -61.72 33.81 -20.45
CA ASN A 648 -61.47 34.72 -19.33
C ASN A 648 -61.52 36.16 -19.78
N LEU A 649 -60.80 36.45 -20.87
CA LEU A 649 -60.78 37.77 -21.47
C LEU A 649 -62.19 38.26 -21.83
N VAL A 650 -62.95 37.43 -22.53
CA VAL A 650 -64.31 37.78 -22.92
C VAL A 650 -65.10 38.24 -21.71
N LYS A 651 -65.09 37.43 -20.65
CA LYS A 651 -65.75 37.79 -19.40
C LYS A 651 -65.24 39.11 -18.84
N GLN A 652 -63.93 39.32 -18.88
CA GLN A 652 -63.36 40.61 -18.44
C GLN A 652 -63.99 41.76 -19.22
N LYS A 653 -63.85 41.73 -20.55
CA LYS A 653 -64.29 42.83 -21.40
C LYS A 653 -65.76 43.18 -21.15
N GLN A 654 -66.58 42.15 -20.92
CA GLN A 654 -68.00 42.33 -20.66
C GLN A 654 -68.30 42.93 -19.30
N THR A 655 -67.49 42.60 -18.31
CA THR A 655 -67.79 42.95 -16.92
C THR A 655 -66.92 44.10 -16.41
N ARG A 656 -65.62 43.83 -16.23
CA ARG A 656 -64.68 44.78 -15.68
C ARG A 656 -64.30 45.87 -16.68
N GLU A 657 -63.71 46.95 -16.18
CA GLU A 657 -63.05 47.96 -17.01
C GLU A 657 -61.59 47.95 -16.57
N ILE A 658 -60.67 47.97 -17.53
CA ILE A 658 -59.23 47.92 -17.20
C ILE A 658 -58.40 48.99 -17.93
N ASN A 659 -57.33 49.41 -17.27
CA ASN A 659 -56.33 50.29 -17.87
C ASN A 659 -55.45 49.48 -18.82
N ARG A 660 -55.70 49.61 -20.13
CA ARG A 660 -54.97 48.86 -21.15
C ARG A 660 -53.45 48.94 -20.99
N GLU A 661 -52.94 50.10 -20.57
CA GLU A 661 -51.50 50.25 -20.42
C GLU A 661 -50.91 49.62 -19.15
N SER A 662 -51.57 49.80 -18.00
CA SER A 662 -51.16 49.16 -16.75
C SER A 662 -51.03 47.66 -16.95
N GLU A 663 -52.11 47.07 -17.45
CA GLU A 663 -52.20 45.66 -17.73
C GLU A 663 -51.14 45.21 -18.71
N PHE A 664 -50.93 45.99 -19.77
CA PHE A 664 -49.87 45.70 -20.73
C PHE A 664 -48.54 45.56 -20.00
N ASN A 665 -48.29 46.47 -19.07
CA ASN A 665 -47.04 46.48 -18.33
C ASN A 665 -46.93 45.37 -17.31
N ARG A 666 -48.04 45.09 -16.63
CA ARG A 666 -48.10 43.97 -15.68
C ARG A 666 -47.81 42.66 -16.41
N LEU A 667 -48.31 42.53 -17.63
CA LEU A 667 -48.12 41.34 -18.46
C LEU A 667 -46.74 41.24 -19.09
N LYS A 668 -46.15 42.38 -19.43
CA LYS A 668 -44.78 42.40 -19.93
C LYS A 668 -43.77 42.07 -18.84
N ASN A 669 -44.06 42.54 -17.62
CA ASN A 669 -43.30 42.19 -16.41
C ASN A 669 -43.26 40.69 -16.15
N LEU A 670 -44.41 40.03 -16.30
CA LEU A 670 -44.51 38.59 -16.14
C LEU A 670 -43.50 37.87 -17.03
N GLN A 671 -43.54 38.17 -18.33
CA GLN A 671 -42.57 37.66 -19.29
C GLN A 671 -41.15 37.93 -18.83
N GLU A 672 -40.93 39.12 -18.29
CA GLU A 672 -39.60 39.50 -17.83
C GLU A 672 -39.15 38.71 -16.58
N ASP A 673 -40.00 38.69 -15.55
CA ASP A 673 -39.73 37.98 -14.28
C ASP A 673 -39.43 36.49 -14.46
N VAL A 674 -40.20 35.86 -15.34
CA VAL A 674 -40.16 34.44 -15.60
C VAL A 674 -38.95 34.09 -16.44
N ILE A 675 -38.73 34.84 -17.52
CA ILE A 675 -37.56 34.65 -18.38
C ILE A 675 -36.25 34.83 -17.59
N ALA A 676 -36.31 35.50 -16.45
CA ALA A 676 -35.15 35.77 -15.60
C ALA A 676 -34.78 34.55 -14.78
N GLN A 677 -35.78 34.02 -14.08
CA GLN A 677 -35.61 32.80 -13.31
C GLN A 677 -35.15 31.65 -14.21
N LEU A 678 -35.68 31.61 -15.43
CA LEU A 678 -35.26 30.63 -16.42
C LEU A 678 -33.76 30.75 -16.69
N GLN A 679 -33.31 31.99 -16.88
CA GLN A 679 -31.90 32.22 -17.18
C GLN A 679 -30.96 31.78 -16.06
N LYS A 680 -31.45 31.86 -14.82
CA LYS A 680 -30.71 31.38 -13.67
C LYS A 680 -30.59 29.85 -13.71
N ILE A 681 -31.73 29.19 -13.93
CA ILE A 681 -31.79 27.74 -14.08
C ILE A 681 -30.90 27.28 -15.22
N GLU A 682 -30.96 27.98 -16.35
CA GLU A 682 -30.15 27.61 -17.50
C GLU A 682 -28.66 27.86 -17.28
N ALA A 683 -28.35 28.86 -16.45
CA ALA A 683 -26.97 29.19 -16.09
C ALA A 683 -26.39 28.15 -15.14
N ALA A 684 -27.16 27.77 -14.12
CA ALA A 684 -26.73 26.74 -13.16
C ALA A 684 -26.38 25.46 -13.90
N TYR A 685 -27.29 24.99 -14.74
CA TYR A 685 -27.06 23.83 -15.60
C TYR A 685 -25.81 24.05 -16.45
N SER A 686 -25.79 25.19 -17.15
CA SER A 686 -24.71 25.56 -18.05
C SER A 686 -23.34 25.48 -17.38
N ASN A 687 -23.23 26.06 -16.19
CA ASN A 687 -21.97 26.13 -15.42
C ASN A 687 -21.47 24.75 -15.00
N LEU A 688 -22.40 23.90 -14.57
CA LEU A 688 -22.08 22.54 -14.18
C LEU A 688 -21.43 21.87 -15.38
N LEU A 689 -22.17 21.79 -16.48
CA LEU A 689 -21.70 21.15 -17.70
C LEU A 689 -20.37 21.71 -18.22
N ALA A 690 -20.15 23.01 -18.00
CA ALA A 690 -18.92 23.69 -18.43
C ALA A 690 -17.76 23.34 -17.51
N TYR A 691 -18.06 23.17 -16.23
CA TYR A 691 -17.05 22.71 -15.29
C TYR A 691 -16.56 21.30 -15.64
N TYR A 692 -17.50 20.43 -16.01
CA TYR A 692 -17.17 19.06 -16.40
C TYR A 692 -16.38 18.99 -17.70
N SER A 693 -16.77 19.82 -18.67
CA SER A 693 -16.15 19.83 -19.99
C SER A 693 -14.67 20.19 -19.95
N HIS A 694 -14.28 21.03 -19.00
CA HIS A 694 -12.88 21.47 -18.90
C HIS A 694 -12.09 20.79 -17.79
N HIS A 695 -12.69 19.79 -17.14
CA HIS A 695 -12.07 19.11 -16.00
C HIS A 695 -12.32 17.59 -16.03
N GLN B 4 -0.34 27.75 -28.62
CA GLN B 4 -0.11 26.79 -29.75
C GLN B 4 -1.40 26.34 -30.45
N VAL B 5 -1.44 26.55 -31.77
CA VAL B 5 -2.64 26.34 -32.60
C VAL B 5 -2.92 24.88 -33.00
N ALA B 6 -4.04 24.67 -33.69
CA ALA B 6 -4.47 23.35 -34.13
C ALA B 6 -3.65 22.81 -35.29
N THR B 7 -3.18 23.71 -36.17
CA THR B 7 -2.36 23.31 -37.34
C THR B 7 -1.00 22.76 -36.89
N ASP B 8 -0.41 23.40 -35.89
CA ASP B 8 0.86 22.96 -35.31
C ASP B 8 0.70 21.69 -34.48
N ARG B 9 -0.33 21.64 -33.65
CA ARG B 9 -0.64 20.46 -32.84
C ARG B 9 -0.90 19.22 -33.71
N PHE B 10 -1.47 19.44 -34.90
CA PHE B 10 -1.70 18.36 -35.87
C PHE B 10 -0.37 17.91 -36.49
N ILE B 11 0.53 18.86 -36.75
CA ILE B 11 1.84 18.55 -37.29
C ILE B 11 2.73 17.94 -36.21
N GLN B 12 2.48 18.33 -34.97
CA GLN B 12 3.19 17.81 -33.80
C GLN B 12 2.86 16.33 -33.64
N ASP B 13 1.56 16.04 -33.54
CA ASP B 13 1.02 14.68 -33.41
C ASP B 13 1.43 13.76 -34.55
N LEU B 14 1.37 14.30 -35.77
CA LEU B 14 1.67 13.56 -36.97
C LEU B 14 3.12 13.06 -36.97
N GLU B 15 4.02 13.91 -36.45
CA GLU B 15 5.46 13.60 -36.43
C GLU B 15 5.82 12.67 -35.29
N ARG B 16 5.10 12.77 -34.18
CA ARG B 16 5.24 11.80 -33.10
C ARG B 16 4.97 10.40 -33.66
N VAL B 17 3.87 10.24 -34.39
CA VAL B 17 3.53 8.97 -34.99
C VAL B 17 4.61 8.49 -35.96
N ALA B 18 5.09 9.37 -36.84
CA ALA B 18 6.16 8.99 -37.77
C ALA B 18 7.41 8.52 -37.04
N GLN B 19 7.75 9.19 -35.94
CA GLN B 19 8.86 8.79 -35.08
C GLN B 19 8.64 7.38 -34.52
N VAL B 20 7.49 7.22 -33.86
CA VAL B 20 7.11 5.96 -33.26
C VAL B 20 7.04 4.89 -34.33
N ARG B 21 6.65 5.28 -35.54
CA ARG B 21 6.60 4.38 -36.68
C ARG B 21 8.01 3.99 -37.11
N SER B 22 8.90 4.97 -37.19
CA SER B 22 10.25 4.74 -37.66
C SER B 22 11.04 3.78 -36.75
N GLU B 23 11.04 4.05 -35.44
CA GLU B 23 11.79 3.20 -34.51
C GLU B 23 11.36 1.74 -34.59
N MET B 24 10.04 1.51 -34.61
CA MET B 24 9.48 0.18 -34.79
C MET B 24 10.09 -0.50 -36.02
N SER B 25 10.13 0.23 -37.14
CA SER B 25 10.68 -0.26 -38.38
C SER B 25 12.15 -0.63 -38.23
N VAL B 26 12.90 0.21 -37.53
CA VAL B 26 14.32 -0.04 -37.25
C VAL B 26 14.47 -1.29 -36.39
N CYS B 27 13.63 -1.43 -35.37
CA CYS B 27 13.62 -2.60 -34.53
C CYS B 27 13.30 -3.87 -35.31
N LEU B 28 12.33 -3.80 -36.22
CA LEU B 28 11.95 -4.96 -37.02
C LEU B 28 13.09 -5.44 -37.90
N ASN B 29 13.74 -4.50 -38.59
CA ASN B 29 14.92 -4.80 -39.40
C ASN B 29 16.01 -5.52 -38.63
N LYS B 30 16.25 -5.12 -37.38
CA LYS B 30 17.25 -5.76 -36.53
C LYS B 30 16.75 -7.11 -36.05
N LEU B 31 15.46 -7.18 -35.74
CA LEU B 31 14.83 -8.41 -35.32
C LEU B 31 14.93 -9.47 -36.42
N ALA B 32 14.42 -9.17 -37.61
CA ALA B 32 14.49 -10.11 -38.73
C ALA B 32 15.93 -10.47 -39.09
N GLU B 33 16.82 -9.49 -39.00
CA GLU B 33 18.25 -9.69 -39.22
C GLU B 33 18.82 -10.68 -38.18
N THR B 34 18.43 -10.51 -36.91
CA THR B 34 18.84 -11.41 -35.82
C THR B 34 18.37 -12.86 -36.02
N ILE B 35 17.08 -13.05 -36.27
CA ILE B 35 16.54 -14.38 -36.58
C ILE B 35 17.34 -14.98 -37.73
N ASN B 36 17.42 -14.25 -38.84
CA ASN B 36 18.12 -14.71 -40.03
C ASN B 36 19.58 -15.08 -39.81
N LYS B 37 20.26 -14.32 -38.95
CA LYS B 37 21.68 -14.52 -38.68
C LYS B 37 21.91 -15.84 -37.94
N ALA B 38 21.04 -16.10 -36.96
CA ALA B 38 21.06 -17.34 -36.21
C ALA B 38 20.79 -18.50 -37.15
N GLU B 39 19.98 -18.23 -38.17
CA GLU B 39 19.57 -19.23 -39.11
C GLU B 39 20.73 -19.71 -39.97
N LEU B 40 21.45 -18.76 -40.56
CA LEU B 40 22.60 -19.07 -41.40
C LEU B 40 23.77 -19.56 -40.56
N ALA B 41 23.69 -19.32 -39.26
CA ALA B 41 24.66 -19.88 -38.32
C ALA B 41 24.21 -21.26 -37.84
N GLY B 42 22.97 -21.61 -38.20
CA GLY B 42 22.30 -22.79 -37.67
C GLY B 42 22.60 -24.09 -38.38
N ASP B 43 22.36 -24.15 -39.69
CA ASP B 43 22.45 -25.45 -40.39
C ASP B 43 23.89 -25.88 -40.66
N SER B 44 24.83 -25.25 -39.95
CA SER B 44 26.21 -25.70 -39.88
C SER B 44 26.52 -26.07 -38.43
N SER B 45 25.61 -25.70 -37.53
CA SER B 45 25.71 -26.04 -36.12
C SER B 45 24.63 -27.08 -35.73
N SER B 46 23.70 -26.70 -34.87
CA SER B 46 22.65 -27.62 -34.40
C SER B 46 21.50 -27.81 -35.38
N GLY B 47 21.42 -26.95 -36.38
CA GLY B 47 20.36 -27.03 -37.38
C GLY B 47 19.35 -25.92 -37.21
N LYS B 48 18.84 -25.46 -38.35
CA LYS B 48 17.86 -24.40 -38.40
C LYS B 48 16.63 -24.72 -37.57
N LEU B 49 16.18 -23.74 -36.79
CA LEU B 49 14.79 -23.74 -36.35
C LEU B 49 14.11 -23.28 -37.60
N SER B 50 12.98 -23.86 -37.94
CA SER B 50 12.35 -23.47 -39.19
C SER B 50 11.51 -22.20 -38.97
N LEU B 51 12.16 -21.05 -39.17
CA LEU B 51 11.56 -19.76 -38.88
C LEU B 51 11.48 -18.81 -40.09
N GLU B 52 11.36 -19.40 -41.29
CA GLU B 52 11.32 -18.64 -42.54
C GLU B 52 10.06 -17.76 -42.64
N ARG B 53 8.92 -18.34 -42.28
CA ARG B 53 7.63 -17.67 -42.33
C ARG B 53 7.64 -16.37 -41.52
N ASP B 54 8.47 -16.34 -40.48
CA ASP B 54 8.50 -15.21 -39.56
C ASP B 54 9.49 -14.13 -39.98
N ILE B 55 10.54 -14.51 -40.71
CA ILE B 55 11.51 -13.53 -41.20
C ILE B 55 10.85 -12.62 -42.23
N GLU B 56 10.16 -13.21 -43.20
CA GLU B 56 9.48 -12.42 -44.22
C GLU B 56 8.36 -11.56 -43.64
N ASP B 57 7.46 -12.12 -42.85
CA ASP B 57 6.37 -11.34 -42.22
C ASP B 57 6.91 -10.10 -41.52
N ILE B 58 8.02 -10.27 -40.81
CA ILE B 58 8.72 -9.18 -40.14
C ILE B 58 9.30 -8.20 -41.16
N THR B 59 9.96 -8.72 -42.19
CA THR B 59 10.56 -7.90 -43.25
C THR B 59 9.52 -7.08 -44.01
N ILE B 60 8.45 -7.73 -44.47
CA ILE B 60 7.34 -7.07 -45.12
C ILE B 60 6.84 -5.95 -44.23
N ALA B 61 6.51 -6.28 -42.97
CA ALA B 61 5.96 -5.32 -42.02
C ALA B 61 6.88 -4.11 -41.83
N SER B 62 8.19 -4.36 -41.80
CA SER B 62 9.15 -3.28 -41.68
C SER B 62 9.12 -2.38 -42.92
N LYS B 63 9.18 -2.98 -44.11
CA LYS B 63 9.15 -2.24 -45.38
C LYS B 63 7.90 -1.40 -45.50
N ASN B 64 6.79 -1.89 -44.96
CA ASN B 64 5.55 -1.17 -45.05
C ASN B 64 5.41 -0.02 -44.06
N LEU B 65 6.11 -0.12 -42.93
CA LEU B 65 6.18 0.99 -41.98
C LEU B 65 6.92 2.22 -42.53
N GLN B 66 8.05 2.00 -43.20
CA GLN B 66 8.80 3.14 -43.75
C GLN B 66 8.14 3.75 -45.00
N GLN B 67 7.15 3.06 -45.55
CA GLN B 67 6.42 3.57 -46.72
C GLN B 67 5.00 4.03 -46.40
N GLY B 68 4.46 3.55 -45.30
CA GLY B 68 3.08 3.88 -44.89
C GLY B 68 2.80 5.37 -44.84
N VAL B 69 1.62 5.75 -45.30
CA VAL B 69 1.22 7.14 -45.39
C VAL B 69 -0.30 7.25 -45.19
N PHE B 70 -0.73 8.28 -44.48
CA PHE B 70 -2.17 8.54 -44.33
C PHE B 70 -2.75 9.08 -45.63
N ARG B 71 -3.79 8.45 -46.14
CA ARG B 71 -4.41 8.88 -47.39
C ARG B 71 -5.79 9.53 -47.17
N LEU B 72 -5.93 10.74 -47.69
CA LEU B 72 -7.18 11.47 -47.60
C LEU B 72 -7.75 11.62 -48.99
N LEU B 73 -8.99 11.19 -49.18
CA LEU B 73 -9.66 11.34 -50.45
C LEU B 73 -10.64 12.50 -50.33
N VAL B 74 -10.46 13.48 -51.21
CA VAL B 74 -11.27 14.67 -51.21
C VAL B 74 -12.32 14.58 -52.33
N LEU B 75 -13.60 14.59 -51.94
CA LEU B 75 -14.69 14.42 -52.89
C LEU B 75 -15.66 15.60 -52.85
N GLY B 76 -16.40 15.81 -53.93
CA GLY B 76 -17.36 16.90 -54.01
C GLY B 76 -17.53 17.46 -55.40
N ASP B 77 -18.68 18.09 -55.63
CA ASP B 77 -18.95 18.74 -56.89
C ASP B 77 -17.99 19.87 -57.19
N MET B 78 -17.98 20.28 -58.46
CA MET B 78 -17.35 21.51 -58.88
C MET B 78 -18.12 22.65 -58.25
N LYS B 79 -17.39 23.73 -57.93
CA LYS B 79 -17.99 24.97 -57.42
C LYS B 79 -18.45 24.86 -55.97
N ARG B 80 -17.75 24.04 -55.19
CA ARG B 80 -17.96 23.96 -53.73
C ARG B 80 -16.76 24.51 -52.95
N GLY B 81 -15.72 24.88 -53.67
CA GLY B 81 -14.53 25.44 -53.06
C GLY B 81 -13.64 24.37 -52.50
N LYS B 82 -13.78 23.16 -53.03
CA LYS B 82 -12.92 22.02 -52.68
C LYS B 82 -11.43 22.36 -52.77
N SER B 83 -11.04 23.06 -53.82
CA SER B 83 -9.63 23.32 -54.03
C SER B 83 -9.15 24.47 -53.17
N THR B 84 -10.09 25.31 -52.75
CA THR B 84 -9.82 26.37 -51.79
C THR B 84 -9.71 25.74 -50.41
N PHE B 85 -10.64 24.84 -50.08
CA PHE B 85 -10.55 24.06 -48.85
C PHE B 85 -9.20 23.38 -48.76
N LEU B 86 -8.79 22.72 -49.83
CA LEU B 86 -7.50 22.02 -49.83
C LEU B 86 -6.35 22.97 -49.65
N ASN B 87 -6.41 24.09 -50.37
CA ASN B 87 -5.38 25.09 -50.27
C ASN B 87 -5.20 25.60 -48.84
N ALA B 88 -6.31 25.96 -48.20
CA ALA B 88 -6.25 26.39 -46.82
C ALA B 88 -5.58 25.31 -45.99
N LEU B 89 -5.96 24.06 -46.22
CA LEU B 89 -5.46 22.92 -45.46
C LEU B 89 -3.94 22.82 -45.60
N ILE B 90 -3.46 22.71 -46.83
CA ILE B 90 -2.04 22.47 -47.08
C ILE B 90 -1.17 23.67 -46.71
N GLY B 91 -1.69 24.88 -46.91
CA GLY B 91 -0.95 26.08 -46.51
C GLY B 91 -0.78 27.14 -47.57
N GLU B 92 -1.07 26.79 -48.82
CA GLU B 92 -0.92 27.77 -49.91
C GLU B 92 -1.84 27.56 -51.11
N ASN B 93 -1.94 28.63 -51.90
CA ASN B 93 -2.75 28.68 -53.10
C ASN B 93 -2.06 27.86 -54.19
N LEU B 94 -2.27 26.55 -54.16
CA LEU B 94 -1.52 25.62 -55.00
C LEU B 94 -2.36 24.97 -56.11
N LEU B 95 -3.54 24.47 -55.75
CA LEU B 95 -4.51 23.94 -56.71
C LEU B 95 -5.31 25.08 -57.32
N PRO B 96 -5.53 25.06 -58.64
CA PRO B 96 -6.43 26.04 -59.25
C PRO B 96 -7.87 25.78 -58.82
N SER B 97 -8.69 26.82 -58.72
CA SER B 97 -10.04 26.62 -58.21
C SER B 97 -10.93 25.83 -59.19
N ASP B 98 -11.61 24.81 -58.66
CA ASP B 98 -12.44 23.87 -59.44
C ASP B 98 -13.79 24.47 -59.87
N VAL B 99 -13.78 25.17 -61.00
CA VAL B 99 -15.00 25.79 -61.51
C VAL B 99 -15.35 25.28 -62.90
N ASN B 100 -14.41 24.59 -63.54
CA ASN B 100 -14.65 24.10 -64.89
C ASN B 100 -14.71 22.59 -65.02
N PRO B 101 -15.89 22.06 -65.41
CA PRO B 101 -16.22 20.63 -65.50
C PRO B 101 -15.21 19.77 -66.24
N CYS B 102 -14.62 20.32 -67.30
CA CYS B 102 -13.58 19.58 -68.03
C CYS B 102 -12.33 20.44 -68.27
N THR B 103 -11.60 20.62 -67.17
CA THR B 103 -10.28 21.24 -67.14
C THR B 103 -9.58 20.46 -66.04
N ALA B 104 -10.38 19.97 -65.11
CA ALA B 104 -9.88 19.29 -63.92
C ALA B 104 -9.40 17.88 -64.22
N VAL B 105 -8.33 17.48 -63.53
CA VAL B 105 -7.83 16.12 -63.61
C VAL B 105 -7.41 15.61 -62.25
N LEU B 106 -7.87 14.42 -61.90
CA LEU B 106 -7.53 13.78 -60.64
C LEU B 106 -6.06 13.97 -60.25
N THR B 107 -5.84 14.55 -59.08
CA THR B 107 -4.49 14.89 -58.62
C THR B 107 -4.14 14.13 -57.34
N VAL B 108 -2.94 13.58 -57.30
CA VAL B 108 -2.41 13.01 -56.07
C VAL B 108 -1.40 14.03 -55.58
N LEU B 109 -1.33 14.20 -54.27
CA LEU B 109 -0.53 15.28 -53.71
C LEU B 109 0.21 14.74 -52.51
N ARG B 110 1.54 14.74 -52.59
CA ARG B 110 2.37 14.18 -51.52
C ARG B 110 3.69 14.93 -51.37
N TYR B 111 4.43 14.60 -50.32
CA TYR B 111 5.69 15.28 -50.04
C TYR B 111 6.74 15.07 -51.12
N GLY B 112 7.61 16.06 -51.27
CA GLY B 112 8.79 15.96 -52.13
C GLY B 112 9.71 17.12 -51.83
N PRO B 113 11.04 16.87 -51.88
CA PRO B 113 12.02 17.92 -51.59
C PRO B 113 11.92 19.06 -52.61
N GLU B 114 11.69 18.70 -53.87
CA GLU B 114 11.49 19.66 -54.94
C GLU B 114 10.14 19.49 -55.62
N LYS B 115 9.60 20.61 -56.11
CA LYS B 115 8.27 20.68 -56.69
C LYS B 115 8.19 20.01 -58.05
N LYS B 116 7.85 18.72 -58.05
CA LYS B 116 7.78 17.94 -59.28
C LYS B 116 6.36 17.45 -59.54
N VAL B 117 5.98 17.39 -60.80
CA VAL B 117 4.68 16.84 -61.16
C VAL B 117 4.86 15.72 -62.18
N THR B 118 4.43 14.51 -61.80
CA THR B 118 4.49 13.33 -62.67
C THR B 118 3.11 13.08 -63.32
N ILE B 119 3.04 13.27 -64.64
CA ILE B 119 1.78 13.06 -65.36
C ILE B 119 1.62 11.64 -65.92
N HIS B 120 0.61 10.92 -65.43
CA HIS B 120 0.25 9.59 -65.93
C HIS B 120 -0.81 9.69 -67.03
N PHE B 121 -0.63 8.94 -68.12
CA PHE B 121 -1.54 8.98 -69.25
C PHE B 121 -2.44 7.74 -69.35
N ASN B 122 -3.60 7.90 -70.00
CA ASN B 122 -4.51 6.76 -70.25
C ASN B 122 -4.38 6.12 -71.63
N ASP B 123 -3.82 6.86 -72.60
CA ASP B 123 -3.67 6.36 -73.97
C ASP B 123 -2.32 5.65 -74.23
N GLY B 124 -1.70 5.19 -73.15
CA GLY B 124 -0.55 4.29 -73.25
C GLY B 124 0.84 4.89 -73.06
N LYS B 125 1.03 6.14 -73.51
CA LYS B 125 2.38 6.75 -73.58
C LYS B 125 3.08 6.93 -72.23
N SER B 126 4.41 7.08 -72.29
CA SER B 126 5.27 7.18 -71.09
C SER B 126 4.93 8.37 -70.17
N PRO B 127 4.80 8.09 -68.85
CA PRO B 127 4.51 9.14 -67.86
C PRO B 127 5.44 10.36 -67.98
N GLN B 128 4.94 11.43 -68.61
CA GLN B 128 5.69 12.69 -68.79
C GLN B 128 5.97 13.33 -67.43
N GLN B 129 7.25 13.51 -67.11
CA GLN B 129 7.65 14.21 -65.88
C GLN B 129 8.15 15.62 -66.17
N LEU B 130 7.80 16.55 -65.28
CA LEU B 130 8.20 17.94 -65.39
C LEU B 130 8.10 18.68 -64.05
N ASP B 131 8.98 19.66 -63.85
CA ASP B 131 8.97 20.51 -62.66
C ASP B 131 7.68 21.33 -62.58
N PHE B 132 7.27 21.64 -61.35
CA PHE B 132 5.96 22.24 -61.06
C PHE B 132 5.58 23.41 -61.96
N GLN B 133 6.48 24.37 -62.11
CA GLN B 133 6.17 25.58 -62.89
C GLN B 133 6.05 25.29 -64.38
N ASN B 134 6.85 24.33 -64.86
CA ASN B 134 6.75 23.82 -66.23
C ASN B 134 5.37 23.23 -66.45
N PHE B 135 5.03 22.26 -65.60
CA PHE B 135 3.67 21.69 -65.52
C PHE B 135 2.58 22.75 -65.54
N LYS B 136 2.63 23.68 -64.58
CA LYS B 136 1.55 24.63 -64.39
C LYS B 136 1.31 25.45 -65.64
N TYR B 137 2.38 25.91 -66.28
CA TYR B 137 2.26 26.70 -67.50
C TYR B 137 1.62 25.92 -68.66
N LYS B 138 1.98 24.64 -68.78
CA LYS B 138 1.46 23.80 -69.86
C LYS B 138 -0.01 23.43 -69.73
N TYR B 139 -0.44 23.10 -68.51
CA TYR B 139 -1.80 22.61 -68.30
C TYR B 139 -2.82 23.64 -67.81
N THR B 140 -2.47 24.91 -67.94
CA THR B 140 -3.41 26.00 -67.65
C THR B 140 -3.96 26.54 -68.95
N ILE B 141 -5.29 26.53 -69.10
CA ILE B 141 -5.91 27.04 -70.32
C ILE B 141 -6.46 28.46 -70.11
N ASP B 142 -6.43 29.26 -71.16
CA ASP B 142 -6.94 30.64 -71.10
C ASP B 142 -8.47 30.66 -70.91
N PRO B 143 -8.99 31.68 -70.17
CA PRO B 143 -10.44 31.81 -69.91
C PRO B 143 -11.38 31.70 -71.13
N ALA B 144 -10.84 31.90 -72.33
CA ALA B 144 -11.61 31.76 -73.58
C ALA B 144 -11.81 30.28 -73.94
N GLU B 145 -10.69 29.58 -74.14
CA GLU B 145 -10.68 28.14 -74.46
C GLU B 145 -11.58 27.32 -73.52
N ALA B 146 -11.59 27.72 -72.24
CA ALA B 146 -12.38 27.05 -71.20
C ALA B 146 -13.90 27.13 -71.42
N LYS B 147 -14.41 28.29 -71.84
CA LYS B 147 -15.83 28.46 -72.13
C LYS B 147 -16.26 27.62 -73.34
N LYS B 148 -15.42 27.61 -74.36
CA LYS B 148 -15.70 26.93 -75.63
C LYS B 148 -15.69 25.41 -75.50
N LEU B 149 -14.69 24.88 -74.80
CA LEU B 149 -14.64 23.45 -74.51
C LEU B 149 -15.77 23.03 -73.56
N GLU B 150 -16.06 23.88 -72.58
CA GLU B 150 -17.07 23.64 -71.55
C GLU B 150 -18.47 23.42 -72.14
N GLN B 151 -18.93 24.40 -72.94
CA GLN B 151 -20.28 24.36 -73.52
C GLN B 151 -20.36 23.48 -74.78
N GLU B 152 -19.50 22.46 -74.83
CA GLU B 152 -19.53 21.47 -75.92
C GLU B 152 -19.52 20.04 -75.39
N LYS B 153 -18.34 19.46 -75.25
CA LYS B 153 -18.21 18.05 -74.90
C LYS B 153 -16.82 17.75 -74.33
N LYS B 154 -15.81 18.33 -74.98
CA LYS B 154 -14.45 17.84 -74.88
C LYS B 154 -13.73 18.16 -73.56
N GLN B 155 -13.33 17.08 -72.88
CA GLN B 155 -12.40 17.13 -71.77
C GLN B 155 -11.08 17.70 -72.29
N ALA B 156 -10.63 18.80 -71.69
CA ALA B 156 -9.47 19.59 -72.17
C ALA B 156 -8.17 18.80 -72.33
N PHE B 157 -8.01 17.76 -71.53
CA PHE B 157 -6.85 16.87 -71.64
C PHE B 157 -7.28 15.40 -71.64
N PRO B 158 -7.68 14.89 -72.82
CA PRO B 158 -8.27 13.55 -72.96
C PRO B 158 -7.28 12.44 -72.63
N ASP B 159 -6.05 12.62 -73.09
CA ASP B 159 -4.96 11.68 -72.90
C ASP B 159 -4.52 11.56 -71.45
N VAL B 160 -4.90 12.55 -70.63
CA VAL B 160 -4.44 12.66 -69.24
C VAL B 160 -5.28 11.84 -68.27
N ASP B 161 -4.63 10.89 -67.61
CA ASP B 161 -5.28 10.07 -66.60
C ASP B 161 -5.25 10.79 -65.25
N TYR B 162 -4.06 10.84 -64.63
CA TYR B 162 -3.91 11.49 -63.32
C TYR B 162 -2.50 12.07 -63.09
N ALA B 163 -2.45 13.25 -62.45
CA ALA B 163 -1.17 13.90 -62.15
C ALA B 163 -0.75 13.68 -60.70
N VAL B 164 0.54 13.44 -60.50
CA VAL B 164 1.11 13.30 -59.17
C VAL B 164 2.01 14.49 -58.86
N VAL B 165 1.52 15.38 -58.00
CA VAL B 165 2.27 16.56 -57.56
C VAL B 165 3.01 16.28 -56.26
N GLU B 166 4.33 16.45 -56.29
CA GLU B 166 5.15 16.46 -55.08
C GLU B 166 5.52 17.88 -54.73
N TYR B 167 5.31 18.26 -53.48
CA TYR B 167 5.55 19.62 -53.04
C TYR B 167 6.18 19.60 -51.67
N PRO B 168 7.07 20.56 -51.38
CA PRO B 168 7.63 20.55 -50.04
C PRO B 168 6.69 21.22 -49.03
N LEU B 169 5.45 20.74 -48.95
CA LEU B 169 4.53 21.23 -47.95
C LEU B 169 4.75 20.44 -46.68
N THR B 170 4.85 21.15 -45.56
CA THR B 170 5.20 20.50 -44.29
C THR B 170 4.13 19.51 -43.80
N LEU B 171 2.86 19.88 -43.92
CA LEU B 171 1.76 18.97 -43.59
C LEU B 171 1.88 17.62 -44.31
N LEU B 172 2.27 17.64 -45.58
CA LEU B 172 2.47 16.42 -46.35
C LEU B 172 3.80 15.73 -46.03
N GLN B 173 4.70 16.41 -45.33
CA GLN B 173 5.99 15.83 -44.98
C GLN B 173 5.87 14.82 -43.83
N LYS B 174 4.84 15.00 -43.00
CA LYS B 174 4.68 14.18 -41.83
C LYS B 174 3.90 12.89 -42.10
N GLY B 175 3.72 12.58 -43.39
CA GLY B 175 3.10 11.33 -43.81
C GLY B 175 1.62 11.46 -44.15
N ILE B 176 1.29 12.49 -44.94
CA ILE B 176 -0.05 12.66 -45.48
C ILE B 176 0.02 12.63 -46.98
N GLU B 177 -1.00 12.03 -47.59
CA GLU B 177 -1.22 12.07 -49.02
C GLU B 177 -2.67 12.49 -49.24
N ILE B 178 -2.86 13.43 -50.15
CA ILE B 178 -4.18 13.94 -50.47
C ILE B 178 -4.49 13.59 -51.91
N VAL B 179 -5.64 12.97 -52.13
CA VAL B 179 -6.13 12.75 -53.48
C VAL B 179 -7.31 13.69 -53.78
N ASP B 180 -7.04 14.67 -54.64
CA ASP B 180 -8.06 15.62 -55.07
C ASP B 180 -8.77 15.05 -56.29
N SER B 181 -9.95 14.48 -56.06
CA SER B 181 -10.79 14.00 -57.14
C SER B 181 -11.55 15.18 -57.74
N PRO B 182 -11.93 15.08 -59.03
CA PRO B 182 -12.78 16.06 -59.69
C PRO B 182 -14.24 15.96 -59.20
N GLY B 183 -15.18 16.23 -60.09
CA GLY B 183 -16.60 16.24 -59.74
C GLY B 183 -17.15 14.87 -59.41
N LEU B 184 -18.42 14.82 -59.06
CA LEU B 184 -19.08 13.58 -58.71
C LEU B 184 -19.34 12.71 -59.94
N ASN B 185 -19.77 13.34 -61.05
CA ASN B 185 -19.91 12.65 -62.33
C ASN B 185 -18.59 12.11 -62.87
N ASP B 186 -17.61 13.01 -63.05
CA ASP B 186 -16.26 12.63 -63.50
C ASP B 186 -15.67 11.46 -62.68
N THR B 187 -15.83 11.52 -61.35
CA THR B 187 -15.39 10.44 -60.45
C THR B 187 -16.23 9.16 -60.59
N GLU B 188 -17.56 9.31 -60.71
CA GLU B 188 -18.44 8.17 -60.98
C GLU B 188 -17.90 7.40 -62.19
N ALA B 189 -17.76 8.10 -63.32
CA ALA B 189 -17.23 7.57 -64.57
C ALA B 189 -15.85 6.89 -64.45
N ARG B 190 -15.21 7.05 -63.28
CA ARG B 190 -13.89 6.46 -63.02
C ARG B 190 -13.91 5.47 -61.86
N ASN B 191 -13.75 4.18 -62.19
CA ASN B 191 -13.82 3.12 -61.19
C ASN B 191 -12.64 3.03 -60.20
N GLU B 192 -11.45 3.38 -60.65
CA GLU B 192 -10.27 3.45 -59.77
C GLU B 192 -10.42 4.55 -58.70
N LEU B 193 -11.49 5.34 -58.84
CA LEU B 193 -11.88 6.37 -57.87
C LEU B 193 -13.02 5.86 -56.99
N SER B 194 -14.22 5.80 -57.58
CA SER B 194 -15.47 5.47 -56.88
C SER B 194 -15.49 4.10 -56.23
N LEU B 195 -14.57 3.23 -56.65
CA LEU B 195 -14.41 1.93 -56.03
C LEU B 195 -12.98 1.76 -55.53
N GLY B 196 -12.04 2.35 -56.25
CA GLY B 196 -10.60 2.19 -55.97
C GLY B 196 -10.16 2.89 -54.70
N TYR B 197 -10.20 4.22 -54.73
CA TYR B 197 -9.71 5.01 -53.60
C TYR B 197 -10.70 5.07 -52.46
N VAL B 198 -12.00 5.16 -52.78
CA VAL B 198 -13.04 5.16 -51.75
C VAL B 198 -12.75 4.06 -50.74
N ASN B 199 -12.47 2.86 -51.24
CA ASN B 199 -12.31 1.72 -50.34
C ASN B 199 -10.92 1.52 -49.70
N ASN B 200 -9.88 2.14 -50.27
CA ASN B 200 -8.58 2.20 -49.60
C ASN B 200 -7.95 3.59 -49.46
N CYS B 201 -8.45 4.31 -48.46
CA CYS B 201 -7.93 5.59 -48.01
C CYS B 201 -8.24 5.63 -46.52
N HIS B 202 -7.63 6.53 -45.77
CA HIS B 202 -7.86 6.55 -44.33
C HIS B 202 -9.14 7.29 -43.96
N ALA B 203 -9.47 8.32 -44.74
CA ALA B 203 -10.66 9.11 -44.50
C ALA B 203 -11.06 9.84 -45.76
N ILE B 204 -12.36 10.02 -45.93
CA ILE B 204 -12.91 10.76 -47.05
C ILE B 204 -13.27 12.16 -46.58
N LEU B 205 -12.76 13.16 -47.30
CA LEU B 205 -13.11 14.54 -47.04
C LEU B 205 -14.12 14.96 -48.10
N PHE B 206 -15.37 15.16 -47.68
CA PHE B 206 -16.45 15.44 -48.62
C PHE B 206 -16.84 16.90 -48.47
N VAL B 207 -16.65 17.66 -49.55
CA VAL B 207 -16.81 19.09 -49.50
C VAL B 207 -18.16 19.46 -50.08
N MET B 208 -18.98 20.12 -49.28
CA MET B 208 -20.25 20.67 -49.75
C MET B 208 -20.31 22.18 -49.51
N ARG B 209 -21.09 22.87 -50.32
CA ARG B 209 -21.33 24.30 -50.14
C ARG B 209 -22.59 24.51 -49.31
N ALA B 210 -22.53 25.42 -48.34
CA ALA B 210 -23.63 25.66 -47.40
C ALA B 210 -24.91 26.16 -48.06
N SER B 211 -24.76 27.00 -49.09
CA SER B 211 -25.90 27.62 -49.77
C SER B 211 -26.78 26.55 -50.41
N GLN B 212 -26.19 25.41 -50.77
CA GLN B 212 -26.91 24.34 -51.47
C GLN B 212 -26.72 23.00 -50.77
N PRO B 213 -27.39 22.84 -49.63
CA PRO B 213 -27.18 21.61 -48.87
C PRO B 213 -27.66 20.40 -49.64
N CYS B 214 -26.86 19.33 -49.61
CA CYS B 214 -27.25 17.99 -50.03
C CYS B 214 -28.01 17.90 -51.35
N THR B 215 -27.33 18.30 -52.43
CA THR B 215 -27.83 18.18 -53.79
C THR B 215 -28.29 16.77 -54.09
N LEU B 216 -29.22 16.63 -55.04
CA LEU B 216 -29.63 15.35 -55.61
C LEU B 216 -28.37 14.59 -55.99
N GLY B 217 -27.46 15.25 -56.69
CA GLY B 217 -26.20 14.62 -57.10
C GLY B 217 -25.32 14.11 -55.97
N GLU B 218 -25.34 14.80 -54.83
CA GLU B 218 -24.47 14.50 -53.71
C GLU B 218 -24.95 13.28 -52.94
N ARG B 219 -26.23 13.29 -52.58
CA ARG B 219 -26.81 12.15 -51.86
C ARG B 219 -26.89 10.89 -52.71
N ARG B 220 -27.01 11.07 -54.02
CA ARG B 220 -26.92 9.97 -54.96
C ARG B 220 -25.53 9.33 -54.87
N TYR B 221 -24.47 10.14 -54.93
CA TYR B 221 -23.12 9.61 -54.79
C TYR B 221 -22.96 8.95 -53.43
N LEU B 222 -23.38 9.65 -52.38
CA LEU B 222 -23.22 9.15 -51.01
C LEU B 222 -23.93 7.81 -50.81
N GLU B 223 -25.15 7.72 -51.33
CA GLU B 223 -25.95 6.51 -51.23
C GLU B 223 -25.32 5.35 -52.00
N ASN B 224 -24.81 5.65 -53.18
CA ASN B 224 -24.25 4.62 -54.03
C ASN B 224 -22.91 4.06 -53.57
N TYR B 225 -22.06 4.91 -52.99
CA TYR B 225 -20.67 4.50 -52.74
C TYR B 225 -20.20 4.57 -51.30
N ILE B 226 -20.99 5.22 -50.43
CA ILE B 226 -20.58 5.44 -49.05
C ILE B 226 -21.57 4.88 -48.04
N LYS B 227 -22.85 4.98 -48.32
CA LYS B 227 -23.87 4.52 -47.39
C LYS B 227 -23.61 3.08 -46.98
N GLY B 228 -23.42 2.87 -45.68
CA GLY B 228 -23.30 1.55 -45.10
C GLY B 228 -22.09 0.70 -45.42
N ARG B 229 -21.01 1.24 -45.97
CA ARG B 229 -19.79 0.42 -46.06
C ARG B 229 -18.71 0.79 -45.03
N GLY B 230 -19.17 1.26 -43.87
CA GLY B 230 -18.31 1.64 -42.74
C GLY B 230 -17.00 2.34 -43.09
N LEU B 231 -17.07 3.39 -43.89
CA LEU B 231 -15.91 4.25 -44.18
C LEU B 231 -15.93 5.40 -43.18
N THR B 232 -14.83 6.12 -43.07
CA THR B 232 -14.82 7.34 -42.27
C THR B 232 -14.85 8.53 -43.20
N VAL B 233 -16.04 9.12 -43.38
CA VAL B 233 -16.13 10.36 -44.15
C VAL B 233 -16.42 11.57 -43.26
N PHE B 234 -15.56 12.59 -43.37
CA PHE B 234 -15.76 13.92 -42.81
C PHE B 234 -16.55 14.73 -43.83
N PHE B 235 -17.55 15.46 -43.35
CA PHE B 235 -18.37 16.32 -44.21
C PHE B 235 -18.08 17.78 -43.92
N LEU B 236 -17.53 18.48 -44.91
CA LEU B 236 -17.19 19.88 -44.73
C LEU B 236 -18.21 20.75 -45.43
N VAL B 237 -19.05 21.38 -44.63
CA VAL B 237 -20.01 22.34 -45.12
C VAL B 237 -19.26 23.64 -45.31
N ASN B 238 -18.95 23.94 -46.56
CA ASN B 238 -18.08 25.06 -46.88
C ASN B 238 -18.87 26.32 -47.15
N ALA B 239 -18.16 27.39 -47.48
CA ALA B 239 -18.75 28.67 -47.85
C ALA B 239 -19.87 29.06 -46.89
N TRP B 240 -19.61 28.84 -45.61
CA TRP B 240 -20.60 28.96 -44.55
C TRP B 240 -21.07 30.40 -44.32
N ASP B 241 -20.14 31.33 -44.52
CA ASP B 241 -20.36 32.78 -44.38
C ASP B 241 -21.17 33.43 -45.52
N GLN B 242 -21.60 32.65 -46.50
CA GLN B 242 -22.33 33.20 -47.63
C GLN B 242 -23.83 32.90 -47.56
N VAL B 243 -24.24 32.29 -46.46
CA VAL B 243 -25.65 32.05 -46.17
C VAL B 243 -26.38 33.38 -46.30
N ARG B 244 -25.64 34.45 -46.03
CA ARG B 244 -26.18 35.78 -45.97
C ARG B 244 -26.75 36.29 -47.29
N GLU B 245 -26.23 35.81 -48.42
CA GLU B 245 -26.68 36.25 -49.76
C GLU B 245 -28.15 36.00 -49.99
N SER B 246 -28.60 34.88 -49.42
CA SER B 246 -29.89 34.35 -49.71
C SER B 246 -30.96 35.04 -48.88
N LEU B 247 -30.55 35.86 -47.92
CA LEU B 247 -31.49 36.50 -46.99
C LEU B 247 -32.34 37.55 -47.68
N ILE B 248 -33.54 37.75 -47.15
CA ILE B 248 -34.39 38.88 -47.55
C ILE B 248 -33.65 40.19 -47.25
N ASP B 249 -33.35 40.39 -45.97
CA ASP B 249 -32.60 41.53 -45.47
C ASP B 249 -31.26 41.01 -45.02
N PRO B 250 -30.21 41.26 -45.80
CA PRO B 250 -28.87 40.79 -45.47
C PRO B 250 -28.31 41.37 -44.16
N ASP B 251 -28.97 42.34 -43.57
CA ASP B 251 -28.44 43.04 -42.40
C ASP B 251 -29.10 42.63 -41.09
N ASP B 252 -29.90 41.55 -41.15
CA ASP B 252 -30.73 41.13 -40.04
C ASP B 252 -30.13 39.87 -39.44
N VAL B 253 -29.70 39.96 -38.18
CA VAL B 253 -29.03 38.81 -37.56
C VAL B 253 -29.99 37.68 -37.21
N GLU B 254 -31.21 38.06 -36.83
CA GLU B 254 -32.24 37.09 -36.49
C GLU B 254 -32.62 36.23 -37.69
N GLU B 255 -32.89 36.87 -38.83
CA GLU B 255 -33.16 36.14 -40.06
C GLU B 255 -31.98 35.25 -40.44
N LEU B 256 -30.77 35.73 -40.22
CA LEU B 256 -29.56 34.95 -40.46
C LEU B 256 -29.49 33.69 -39.61
N GLN B 257 -29.59 33.86 -38.29
CA GLN B 257 -29.54 32.71 -37.39
C GLN B 257 -30.61 31.67 -37.76
N ALA B 258 -31.84 32.12 -38.03
CA ALA B 258 -32.91 31.24 -38.53
C ALA B 258 -32.41 30.47 -39.76
N SER B 259 -32.11 31.21 -40.82
CA SER B 259 -31.62 30.69 -42.08
C SER B 259 -30.42 29.73 -41.91
N GLU B 260 -29.52 30.03 -40.97
CA GLU B 260 -28.41 29.12 -40.68
C GLU B 260 -28.90 27.83 -40.03
N ASN B 261 -29.75 27.95 -39.02
CA ASN B 261 -30.22 26.82 -38.25
C ASN B 261 -31.01 25.82 -39.07
N ARG B 262 -31.81 26.31 -40.02
CA ARG B 262 -32.59 25.37 -40.81
C ARG B 262 -31.73 24.69 -41.88
N LEU B 263 -30.73 25.40 -42.41
CA LEU B 263 -29.65 24.76 -43.15
C LEU B 263 -29.00 23.65 -42.32
N ARG B 264 -28.59 24.00 -41.11
CA ARG B 264 -28.00 23.01 -40.20
C ARG B 264 -28.87 21.75 -40.06
N GLN B 265 -30.19 21.90 -40.18
CA GLN B 265 -31.14 20.79 -40.14
C GLN B 265 -31.09 19.92 -41.38
N VAL B 266 -31.13 20.55 -42.54
CA VAL B 266 -31.07 19.83 -43.80
C VAL B 266 -29.87 18.90 -43.72
N PHE B 267 -28.73 19.47 -43.36
CA PHE B 267 -27.49 18.71 -43.28
C PHE B 267 -27.63 17.56 -42.28
N ASN B 268 -28.13 17.89 -41.10
CA ASN B 268 -28.31 16.90 -40.06
C ASN B 268 -29.29 15.79 -40.44
N ALA B 269 -30.43 16.15 -41.02
CA ALA B 269 -31.39 15.17 -41.50
C ALA B 269 -30.73 14.18 -42.47
N ASN B 270 -30.19 14.68 -43.58
CA ASN B 270 -29.53 13.86 -44.59
C ASN B 270 -28.22 13.18 -44.18
N LEU B 271 -27.50 13.75 -43.23
CA LEU B 271 -26.14 13.28 -42.92
C LEU B 271 -25.96 12.48 -41.65
N ALA B 272 -26.93 12.51 -40.75
CA ALA B 272 -26.80 11.90 -39.41
C ALA B 272 -26.49 10.42 -39.50
N GLU B 273 -27.17 9.77 -40.44
CA GLU B 273 -27.03 8.35 -40.71
C GLU B 273 -25.62 7.96 -41.17
N TYR B 274 -24.89 8.90 -41.75
CA TYR B 274 -23.53 8.66 -42.20
C TYR B 274 -22.51 8.87 -41.08
N CYS B 275 -22.95 9.52 -40.01
CA CYS B 275 -22.05 9.87 -38.91
C CYS B 275 -22.29 9.02 -37.67
N THR B 276 -22.90 7.86 -37.86
CA THR B 276 -23.12 6.90 -36.78
C THR B 276 -22.54 5.55 -37.16
N VAL B 277 -21.66 5.03 -36.32
CA VAL B 277 -20.81 3.88 -36.67
C VAL B 277 -21.39 2.55 -36.19
N GLU B 278 -21.55 2.42 -34.87
CA GLU B 278 -21.94 1.16 -34.23
C GLU B 278 -23.12 1.40 -33.30
N GLY B 279 -24.04 2.24 -33.75
CA GLY B 279 -25.14 2.72 -32.91
C GLY B 279 -24.84 4.10 -32.35
N GLN B 280 -23.57 4.32 -31.99
CA GLN B 280 -23.13 5.60 -31.42
C GLN B 280 -23.08 6.73 -32.43
N ASN B 281 -23.75 7.83 -32.09
CA ASN B 281 -23.78 9.01 -32.95
C ASN B 281 -22.63 9.99 -32.68
N ILE B 282 -21.86 10.29 -33.71
CA ILE B 282 -20.73 11.21 -33.61
C ILE B 282 -20.77 12.31 -34.69
N TYR B 283 -21.94 12.90 -34.88
CA TYR B 283 -22.17 13.92 -35.90
C TYR B 283 -21.24 15.12 -35.74
N ASP B 284 -21.15 15.63 -34.51
CA ASP B 284 -20.31 16.77 -34.16
C ASP B 284 -18.80 16.58 -34.43
N GLU B 285 -18.35 15.34 -34.61
CA GLU B 285 -16.94 15.10 -34.91
C GLU B 285 -16.69 14.75 -36.36
N ARG B 286 -17.66 15.08 -37.22
CA ARG B 286 -17.60 14.69 -38.63
C ARG B 286 -18.09 15.76 -39.58
N VAL B 287 -19.07 16.54 -39.13
CA VAL B 287 -19.70 17.56 -39.97
C VAL B 287 -19.25 18.91 -39.47
N PHE B 288 -18.49 19.62 -40.30
CA PHE B 288 -17.90 20.87 -39.89
C PHE B 288 -18.21 22.04 -40.82
N GLU B 289 -18.57 23.16 -40.22
CA GLU B 289 -18.86 24.38 -40.96
C GLU B 289 -17.59 25.20 -41.15
N LEU B 290 -17.01 25.15 -42.33
CA LEU B 290 -15.78 25.89 -42.61
C LEU B 290 -16.02 27.17 -43.39
N SER B 291 -15.11 28.11 -43.21
CA SER B 291 -14.91 29.21 -44.16
C SER B 291 -13.48 29.10 -44.71
N SER B 292 -13.32 28.31 -45.76
CA SER B 292 -12.03 28.06 -46.39
C SER B 292 -11.38 29.32 -46.91
N ILE B 293 -12.18 30.20 -47.51
CA ILE B 293 -11.57 31.34 -48.16
C ILE B 293 -10.91 32.24 -47.13
N GLN B 294 -11.60 32.42 -46.00
CA GLN B 294 -11.09 33.18 -44.88
C GLN B 294 -9.81 32.52 -44.36
N ALA B 295 -9.82 31.19 -44.24
CA ALA B 295 -8.66 30.44 -43.78
C ALA B 295 -7.50 30.49 -44.77
N LEU B 296 -7.79 30.37 -46.07
CA LEU B 296 -6.75 30.55 -47.10
C LEU B 296 -6.06 31.91 -47.00
N ARG B 297 -6.85 32.98 -46.92
CA ARG B 297 -6.33 34.34 -46.75
C ARG B 297 -5.40 34.47 -45.56
N ARG B 298 -5.86 33.96 -44.42
CA ARG B 298 -5.12 34.08 -43.19
C ARG B 298 -3.74 33.41 -43.29
N ARG B 299 -3.75 32.14 -43.71
CA ARG B 299 -2.54 31.34 -43.78
C ARG B 299 -1.62 31.82 -44.89
N LEU B 300 -2.21 32.51 -45.86
CA LEU B 300 -1.44 33.10 -46.95
C LEU B 300 -0.64 34.30 -46.46
N LYS B 301 -1.23 35.04 -45.52
CA LYS B 301 -0.56 36.16 -44.85
C LYS B 301 0.45 35.67 -43.80
N ASN B 302 0.11 34.62 -43.07
CA ASN B 302 1.02 33.96 -42.11
C ASN B 302 0.75 32.48 -41.96
N PRO B 303 1.69 31.63 -42.42
CA PRO B 303 1.53 30.16 -42.39
C PRO B 303 1.08 29.59 -41.05
N GLN B 304 1.31 30.33 -39.96
CA GLN B 304 1.02 29.85 -38.60
C GLN B 304 -0.15 30.59 -37.93
N ALA B 305 -0.93 31.34 -38.71
CA ALA B 305 -2.03 32.15 -38.16
C ALA B 305 -3.05 31.36 -37.35
N ASP B 306 -3.71 32.03 -36.41
CA ASP B 306 -4.78 31.45 -35.62
C ASP B 306 -6.02 31.36 -36.52
N LEU B 307 -6.62 30.19 -36.59
CA LEU B 307 -7.75 29.99 -37.49
C LEU B 307 -9.09 29.99 -36.76
N ASP B 308 -9.12 30.53 -35.54
CA ASP B 308 -10.37 30.57 -34.79
C ASP B 308 -11.39 31.39 -35.57
N GLY B 309 -12.61 30.88 -35.63
CA GLY B 309 -13.70 31.53 -36.34
C GLY B 309 -13.90 31.02 -37.76
N THR B 310 -12.93 30.25 -38.27
CA THR B 310 -12.98 29.77 -39.64
C THR B 310 -13.57 28.38 -39.72
N GLY B 311 -13.76 27.73 -38.58
CA GLY B 311 -14.27 26.36 -38.54
C GLY B 311 -13.19 25.28 -38.51
N PHE B 312 -11.99 25.65 -38.96
CA PHE B 312 -10.91 24.68 -39.16
C PHE B 312 -10.36 23.99 -37.91
N PRO B 313 -10.05 24.76 -36.83
CA PRO B 313 -9.53 24.15 -35.61
C PRO B 313 -10.37 23.00 -35.06
N LYS B 314 -11.68 23.14 -35.00
CA LYS B 314 -12.52 22.03 -34.55
C LYS B 314 -12.42 20.83 -35.50
N PHE B 315 -12.40 21.11 -36.81
CA PHE B 315 -12.30 20.05 -37.81
C PHE B 315 -10.96 19.37 -37.77
N MET B 316 -9.88 20.15 -37.71
CA MET B 316 -8.53 19.59 -37.75
C MET B 316 -8.18 18.72 -36.54
N ASP B 317 -8.74 19.06 -35.38
CA ASP B 317 -8.62 18.22 -34.20
C ASP B 317 -9.24 16.85 -34.43
N SER B 318 -10.43 16.82 -35.03
CA SER B 318 -11.15 15.57 -35.17
C SER B 318 -10.45 14.67 -36.16
N LEU B 319 -9.94 15.25 -37.24
CA LEU B 319 -9.13 14.52 -38.22
C LEU B 319 -7.86 14.02 -37.55
N ASN B 320 -7.32 14.81 -36.62
CA ASN B 320 -6.14 14.43 -35.87
C ASN B 320 -6.40 13.19 -35.00
N THR B 321 -7.34 13.29 -34.05
CA THR B 321 -7.67 12.20 -33.14
C THR B 321 -7.93 10.92 -33.91
N PHE B 322 -8.51 11.05 -35.09
CA PHE B 322 -8.82 9.91 -35.92
C PHE B 322 -7.56 9.29 -36.48
N LEU B 323 -6.71 10.10 -37.11
CA LEU B 323 -5.53 9.53 -37.77
C LEU B 323 -4.44 9.09 -36.79
N THR B 324 -4.18 9.91 -35.77
CA THR B 324 -3.01 9.69 -34.91
C THR B 324 -3.32 8.90 -33.64
N ARG B 325 -4.59 8.69 -33.35
CA ARG B 325 -4.98 7.97 -32.13
C ARG B 325 -5.85 6.73 -32.35
N GLU B 326 -6.43 6.62 -33.54
CA GLU B 326 -7.19 5.44 -33.92
C GLU B 326 -6.48 4.68 -35.03
N ARG B 327 -6.49 5.22 -36.24
CA ARG B 327 -5.83 4.55 -37.36
C ARG B 327 -4.33 4.30 -37.15
N ALA B 328 -3.72 5.04 -36.23
CA ALA B 328 -2.30 4.89 -35.94
C ALA B 328 -2.08 3.81 -34.90
N ILE B 329 -2.74 3.95 -33.75
CA ILE B 329 -2.70 2.91 -32.70
C ILE B 329 -3.07 1.54 -33.27
N ALA B 330 -4.05 1.48 -34.16
CA ALA B 330 -4.44 0.21 -34.79
C ALA B 330 -3.31 -0.36 -35.63
N GLU B 331 -2.74 0.47 -36.52
CA GLU B 331 -1.62 0.08 -37.38
C GLU B 331 -0.46 -0.49 -36.55
N LEU B 332 -0.18 0.14 -35.40
CA LEU B 332 0.96 -0.22 -34.57
C LEU B 332 0.70 -1.42 -33.65
N ARG B 333 -0.56 -1.59 -33.23
CA ARG B 333 -0.95 -2.71 -32.38
C ARG B 333 -0.61 -4.01 -33.09
N GLN B 334 -1.06 -4.10 -34.34
CA GLN B 334 -0.75 -5.21 -35.23
C GLN B 334 0.74 -5.42 -35.38
N VAL B 335 1.50 -4.33 -35.42
CA VAL B 335 2.94 -4.42 -35.58
C VAL B 335 3.57 -5.09 -34.37
N ARG B 336 3.10 -4.75 -33.18
CA ARG B 336 3.62 -5.42 -31.98
C ARG B 336 3.08 -6.84 -31.85
N THR B 337 1.85 -7.08 -32.32
CA THR B 337 1.30 -8.44 -32.43
C THR B 337 2.19 -9.33 -33.28
N LEU B 338 2.62 -8.79 -34.42
CA LEU B 338 3.50 -9.49 -35.37
C LEU B 338 4.86 -9.75 -34.72
N ALA B 339 5.34 -8.77 -33.95
CA ALA B 339 6.62 -8.86 -33.28
C ALA B 339 6.53 -9.84 -32.11
N ARG B 340 5.38 -9.86 -31.44
CA ARG B 340 5.15 -10.84 -30.39
C ARG B 340 5.05 -12.26 -30.97
N LEU B 341 4.61 -12.37 -32.22
CA LEU B 341 4.50 -13.66 -32.88
C LEU B 341 5.86 -14.26 -33.21
N ALA B 342 6.72 -13.47 -33.85
CA ALA B 342 8.01 -13.97 -34.32
C ALA B 342 8.85 -14.28 -33.11
N CYS B 343 8.67 -13.45 -32.09
CA CYS B 343 9.43 -13.59 -30.86
C CYS B 343 9.03 -14.81 -30.04
N ASN B 344 7.73 -15.11 -29.99
CA ASN B 344 7.25 -16.31 -29.30
C ASN B 344 7.67 -17.55 -30.04
N HIS B 345 7.49 -17.54 -31.36
CA HIS B 345 7.86 -18.68 -32.20
C HIS B 345 9.32 -19.07 -32.06
N THR B 346 10.21 -18.09 -31.91
CA THR B 346 11.61 -18.35 -31.65
C THR B 346 11.76 -18.92 -30.26
N ARG B 347 11.37 -18.13 -29.26
CA ARG B 347 11.39 -18.53 -27.85
C ARG B 347 10.90 -19.98 -27.65
N GLU B 348 9.71 -20.28 -28.20
CA GLU B 348 9.15 -21.64 -28.19
C GLU B 348 10.03 -22.68 -28.91
N ALA B 349 10.60 -22.32 -30.05
CA ALA B 349 11.40 -23.25 -30.85
C ALA B 349 12.67 -23.65 -30.09
N VAL B 350 13.40 -22.66 -29.63
CA VAL B 350 14.60 -22.88 -28.81
C VAL B 350 14.27 -23.74 -27.57
N ALA B 351 13.08 -23.54 -26.99
CA ALA B 351 12.61 -24.35 -25.87
C ALA B 351 12.47 -25.84 -26.19
N ARG B 352 12.05 -26.16 -27.42
CA ARG B 352 11.98 -27.57 -27.85
C ARG B 352 13.37 -28.09 -28.22
N ARG B 353 14.19 -27.23 -28.80
CA ARG B 353 15.51 -27.63 -29.25
C ARG B 353 16.46 -27.95 -28.08
N ILE B 354 16.56 -27.04 -27.10
CA ILE B 354 17.49 -27.16 -25.97
C ILE B 354 17.54 -28.57 -25.33
N PRO B 355 16.39 -29.06 -24.81
CA PRO B 355 16.38 -30.35 -24.12
C PRO B 355 16.77 -31.52 -25.01
N LEU B 356 16.60 -31.35 -26.32
CA LEU B 356 16.84 -32.42 -27.27
C LEU B 356 18.31 -32.59 -27.65
N LEU B 357 19.10 -31.54 -27.43
CA LEU B 357 20.55 -31.56 -27.71
C LEU B 357 21.29 -32.67 -26.97
N GLU B 358 20.89 -32.93 -25.73
CA GLU B 358 21.57 -33.89 -24.87
C GLU B 358 21.13 -35.33 -25.15
N GLN B 359 19.94 -35.48 -25.75
CA GLN B 359 19.49 -36.77 -26.27
C GLN B 359 20.23 -37.11 -27.57
N ASP B 360 19.98 -38.31 -28.10
CA ASP B 360 20.60 -38.76 -29.33
C ASP B 360 20.32 -40.24 -29.37
N VAL B 361 19.73 -40.76 -30.45
CA VAL B 361 19.27 -40.03 -31.64
C VAL B 361 18.13 -40.93 -32.10
N ASN B 362 18.19 -42.16 -31.61
CA ASN B 362 17.12 -43.13 -31.70
C ASN B 362 16.04 -42.77 -30.70
N GLU B 363 16.44 -42.07 -29.64
CA GLU B 363 15.51 -41.54 -28.65
C GLU B 363 14.87 -40.31 -29.26
N LEU B 364 15.66 -39.56 -30.03
CA LEU B 364 15.14 -38.44 -30.76
C LEU B 364 14.15 -38.95 -31.81
N LYS B 365 14.56 -39.96 -32.56
CA LYS B 365 13.68 -40.58 -33.55
C LYS B 365 12.43 -41.17 -32.89
N LYS B 366 12.60 -41.75 -31.69
CA LYS B 366 11.53 -42.37 -30.90
C LYS B 366 10.50 -41.35 -30.45
N ARG B 367 11.01 -40.23 -29.93
CA ARG B 367 10.17 -39.11 -29.52
C ARG B 367 9.37 -38.58 -30.71
N ILE B 368 10.06 -38.29 -31.81
CA ILE B 368 9.40 -37.84 -33.03
C ILE B 368 8.27 -38.79 -33.42
N ASP B 369 8.59 -40.08 -33.52
CA ASP B 369 7.57 -41.08 -33.85
C ASP B 369 6.38 -41.02 -32.91
N SER B 370 6.63 -40.74 -31.63
CA SER B 370 5.56 -40.70 -30.63
C SER B 370 4.57 -39.56 -30.87
N VAL B 371 4.95 -38.62 -31.74
CA VAL B 371 4.17 -37.41 -31.95
C VAL B 371 3.41 -37.43 -33.28
N GLU B 372 3.73 -38.40 -34.14
CA GLU B 372 3.05 -38.51 -35.42
C GLU B 372 1.52 -38.49 -35.30
N PRO B 373 0.94 -39.19 -34.29
CA PRO B 373 -0.52 -39.10 -34.19
C PRO B 373 -1.03 -37.66 -34.15
N GLU B 374 -0.22 -36.75 -33.62
CA GLU B 374 -0.66 -35.37 -33.34
C GLU B 374 -0.44 -34.39 -34.47
N PHE B 375 0.63 -34.59 -35.23
CA PHE B 375 0.81 -33.86 -36.46
C PHE B 375 -0.34 -34.22 -37.39
N ASN B 376 -0.77 -35.48 -37.37
CA ASN B 376 -1.96 -35.90 -38.10
C ASN B 376 -3.19 -35.11 -37.65
N LYS B 377 -3.25 -34.81 -36.36
CA LYS B 377 -4.37 -34.06 -35.78
C LYS B 377 -4.32 -32.59 -36.20
N LEU B 378 -3.12 -32.03 -36.28
CA LEU B 378 -2.96 -30.66 -36.78
C LEU B 378 -3.38 -30.63 -38.25
N THR B 379 -2.85 -31.57 -39.04
CA THR B 379 -3.26 -31.75 -40.43
C THR B 379 -4.78 -31.89 -40.56
N GLY B 380 -5.39 -32.61 -39.63
CA GLY B 380 -6.84 -32.76 -39.59
C GLY B 380 -7.54 -31.42 -39.48
N ILE B 381 -6.98 -30.51 -38.69
CA ILE B 381 -7.52 -29.16 -38.54
C ILE B 381 -7.43 -28.44 -39.88
N ARG B 382 -6.22 -28.41 -40.47
CA ARG B 382 -6.04 -27.86 -41.81
C ARG B 382 -7.12 -28.33 -42.77
N ASP B 383 -7.28 -29.65 -42.91
CA ASP B 383 -8.31 -30.23 -43.76
C ASP B 383 -9.76 -29.86 -43.40
N GLU B 384 -10.09 -29.89 -42.11
CA GLU B 384 -11.47 -29.60 -41.67
C GLU B 384 -11.84 -28.14 -41.87
N PHE B 385 -10.91 -27.24 -41.56
CA PHE B 385 -11.16 -25.82 -41.73
C PHE B 385 -11.24 -25.49 -43.21
N GLN B 386 -10.27 -26.04 -43.95
CA GLN B 386 -10.23 -25.95 -45.39
C GLN B 386 -11.59 -26.33 -45.96
N LYS B 387 -12.14 -27.43 -45.45
CA LYS B 387 -13.44 -27.95 -45.90
C LYS B 387 -14.56 -26.97 -45.57
N GLU B 388 -14.45 -26.28 -44.45
CA GLU B 388 -15.48 -25.37 -44.01
C GLU B 388 -15.46 -24.06 -44.82
N ILE B 389 -14.26 -23.60 -45.16
CA ILE B 389 -14.05 -22.42 -45.98
C ILE B 389 -14.61 -22.64 -47.39
N ILE B 390 -14.34 -23.80 -47.97
CA ILE B 390 -14.88 -24.15 -49.28
C ILE B 390 -16.40 -24.26 -49.21
N ASN B 391 -16.90 -24.88 -48.13
CA ASN B 391 -18.31 -25.07 -47.95
C ASN B 391 -19.05 -23.74 -47.93
N THR B 392 -18.42 -22.76 -47.30
CA THR B 392 -18.93 -21.38 -47.23
C THR B 392 -18.83 -20.68 -48.59
N ARG B 393 -17.72 -20.85 -49.30
CA ARG B 393 -17.59 -20.20 -50.61
C ARG B 393 -18.64 -20.72 -51.58
N ASP B 394 -19.18 -21.89 -51.30
CA ASP B 394 -20.21 -22.43 -52.16
C ASP B 394 -21.57 -21.97 -51.70
N THR B 395 -21.85 -22.10 -50.41
CA THR B 395 -23.10 -21.61 -49.84
C THR B 395 -23.30 -20.16 -50.23
N GLN B 396 -22.25 -19.36 -50.09
CA GLN B 396 -22.33 -17.92 -50.28
C GLN B 396 -22.44 -17.56 -51.76
N ALA B 397 -21.60 -18.18 -52.59
CA ALA B 397 -21.59 -17.91 -54.04
C ALA B 397 -22.90 -18.30 -54.74
N ARG B 398 -23.62 -19.25 -54.15
CA ARG B 398 -24.93 -19.61 -54.65
C ARG B 398 -25.95 -18.59 -54.16
N THR B 399 -26.05 -18.41 -52.85
CA THR B 399 -27.00 -17.50 -52.22
C THR B 399 -27.01 -16.08 -52.83
N ILE B 400 -25.83 -15.50 -53.00
CA ILE B 400 -25.69 -14.16 -53.55
C ILE B 400 -26.08 -14.11 -55.05
N SER B 401 -25.80 -15.18 -55.79
CA SER B 401 -26.23 -15.32 -57.18
C SER B 401 -27.75 -15.30 -57.32
N GLU B 402 -28.44 -16.11 -56.52
CA GLU B 402 -29.90 -16.17 -56.57
C GLU B 402 -30.52 -14.84 -56.15
N SER B 403 -29.88 -14.20 -55.16
CA SER B 403 -30.27 -12.87 -54.70
C SER B 403 -30.16 -11.84 -55.83
N PHE B 404 -29.12 -11.99 -56.65
CA PHE B 404 -28.93 -11.14 -57.80
C PHE B 404 -30.05 -11.35 -58.82
N ARG B 405 -30.27 -12.61 -59.23
CA ARG B 405 -31.38 -12.93 -60.14
C ARG B 405 -32.68 -12.37 -59.59
N SER B 406 -32.92 -12.63 -58.31
CA SER B 406 -34.15 -12.23 -57.62
C SER B 406 -34.33 -10.71 -57.59
N TYR B 407 -33.23 -9.98 -57.46
CA TYR B 407 -33.23 -8.52 -57.51
C TYR B 407 -33.48 -8.07 -58.95
N VAL B 408 -32.63 -8.51 -59.87
CA VAL B 408 -32.72 -8.13 -61.28
C VAL B 408 -34.13 -8.40 -61.86
N LEU B 409 -34.74 -9.53 -61.54
CA LEU B 409 -36.10 -9.84 -62.00
C LEU B 409 -37.21 -8.98 -61.35
N ASN B 410 -36.95 -8.48 -60.15
CA ASN B 410 -37.91 -7.63 -59.43
C ASN B 410 -37.77 -6.13 -59.71
N LEU B 411 -37.13 -5.80 -60.82
CA LEU B 411 -36.95 -4.40 -61.20
C LEU B 411 -38.23 -3.78 -61.75
N GLY B 412 -38.95 -4.55 -62.57
CA GLY B 412 -40.25 -4.14 -63.10
C GLY B 412 -41.19 -3.50 -62.09
N ASN B 413 -41.21 -4.00 -60.85
CA ASN B 413 -42.07 -3.47 -59.79
C ASN B 413 -41.82 -1.98 -59.46
N THR B 414 -40.88 -1.67 -58.59
CA THR B 414 -40.62 -0.27 -58.25
C THR B 414 -39.83 0.39 -59.37
N PHE B 415 -40.41 0.44 -60.57
CA PHE B 415 -39.79 1.15 -61.68
C PHE B 415 -40.31 2.59 -61.79
N GLU B 416 -41.63 2.73 -61.95
CA GLU B 416 -42.27 4.03 -62.06
C GLU B 416 -41.74 5.05 -61.03
N ASN B 417 -41.83 4.71 -59.74
CA ASN B 417 -41.29 5.60 -58.68
C ASN B 417 -39.80 5.89 -58.82
N ASP B 418 -39.04 4.86 -59.18
CA ASP B 418 -37.59 4.95 -59.14
C ASP B 418 -37.02 5.67 -60.36
N PHE B 419 -37.66 5.49 -61.52
CA PHE B 419 -37.15 6.02 -62.78
C PHE B 419 -37.58 7.47 -63.01
N LEU B 420 -38.84 7.75 -62.70
CA LEU B 420 -39.42 9.09 -62.92
C LEU B 420 -38.52 10.25 -62.51
N ARG B 421 -37.75 10.06 -61.45
CA ARG B 421 -36.87 11.13 -60.99
C ARG B 421 -35.61 11.32 -61.84
N TYR B 422 -35.36 10.40 -62.77
CA TYR B 422 -34.26 10.56 -63.72
C TYR B 422 -34.78 10.96 -65.09
N GLN B 423 -36.03 10.60 -65.37
CA GLN B 423 -36.61 10.74 -66.70
C GLN B 423 -36.41 12.13 -67.29
N PRO B 424 -35.91 12.20 -68.55
CA PRO B 424 -35.77 13.49 -69.24
C PRO B 424 -37.12 14.05 -69.61
N GLU B 425 -37.25 15.37 -69.50
CA GLU B 425 -38.45 16.08 -69.93
C GLU B 425 -38.48 16.12 -71.44
N LEU B 426 -39.68 16.12 -72.01
CA LEU B 426 -39.83 16.07 -73.47
C LEU B 426 -41.04 16.88 -73.94
N ASN B 427 -40.84 18.18 -74.18
CA ASN B 427 -41.95 19.04 -74.64
C ASN B 427 -42.32 18.88 -76.11
N LEU B 428 -43.32 19.65 -76.52
CA LEU B 428 -44.04 19.47 -77.78
C LEU B 428 -43.16 19.09 -78.99
N PHE B 429 -42.75 20.08 -79.79
CA PHE B 429 -42.17 19.73 -81.08
C PHE B 429 -40.71 19.22 -81.02
N ASP B 430 -40.28 18.79 -79.83
CA ASP B 430 -38.89 18.39 -79.59
C ASP B 430 -38.43 17.24 -80.47
N PHE B 431 -39.18 16.15 -80.44
CA PHE B 431 -38.84 14.93 -81.17
C PHE B 431 -38.94 15.09 -82.70
N LEU B 432 -39.17 16.31 -83.17
CA LEU B 432 -39.19 16.62 -84.59
C LEU B 432 -37.81 17.06 -85.10
N SER B 433 -37.13 17.89 -84.30
CA SER B 433 -35.76 18.33 -84.56
C SER B 433 -34.72 17.23 -84.25
N SER B 434 -33.91 16.87 -85.25
CA SER B 434 -32.84 15.86 -85.10
C SER B 434 -31.81 16.16 -83.98
N GLY B 435 -31.58 17.44 -83.70
CA GLY B 435 -30.66 17.85 -82.65
C GLY B 435 -31.27 17.78 -81.26
N LYS B 436 -32.53 18.20 -81.15
CA LYS B 436 -33.25 18.16 -79.88
C LYS B 436 -33.58 16.71 -79.53
N ARG B 437 -33.69 15.88 -80.57
CA ARG B 437 -33.89 14.45 -80.43
C ARG B 437 -32.60 13.77 -79.96
N GLU B 438 -31.46 14.43 -80.20
CA GLU B 438 -30.17 13.93 -79.76
C GLU B 438 -29.91 14.31 -78.31
N ALA B 439 -30.14 15.58 -77.97
CA ALA B 439 -30.04 16.03 -76.58
C ALA B 439 -30.89 15.11 -75.70
N PHE B 440 -32.16 14.95 -76.05
CA PHE B 440 -33.05 14.05 -75.31
C PHE B 440 -32.49 12.63 -75.25
N ASN B 441 -32.01 12.12 -76.38
CA ASN B 441 -31.44 10.78 -76.45
C ASN B 441 -30.28 10.56 -75.49
N ALA B 442 -29.38 11.53 -75.45
CA ALA B 442 -28.24 11.51 -74.53
C ALA B 442 -28.74 11.51 -73.10
N ALA B 443 -29.74 12.36 -72.83
CA ALA B 443 -30.34 12.48 -71.51
C ALA B 443 -31.02 11.20 -71.06
N LEU B 444 -31.62 10.49 -72.03
CA LEU B 444 -32.27 9.21 -71.78
C LEU B 444 -31.21 8.19 -71.45
N GLN B 445 -30.15 8.18 -72.25
CA GLN B 445 -28.93 7.41 -71.99
C GLN B 445 -28.45 7.60 -70.55
N LYS B 446 -28.25 8.86 -70.16
CA LYS B 446 -27.75 9.18 -68.83
C LYS B 446 -28.71 8.71 -67.74
N ALA B 447 -30.01 8.89 -67.97
CA ALA B 447 -31.05 8.51 -67.01
C ALA B 447 -30.98 7.02 -66.66
N PHE B 448 -31.01 6.18 -67.68
CA PHE B 448 -30.92 4.75 -67.48
C PHE B 448 -29.65 4.34 -66.78
N GLU B 449 -28.55 5.01 -67.12
CA GLU B 449 -27.27 4.73 -66.47
C GLU B 449 -27.38 5.01 -64.99
N GLN B 450 -27.90 6.20 -64.67
CA GLN B 450 -28.09 6.58 -63.28
C GLN B 450 -29.05 5.63 -62.61
N TYR B 451 -30.18 5.34 -63.28
CA TYR B 451 -31.12 4.35 -62.78
C TYR B 451 -30.41 3.04 -62.39
N ILE B 452 -29.83 2.37 -63.38
CA ILE B 452 -29.12 1.10 -63.17
C ILE B 452 -28.06 1.22 -62.06
N THR B 453 -27.20 2.22 -62.16
CA THR B 453 -26.12 2.42 -61.19
C THR B 453 -26.64 2.55 -59.77
N ASP B 454 -27.72 3.31 -59.58
CA ASP B 454 -28.39 3.43 -58.29
C ASP B 454 -28.87 2.07 -57.78
N LYS B 455 -29.40 1.26 -58.70
CA LYS B 455 -30.08 0.04 -58.34
C LYS B 455 -29.11 -1.08 -57.97
N SER B 456 -28.12 -1.31 -58.82
CA SER B 456 -27.19 -2.39 -58.58
C SER B 456 -26.27 -2.06 -57.43
N ALA B 457 -26.00 -0.77 -57.21
CA ALA B 457 -25.22 -0.33 -56.05
C ALA B 457 -25.99 -0.65 -54.77
N ALA B 458 -27.29 -0.36 -54.79
CA ALA B 458 -28.15 -0.67 -53.66
C ALA B 458 -28.06 -2.16 -53.34
N TRP B 459 -28.02 -2.99 -54.38
CA TRP B 459 -28.01 -4.44 -54.22
C TRP B 459 -26.69 -4.95 -53.65
N THR B 460 -25.58 -4.36 -54.08
CA THR B 460 -24.26 -4.79 -53.66
C THR B 460 -24.10 -4.58 -52.16
N LEU B 461 -24.62 -3.45 -51.69
CA LEU B 461 -24.64 -3.09 -50.27
C LEU B 461 -25.31 -4.18 -49.47
N THR B 462 -26.20 -4.93 -50.13
CA THR B 462 -26.92 -6.03 -49.51
C THR B 462 -26.06 -7.28 -49.49
N ALA B 463 -25.34 -7.53 -50.59
CA ALA B 463 -24.39 -8.64 -50.67
C ALA B 463 -23.23 -8.42 -49.69
N GLU B 464 -22.60 -7.25 -49.76
CA GLU B 464 -21.55 -6.85 -48.81
C GLU B 464 -21.84 -7.38 -47.42
N LYS B 465 -23.07 -7.17 -46.97
CA LYS B 465 -23.50 -7.56 -45.64
C LYS B 465 -23.43 -9.07 -45.45
N ASP B 466 -23.88 -9.83 -46.45
CA ASP B 466 -23.79 -11.29 -46.44
C ASP B 466 -22.34 -11.78 -46.46
N ILE B 467 -21.53 -11.22 -47.35
CA ILE B 467 -20.12 -11.54 -47.41
C ILE B 467 -19.45 -11.30 -46.05
N ASN B 468 -19.58 -10.09 -45.52
CA ASN B 468 -19.05 -9.76 -44.18
C ASN B 468 -19.47 -10.73 -43.09
N ALA B 469 -20.75 -11.11 -43.09
CA ALA B 469 -21.30 -12.01 -42.08
C ALA B 469 -20.62 -13.37 -42.13
N ALA B 470 -20.38 -13.86 -43.35
CA ALA B 470 -19.71 -15.13 -43.58
C ALA B 470 -18.27 -15.11 -43.04
N PHE B 471 -17.54 -14.04 -43.33
CA PHE B 471 -16.15 -13.90 -42.88
C PHE B 471 -16.00 -13.78 -41.37
N LYS B 472 -16.98 -13.17 -40.70
CA LYS B 472 -16.95 -13.04 -39.26
C LYS B 472 -17.10 -14.41 -38.60
N GLU B 473 -17.88 -15.28 -39.26
CA GLU B 473 -18.12 -16.63 -38.77
C GLU B 473 -16.90 -17.51 -39.00
N LEU B 474 -16.20 -17.26 -40.11
CA LEU B 474 -14.96 -17.96 -40.41
C LEU B 474 -13.86 -17.50 -39.49
N SER B 475 -13.93 -16.23 -39.09
CA SER B 475 -13.02 -15.66 -38.11
C SER B 475 -13.19 -16.32 -36.75
N ARG B 476 -14.43 -16.65 -36.40
CA ARG B 476 -14.77 -17.33 -35.14
C ARG B 476 -14.32 -18.80 -35.16
N SER B 477 -14.43 -19.45 -36.31
CA SER B 477 -13.94 -20.82 -36.48
C SER B 477 -12.43 -20.88 -36.41
N ALA B 478 -11.78 -19.90 -37.02
CA ALA B 478 -10.33 -19.80 -36.95
C ALA B 478 -9.90 -19.75 -35.50
N SER B 479 -10.64 -19.00 -34.68
CA SER B 479 -10.37 -18.89 -33.25
C SER B 479 -10.44 -20.25 -32.53
N GLN B 480 -11.48 -21.02 -32.84
CA GLN B 480 -11.70 -22.36 -32.29
C GLN B 480 -10.61 -23.33 -32.75
N TYR B 481 -10.53 -23.54 -34.05
CA TYR B 481 -9.50 -24.39 -34.62
C TYR B 481 -8.13 -23.98 -34.08
N GLY B 482 -7.90 -22.68 -33.91
CA GLY B 482 -6.69 -22.17 -33.30
C GLY B 482 -6.46 -22.70 -31.89
N ALA B 483 -7.47 -22.57 -31.03
CA ALA B 483 -7.40 -23.03 -29.66
C ALA B 483 -7.12 -24.54 -29.64
N SER B 484 -7.88 -25.23 -30.48
CA SER B 484 -7.73 -26.66 -30.64
C SER B 484 -6.32 -26.96 -31.13
N TYR B 485 -5.81 -26.09 -32.00
CA TYR B 485 -4.47 -26.25 -32.58
C TYR B 485 -3.40 -26.09 -31.49
N ASN B 486 -3.65 -25.20 -30.53
CA ASN B 486 -2.69 -25.00 -29.46
C ASN B 486 -2.64 -26.16 -28.50
N GLN B 487 -3.80 -26.73 -28.15
CA GLN B 487 -3.86 -27.99 -27.42
C GLN B 487 -2.82 -28.92 -28.01
N ILE B 488 -3.07 -29.36 -29.24
CA ILE B 488 -2.20 -30.29 -29.94
C ILE B 488 -0.75 -29.84 -29.90
N THR B 489 -0.53 -28.55 -30.11
CA THR B 489 0.82 -28.03 -30.22
C THR B 489 1.61 -28.18 -28.91
N ASP B 490 0.97 -27.91 -27.78
CA ASP B 490 1.58 -28.06 -26.45
C ASP B 490 1.88 -29.53 -26.14
N GLN B 491 0.98 -30.41 -26.57
CA GLN B 491 1.16 -31.86 -26.42
C GLN B 491 2.41 -32.33 -27.17
N ILE B 492 2.70 -31.70 -28.31
CA ILE B 492 3.91 -31.98 -29.07
C ILE B 492 5.14 -31.58 -28.24
N THR B 493 5.17 -30.33 -27.75
CA THR B 493 6.28 -29.85 -26.91
C THR B 493 6.44 -30.70 -25.65
N GLU B 494 5.33 -31.23 -25.15
CA GLU B 494 5.37 -32.07 -23.95
C GLU B 494 5.99 -33.44 -24.26
N LYS B 495 5.34 -34.19 -25.14
CA LYS B 495 5.82 -35.51 -25.56
C LYS B 495 7.27 -35.51 -26.07
N LEU B 496 7.75 -34.33 -26.46
CA LEU B 496 9.12 -34.18 -26.91
C LEU B 496 10.09 -33.90 -25.76
N THR B 497 9.68 -33.04 -24.84
CA THR B 497 10.57 -32.61 -23.76
C THR B 497 10.39 -33.40 -22.45
N GLY B 498 9.15 -33.50 -21.99
CA GLY B 498 8.86 -34.09 -20.69
C GLY B 498 8.08 -33.10 -19.84
N LYS B 499 8.69 -31.95 -19.59
CA LYS B 499 8.04 -30.84 -18.85
C LYS B 499 7.23 -29.92 -19.75
N ASP B 500 6.22 -29.28 -19.17
CA ASP B 500 5.37 -28.31 -19.88
C ASP B 500 5.79 -26.88 -19.53
N VAL B 501 5.08 -25.88 -20.07
CA VAL B 501 5.28 -24.47 -19.70
C VAL B 501 3.95 -23.73 -19.69
N GLU B 510 -5.03 -11.41 -21.55
CA GLU B 510 -6.19 -10.67 -22.05
C GLU B 510 -6.15 -10.34 -23.56
N GLU B 511 -4.97 -10.01 -24.10
CA GLU B 511 -4.79 -9.91 -25.56
C GLU B 511 -4.64 -11.32 -26.12
N ASP B 512 -5.48 -11.65 -27.11
CA ASP B 512 -5.60 -13.01 -27.64
C ASP B 512 -4.29 -13.58 -28.20
N ASN B 513 -3.94 -14.81 -27.80
CA ASN B 513 -2.84 -15.51 -28.46
C ASN B 513 -3.19 -16.93 -28.99
N SER B 514 -4.02 -16.95 -30.02
CA SER B 514 -4.16 -18.10 -30.90
C SER B 514 -2.95 -18.08 -31.86
N PRO B 515 -2.68 -19.20 -32.56
CA PRO B 515 -1.44 -19.29 -33.34
C PRO B 515 -1.39 -18.34 -34.53
N GLY B 516 -0.18 -17.99 -34.95
CA GLY B 516 0.06 -17.13 -36.10
C GLY B 516 -0.97 -17.22 -37.19
N TRP B 517 -1.06 -18.38 -37.85
CA TRP B 517 -2.04 -18.59 -38.93
C TRP B 517 -3.46 -18.21 -38.55
N ALA B 518 -3.85 -18.49 -37.30
CA ALA B 518 -5.20 -18.22 -36.85
C ALA B 518 -5.42 -16.70 -36.79
N LYS B 519 -4.39 -15.99 -36.36
CA LYS B 519 -4.46 -14.55 -36.34
C LYS B 519 -4.72 -14.02 -37.73
N TRP B 520 -3.84 -14.34 -38.69
CA TRP B 520 -4.08 -13.93 -40.08
C TRP B 520 -5.50 -14.23 -40.53
N ALA B 521 -5.89 -15.50 -40.43
CA ALA B 521 -7.24 -15.94 -40.79
C ALA B 521 -8.32 -15.12 -40.10
N MET B 522 -8.02 -14.61 -38.92
CA MET B 522 -9.00 -13.84 -38.15
C MET B 522 -9.02 -12.36 -38.53
N GLY B 523 -8.09 -11.95 -39.39
CA GLY B 523 -8.05 -10.56 -39.83
C GLY B 523 -7.31 -9.65 -38.87
N LEU B 524 -6.92 -10.21 -37.72
CA LEU B 524 -6.14 -9.49 -36.72
C LEU B 524 -4.83 -8.93 -37.27
N LEU B 525 -4.23 -9.60 -38.25
CA LEU B 525 -3.03 -9.09 -38.88
C LEU B 525 -3.28 -8.69 -40.33
N SER B 526 -2.88 -7.47 -40.66
CA SER B 526 -2.91 -6.95 -42.03
C SER B 526 -2.09 -5.66 -42.15
N ALA B 540 -11.35 -3.62 -40.46
CA ALA B 540 -11.68 -4.22 -41.74
C ALA B 540 -10.84 -5.49 -42.03
N GLY B 541 -10.86 -6.43 -41.07
CA GLY B 541 -10.21 -7.76 -41.16
C GLY B 541 -9.57 -8.21 -42.47
N PHE B 542 -10.15 -9.24 -43.09
CA PHE B 542 -9.62 -9.76 -44.35
C PHE B 542 -10.12 -8.90 -45.50
N ASP B 543 -9.25 -8.69 -46.50
CA ASP B 543 -9.48 -7.66 -47.53
C ASP B 543 -10.25 -8.18 -48.75
N TRP B 544 -11.38 -8.83 -48.50
CA TRP B 544 -12.20 -9.40 -49.57
C TRP B 544 -12.69 -8.35 -50.55
N LYS B 545 -12.88 -7.12 -50.04
CA LYS B 545 -13.40 -6.00 -50.81
C LYS B 545 -12.50 -5.70 -52.01
N ASN B 546 -11.18 -5.78 -51.80
CA ASN B 546 -10.19 -5.58 -52.87
C ASN B 546 -9.95 -6.80 -53.75
N ILE B 547 -10.01 -8.00 -53.16
CA ILE B 547 -10.05 -9.26 -53.91
C ILE B 547 -11.22 -9.25 -54.89
N LEU B 548 -12.38 -8.84 -54.41
CA LEU B 548 -13.60 -8.67 -55.19
C LEU B 548 -13.43 -7.56 -56.24
N LEU B 549 -12.64 -6.54 -55.90
CA LEU B 549 -12.51 -5.36 -56.74
C LEU B 549 -11.37 -5.46 -57.76
N ASN B 550 -10.34 -6.25 -57.46
CA ASN B 550 -9.29 -6.54 -58.43
C ASN B 550 -9.79 -7.50 -59.49
N TYR B 551 -10.68 -8.41 -59.08
CA TYR B 551 -11.28 -9.39 -59.99
C TYR B 551 -12.30 -8.75 -60.94
N PHE B 552 -13.11 -7.82 -60.42
CA PHE B 552 -14.09 -7.09 -61.25
C PHE B 552 -13.46 -6.19 -62.30
N THR B 553 -12.16 -5.90 -62.12
CA THR B 553 -11.38 -5.07 -63.04
C THR B 553 -10.88 -5.85 -64.27
N VAL B 554 -10.50 -7.12 -64.07
CA VAL B 554 -10.01 -7.98 -65.15
C VAL B 554 -11.16 -8.62 -65.97
N ILE B 555 -12.35 -8.01 -65.90
CA ILE B 555 -13.50 -8.39 -66.74
C ILE B 555 -14.12 -7.15 -67.41
N GLY B 556 -14.65 -6.22 -66.62
CA GLY B 556 -15.25 -5.00 -67.16
C GLY B 556 -16.47 -4.55 -66.37
N ILE B 557 -16.76 -3.24 -66.43
CA ILE B 557 -17.93 -2.64 -65.76
C ILE B 557 -18.08 -1.10 -65.91
N GLY B 558 -17.84 -0.54 -67.12
CA GLY B 558 -17.56 -1.28 -68.35
C GLY B 558 -18.81 -1.80 -69.05
N GLY B 559 -18.78 -3.08 -69.45
CA GLY B 559 -19.91 -3.76 -70.09
C GLY B 559 -21.16 -3.88 -69.22
N ILE B 560 -20.99 -3.65 -67.92
CA ILE B 560 -22.10 -3.63 -66.99
C ILE B 560 -23.10 -2.56 -67.39
N ILE B 561 -22.61 -1.35 -67.62
CA ILE B 561 -23.48 -0.18 -67.53
C ILE B 561 -23.94 0.37 -68.89
N THR B 562 -23.04 1.07 -69.59
CA THR B 562 -23.35 1.73 -70.85
C THR B 562 -23.76 0.74 -71.94
N ALA B 563 -23.11 -0.43 -71.94
CA ALA B 563 -23.43 -1.48 -72.90
C ALA B 563 -24.88 -1.92 -72.79
N VAL B 564 -25.26 -2.40 -71.60
CA VAL B 564 -26.63 -2.83 -71.30
C VAL B 564 -27.67 -1.76 -71.73
N THR B 565 -27.44 -0.53 -71.27
CA THR B 565 -28.29 0.61 -71.58
C THR B 565 -28.51 0.86 -73.08
N GLY B 566 -27.47 0.65 -73.89
CA GLY B 566 -27.52 0.92 -75.33
C GLY B 566 -28.55 0.10 -76.08
N ILE B 567 -28.75 -1.14 -75.64
CA ILE B 567 -29.73 -2.07 -76.22
C ILE B 567 -31.17 -1.55 -76.07
N LEU B 568 -31.38 -0.62 -75.15
CA LEU B 568 -32.70 -0.08 -74.82
C LEU B 568 -33.09 1.19 -75.59
N LEU B 569 -32.12 2.08 -75.80
CA LEU B 569 -32.37 3.39 -76.41
C LEU B 569 -32.96 3.34 -77.81
N GLY B 570 -32.42 2.45 -78.65
CA GLY B 570 -32.96 2.22 -79.98
C GLY B 570 -34.45 1.95 -79.95
N PRO B 571 -34.87 0.75 -79.50
CA PRO B 571 -36.26 0.29 -79.37
C PRO B 571 -37.23 1.24 -78.62
N ILE B 572 -36.72 2.13 -77.77
CA ILE B 572 -37.55 3.16 -77.14
C ILE B 572 -37.81 4.31 -78.12
N GLY B 573 -36.77 4.75 -78.83
CA GLY B 573 -36.94 5.69 -79.94
C GLY B 573 -37.98 5.19 -80.92
N PHE B 574 -37.83 3.94 -81.36
CA PHE B 574 -38.80 3.26 -82.21
C PHE B 574 -40.22 3.47 -81.64
N ALA B 575 -40.44 2.98 -80.42
CA ALA B 575 -41.75 2.96 -79.77
C ALA B 575 -42.37 4.34 -79.58
N LEU B 576 -41.54 5.34 -79.32
CA LEU B 576 -42.00 6.72 -79.19
C LEU B 576 -42.51 7.33 -80.50
N LEU B 577 -42.13 6.75 -81.63
CA LEU B 577 -42.72 7.14 -82.92
C LEU B 577 -44.07 6.47 -83.10
N GLY B 578 -44.25 5.33 -82.44
CA GLY B 578 -45.46 4.51 -82.54
C GLY B 578 -46.68 5.15 -81.93
N LEU B 579 -46.49 5.87 -80.82
CA LEU B 579 -47.58 6.64 -80.23
C LEU B 579 -47.53 8.14 -80.60
N GLY B 580 -46.61 8.48 -81.51
CA GLY B 580 -46.57 9.80 -82.14
C GLY B 580 -46.17 10.97 -81.27
N VAL B 581 -45.10 10.83 -80.50
CA VAL B 581 -44.52 11.95 -79.75
C VAL B 581 -43.92 12.93 -80.73
N GLY B 582 -43.55 14.10 -80.25
CA GLY B 582 -43.18 15.18 -81.14
C GLY B 582 -44.43 16.00 -81.40
N PHE B 583 -45.58 15.32 -81.50
CA PHE B 583 -46.87 16.00 -81.46
C PHE B 583 -47.61 15.84 -80.12
N LEU B 584 -46.95 15.24 -79.12
CA LEU B 584 -47.48 15.17 -77.77
C LEU B 584 -46.82 16.19 -76.88
N GLN B 585 -47.56 16.71 -75.91
CA GLN B 585 -47.06 17.71 -75.00
C GLN B 585 -46.34 17.05 -73.85
N ALA B 586 -45.61 17.85 -73.07
CA ALA B 586 -44.72 17.31 -72.03
C ALA B 586 -45.40 16.27 -71.12
N ASP B 587 -46.63 16.54 -70.71
CA ASP B 587 -47.35 15.65 -69.83
C ASP B 587 -47.72 14.36 -70.52
N GLN B 588 -48.22 14.46 -71.75
CA GLN B 588 -48.64 13.29 -72.52
C GLN B 588 -47.42 12.44 -72.81
N ALA B 589 -46.30 13.10 -73.12
CA ALA B 589 -45.07 12.43 -73.48
C ALA B 589 -44.46 11.68 -72.29
N ARG B 590 -44.52 12.31 -71.13
CA ARG B 590 -44.01 11.75 -69.88
C ARG B 590 -44.67 10.41 -69.57
N ARG B 591 -46.01 10.42 -69.53
CA ARG B 591 -46.84 9.24 -69.27
C ARG B 591 -46.46 8.07 -70.18
N GLU B 592 -46.28 8.36 -71.47
CA GLU B 592 -45.91 7.36 -72.46
C GLU B 592 -44.46 6.91 -72.37
N LEU B 593 -43.58 7.79 -71.90
CA LEU B 593 -42.16 7.45 -71.77
C LEU B 593 -41.94 6.36 -70.74
N VAL B 594 -42.40 6.58 -69.51
CA VAL B 594 -42.21 5.65 -68.41
C VAL B 594 -42.63 4.27 -68.86
N LYS B 595 -43.87 4.17 -69.32
CA LYS B 595 -44.44 2.87 -69.70
C LYS B 595 -43.63 2.17 -70.79
N THR B 596 -43.18 2.91 -71.80
CA THR B 596 -42.30 2.38 -72.84
C THR B 596 -40.93 2.00 -72.27
N ALA B 597 -40.46 2.76 -71.29
CA ALA B 597 -39.20 2.45 -70.61
C ALA B 597 -39.32 1.17 -69.76
N LYS B 598 -40.41 1.04 -69.00
CA LYS B 598 -40.71 -0.17 -68.23
C LYS B 598 -40.80 -1.35 -69.20
N LYS B 599 -41.71 -1.24 -70.17
CA LYS B 599 -41.94 -2.31 -71.14
C LYS B 599 -40.63 -2.82 -71.74
N GLU B 600 -39.71 -1.91 -72.01
CA GLU B 600 -38.45 -2.30 -72.65
C GLU B 600 -37.47 -2.96 -71.68
N LEU B 601 -37.35 -2.36 -70.49
CA LEU B 601 -36.45 -2.86 -69.47
C LEU B 601 -36.81 -4.29 -69.01
N VAL B 602 -38.11 -4.57 -68.88
CA VAL B 602 -38.55 -5.89 -68.45
C VAL B 602 -38.34 -6.94 -69.56
N LYS B 603 -38.16 -6.47 -70.79
CA LYS B 603 -37.92 -7.38 -71.92
C LYS B 603 -36.50 -7.96 -71.89
N HIS B 604 -35.60 -7.31 -71.16
CA HIS B 604 -34.21 -7.78 -71.07
C HIS B 604 -33.78 -8.27 -69.69
N LEU B 605 -34.69 -8.16 -68.72
CA LEU B 605 -34.41 -8.61 -67.36
C LEU B 605 -34.01 -10.08 -67.24
N PRO B 606 -34.71 -11.00 -67.95
CA PRO B 606 -34.29 -12.40 -67.81
C PRO B 606 -32.87 -12.68 -68.35
N GLN B 607 -32.51 -12.07 -69.47
CA GLN B 607 -31.21 -12.31 -70.11
C GLN B 607 -30.03 -11.68 -69.33
N VAL B 608 -30.31 -10.58 -68.63
CA VAL B 608 -29.29 -9.94 -67.79
C VAL B 608 -29.06 -10.77 -66.52
N ALA B 609 -30.15 -11.26 -65.93
CA ALA B 609 -30.10 -12.07 -64.71
C ALA B 609 -29.52 -13.46 -64.95
N HIS B 610 -29.53 -13.90 -66.20
CA HIS B 610 -28.90 -15.17 -66.57
C HIS B 610 -27.40 -14.95 -66.73
N GLU B 611 -27.02 -14.13 -67.71
CA GLU B 611 -25.60 -13.90 -68.01
C GLU B 611 -24.84 -13.36 -66.81
N GLN B 612 -25.33 -12.25 -66.24
CA GLN B 612 -24.59 -11.53 -65.19
C GLN B 612 -24.58 -12.19 -63.82
N SER B 613 -25.51 -13.11 -63.58
CA SER B 613 -25.57 -13.81 -62.30
C SER B 613 -24.37 -14.72 -62.10
N GLN B 614 -24.00 -15.44 -63.17
CA GLN B 614 -22.85 -16.37 -63.16
C GLN B 614 -21.52 -15.60 -63.02
N VAL B 615 -21.52 -14.32 -63.36
CA VAL B 615 -20.37 -13.45 -63.11
C VAL B 615 -20.28 -13.14 -61.61
N VAL B 616 -21.39 -12.73 -61.01
CA VAL B 616 -21.45 -12.49 -59.57
C VAL B 616 -20.97 -13.73 -58.85
N TYR B 617 -21.52 -14.88 -59.24
CA TYR B 617 -21.11 -16.17 -58.67
C TYR B 617 -19.59 -16.26 -58.57
N ASN B 618 -18.93 -16.15 -59.71
CA ASN B 618 -17.48 -16.32 -59.78
C ASN B 618 -16.70 -15.29 -58.95
N ALA B 619 -17.27 -14.10 -58.83
CA ALA B 619 -16.67 -13.07 -57.98
C ALA B 619 -16.69 -13.55 -56.53
N VAL B 620 -17.88 -13.91 -56.06
CA VAL B 620 -18.06 -14.36 -54.69
C VAL B 620 -17.20 -15.60 -54.40
N LYS B 621 -17.02 -16.42 -55.44
CA LYS B 621 -16.19 -17.62 -55.34
C LYS B 621 -14.72 -17.25 -55.19
N GLU B 622 -14.21 -16.37 -56.06
CA GLU B 622 -12.79 -15.99 -56.05
C GLU B 622 -12.39 -15.37 -54.72
N CYS B 623 -13.40 -14.79 -54.07
CA CYS B 623 -13.28 -14.13 -52.79
C CYS B 623 -12.81 -15.13 -51.75
N PHE B 624 -13.64 -16.14 -51.51
CA PHE B 624 -13.37 -17.13 -50.49
C PHE B 624 -12.26 -18.09 -50.87
N ASP B 625 -12.05 -18.29 -52.16
CA ASP B 625 -10.94 -19.08 -52.64
C ASP B 625 -9.62 -18.40 -52.31
N SER B 626 -9.58 -17.07 -52.47
CA SER B 626 -8.40 -16.29 -52.11
C SER B 626 -8.03 -16.46 -50.63
N TYR B 627 -9.05 -16.42 -49.77
CA TYR B 627 -8.91 -16.68 -48.35
C TYR B 627 -8.36 -18.11 -48.14
N GLU B 628 -9.07 -19.09 -48.67
CA GLU B 628 -8.73 -20.50 -48.51
C GLU B 628 -7.29 -20.80 -48.96
N ARG B 629 -6.85 -20.12 -50.00
CA ARG B 629 -5.52 -20.30 -50.54
C ARG B 629 -4.48 -19.79 -49.55
N GLU B 630 -4.65 -18.56 -49.08
CA GLU B 630 -3.72 -17.97 -48.10
C GLU B 630 -3.72 -18.75 -46.78
N VAL B 631 -4.93 -19.11 -46.31
CA VAL B 631 -5.08 -19.79 -45.01
C VAL B 631 -4.46 -21.18 -44.98
N SER B 632 -4.73 -21.99 -46.01
CA SER B 632 -4.08 -23.29 -46.16
C SER B 632 -2.57 -23.16 -46.11
N LYS B 633 -2.03 -22.22 -46.88
CA LYS B 633 -0.60 -22.00 -46.97
C LYS B 633 0.00 -21.75 -45.59
N ARG B 634 -0.67 -20.91 -44.80
CA ARG B 634 -0.15 -20.53 -43.50
C ARG B 634 -0.24 -21.64 -42.45
N ILE B 635 -1.28 -22.47 -42.52
CA ILE B 635 -1.42 -23.62 -41.64
C ILE B 635 -0.41 -24.71 -42.02
N ASN B 636 -0.17 -24.85 -43.31
CA ASN B 636 0.85 -25.79 -43.79
C ASN B 636 2.27 -25.33 -43.52
N ASP B 637 2.50 -24.03 -43.70
CA ASP B 637 3.79 -23.45 -43.40
C ASP B 637 4.15 -23.74 -41.95
N ASP B 638 3.17 -23.58 -41.05
CA ASP B 638 3.38 -23.89 -39.64
C ASP B 638 3.72 -25.36 -39.44
N ILE B 639 2.82 -26.25 -39.87
CA ILE B 639 3.02 -27.68 -39.70
C ILE B 639 4.39 -28.07 -40.20
N VAL B 640 4.67 -27.73 -41.47
CA VAL B 640 5.94 -28.10 -42.11
C VAL B 640 7.13 -27.61 -41.29
N SER B 641 7.09 -26.34 -40.86
CA SER B 641 8.12 -25.77 -40.01
C SER B 641 8.43 -26.65 -38.81
N ARG B 642 7.40 -27.00 -38.06
CA ARG B 642 7.56 -27.78 -36.84
C ARG B 642 8.11 -29.18 -37.12
N LYS B 643 7.90 -29.69 -38.34
CA LYS B 643 8.51 -30.96 -38.75
C LYS B 643 9.97 -30.78 -39.15
N SER B 644 10.27 -29.69 -39.86
CA SER B 644 11.61 -29.37 -40.33
C SER B 644 12.54 -29.12 -39.15
N GLU B 645 12.00 -28.50 -38.11
CA GLU B 645 12.75 -28.11 -36.93
C GLU B 645 13.24 -29.35 -36.18
N LEU B 646 12.41 -30.38 -36.21
CA LEU B 646 12.76 -31.65 -35.62
C LEU B 646 13.77 -32.39 -36.49
N ASP B 647 13.48 -32.49 -37.78
CA ASP B 647 14.36 -33.17 -38.74
C ASP B 647 15.76 -32.60 -38.84
N ASN B 648 15.87 -31.27 -38.85
CA ASN B 648 17.16 -30.60 -38.95
C ASN B 648 18.12 -31.16 -37.90
N LEU B 649 17.62 -31.26 -36.67
CA LEU B 649 18.38 -31.83 -35.56
C LEU B 649 18.75 -33.28 -35.84
N VAL B 650 17.80 -34.05 -36.35
CA VAL B 650 18.05 -35.46 -36.66
C VAL B 650 19.23 -35.55 -37.63
N LYS B 651 19.17 -34.75 -38.70
CA LYS B 651 20.26 -34.72 -39.67
C LYS B 651 21.58 -34.27 -39.06
N GLN B 652 21.53 -33.36 -38.10
CA GLN B 652 22.73 -32.90 -37.42
C GLN B 652 23.36 -34.03 -36.63
N LYS B 653 22.59 -34.60 -35.69
CA LYS B 653 23.12 -35.64 -34.81
C LYS B 653 23.76 -36.76 -35.62
N GLN B 654 23.16 -37.06 -36.77
CA GLN B 654 23.67 -38.08 -37.68
C GLN B 654 24.97 -37.72 -38.40
N THR B 655 25.25 -36.43 -38.55
CA THR B 655 26.36 -35.99 -39.38
C THR B 655 27.43 -35.18 -38.65
N ARG B 656 27.03 -34.04 -38.10
CA ARG B 656 27.97 -33.10 -37.49
C ARG B 656 28.22 -33.44 -36.04
N GLU B 657 29.35 -33.00 -35.50
CA GLU B 657 29.58 -33.03 -34.06
C GLU B 657 29.39 -31.59 -33.58
N ILE B 658 28.72 -31.42 -32.43
CA ILE B 658 28.52 -30.08 -31.86
C ILE B 658 28.86 -30.01 -30.37
N ASN B 659 29.45 -28.89 -29.97
CA ASN B 659 29.63 -28.59 -28.55
C ASN B 659 28.27 -28.20 -27.97
N ARG B 660 27.70 -29.10 -27.15
CA ARG B 660 26.38 -28.87 -26.53
C ARG B 660 26.32 -27.55 -25.78
N GLU B 661 27.36 -27.23 -25.03
CA GLU B 661 27.33 -26.01 -24.21
C GLU B 661 27.42 -24.69 -24.99
N SER B 662 28.25 -24.65 -26.04
CA SER B 662 28.33 -23.49 -26.93
C SER B 662 26.99 -23.25 -27.59
N GLU B 663 26.44 -24.32 -28.17
CA GLU B 663 25.16 -24.29 -28.85
C GLU B 663 24.03 -23.89 -27.92
N PHE B 664 24.10 -24.35 -26.67
CA PHE B 664 23.15 -23.93 -25.65
C PHE B 664 23.24 -22.43 -25.48
N ASN B 665 24.46 -21.92 -25.35
CA ASN B 665 24.70 -20.50 -25.15
C ASN B 665 24.26 -19.68 -26.36
N ARG B 666 24.59 -20.17 -27.55
CA ARG B 666 24.20 -19.54 -28.80
C ARG B 666 22.67 -19.44 -28.93
N LEU B 667 21.96 -20.46 -28.47
CA LEU B 667 20.51 -20.50 -28.54
C LEU B 667 19.81 -19.70 -27.45
N LYS B 668 20.42 -19.59 -26.28
CA LYS B 668 19.90 -18.73 -25.21
C LYS B 668 20.08 -17.26 -25.58
N ASN B 669 21.19 -16.96 -26.25
CA ASN B 669 21.46 -15.65 -26.84
C ASN B 669 20.34 -15.19 -27.76
N LEU B 670 19.88 -16.09 -28.63
CA LEU B 670 18.81 -15.79 -29.57
C LEU B 670 17.55 -15.30 -28.84
N GLN B 671 17.08 -16.11 -27.88
CA GLN B 671 15.99 -15.71 -27.00
C GLN B 671 16.25 -14.33 -26.40
N GLU B 672 17.41 -14.17 -25.76
CA GLU B 672 17.83 -12.89 -25.18
C GLU B 672 17.78 -11.71 -26.19
N ASP B 673 18.39 -11.90 -27.37
CA ASP B 673 18.48 -10.88 -28.42
C ASP B 673 17.11 -10.43 -28.92
N VAL B 674 16.28 -11.43 -29.24
CA VAL B 674 14.97 -11.23 -29.84
C VAL B 674 13.98 -10.67 -28.83
N ILE B 675 14.05 -11.14 -27.60
CA ILE B 675 13.19 -10.65 -26.51
C ILE B 675 13.49 -9.17 -26.17
N ALA B 676 14.68 -8.71 -26.57
CA ALA B 676 15.13 -7.33 -26.32
C ALA B 676 14.52 -6.38 -27.34
N GLN B 677 14.58 -6.78 -28.61
CA GLN B 677 14.01 -6.02 -29.68
C GLN B 677 12.50 -5.89 -29.49
N LEU B 678 11.88 -6.95 -28.99
CA LEU B 678 10.45 -6.97 -28.70
C LEU B 678 10.14 -5.91 -27.65
N GLN B 679 11.00 -5.84 -26.64
CA GLN B 679 10.84 -4.88 -25.56
C GLN B 679 10.88 -3.45 -26.06
N LYS B 680 11.82 -3.14 -26.96
CA LYS B 680 11.90 -1.81 -27.57
C LYS B 680 10.58 -1.45 -28.26
N ILE B 681 10.07 -2.37 -29.07
CA ILE B 681 8.80 -2.21 -29.75
C ILE B 681 7.69 -2.02 -28.73
N GLU B 682 7.61 -2.92 -27.76
CA GLU B 682 6.58 -2.82 -26.71
C GLU B 682 6.67 -1.54 -25.85
N ALA B 683 7.88 -1.03 -25.70
CA ALA B 683 8.10 0.25 -25.02
C ALA B 683 7.59 1.39 -25.89
N ALA B 684 7.94 1.36 -27.18
CA ALA B 684 7.55 2.40 -28.13
C ALA B 684 6.03 2.55 -28.16
N TYR B 685 5.35 1.44 -28.42
CA TYR B 685 3.90 1.42 -28.42
C TYR B 685 3.36 1.94 -27.10
N SER B 686 3.88 1.38 -26.01
CA SER B 686 3.45 1.71 -24.65
C SER B 686 3.54 3.19 -24.34
N ASN B 687 4.65 3.82 -24.72
CA ASN B 687 4.92 5.23 -24.42
C ASN B 687 3.99 6.15 -25.18
N LEU B 688 3.77 5.83 -26.46
CA LEU B 688 2.82 6.54 -27.30
C LEU B 688 1.43 6.51 -26.68
N LEU B 689 0.94 5.30 -26.38
CA LEU B 689 -0.38 5.13 -25.81
C LEU B 689 -0.52 5.74 -24.40
N ALA B 690 0.59 5.77 -23.66
CA ALA B 690 0.62 6.41 -22.34
C ALA B 690 0.55 7.92 -22.49
N TYR B 691 1.32 8.44 -23.44
CA TYR B 691 1.33 9.87 -23.72
C TYR B 691 -0.09 10.40 -24.05
N TYR B 692 -0.79 9.70 -24.93
CA TYR B 692 -2.17 10.03 -25.30
C TYR B 692 -3.11 9.99 -24.11
N SER B 693 -2.91 9.00 -23.23
CA SER B 693 -3.77 8.80 -22.06
C SER B 693 -3.67 9.93 -21.04
N HIS B 694 -2.47 10.50 -20.88
CA HIS B 694 -2.27 11.60 -19.93
C HIS B 694 -2.34 13.00 -20.57
N HIS B 695 -2.77 13.08 -21.83
CA HIS B 695 -2.86 14.36 -22.55
C HIS B 695 -4.09 14.41 -23.47
N GLN C 4 12.75 10.12 -1.58
CA GLN C 4 13.80 9.05 -1.64
C GLN C 4 13.51 7.87 -0.71
N VAL C 5 13.55 6.65 -1.28
CA VAL C 5 13.16 5.42 -0.57
C VAL C 5 14.26 4.78 0.29
N ALA C 6 13.88 3.78 1.08
CA ALA C 6 14.80 3.08 1.96
C ALA C 6 15.71 2.11 1.22
N THR C 7 15.28 1.67 0.03
CA THR C 7 16.09 0.79 -0.84
C THR C 7 17.33 1.53 -1.35
N ASP C 8 17.14 2.81 -1.69
CA ASP C 8 18.22 3.66 -2.18
C ASP C 8 19.06 4.20 -1.05
N ARG C 9 18.42 4.76 -0.03
CA ARG C 9 19.10 5.26 1.17
C ARG C 9 20.07 4.22 1.77
N PHE C 10 19.76 2.94 1.60
CA PHE C 10 20.64 1.84 2.02
C PHE C 10 21.80 1.68 1.03
N ILE C 11 21.49 1.69 -0.26
CA ILE C 11 22.51 1.61 -1.31
C ILE C 11 23.41 2.86 -1.30
N GLN C 12 22.82 4.01 -0.98
CA GLN C 12 23.53 5.28 -0.90
C GLN C 12 24.57 5.24 0.21
N ASP C 13 24.15 4.81 1.40
CA ASP C 13 25.00 4.73 2.60
C ASP C 13 26.07 3.65 2.47
N LEU C 14 25.69 2.55 1.85
CA LEU C 14 26.57 1.42 1.62
C LEU C 14 27.75 1.83 0.74
N GLU C 15 27.48 2.70 -0.25
CA GLU C 15 28.50 3.16 -1.20
C GLU C 15 29.44 4.18 -0.59
N ARG C 16 28.87 5.02 0.28
CA ARG C 16 29.67 5.92 1.11
C ARG C 16 30.78 5.13 1.81
N VAL C 17 30.37 4.10 2.56
CA VAL C 17 31.30 3.30 3.34
C VAL C 17 32.35 2.64 2.44
N ALA C 18 31.91 2.14 1.29
CA ALA C 18 32.85 1.55 0.33
C ALA C 18 33.91 2.56 -0.11
N GLN C 19 33.49 3.80 -0.39
CA GLN C 19 34.43 4.88 -0.72
C GLN C 19 35.41 5.12 0.41
N VAL C 20 34.87 5.33 1.61
CA VAL C 20 35.64 5.60 2.80
C VAL C 20 36.63 4.46 3.02
N ARG C 21 36.19 3.24 2.75
CA ARG C 21 37.03 2.06 2.83
C ARG C 21 38.15 2.15 1.79
N SER C 22 37.77 2.48 0.56
CA SER C 22 38.70 2.47 -0.55
C SER C 22 39.84 3.49 -0.41
N GLU C 23 39.55 4.71 0.03
CA GLU C 23 40.62 5.69 0.20
C GLU C 23 41.58 5.28 1.33
N MET C 24 41.04 4.80 2.43
CA MET C 24 41.86 4.26 3.52
C MET C 24 42.82 3.21 2.96
N SER C 25 42.31 2.35 2.08
CA SER C 25 43.08 1.28 1.49
C SER C 25 44.25 1.84 0.69
N VAL C 26 43.94 2.85 -0.14
CA VAL C 26 44.94 3.54 -0.97
C VAL C 26 45.94 4.30 -0.10
N CYS C 27 45.46 4.89 0.98
CA CYS C 27 46.30 5.58 1.95
C CYS C 27 47.30 4.63 2.61
N LEU C 28 46.82 3.47 3.05
CA LEU C 28 47.67 2.48 3.71
C LEU C 28 48.75 1.95 2.78
N ASN C 29 48.37 1.65 1.54
CA ASN C 29 49.32 1.25 0.49
C ASN C 29 50.45 2.25 0.31
N LYS C 30 50.10 3.54 0.21
CA LYS C 30 51.11 4.59 0.11
C LYS C 30 51.92 4.69 1.39
N LEU C 31 51.25 4.54 2.54
CA LEU C 31 51.92 4.53 3.83
C LEU C 31 52.98 3.44 3.89
N ALA C 32 52.58 2.19 3.67
CA ALA C 32 53.51 1.06 3.73
C ALA C 32 54.64 1.17 2.70
N GLU C 33 54.31 1.65 1.50
CA GLU C 33 55.29 1.86 0.44
C GLU C 33 56.33 2.90 0.90
N THR C 34 55.85 3.94 1.58
CA THR C 34 56.69 5.02 2.11
C THR C 34 57.67 4.54 3.19
N ILE C 35 57.17 3.77 4.15
CA ILE C 35 58.02 3.17 5.17
C ILE C 35 59.05 2.27 4.50
N ASN C 36 58.56 1.37 3.65
CA ASN C 36 59.42 0.40 2.98
C ASN C 36 60.53 1.05 2.14
N LYS C 37 60.18 2.13 1.44
CA LYS C 37 61.12 2.84 0.58
C LYS C 37 62.23 3.51 1.41
N ALA C 38 61.82 4.11 2.53
CA ALA C 38 62.75 4.70 3.47
C ALA C 38 63.67 3.62 4.03
N GLU C 39 63.15 2.42 4.15
CA GLU C 39 63.89 1.31 4.70
C GLU C 39 64.94 0.80 3.72
N LEU C 40 64.53 0.56 2.47
CA LEU C 40 65.43 0.05 1.44
C LEU C 40 66.41 1.12 0.94
N ALA C 41 66.31 2.32 1.52
CA ALA C 41 67.33 3.36 1.33
C ALA C 41 68.13 3.54 2.62
N GLY C 42 67.63 2.93 3.70
CA GLY C 42 68.20 3.08 5.03
C GLY C 42 69.54 2.40 5.26
N ASP C 43 69.60 1.08 5.04
CA ASP C 43 70.83 0.37 5.39
C ASP C 43 71.98 0.58 4.41
N SER C 44 71.87 1.65 3.61
CA SER C 44 73.01 2.18 2.84
C SER C 44 73.28 3.61 3.31
N SER C 45 72.34 4.14 4.06
CA SER C 45 72.45 5.46 4.66
C SER C 45 72.81 5.32 6.14
N SER C 46 71.92 5.73 7.04
CA SER C 46 72.19 5.73 8.48
C SER C 46 71.93 4.40 9.18
N GLY C 47 71.27 3.50 8.46
CA GLY C 47 70.85 2.24 9.03
C GLY C 47 69.35 2.23 9.15
N LYS C 48 68.77 1.04 8.97
CA LYS C 48 67.34 0.85 9.08
C LYS C 48 66.85 1.06 10.49
N LEU C 49 65.74 1.77 10.62
CA LEU C 49 64.92 1.70 11.82
C LEU C 49 64.24 0.37 11.65
N SER C 50 63.97 -0.34 12.72
CA SER C 50 63.44 -1.68 12.55
C SER C 50 61.90 -1.68 12.55
N LEU C 51 61.33 -1.40 11.39
CA LEU C 51 59.88 -1.18 11.25
C LEU C 51 59.15 -2.25 10.42
N GLU C 52 59.77 -3.42 10.27
CA GLU C 52 59.21 -4.52 9.47
C GLU C 52 57.84 -4.98 9.98
N ARG C 53 57.72 -5.09 11.30
CA ARG C 53 56.48 -5.46 11.96
C ARG C 53 55.29 -4.60 11.53
N ASP C 54 55.57 -3.34 11.23
CA ASP C 54 54.52 -2.37 10.91
C ASP C 54 54.18 -2.32 9.43
N ILE C 55 55.14 -2.68 8.57
CA ILE C 55 54.87 -2.71 7.14
C ILE C 55 53.83 -3.78 6.83
N GLU C 56 54.04 -5.00 7.31
CA GLU C 56 53.11 -6.09 7.08
C GLU C 56 51.72 -5.81 7.67
N ASP C 57 51.66 -5.49 8.96
CA ASP C 57 50.37 -5.16 9.60
C ASP C 57 49.57 -4.17 8.77
N ILE C 58 50.25 -3.15 8.25
CA ILE C 58 49.64 -2.15 7.36
C ILE C 58 49.22 -2.79 6.04
N THR C 59 50.14 -3.51 5.39
CA THR C 59 49.86 -4.18 4.12
C THR C 59 48.66 -5.13 4.21
N ILE C 60 48.66 -5.98 5.22
CA ILE C 60 47.57 -6.88 5.53
C ILE C 60 46.26 -6.10 5.66
N ALA C 61 46.26 -5.06 6.49
CA ALA C 61 45.06 -4.26 6.70
C ALA C 61 44.54 -3.67 5.39
N SER C 62 45.46 -3.28 4.51
CA SER C 62 45.09 -2.71 3.21
C SER C 62 44.38 -3.75 2.33
N LYS C 63 44.97 -4.94 2.22
CA LYS C 63 44.37 -6.04 1.43
C LYS C 63 43.01 -6.43 1.96
N ASN C 64 42.83 -6.38 3.27
CA ASN C 64 41.56 -6.77 3.86
C ASN C 64 40.46 -5.72 3.73
N LEU C 65 40.85 -4.47 3.50
CA LEU C 65 39.89 -3.40 3.19
C LEU C 65 39.32 -3.54 1.79
N GLN C 66 40.18 -3.74 0.79
CA GLN C 66 39.72 -3.84 -0.60
C GLN C 66 38.91 -5.11 -0.89
N GLN C 67 39.06 -6.12 -0.05
CA GLN C 67 38.30 -7.37 -0.19
C GLN C 67 37.10 -7.47 0.74
N GLY C 68 37.28 -7.05 1.99
CA GLY C 68 36.20 -7.10 3.00
C GLY C 68 34.81 -6.77 2.49
N VAL C 69 33.82 -7.47 3.05
CA VAL C 69 32.45 -7.43 2.56
C VAL C 69 31.49 -7.73 3.72
N PHE C 70 30.31 -7.11 3.69
CA PHE C 70 29.27 -7.40 4.67
C PHE C 70 28.61 -8.73 4.38
N ARG C 71 28.59 -9.61 5.38
CA ARG C 71 28.01 -10.93 5.21
C ARG C 71 26.68 -11.09 5.97
N LEU C 72 25.63 -11.36 5.23
CA LEU C 72 24.33 -11.65 5.83
C LEU C 72 24.07 -13.14 5.68
N LEU C 73 23.75 -13.78 6.80
CA LEU C 73 23.42 -15.19 6.81
C LEU C 73 21.94 -15.32 7.00
N VAL C 74 21.27 -15.94 6.03
CA VAL C 74 19.84 -16.06 6.06
C VAL C 74 19.42 -17.47 6.50
N LEU C 75 18.77 -17.55 7.67
CA LEU C 75 18.35 -18.82 8.26
C LEU C 75 16.83 -18.92 8.38
N GLY C 76 16.33 -20.16 8.49
CA GLY C 76 14.90 -20.40 8.57
C GLY C 76 14.46 -21.70 7.93
N ASP C 77 13.34 -22.25 8.40
CA ASP C 77 12.77 -23.45 7.82
C ASP C 77 12.31 -23.26 6.41
N MET C 78 12.07 -24.38 5.74
CA MET C 78 11.42 -24.42 4.45
C MET C 78 10.00 -23.95 4.62
N LYS C 79 9.43 -23.40 3.56
CA LYS C 79 8.04 -22.94 3.55
C LYS C 79 7.79 -21.77 4.48
N ARG C 80 8.80 -20.92 4.65
CA ARG C 80 8.63 -19.65 5.37
C ARG C 80 8.77 -18.43 4.45
N GLY C 81 8.95 -18.70 3.16
CA GLY C 81 9.13 -17.64 2.18
C GLY C 81 10.49 -16.99 2.25
N LYS C 82 11.47 -17.70 2.80
CA LYS C 82 12.85 -17.23 2.87
C LYS C 82 13.41 -16.75 1.54
N SER C 83 13.10 -17.45 0.45
CA SER C 83 13.71 -17.08 -0.82
C SER C 83 12.94 -15.96 -1.50
N THR C 84 11.65 -15.88 -1.19
CA THR C 84 10.85 -14.76 -1.60
C THR C 84 11.31 -13.52 -0.85
N PHE C 85 11.56 -13.65 0.45
CA PHE C 85 12.16 -12.56 1.22
C PHE C 85 13.44 -12.09 0.59
N LEU C 86 14.34 -13.03 0.30
CA LEU C 86 15.59 -12.66 -0.33
C LEU C 86 15.37 -12.03 -1.69
N ASN C 87 14.47 -12.62 -2.48
CA ASN C 87 14.15 -12.05 -3.78
C ASN C 87 13.74 -10.57 -3.74
N ALA C 88 12.86 -10.23 -2.80
CA ALA C 88 12.45 -8.85 -2.61
C ALA C 88 13.66 -8.00 -2.21
N LEU C 89 14.44 -8.48 -1.25
CA LEU C 89 15.64 -7.77 -0.79
C LEU C 89 16.56 -7.41 -1.95
N ILE C 90 16.92 -8.40 -2.76
CA ILE C 90 17.86 -8.19 -3.86
C ILE C 90 17.25 -7.42 -5.04
N GLY C 91 15.99 -7.67 -5.36
CA GLY C 91 15.32 -6.90 -6.41
C GLY C 91 14.69 -7.69 -7.55
N GLU C 92 15.01 -8.97 -7.63
CA GLU C 92 14.38 -9.82 -8.64
C GLU C 92 14.12 -11.24 -8.16
N ASN C 93 13.21 -11.90 -8.87
CA ASN C 93 12.82 -13.28 -8.60
C ASN C 93 13.93 -14.20 -9.07
N LEU C 94 14.92 -14.42 -8.23
CA LEU C 94 16.18 -15.05 -8.63
C LEU C 94 16.39 -16.44 -8.05
N LEU C 95 16.20 -16.56 -6.73
CA LEU C 95 16.26 -17.84 -6.03
C LEU C 95 14.92 -18.54 -6.19
N PRO C 96 14.92 -19.86 -6.45
CA PRO C 96 13.63 -20.56 -6.51
C PRO C 96 13.04 -20.70 -5.11
N SER C 97 11.73 -20.89 -5.00
CA SER C 97 11.12 -20.88 -3.69
C SER C 97 11.44 -22.18 -2.89
N ASP C 98 11.80 -22.01 -1.62
CA ASP C 98 12.17 -23.11 -0.72
C ASP C 98 10.98 -23.88 -0.16
N VAL C 99 10.46 -24.82 -0.95
CA VAL C 99 9.33 -25.65 -0.53
C VAL C 99 9.68 -27.13 -0.51
N ASN C 100 10.88 -27.47 -0.94
CA ASN C 100 11.25 -28.89 -1.00
C ASN C 100 12.47 -29.28 -0.17
N PRO C 101 12.24 -30.05 0.91
CA PRO C 101 13.23 -30.56 1.89
C PRO C 101 14.59 -30.94 1.30
N CYS C 102 14.59 -31.52 0.10
CA CYS C 102 15.81 -32.01 -0.53
C CYS C 102 15.87 -31.73 -2.04
N THR C 103 15.94 -30.43 -2.34
CA THR C 103 16.21 -29.89 -3.66
C THR C 103 17.12 -28.71 -3.39
N ALA C 104 17.07 -28.25 -2.14
CA ALA C 104 17.82 -27.09 -1.68
C ALA C 104 19.32 -27.34 -1.62
N VAL C 105 20.08 -26.28 -1.82
CA VAL C 105 21.53 -26.29 -1.63
C VAL C 105 22.01 -24.94 -1.13
N LEU C 106 22.94 -24.97 -0.18
CA LEU C 106 23.53 -23.76 0.37
C LEU C 106 24.04 -22.87 -0.75
N THR C 107 23.54 -21.64 -0.80
CA THR C 107 23.89 -20.71 -1.86
C THR C 107 24.56 -19.46 -1.30
N VAL C 108 25.74 -19.15 -1.81
CA VAL C 108 26.38 -17.88 -1.52
C VAL C 108 26.02 -16.99 -2.67
N LEU C 109 25.86 -15.70 -2.40
CA LEU C 109 25.37 -14.77 -3.40
C LEU C 109 26.15 -13.47 -3.29
N ARG C 110 26.85 -13.09 -4.35
CA ARG C 110 27.71 -11.90 -4.31
C ARG C 110 27.84 -11.25 -5.67
N TYR C 111 28.32 -10.00 -5.68
CA TYR C 111 28.40 -9.21 -6.91
C TYR C 111 29.26 -9.87 -7.97
N GLY C 112 28.83 -9.77 -9.22
CA GLY C 112 29.59 -10.22 -10.37
C GLY C 112 29.15 -9.48 -11.61
N PRO C 113 30.10 -9.16 -12.52
CA PRO C 113 29.78 -8.41 -13.73
C PRO C 113 28.83 -9.22 -14.62
N GLU C 114 29.07 -10.52 -14.71
CA GLU C 114 28.18 -11.42 -15.42
C GLU C 114 27.55 -12.47 -14.51
N LYS C 115 26.44 -13.05 -14.97
CA LYS C 115 25.70 -14.02 -14.20
C LYS C 115 26.36 -15.39 -14.29
N LYS C 116 27.30 -15.65 -13.38
CA LYS C 116 28.03 -16.91 -13.32
C LYS C 116 27.66 -17.66 -12.04
N VAL C 117 27.73 -18.99 -12.08
CA VAL C 117 27.55 -19.80 -10.89
C VAL C 117 28.69 -20.83 -10.73
N THR C 118 29.44 -20.71 -9.64
CA THR C 118 30.52 -21.66 -9.33
C THR C 118 30.04 -22.75 -8.37
N ILE C 119 29.97 -23.99 -8.83
CA ILE C 119 29.51 -25.10 -7.98
C ILE C 119 30.66 -25.88 -7.31
N HIS C 120 30.71 -25.81 -5.98
CA HIS C 120 31.66 -26.58 -5.17
C HIS C 120 31.04 -27.93 -4.78
N PHE C 121 31.79 -29.01 -5.02
CA PHE C 121 31.33 -30.38 -4.73
C PHE C 121 31.82 -30.91 -3.37
N ASN C 122 31.14 -31.94 -2.86
CA ASN C 122 31.52 -32.59 -1.59
C ASN C 122 32.24 -33.94 -1.74
N ASP C 123 32.20 -34.51 -2.94
CA ASP C 123 32.94 -35.75 -3.25
C ASP C 123 34.24 -35.52 -4.06
N GLY C 124 34.95 -34.47 -3.70
CA GLY C 124 36.32 -34.22 -4.17
C GLY C 124 36.52 -33.61 -5.55
N LYS C 125 35.57 -33.83 -6.47
CA LYS C 125 35.75 -33.40 -7.87
C LYS C 125 35.78 -31.88 -8.06
N SER C 126 36.34 -31.46 -9.20
CA SER C 126 36.62 -30.05 -9.48
C SER C 126 35.39 -29.12 -9.53
N PRO C 127 35.46 -27.97 -8.82
CA PRO C 127 34.40 -26.97 -8.87
C PRO C 127 33.93 -26.67 -10.30
N GLN C 128 32.74 -27.16 -10.64
CA GLN C 128 32.14 -26.95 -11.96
C GLN C 128 31.66 -25.50 -12.11
N GLN C 129 32.21 -24.79 -13.09
CA GLN C 129 31.75 -23.44 -13.41
C GLN C 129 30.79 -23.45 -14.59
N LEU C 130 29.74 -22.64 -14.49
CA LEU C 130 28.77 -22.47 -15.57
C LEU C 130 28.06 -21.12 -15.47
N ASP C 131 27.57 -20.64 -16.62
CA ASP C 131 26.76 -19.43 -16.68
C ASP C 131 25.38 -19.67 -16.02
N PHE C 132 24.77 -18.59 -15.55
CA PHE C 132 23.55 -18.67 -14.76
C PHE C 132 22.43 -19.46 -15.44
N GLN C 133 22.18 -19.15 -16.71
CA GLN C 133 21.11 -19.83 -17.44
C GLN C 133 21.43 -21.30 -17.66
N ASN C 134 22.72 -21.59 -17.85
CA ASN C 134 23.23 -22.95 -17.92
C ASN C 134 22.96 -23.68 -16.61
N PHE C 135 23.49 -23.12 -15.51
CA PHE C 135 23.22 -23.60 -14.16
C PHE C 135 21.74 -23.87 -13.91
N LYS C 136 20.89 -22.87 -14.14
CA LYS C 136 19.50 -22.94 -13.73
C LYS C 136 18.78 -24.10 -14.38
N TYR C 137 19.06 -24.32 -15.67
CA TYR C 137 18.43 -25.38 -16.43
C TYR C 137 18.83 -26.79 -15.95
N LYS C 138 20.08 -26.94 -15.54
CA LYS C 138 20.59 -28.24 -15.05
C LYS C 138 20.07 -28.62 -13.67
N TYR C 139 20.14 -27.68 -12.72
CA TYR C 139 19.78 -27.98 -11.33
C TYR C 139 18.32 -27.73 -10.97
N THR C 140 17.46 -27.70 -11.98
CA THR C 140 16.01 -27.57 -11.79
C THR C 140 15.35 -28.91 -12.08
N ILE C 141 14.62 -29.44 -11.09
CA ILE C 141 13.91 -30.71 -11.28
C ILE C 141 12.41 -30.52 -11.51
N ASP C 142 11.84 -31.36 -12.37
CA ASP C 142 10.42 -31.30 -12.71
C ASP C 142 9.54 -31.69 -11.51
N PRO C 143 8.37 -31.04 -11.35
CA PRO C 143 7.44 -31.27 -10.23
C PRO C 143 7.28 -32.73 -9.77
N ALA C 144 7.31 -33.67 -10.72
CA ALA C 144 7.15 -35.11 -10.44
C ALA C 144 8.36 -35.68 -9.67
N GLU C 145 9.55 -35.58 -10.28
CA GLU C 145 10.79 -36.03 -9.68
C GLU C 145 10.96 -35.54 -8.23
N ALA C 146 10.54 -34.30 -7.98
CA ALA C 146 10.60 -33.69 -6.66
C ALA C 146 9.77 -34.46 -5.62
N LYS C 147 8.52 -34.78 -5.96
CA LYS C 147 7.62 -35.50 -5.05
C LYS C 147 8.20 -36.86 -4.64
N LYS C 148 8.69 -37.62 -5.63
CA LYS C 148 9.24 -38.95 -5.41
C LYS C 148 10.49 -38.93 -4.54
N LEU C 149 11.44 -38.07 -4.90
CA LEU C 149 12.67 -37.91 -4.11
C LEU C 149 12.38 -37.40 -2.70
N GLU C 150 11.43 -36.47 -2.61
CA GLU C 150 11.03 -35.86 -1.34
C GLU C 150 10.48 -36.90 -0.36
N GLN C 151 9.52 -37.70 -0.84
CA GLN C 151 8.83 -38.67 0.01
C GLN C 151 9.65 -39.94 0.29
N GLU C 152 10.94 -39.89 -0.05
CA GLU C 152 11.86 -40.99 0.24
C GLU C 152 12.97 -40.56 1.20
N LYS C 153 14.17 -40.37 0.68
CA LYS C 153 15.35 -40.08 1.50
C LYS C 153 16.30 -39.21 0.70
N LYS C 154 16.38 -39.49 -0.60
CA LYS C 154 17.45 -39.02 -1.46
C LYS C 154 17.44 -37.51 -1.73
N GLN C 155 18.42 -36.83 -1.16
CA GLN C 155 18.81 -35.47 -1.53
C GLN C 155 18.99 -35.43 -3.05
N ALA C 156 18.40 -34.42 -3.71
CA ALA C 156 18.35 -34.37 -5.17
C ALA C 156 19.71 -34.18 -5.84
N PHE C 157 20.66 -33.58 -5.13
CA PHE C 157 22.02 -33.42 -5.62
C PHE C 157 23.02 -33.77 -4.52
N PRO C 158 23.26 -35.09 -4.32
CA PRO C 158 24.09 -35.63 -3.24
C PRO C 158 25.53 -35.13 -3.31
N ASP C 159 26.06 -35.06 -4.54
CA ASP C 159 27.43 -34.63 -4.79
C ASP C 159 27.71 -33.16 -4.47
N VAL C 160 26.63 -32.37 -4.39
CA VAL C 160 26.73 -30.91 -4.30
C VAL C 160 26.88 -30.39 -2.88
N ASP C 161 27.98 -29.68 -2.64
CA ASP C 161 28.24 -29.04 -1.35
C ASP C 161 27.56 -27.67 -1.29
N TYR C 162 28.08 -26.71 -2.05
CA TYR C 162 27.53 -25.36 -2.11
C TYR C 162 27.79 -24.64 -3.44
N ALA C 163 26.81 -23.84 -3.88
CA ALA C 163 26.90 -23.08 -5.11
C ALA C 163 27.15 -21.61 -4.82
N VAL C 164 28.09 -21.02 -5.55
CA VAL C 164 28.34 -19.58 -5.49
C VAL C 164 27.78 -18.89 -6.73
N VAL C 165 26.69 -18.14 -6.54
CA VAL C 165 26.08 -17.34 -7.60
C VAL C 165 26.60 -15.89 -7.58
N GLU C 166 27.13 -15.45 -8.72
CA GLU C 166 27.52 -14.06 -8.90
C GLU C 166 26.54 -13.40 -9.84
N TYR C 167 26.03 -12.25 -9.45
CA TYR C 167 25.00 -11.59 -10.24
C TYR C 167 25.26 -10.09 -10.25
N PRO C 168 24.86 -9.42 -11.35
CA PRO C 168 25.07 -7.98 -11.32
C PRO C 168 23.89 -7.29 -10.64
N LEU C 169 23.68 -7.64 -9.37
CA LEU C 169 22.69 -6.98 -8.55
C LEU C 169 23.35 -5.83 -7.82
N THR C 170 22.75 -4.66 -7.93
CA THR C 170 23.34 -3.44 -7.38
C THR C 170 23.49 -3.48 -5.86
N LEU C 171 22.50 -4.03 -5.14
CA LEU C 171 22.62 -4.18 -3.69
C LEU C 171 23.88 -4.98 -3.30
N LEU C 172 24.22 -5.98 -4.09
CA LEU C 172 25.43 -6.75 -3.85
C LEU C 172 26.68 -6.04 -4.34
N GLN C 173 26.48 -5.06 -5.22
CA GLN C 173 27.59 -4.29 -5.78
C GLN C 173 28.32 -3.48 -4.71
N LYS C 174 27.58 -2.97 -3.74
CA LYS C 174 28.12 -2.07 -2.74
C LYS C 174 28.82 -2.79 -1.58
N GLY C 175 28.99 -4.11 -1.72
CA GLY C 175 29.74 -4.90 -0.74
C GLY C 175 28.84 -5.67 0.20
N ILE C 176 27.89 -6.40 -0.37
CA ILE C 176 27.05 -7.33 0.38
C ILE C 176 27.27 -8.74 -0.13
N GLU C 177 27.26 -9.69 0.79
CA GLU C 177 27.27 -11.11 0.47
C GLU C 177 26.13 -11.73 1.26
N ILE C 178 25.31 -12.52 0.58
CA ILE C 178 24.20 -13.18 1.21
C ILE C 178 24.44 -14.68 1.16
N VAL C 179 24.41 -15.32 2.31
CA VAL C 179 24.44 -16.77 2.35
C VAL C 179 23.04 -17.27 2.67
N ASP C 180 22.41 -17.90 1.68
CA ASP C 180 21.11 -18.53 1.86
C ASP C 180 21.33 -19.98 2.30
N SER C 181 21.13 -20.23 3.59
CA SER C 181 21.17 -21.57 4.13
C SER C 181 19.88 -22.30 3.73
N PRO C 182 19.92 -23.65 3.64
CA PRO C 182 18.70 -24.41 3.53
C PRO C 182 17.96 -24.42 4.86
N GLY C 183 17.16 -25.45 5.11
CA GLY C 183 16.33 -25.54 6.30
C GLY C 183 17.11 -25.63 7.60
N LEU C 184 16.40 -25.80 8.71
CA LEU C 184 17.03 -25.83 10.00
C LEU C 184 17.78 -27.12 10.28
N ASN C 185 17.14 -28.26 9.97
CA ASN C 185 17.79 -29.57 10.08
C ASN C 185 19.02 -29.67 9.19
N ASP C 186 18.83 -29.49 7.88
CA ASP C 186 19.93 -29.52 6.91
C ASP C 186 21.14 -28.65 7.32
N THR C 187 20.87 -27.51 7.95
CA THR C 187 21.94 -26.62 8.44
C THR C 187 22.61 -27.18 9.69
N GLU C 188 21.80 -27.65 10.64
CA GLU C 188 22.31 -28.35 11.82
C GLU C 188 23.30 -29.45 11.38
N ALA C 189 22.84 -30.30 10.46
CA ALA C 189 23.64 -31.32 9.79
C ALA C 189 25.01 -30.83 9.26
N ARG C 190 25.16 -29.51 9.12
CA ARG C 190 26.39 -28.95 8.56
C ARG C 190 27.09 -27.98 9.50
N ASN C 191 28.26 -28.39 9.98
CA ASN C 191 29.05 -27.61 10.96
C ASN C 191 29.76 -26.38 10.39
N GLU C 192 30.02 -26.39 9.07
CA GLU C 192 30.50 -25.20 8.37
C GLU C 192 29.40 -24.12 8.23
N LEU C 193 28.18 -24.47 8.64
CA LEU C 193 27.03 -23.56 8.66
C LEU C 193 26.67 -23.13 10.07
N SER C 194 26.14 -24.08 10.86
CA SER C 194 25.61 -23.81 12.21
C SER C 194 26.66 -23.44 13.25
N LEU C 195 27.93 -23.60 12.88
CA LEU C 195 29.03 -23.16 13.72
C LEU C 195 29.96 -22.29 12.88
N GLY C 196 30.01 -22.59 11.58
CA GLY C 196 30.90 -21.90 10.64
C GLY C 196 30.48 -20.48 10.39
N TYR C 197 29.44 -20.30 9.59
CA TYR C 197 28.97 -18.97 9.21
C TYR C 197 28.38 -18.21 10.37
N VAL C 198 27.50 -18.88 11.13
CA VAL C 198 26.91 -18.27 12.34
C VAL C 198 27.92 -17.36 13.05
N ASN C 199 29.14 -17.83 13.21
CA ASN C 199 30.13 -17.09 13.99
C ASN C 199 31.07 -16.16 13.21
N ASN C 200 31.08 -16.27 11.88
CA ASN C 200 31.73 -15.25 11.03
C ASN C 200 30.81 -14.69 9.92
N CYS C 201 29.86 -13.87 10.36
CA CYS C 201 28.97 -13.13 9.49
C CYS C 201 28.61 -11.84 10.23
N HIS C 202 28.15 -10.82 9.51
CA HIS C 202 27.85 -9.55 10.14
C HIS C 202 26.52 -9.53 10.86
N ALA C 203 25.52 -10.18 10.29
CA ALA C 203 24.18 -10.26 10.88
C ALA C 203 23.46 -11.51 10.39
N ILE C 204 22.55 -12.02 11.23
CA ILE C 204 21.76 -13.19 10.87
C ILE C 204 20.32 -12.78 10.56
N LEU C 205 19.87 -13.14 9.37
CA LEU C 205 18.52 -12.83 8.96
C LEU C 205 17.70 -14.09 9.15
N PHE C 206 16.90 -14.11 10.20
CA PHE C 206 16.12 -15.30 10.57
C PHE C 206 14.67 -15.12 10.11
N VAL C 207 14.27 -15.94 9.15
CA VAL C 207 12.98 -15.80 8.52
C VAL C 207 12.00 -16.76 9.18
N MET C 208 10.91 -16.21 9.70
CA MET C 208 9.82 -17.03 10.23
C MET C 208 8.51 -16.65 9.55
N ARG C 209 7.49 -17.49 9.65
CA ARG C 209 6.16 -17.19 9.12
C ARG C 209 5.19 -16.80 10.25
N ALA C 210 4.43 -15.72 10.05
CA ALA C 210 3.49 -15.21 11.06
C ALA C 210 2.46 -16.25 11.53
N SER C 211 1.92 -17.00 10.57
CA SER C 211 0.98 -18.09 10.77
C SER C 211 1.42 -19.03 11.90
N GLN C 212 2.72 -19.35 11.93
CA GLN C 212 3.28 -20.35 12.83
C GLN C 212 4.42 -19.76 13.65
N PRO C 213 4.09 -18.98 14.67
CA PRO C 213 5.15 -18.37 15.46
C PRO C 213 5.93 -19.43 16.20
N CYS C 214 7.26 -19.32 16.11
CA CYS C 214 8.20 -20.02 16.97
C CYS C 214 8.01 -21.53 17.13
N THR C 215 7.97 -22.23 15.99
CA THR C 215 8.11 -23.69 15.93
C THR C 215 9.02 -24.21 17.03
N LEU C 216 8.74 -25.42 17.52
CA LEU C 216 9.67 -26.17 18.36
C LEU C 216 11.03 -26.20 17.67
N GLY C 217 11.04 -26.55 16.39
CA GLY C 217 12.28 -26.61 15.60
C GLY C 217 13.09 -25.33 15.55
N GLU C 218 12.40 -24.19 15.57
CA GLU C 218 13.02 -22.88 15.44
C GLU C 218 13.71 -22.47 16.74
N ARG C 219 12.95 -22.48 17.83
CA ARG C 219 13.50 -22.11 19.13
C ARG C 219 14.53 -23.13 19.63
N ARG C 220 14.51 -24.34 19.09
CA ARG C 220 15.56 -25.31 19.37
C ARG C 220 16.84 -24.83 18.69
N TYR C 221 16.78 -24.53 17.39
CA TYR C 221 17.95 -23.98 16.71
C TYR C 221 18.45 -22.75 17.44
N LEU C 222 17.56 -21.81 17.74
CA LEU C 222 17.95 -20.55 18.35
C LEU C 222 18.69 -20.75 19.66
N GLU C 223 18.20 -21.70 20.45
CA GLU C 223 18.76 -21.99 21.77
C GLU C 223 20.12 -22.70 21.66
N ASN C 224 20.21 -23.60 20.70
CA ASN C 224 21.44 -24.32 20.45
C ASN C 224 22.59 -23.47 19.92
N TYR C 225 22.29 -22.55 18.98
CA TYR C 225 23.36 -21.88 18.24
C TYR C 225 23.42 -20.35 18.34
N ILE C 226 22.38 -19.74 18.92
CA ILE C 226 22.33 -18.28 18.99
C ILE C 226 22.17 -17.77 20.41
N LYS C 227 21.36 -18.43 21.22
CA LYS C 227 21.10 -17.92 22.57
C LYS C 227 22.40 -17.68 23.29
N GLY C 228 22.61 -16.42 23.68
CA GLY C 228 23.72 -16.07 24.55
C GLY C 228 25.11 -15.96 23.94
N ARG C 229 25.28 -16.31 22.67
CA ARG C 229 26.60 -16.09 22.06
C ARG C 229 26.79 -14.70 21.42
N GLY C 230 25.98 -13.74 21.88
CA GLY C 230 26.07 -12.33 21.48
C GLY C 230 26.25 -12.01 20.00
N LEU C 231 25.37 -12.52 19.15
CA LEU C 231 25.37 -12.24 17.71
C LEU C 231 24.32 -11.19 17.40
N THR C 232 24.33 -10.64 16.19
CA THR C 232 23.25 -9.74 15.79
C THR C 232 22.34 -10.47 14.83
N VAL C 233 21.17 -10.85 15.32
CA VAL C 233 20.20 -11.52 14.47
C VAL C 233 18.93 -10.69 14.35
N PHE C 234 18.54 -10.46 13.10
CA PHE C 234 17.29 -9.82 12.77
C PHE C 234 16.27 -10.93 12.57
N PHE C 235 15.07 -10.72 13.11
CA PHE C 235 14.00 -11.71 12.98
C PHE C 235 12.92 -11.16 12.08
N LEU C 236 12.71 -11.80 10.93
CA LEU C 236 11.69 -11.37 9.99
C LEU C 236 10.48 -12.26 10.05
N VAL C 237 9.41 -11.73 10.63
CA VAL C 237 8.12 -12.39 10.67
C VAL C 237 7.48 -12.20 9.31
N ASN C 238 7.45 -13.26 8.52
CA ASN C 238 7.01 -13.13 7.14
C ASN C 238 5.54 -13.44 6.97
N ALA C 239 5.06 -13.28 5.74
CA ALA C 239 3.70 -13.62 5.37
C ALA C 239 2.74 -13.10 6.43
N TRP C 240 2.97 -11.85 6.82
CA TRP C 240 2.18 -11.20 7.86
C TRP C 240 0.74 -10.96 7.42
N ASP C 241 0.55 -10.70 6.13
CA ASP C 241 -0.77 -10.44 5.54
C ASP C 241 -1.72 -11.65 5.50
N GLN C 242 -1.27 -12.79 6.03
CA GLN C 242 -2.05 -14.03 5.95
C GLN C 242 -2.54 -14.51 7.31
N VAL C 243 -2.38 -13.66 8.33
CA VAL C 243 -2.96 -13.93 9.63
C VAL C 243 -4.43 -14.24 9.40
N ARG C 244 -4.96 -13.63 8.36
CA ARG C 244 -6.38 -13.61 8.06
C ARG C 244 -7.00 -14.95 7.68
N GLU C 245 -6.19 -15.89 7.18
CA GLU C 245 -6.68 -17.23 6.80
C GLU C 245 -7.22 -17.95 8.02
N SER C 246 -6.52 -17.74 9.14
CA SER C 246 -6.79 -18.44 10.37
C SER C 246 -8.04 -17.93 11.06
N LEU C 247 -8.57 -16.78 10.64
CA LEU C 247 -9.73 -16.17 11.30
C LEU C 247 -11.01 -16.97 11.16
N ILE C 248 -11.86 -16.88 12.18
CA ILE C 248 -13.22 -17.42 12.15
C ILE C 248 -13.96 -16.78 10.98
N ASP C 249 -13.96 -15.45 10.99
CA ASP C 249 -14.61 -14.60 10.01
C ASP C 249 -13.51 -13.77 9.40
N PRO C 250 -13.13 -14.10 8.16
CA PRO C 250 -12.05 -13.41 7.46
C PRO C 250 -12.31 -11.92 7.20
N ASP C 251 -13.54 -11.48 7.41
CA ASP C 251 -13.93 -10.11 7.06
C ASP C 251 -14.06 -9.17 8.26
N ASP C 252 -13.54 -9.62 9.40
CA ASP C 252 -13.74 -8.94 10.67
C ASP C 252 -12.44 -8.32 11.18
N VAL C 253 -12.34 -7.00 11.07
CA VAL C 253 -11.11 -6.30 11.43
C VAL C 253 -10.77 -6.42 12.91
N GLU C 254 -11.80 -6.45 13.75
CA GLU C 254 -11.61 -6.59 15.19
C GLU C 254 -11.00 -7.94 15.56
N GLU C 255 -11.55 -9.02 15.01
CA GLU C 255 -10.94 -10.35 15.17
C GLU C 255 -9.52 -10.39 14.60
N LEU C 256 -9.29 -9.63 13.53
CA LEU C 256 -7.97 -9.58 12.92
C LEU C 256 -6.96 -8.93 13.85
N GLN C 257 -7.27 -7.73 14.33
CA GLN C 257 -6.33 -7.01 15.16
C GLN C 257 -6.02 -7.82 16.41
N ALA C 258 -7.06 -8.40 17.02
CA ALA C 258 -6.90 -9.32 18.16
C ALA C 258 -5.89 -10.41 17.83
N SER C 259 -6.15 -11.11 16.73
CA SER C 259 -5.37 -12.24 16.30
C SER C 259 -3.92 -11.86 15.93
N GLU C 260 -3.73 -10.67 15.34
CA GLU C 260 -2.38 -10.17 15.08
C GLU C 260 -1.67 -9.86 16.39
N ASN C 261 -2.38 -9.31 17.37
CA ASN C 261 -1.76 -8.89 18.61
C ASN C 261 -1.31 -10.04 19.47
N ARG C 262 -2.05 -11.14 19.45
CA ARG C 262 -1.59 -12.29 20.23
C ARG C 262 -0.44 -13.03 19.56
N LEU C 263 -0.42 -13.02 18.23
CA LEU C 263 0.78 -13.38 17.47
C LEU C 263 1.95 -12.51 17.89
N ARG C 264 1.78 -11.19 17.85
CA ARG C 264 2.84 -10.27 18.27
C ARG C 264 3.36 -10.62 19.64
N GLN C 265 2.50 -11.15 20.49
CA GLN C 265 2.87 -11.54 21.85
C GLN C 265 3.72 -12.81 21.90
N VAL C 266 3.34 -13.80 21.11
CA VAL C 266 4.09 -15.05 21.04
C VAL C 266 5.50 -14.73 20.65
N PHE C 267 5.65 -13.91 19.60
CA PHE C 267 6.97 -13.53 19.11
C PHE C 267 7.77 -12.80 20.18
N ASN C 268 7.14 -11.82 20.81
CA ASN C 268 7.81 -11.08 21.86
C ASN C 268 8.17 -11.92 23.10
N ALA C 269 7.30 -12.83 23.49
CA ALA C 269 7.61 -13.71 24.62
C ALA C 269 8.87 -14.53 24.35
N ASN C 270 8.95 -15.17 23.18
CA ASN C 270 10.04 -16.08 22.84
C ASN C 270 11.31 -15.40 22.33
N LEU C 271 11.17 -14.19 21.77
CA LEU C 271 12.29 -13.53 21.08
C LEU C 271 12.94 -12.37 21.81
N ALA C 272 12.25 -11.79 22.80
CA ALA C 272 12.69 -10.53 23.44
C ALA C 272 14.05 -10.70 24.06
N GLU C 273 14.26 -11.89 24.64
CA GLU C 273 15.53 -12.32 25.19
C GLU C 273 16.69 -12.22 24.19
N TYR C 274 16.41 -12.53 22.93
CA TYR C 274 17.39 -12.50 21.85
C TYR C 274 17.69 -11.10 21.33
N CYS C 275 16.88 -10.12 21.74
CA CYS C 275 16.99 -8.77 21.20
C CYS C 275 17.44 -7.77 22.26
N THR C 276 18.19 -8.27 23.25
CA THR C 276 18.73 -7.43 24.31
C THR C 276 20.23 -7.70 24.43
N VAL C 277 21.03 -6.65 24.21
CA VAL C 277 22.48 -6.81 24.08
C VAL C 277 23.21 -6.88 25.43
N GLU C 278 23.03 -5.83 26.24
CA GLU C 278 23.80 -5.64 27.46
C GLU C 278 22.90 -5.04 28.52
N GLY C 279 21.66 -5.53 28.57
CA GLY C 279 20.64 -4.94 29.44
C GLY C 279 19.60 -4.18 28.63
N GLN C 280 20.06 -3.47 27.60
CA GLN C 280 19.17 -2.63 26.76
C GLN C 280 18.29 -3.44 25.83
N ASN C 281 16.98 -3.23 25.94
CA ASN C 281 16.02 -3.86 25.02
C ASN C 281 15.88 -3.12 23.70
N ILE C 282 16.22 -3.80 22.60
CA ILE C 282 16.09 -3.22 21.27
C ILE C 282 15.25 -4.10 20.34
N TYR C 283 14.15 -4.63 20.87
CA TYR C 283 13.27 -5.53 20.12
C TYR C 283 12.76 -4.87 18.85
N ASP C 284 12.33 -3.61 18.96
CA ASP C 284 11.76 -2.86 17.85
C ASP C 284 12.73 -2.56 16.71
N GLU C 285 14.00 -2.92 16.88
CA GLU C 285 14.98 -2.67 15.82
C GLU C 285 15.55 -3.97 15.32
N ARG C 286 14.86 -5.06 15.64
CA ARG C 286 15.32 -6.40 15.32
C ARG C 286 14.23 -7.35 14.82
N VAL C 287 12.99 -7.12 15.24
CA VAL C 287 11.88 -8.00 14.92
C VAL C 287 10.91 -7.31 14.00
N PHE C 288 10.93 -7.68 12.73
CA PHE C 288 10.16 -6.98 11.72
C PHE C 288 9.09 -7.82 11.01
N GLU C 289 7.89 -7.26 10.92
CA GLU C 289 6.78 -7.92 10.25
C GLU C 289 6.75 -7.52 8.80
N LEU C 290 7.13 -8.44 7.91
CA LEU C 290 7.23 -8.14 6.49
C LEU C 290 6.17 -8.82 5.66
N SER C 291 5.91 -8.25 4.49
CA SER C 291 5.15 -8.91 3.44
C SER C 291 6.04 -9.03 2.20
N SER C 292 6.87 -10.08 2.16
CA SER C 292 7.81 -10.25 1.08
C SER C 292 7.11 -10.32 -0.27
N ILE C 293 5.92 -10.92 -0.30
CA ILE C 293 5.27 -11.15 -1.57
C ILE C 293 4.86 -9.84 -2.22
N GLN C 294 4.27 -8.96 -1.41
CA GLN C 294 3.90 -7.62 -1.84
C GLN C 294 5.15 -6.86 -2.29
N ALA C 295 6.23 -6.95 -1.51
CA ALA C 295 7.51 -6.33 -1.87
C ALA C 295 8.10 -6.89 -3.15
N LEU C 296 8.11 -8.21 -3.30
CA LEU C 296 8.59 -8.82 -4.55
C LEU C 296 7.84 -8.29 -5.78
N ARG C 297 6.51 -8.32 -5.72
CA ARG C 297 5.65 -7.84 -6.80
C ARG C 297 5.96 -6.40 -7.17
N ARG C 298 5.97 -5.54 -6.16
CA ARG C 298 6.21 -4.11 -6.37
C ARG C 298 7.51 -3.85 -7.11
N ARG C 299 8.61 -4.42 -6.60
CA ARG C 299 9.94 -4.21 -7.13
C ARG C 299 10.15 -4.93 -8.46
N LEU C 300 9.32 -5.93 -8.72
CA LEU C 300 9.34 -6.62 -10.00
C LEU C 300 8.75 -5.72 -11.09
N LYS C 301 7.73 -4.94 -10.72
CA LYS C 301 7.13 -3.93 -11.60
C LYS C 301 8.04 -2.70 -11.77
N ASN C 302 8.67 -2.26 -10.69
CA ASN C 302 9.62 -1.14 -10.71
C ASN C 302 10.68 -1.25 -9.64
N PRO C 303 11.94 -1.54 -10.03
CA PRO C 303 13.07 -1.71 -9.10
C PRO C 303 13.11 -0.67 -7.96
N GLN C 304 12.62 0.54 -8.23
CA GLN C 304 12.72 1.66 -7.28
C GLN C 304 11.41 1.94 -6.54
N ALA C 305 10.43 1.05 -6.65
CA ALA C 305 9.12 1.27 -6.03
C ALA C 305 9.19 1.59 -4.54
N ASP C 306 8.23 2.38 -4.07
CA ASP C 306 8.08 2.70 -2.65
C ASP C 306 7.55 1.46 -1.95
N LEU C 307 8.22 1.04 -0.87
CA LEU C 307 7.84 -0.19 -0.19
C LEU C 307 7.04 0.01 1.10
N ASP C 308 6.33 1.14 1.20
CA ASP C 308 5.55 1.42 2.41
C ASP C 308 4.39 0.46 2.48
N GLY C 309 4.14 -0.05 3.69
CA GLY C 309 3.07 -1.02 3.92
C GLY C 309 3.54 -2.47 3.90
N THR C 310 4.77 -2.71 3.44
CA THR C 310 5.29 -4.06 3.32
C THR C 310 6.18 -4.42 4.50
N GLY C 311 6.51 -3.45 5.35
CA GLY C 311 7.40 -3.69 6.49
C GLY C 311 8.88 -3.51 6.19
N PHE C 312 9.25 -3.61 4.92
CA PHE C 312 10.65 -3.56 4.50
C PHE C 312 11.43 -2.28 4.86
N PRO C 313 10.85 -1.09 4.58
CA PRO C 313 11.53 0.16 4.93
C PRO C 313 12.03 0.27 6.38
N LYS C 314 11.21 -0.09 7.37
CA LYS C 314 11.70 -0.03 8.75
C LYS C 314 12.80 -1.07 9.03
N PHE C 315 12.69 -2.24 8.40
CA PHE C 315 13.71 -3.27 8.54
C PHE C 315 15.01 -2.82 7.90
N MET C 316 14.94 -2.40 6.63
CA MET C 316 16.13 -1.97 5.89
C MET C 316 16.88 -0.79 6.52
N ASP C 317 16.14 0.10 7.17
CA ASP C 317 16.74 1.15 7.98
C ASP C 317 17.61 0.60 9.09
N SER C 318 17.12 -0.40 9.82
CA SER C 318 17.83 -0.91 10.99
C SER C 318 19.01 -1.75 10.59
N LEU C 319 18.88 -2.46 9.47
CA LEU C 319 19.98 -3.22 8.91
C LEU C 319 21.03 -2.24 8.43
N ASN C 320 20.58 -1.13 7.87
CA ASN C 320 21.47 -0.07 7.45
C ASN C 320 22.28 0.49 8.61
N THR C 321 21.59 1.05 9.62
CA THR C 321 22.26 1.64 10.79
C THR C 321 23.30 0.69 11.38
N PHE C 322 22.95 -0.59 11.41
CA PHE C 322 23.81 -1.57 12.04
C PHE C 322 25.06 -1.80 11.21
N LEU C 323 24.89 -2.00 9.91
CA LEU C 323 26.04 -2.29 9.06
C LEU C 323 26.93 -1.06 8.82
N THR C 324 26.31 0.08 8.51
CA THR C 324 27.08 1.23 8.06
C THR C 324 27.44 2.23 9.15
N ARG C 325 26.95 2.01 10.36
CA ARG C 325 27.23 2.94 11.47
C ARG C 325 27.82 2.26 12.71
N GLU C 326 27.66 0.94 12.80
CA GLU C 326 28.22 0.19 13.91
C GLU C 326 29.31 -0.76 13.45
N ARG C 327 28.96 -1.74 12.63
CA ARG C 327 29.96 -2.64 12.09
C ARG C 327 30.97 -1.96 11.15
N ALA C 328 30.62 -0.78 10.63
CA ALA C 328 31.51 -0.04 9.74
C ALA C 328 32.47 0.83 10.54
N ILE C 329 31.90 1.73 11.35
CA ILE C 329 32.70 2.59 12.24
C ILE C 329 33.74 1.76 13.01
N ALA C 330 33.34 0.59 13.52
CA ALA C 330 34.25 -0.29 14.24
C ALA C 330 35.39 -0.80 13.36
N GLU C 331 35.04 -1.29 12.17
CA GLU C 331 36.02 -1.77 11.19
C GLU C 331 37.06 -0.70 10.90
N LEU C 332 36.62 0.54 10.78
CA LEU C 332 37.49 1.65 10.42
C LEU C 332 38.26 2.24 11.61
N ARG C 333 37.66 2.19 12.80
CA ARG C 333 38.28 2.69 14.02
C ARG C 333 39.62 2.00 14.25
N GLN C 334 39.59 0.68 14.12
CA GLN C 334 40.79 -0.14 14.20
C GLN C 334 41.79 0.24 13.12
N VAL C 335 41.28 0.53 11.91
CA VAL C 335 42.15 0.83 10.79
C VAL C 335 42.88 2.13 11.03
N ARG C 336 42.20 3.12 11.61
CA ARG C 336 42.89 4.36 11.96
C ARG C 336 43.86 4.17 13.13
N THR C 337 43.51 3.29 14.07
CA THR C 337 44.43 2.89 15.14
C THR C 337 45.73 2.28 14.62
N LEU C 338 45.62 1.35 13.66
CA LEU C 338 46.79 0.75 13.01
C LEU C 338 47.65 1.80 12.36
N ALA C 339 46.99 2.74 11.68
CA ALA C 339 47.68 3.84 11.04
C ALA C 339 48.42 4.64 12.09
N ARG C 340 47.72 5.04 13.15
CA ARG C 340 48.31 5.74 14.28
C ARG C 340 49.49 4.98 14.90
N LEU C 341 49.35 3.66 15.05
CA LEU C 341 50.42 2.82 15.57
C LEU C 341 51.67 2.84 14.70
N ALA C 342 51.47 2.66 13.40
CA ALA C 342 52.58 2.56 12.46
C ALA C 342 53.25 3.91 12.35
N CYS C 343 52.44 4.95 12.41
CA CYS C 343 52.91 6.31 12.30
C CYS C 343 53.70 6.74 13.53
N ASN C 344 53.22 6.36 14.71
CA ASN C 344 53.90 6.66 15.96
C ASN C 344 55.22 5.92 16.09
N HIS C 345 55.21 4.63 15.75
CA HIS C 345 56.42 3.82 15.85
C HIS C 345 57.53 4.37 14.98
N THR C 346 57.15 4.99 13.86
CA THR C 346 58.11 5.64 12.97
C THR C 346 58.59 6.92 13.63
N ARG C 347 57.67 7.84 13.84
CA ARG C 347 57.91 9.09 14.54
C ARG C 347 58.87 8.86 15.73
N GLU C 348 58.50 7.96 16.65
CA GLU C 348 59.31 7.64 17.83
C GLU C 348 60.70 7.09 17.49
N ALA C 349 60.81 6.30 16.41
CA ALA C 349 62.11 5.73 16.02
C ALA C 349 63.06 6.84 15.56
N VAL C 350 62.61 7.62 14.58
CA VAL C 350 63.36 8.76 14.08
C VAL C 350 63.75 9.71 15.22
N ALA C 351 62.88 9.83 16.23
CA ALA C 351 63.18 10.64 17.41
C ALA C 351 64.42 10.16 18.16
N ARG C 352 64.56 8.85 18.35
CA ARG C 352 65.76 8.29 18.98
C ARG C 352 66.98 8.37 18.06
N ARG C 353 66.74 8.19 16.75
CA ARG C 353 67.81 8.14 15.77
C ARG C 353 68.57 9.48 15.63
N ILE C 354 67.83 10.56 15.42
CA ILE C 354 68.44 11.87 15.16
C ILE C 354 69.59 12.26 16.12
N PRO C 355 69.29 12.38 17.44
CA PRO C 355 70.30 12.85 18.40
C PRO C 355 71.57 12.00 18.44
N LEU C 356 71.47 10.76 17.97
CA LEU C 356 72.59 9.83 18.01
C LEU C 356 73.50 9.95 16.79
N LEU C 357 72.99 10.54 15.71
CA LEU C 357 73.75 10.72 14.46
C LEU C 357 75.03 11.52 14.66
N GLU C 358 74.93 12.53 15.50
CA GLU C 358 76.03 13.45 15.74
C GLU C 358 76.99 12.89 16.79
N GLN C 359 76.51 11.97 17.61
CA GLN C 359 77.34 11.19 18.53
C GLN C 359 78.11 10.11 17.74
N ASP C 360 79.13 9.53 18.35
CA ASP C 360 79.94 8.49 17.72
C ASP C 360 81.03 8.15 18.71
N VAL C 361 81.27 6.87 19.00
CA VAL C 361 80.52 5.69 18.57
C VAL C 361 80.63 4.81 19.80
N ASN C 362 81.68 5.12 20.57
CA ASN C 362 81.89 4.58 21.91
C ASN C 362 80.89 5.18 22.87
N GLU C 363 80.46 6.41 22.58
CA GLU C 363 79.42 7.08 23.34
C GLU C 363 78.11 6.39 23.02
N LEU C 364 77.96 6.00 21.76
CA LEU C 364 76.79 5.28 21.32
C LEU C 364 76.78 3.91 22.00
N LYS C 365 77.90 3.20 21.90
CA LYS C 365 78.09 1.92 22.58
C LYS C 365 77.87 2.04 24.09
N LYS C 366 78.34 3.15 24.67
CA LYS C 366 78.18 3.48 26.10
C LYS C 366 76.71 3.70 26.45
N ARG C 367 76.01 4.49 25.64
CA ARG C 367 74.57 4.71 25.78
C ARG C 367 73.79 3.39 25.75
N ILE C 368 74.01 2.59 24.71
CA ILE C 368 73.39 1.27 24.59
C ILE C 368 73.64 0.40 25.83
N ASP C 369 74.91 0.28 26.24
CA ASP C 369 75.24 -0.48 27.45
C ASP C 369 74.44 0.02 28.66
N SER C 370 74.20 1.32 28.72
CA SER C 370 73.54 1.95 29.86
C SER C 370 72.07 1.58 29.97
N VAL C 371 71.55 0.86 28.97
CA VAL C 371 70.13 0.55 28.90
C VAL C 371 69.83 -0.95 29.02
N GLU C 372 70.88 -1.76 29.05
CA GLU C 372 70.71 -3.21 29.17
C GLU C 372 69.84 -3.64 30.37
N PRO C 373 70.02 -3.02 31.55
CA PRO C 373 69.14 -3.38 32.68
C PRO C 373 67.65 -3.27 32.36
N GLU C 374 67.32 -2.44 31.37
CA GLU C 374 65.91 -2.15 31.05
C GLU C 374 65.33 -2.99 29.93
N PHE C 375 66.16 -3.35 28.95
CA PHE C 375 65.78 -4.35 27.98
C PHE C 375 65.53 -5.66 28.73
N ASN C 376 66.31 -5.89 29.78
CA ASN C 376 66.06 -7.01 30.67
C ASN C 376 64.69 -6.90 31.33
N LYS C 377 64.27 -5.67 31.64
CA LYS C 377 62.95 -5.43 32.21
C LYS C 377 61.86 -5.69 31.18
N LEU C 378 62.08 -5.26 29.94
CA LEU C 378 61.14 -5.53 28.84
C LEU C 378 60.98 -7.04 28.65
N THR C 379 62.11 -7.75 28.56
CA THR C 379 62.13 -9.21 28.55
C THR C 379 61.39 -9.80 29.75
N GLY C 380 61.61 -9.21 30.93
CA GLY C 380 60.94 -9.62 32.14
C GLY C 380 59.43 -9.59 31.99
N ILE C 381 58.92 -8.52 31.37
CA ILE C 381 57.49 -8.37 31.09
C ILE C 381 57.01 -9.47 30.13
N ARG C 382 57.71 -9.67 29.02
CA ARG C 382 57.44 -10.78 28.12
C ARG C 382 57.33 -12.10 28.89
N ASP C 383 58.33 -12.43 29.71
CA ASP C 383 58.34 -13.66 30.51
C ASP C 383 57.26 -13.73 31.60
N GLU C 384 57.02 -12.62 32.31
CA GLU C 384 56.01 -12.61 33.37
C GLU C 384 54.59 -12.75 32.82
N PHE C 385 54.34 -12.12 31.67
CA PHE C 385 53.02 -12.19 31.03
C PHE C 385 52.84 -13.56 30.40
N GLN C 386 53.90 -14.04 29.75
CA GLN C 386 53.93 -15.37 29.18
C GLN C 386 53.52 -16.33 30.28
N LYS C 387 54.13 -16.19 31.46
CA LYS C 387 53.91 -17.09 32.58
C LYS C 387 52.49 -17.02 33.09
N GLU C 388 51.84 -15.88 32.89
CA GLU C 388 50.45 -15.72 33.30
C GLU C 388 49.48 -16.36 32.30
N ILE C 389 49.71 -16.12 31.00
CA ILE C 389 48.90 -16.70 29.93
C ILE C 389 48.89 -18.23 30.00
N ILE C 390 50.07 -18.82 30.15
CA ILE C 390 50.19 -20.27 30.29
C ILE C 390 49.51 -20.76 31.58
N ASN C 391 49.75 -20.05 32.67
CA ASN C 391 49.13 -20.35 33.96
C ASN C 391 47.61 -20.30 33.89
N THR C 392 47.10 -19.46 33.00
CA THR C 392 45.65 -19.33 32.77
C THR C 392 45.14 -20.40 31.81
N ARG C 393 45.93 -20.76 30.80
CA ARG C 393 45.50 -21.86 29.92
C ARG C 393 45.53 -23.20 30.64
N ASP C 394 46.28 -23.30 31.73
CA ASP C 394 46.21 -24.48 32.55
C ASP C 394 44.96 -24.41 33.40
N THR C 395 44.85 -23.40 34.27
CA THR C 395 43.72 -23.27 35.17
C THR C 395 42.39 -23.47 34.44
N GLN C 396 42.29 -22.88 33.27
CA GLN C 396 41.05 -22.90 32.50
C GLN C 396 40.81 -24.28 31.93
N ALA C 397 41.81 -24.83 31.23
CA ALA C 397 41.71 -26.15 30.58
C ALA C 397 41.40 -27.29 31.56
N ARG C 398 41.82 -27.14 32.81
CA ARG C 398 41.42 -28.08 33.85
C ARG C 398 39.97 -27.82 34.25
N THR C 399 39.66 -26.59 34.67
CA THR C 399 38.32 -26.21 35.12
C THR C 399 37.21 -26.65 34.17
N ILE C 400 37.34 -26.28 32.90
CA ILE C 400 36.35 -26.59 31.85
C ILE C 400 36.29 -28.10 31.53
N SER C 401 37.39 -28.82 31.75
CA SER C 401 37.38 -30.28 31.64
C SER C 401 36.48 -30.92 32.69
N GLU C 402 36.62 -30.47 33.93
CA GLU C 402 35.82 -30.99 35.03
C GLU C 402 34.36 -30.59 34.87
N SER C 403 34.14 -29.33 34.50
CA SER C 403 32.82 -28.81 34.22
C SER C 403 32.10 -29.71 33.22
N PHE C 404 32.85 -30.23 32.27
CA PHE C 404 32.36 -31.20 31.32
C PHE C 404 31.99 -32.52 31.99
N ARG C 405 32.94 -33.16 32.68
CA ARG C 405 32.65 -34.40 33.43
C ARG C 405 31.41 -34.21 34.28
N SER C 406 31.41 -33.13 35.05
CA SER C 406 30.36 -32.81 36.02
C SER C 406 29.00 -32.71 35.34
N TYR C 407 28.98 -32.16 34.13
CA TYR C 407 27.76 -32.05 33.34
C TYR C 407 27.37 -33.39 32.75
N VAL C 408 28.32 -34.09 32.14
CA VAL C 408 28.05 -35.37 31.49
C VAL C 408 27.58 -36.44 32.50
N LEU C 409 28.14 -36.43 33.71
CA LEU C 409 27.69 -37.35 34.78
C LEU C 409 26.32 -36.98 35.38
N ASN C 410 25.99 -35.69 35.36
CA ASN C 410 24.71 -35.19 35.88
C ASN C 410 23.54 -35.27 34.90
N LEU C 411 23.72 -36.04 33.82
CA LEU C 411 22.66 -36.20 32.82
C LEU C 411 21.50 -37.05 33.34
N GLY C 412 21.83 -38.19 33.96
CA GLY C 412 20.85 -39.10 34.53
C GLY C 412 19.78 -38.48 35.42
N ASN C 413 20.05 -37.28 35.92
CA ASN C 413 19.08 -36.53 36.73
C ASN C 413 17.90 -36.03 35.89
N THR C 414 17.97 -34.82 35.35
CA THR C 414 16.92 -34.33 34.47
C THR C 414 17.00 -35.03 33.12
N PHE C 415 16.60 -36.30 33.07
CA PHE C 415 16.48 -37.00 31.80
C PHE C 415 15.03 -37.06 31.34
N GLU C 416 14.16 -37.59 32.19
CA GLU C 416 12.73 -37.64 31.91
C GLU C 416 12.21 -36.35 31.28
N ASN C 417 12.25 -35.24 32.03
CA ASN C 417 11.79 -33.93 31.53
C ASN C 417 12.40 -33.53 30.19
N ASP C 418 13.67 -33.88 30.01
CA ASP C 418 14.44 -33.41 28.87
C ASP C 418 14.24 -34.28 27.63
N PHE C 419 14.13 -35.60 27.84
CA PHE C 419 14.01 -36.56 26.73
C PHE C 419 12.58 -36.73 26.21
N LEU C 420 11.62 -36.69 27.13
CA LEU C 420 10.21 -36.86 26.80
C LEU C 420 9.67 -35.98 25.70
N ARG C 421 10.34 -34.86 25.43
CA ARG C 421 9.93 -33.99 24.33
C ARG C 421 10.53 -34.36 22.96
N TYR C 422 11.34 -35.42 22.93
CA TYR C 422 11.80 -35.98 21.66
C TYR C 422 11.32 -37.40 21.46
N GLN C 423 10.91 -38.06 22.54
CA GLN C 423 10.59 -39.48 22.51
C GLN C 423 9.58 -39.81 21.41
N PRO C 424 9.91 -40.79 20.55
CA PRO C 424 8.98 -41.25 19.52
C PRO C 424 7.80 -42.01 20.12
N GLU C 425 6.61 -41.72 19.58
CA GLU C 425 5.39 -42.43 19.95
C GLU C 425 5.49 -43.85 19.41
N LEU C 426 4.93 -44.80 20.14
CA LEU C 426 5.03 -46.21 19.77
C LEU C 426 3.76 -46.97 20.14
N ASN C 427 2.77 -46.96 19.25
CA ASN C 427 1.51 -47.66 19.52
C ASN C 427 1.57 -49.15 19.33
N LEU C 428 0.45 -49.81 19.62
CA LEU C 428 0.37 -51.24 19.82
C LEU C 428 1.27 -52.09 18.92
N PHE C 429 0.73 -52.59 17.81
CA PHE C 429 1.42 -53.65 17.09
C PHE C 429 2.64 -53.19 16.27
N ASP C 430 3.05 -51.94 16.44
CA ASP C 430 4.16 -51.36 15.69
C ASP C 430 5.43 -52.19 15.74
N PHE C 431 5.87 -52.56 16.94
CA PHE C 431 7.15 -53.24 17.09
C PHE C 431 7.16 -54.67 16.51
N LEU C 432 6.06 -55.06 15.87
CA LEU C 432 5.92 -56.34 15.18
C LEU C 432 6.31 -56.23 13.71
N SER C 433 5.86 -55.16 13.06
CA SER C 433 6.21 -54.85 11.67
C SER C 433 7.66 -54.35 11.54
N SER C 434 8.47 -55.06 10.73
CA SER C 434 9.89 -54.73 10.52
C SER C 434 10.12 -53.32 9.93
N GLY C 435 9.14 -52.83 9.16
CA GLY C 435 9.21 -51.49 8.57
C GLY C 435 8.85 -50.40 9.54
N LYS C 436 7.90 -50.68 10.42
CA LYS C 436 7.50 -49.74 11.46
C LYS C 436 8.53 -49.72 12.58
N ARG C 437 9.20 -50.87 12.77
CA ARG C 437 10.30 -50.99 13.72
C ARG C 437 11.49 -50.17 13.23
N GLU C 438 11.60 -50.04 11.91
CA GLU C 438 12.61 -49.19 11.27
C GLU C 438 12.27 -47.71 11.46
N ALA C 439 11.06 -47.32 11.05
CA ALA C 439 10.59 -45.93 11.18
C ALA C 439 10.76 -45.44 12.61
N PHE C 440 10.37 -46.26 13.59
CA PHE C 440 10.59 -45.95 15.00
C PHE C 440 12.08 -45.86 15.33
N ASN C 441 12.85 -46.88 14.92
CA ASN C 441 14.28 -46.92 15.23
C ASN C 441 15.06 -45.73 14.69
N ALA C 442 14.65 -45.24 13.53
CA ALA C 442 15.22 -44.03 12.96
C ALA C 442 14.85 -42.84 13.85
N ALA C 443 13.57 -42.78 14.24
CA ALA C 443 13.03 -41.70 15.09
C ALA C 443 13.70 -41.67 16.46
N LEU C 444 14.00 -42.84 17.01
CA LEU C 444 14.74 -42.96 18.25
C LEU C 444 16.15 -42.40 18.06
N GLN C 445 16.81 -42.83 16.99
CA GLN C 445 18.09 -42.28 16.54
C GLN C 445 18.08 -40.77 16.53
N LYS C 446 17.07 -40.20 15.87
CA LYS C 446 16.94 -38.77 15.69
C LYS C 446 16.70 -38.06 17.02
N ALA C 447 15.97 -38.72 17.92
CA ALA C 447 15.68 -38.16 19.25
C ALA C 447 16.92 -38.01 20.13
N PHE C 448 17.70 -39.08 20.22
CA PHE C 448 18.93 -39.04 20.99
C PHE C 448 19.92 -38.05 20.44
N GLU C 449 20.00 -37.97 19.11
CA GLU C 449 20.84 -36.96 18.47
C GLU C 449 20.40 -35.57 18.90
N GLN C 450 19.09 -35.32 18.77
CA GLN C 450 18.51 -34.06 19.16
C GLN C 450 18.72 -33.79 20.64
N TYR C 451 18.46 -34.81 21.46
CA TYR C 451 18.67 -34.71 22.89
C TYR C 451 20.11 -34.32 23.17
N ILE C 452 21.05 -35.13 22.70
CA ILE C 452 22.47 -34.87 22.95
C ILE C 452 22.89 -33.46 22.47
N THR C 453 22.58 -33.14 21.21
CA THR C 453 22.90 -31.82 20.68
C THR C 453 22.41 -30.71 21.62
N ASP C 454 21.13 -30.78 22.02
CA ASP C 454 20.57 -29.80 22.95
C ASP C 454 21.40 -29.61 24.23
N LYS C 455 21.80 -30.72 24.85
CA LYS C 455 22.51 -30.70 26.12
C LYS C 455 23.95 -30.19 25.98
N SER C 456 24.69 -30.77 25.04
CA SER C 456 26.09 -30.41 24.90
C SER C 456 26.22 -28.98 24.40
N ALA C 457 25.24 -28.53 23.61
CA ALA C 457 25.19 -27.14 23.18
C ALA C 457 24.88 -26.23 24.37
N ALA C 458 24.04 -26.70 25.28
CA ALA C 458 23.73 -25.95 26.49
C ALA C 458 24.98 -25.75 27.31
N TRP C 459 25.86 -26.76 27.28
CA TRP C 459 27.08 -26.77 28.07
C TRP C 459 28.15 -25.87 27.49
N THR C 460 28.24 -25.82 26.16
CA THR C 460 29.22 -24.98 25.49
C THR C 460 28.99 -23.52 25.89
N LEU C 461 27.75 -23.08 25.74
CA LEU C 461 27.28 -21.75 26.15
C LEU C 461 27.77 -21.37 27.56
N THR C 462 27.96 -22.38 28.40
CA THR C 462 28.36 -22.18 29.78
C THR C 462 29.89 -22.07 29.91
N ALA C 463 30.60 -22.82 29.07
CA ALA C 463 32.05 -22.72 28.98
C ALA C 463 32.44 -21.44 28.26
N GLU C 464 31.78 -21.14 27.14
CA GLU C 464 32.00 -19.87 26.42
C GLU C 464 32.18 -18.74 27.40
N LYS C 465 31.22 -18.63 28.32
CA LYS C 465 31.19 -17.58 29.33
C LYS C 465 32.46 -17.57 30.20
N ASP C 466 32.97 -18.76 30.51
CA ASP C 466 34.24 -18.91 31.25
C ASP C 466 35.43 -18.50 30.40
N ILE C 467 35.56 -19.06 29.20
CA ILE C 467 36.63 -18.68 28.26
C ILE C 467 36.68 -17.15 28.08
N ASN C 468 35.54 -16.55 27.73
CA ASN C 468 35.42 -15.07 27.62
C ASN C 468 35.93 -14.28 28.84
N ALA C 469 35.60 -14.77 30.04
CA ALA C 469 35.97 -14.10 31.28
C ALA C 469 37.48 -14.08 31.45
N ALA C 470 38.12 -15.18 31.05
CA ALA C 470 39.57 -15.35 31.12
C ALA C 470 40.29 -14.35 30.20
N PHE C 471 39.91 -14.33 28.92
CA PHE C 471 40.48 -13.38 27.96
C PHE C 471 40.28 -11.90 28.33
N LYS C 472 39.18 -11.58 29.01
CA LYS C 472 38.94 -10.21 29.43
C LYS C 472 39.95 -9.83 30.51
N GLU C 473 40.31 -10.80 31.34
CA GLU C 473 41.26 -10.59 32.42
C GLU C 473 42.69 -10.58 31.89
N LEU C 474 42.92 -11.30 30.81
CA LEU C 474 44.20 -11.28 30.10
C LEU C 474 44.34 -9.98 29.33
N SER C 475 43.19 -9.43 28.93
CA SER C 475 43.13 -8.13 28.27
C SER C 475 43.51 -7.02 29.24
N ARG C 476 43.02 -7.11 30.48
CA ARG C 476 43.33 -6.15 31.55
C ARG C 476 44.80 -6.20 31.94
N SER C 477 45.34 -7.41 32.07
CA SER C 477 46.78 -7.62 32.29
C SER C 477 47.61 -7.03 31.17
N ALA C 478 47.26 -7.35 29.94
CA ALA C 478 47.96 -6.80 28.79
C ALA C 478 48.02 -5.28 28.86
N SER C 479 46.97 -4.66 29.38
CA SER C 479 46.93 -3.21 29.56
C SER C 479 47.94 -2.71 30.60
N GLN C 480 48.03 -3.42 31.74
CA GLN C 480 49.00 -3.13 32.80
C GLN C 480 50.42 -3.31 32.34
N TYR C 481 50.76 -4.53 31.96
CA TYR C 481 52.07 -4.84 31.43
C TYR C 481 52.41 -3.88 30.30
N GLY C 482 51.41 -3.46 29.53
CA GLY C 482 51.60 -2.43 28.52
C GLY C 482 52.03 -1.09 29.12
N ALA C 483 51.37 -0.69 30.19
CA ALA C 483 51.64 0.58 30.85
C ALA C 483 53.01 0.51 31.49
N SER C 484 53.32 -0.64 32.07
CA SER C 484 54.60 -0.89 32.68
C SER C 484 55.68 -0.92 31.62
N TYR C 485 55.32 -1.42 30.43
CA TYR C 485 56.22 -1.50 29.27
C TYR C 485 56.59 -0.13 28.77
N ASN C 486 55.63 0.79 28.80
CA ASN C 486 55.89 2.16 28.34
C ASN C 486 56.88 2.91 29.24
N GLN C 487 56.73 2.78 30.56
CA GLN C 487 57.74 3.27 31.50
C GLN C 487 59.11 2.95 30.95
N ILE C 488 59.40 1.65 30.90
CA ILE C 488 60.70 1.16 30.48
C ILE C 488 61.07 1.75 29.13
N THR C 489 60.09 1.89 28.25
CA THR C 489 60.35 2.29 26.88
C THR C 489 60.76 3.78 26.74
N ASP C 490 60.22 4.62 27.61
CA ASP C 490 60.59 6.05 27.66
C ASP C 490 61.92 6.25 28.37
N GLN C 491 62.16 5.44 29.39
CA GLN C 491 63.44 5.38 30.08
C GLN C 491 64.58 5.05 29.11
N ILE C 492 64.27 4.26 28.09
CA ILE C 492 65.23 3.97 27.03
C ILE C 492 65.47 5.21 26.18
N THR C 493 64.40 5.86 25.73
CA THR C 493 64.52 7.05 24.89
C THR C 493 65.24 8.18 25.64
N GLU C 494 65.00 8.27 26.94
CA GLU C 494 65.68 9.27 27.78
C GLU C 494 67.18 8.92 27.93
N LYS C 495 67.49 7.77 28.53
CA LYS C 495 68.87 7.34 28.71
C LYS C 495 69.69 7.32 27.42
N LEU C 496 69.03 7.41 26.27
CA LEU C 496 69.73 7.46 24.99
C LEU C 496 69.91 8.88 24.45
N THR C 497 68.87 9.70 24.55
CA THR C 497 68.91 11.08 24.07
C THR C 497 69.36 12.07 25.13
N GLY C 498 68.72 12.01 26.30
CA GLY C 498 68.89 12.99 27.37
C GLY C 498 67.55 13.59 27.76
N LYS C 499 66.83 14.09 26.76
CA LYS C 499 65.53 14.75 26.94
C LYS C 499 64.36 13.83 26.62
N ASP C 500 63.22 14.09 27.28
CA ASP C 500 62.00 13.31 27.08
C ASP C 500 61.14 13.90 25.94
N VAL C 501 59.92 13.39 25.76
CA VAL C 501 58.93 13.96 24.84
C VAL C 501 57.51 13.82 25.37
N GLU C 510 42.83 10.48 25.24
CA GLU C 510 41.63 9.70 25.58
C GLU C 510 41.49 8.36 24.82
N GLU C 511 42.04 8.28 23.61
CA GLU C 511 42.17 6.98 22.91
C GLU C 511 43.38 6.24 23.49
N ASP C 512 43.13 5.07 24.06
CA ASP C 512 44.15 4.31 24.79
C ASP C 512 45.37 3.99 23.92
N ASN C 513 46.51 4.61 24.22
CA ASN C 513 47.75 4.29 23.50
C ASN C 513 48.79 3.53 24.35
N SER C 514 48.44 2.27 24.64
CA SER C 514 49.38 1.28 25.11
C SER C 514 50.14 0.74 23.88
N PRO C 515 51.26 0.00 24.08
CA PRO C 515 52.12 -0.29 22.94
C PRO C 515 51.47 -1.26 21.97
N GLY C 516 51.84 -1.18 20.70
CA GLY C 516 51.33 -2.07 19.67
C GLY C 516 50.94 -3.46 20.14
N TRP C 517 51.94 -4.26 20.52
CA TRP C 517 51.70 -5.64 20.98
C TRP C 517 50.56 -5.75 21.97
N ALA C 518 50.45 -4.78 22.87
CA ALA C 518 49.46 -4.83 23.91
C ALA C 518 48.06 -4.61 23.32
N LYS C 519 47.95 -3.64 22.41
CA LYS C 519 46.70 -3.40 21.71
C LYS C 519 46.22 -4.69 21.07
N TRP C 520 47.06 -5.32 20.25
CA TRP C 520 46.72 -6.64 19.70
C TRP C 520 46.21 -7.62 20.77
N ALA C 521 47.01 -7.80 21.81
CA ALA C 521 46.71 -8.70 22.93
C ALA C 521 45.37 -8.35 23.58
N MET C 522 45.03 -7.07 23.54
CA MET C 522 43.79 -6.61 24.15
C MET C 522 42.60 -6.78 23.21
N GLY C 523 42.87 -7.19 21.98
CA GLY C 523 41.82 -7.42 21.01
C GLY C 523 41.40 -6.17 20.30
N LEU C 524 41.98 -5.04 20.70
CA LEU C 524 41.72 -3.75 20.08
C LEU C 524 42.06 -3.70 18.59
N LEU C 525 42.81 -4.69 18.11
CA LEU C 525 43.09 -4.80 16.68
C LEU C 525 42.81 -6.22 16.22
N SER C 526 42.01 -6.34 15.16
CA SER C 526 41.75 -7.62 14.49
C SER C 526 41.11 -7.40 13.12
N ALA C 540 34.26 -8.19 19.44
CA ALA C 540 34.68 -9.53 19.82
C ALA C 540 36.21 -9.71 19.79
N GLY C 541 36.91 -9.00 20.69
CA GLY C 541 38.36 -9.11 20.92
C GLY C 541 39.21 -10.12 20.16
N PHE C 542 39.70 -11.14 20.87
CA PHE C 542 40.54 -12.18 20.26
C PHE C 542 39.68 -13.34 19.82
N ASP C 543 39.98 -13.88 18.64
CA ASP C 543 39.08 -14.81 17.97
C ASP C 543 39.28 -16.26 18.40
N TRP C 544 39.12 -16.51 19.70
CA TRP C 544 39.26 -17.85 20.25
C TRP C 544 38.19 -18.78 19.71
N LYS C 545 36.99 -18.22 19.50
CA LYS C 545 35.83 -18.95 18.98
C LYS C 545 36.21 -19.72 17.72
N ASN C 546 36.91 -19.04 16.80
CA ASN C 546 37.38 -19.66 15.56
C ASN C 546 38.56 -20.62 15.73
N ILE C 547 39.57 -20.22 16.50
CA ILE C 547 40.68 -21.10 16.90
C ILE C 547 40.15 -22.41 17.47
N LEU C 548 39.18 -22.30 18.39
CA LEU C 548 38.48 -23.43 18.99
C LEU C 548 37.74 -24.27 17.95
N LEU C 549 37.12 -23.59 16.99
CA LEU C 549 36.27 -24.25 16.00
C LEU C 549 37.09 -24.85 14.83
N ASN C 550 38.23 -24.25 14.53
CA ASN C 550 39.15 -24.79 13.54
C ASN C 550 39.85 -26.05 14.05
N TYR C 551 40.12 -26.09 15.36
CA TYR C 551 40.70 -27.26 16.03
C TYR C 551 39.70 -28.42 16.15
N PHE C 552 38.41 -28.10 16.34
CA PHE C 552 37.34 -29.10 16.43
C PHE C 552 37.03 -29.77 15.09
N THR C 553 37.44 -29.12 13.99
CA THR C 553 37.27 -29.64 12.63
C THR C 553 38.36 -30.67 12.27
N VAL C 554 39.55 -30.52 12.86
CA VAL C 554 40.68 -31.44 12.63
C VAL C 554 40.64 -32.69 13.55
N ILE C 555 39.47 -32.96 14.15
CA ILE C 555 39.24 -34.17 14.96
C ILE C 555 37.93 -34.89 14.52
N GLY C 556 36.79 -34.21 14.67
CA GLY C 556 35.48 -34.78 14.30
C GLY C 556 34.35 -34.36 15.22
N ILE C 557 33.13 -34.32 14.68
CA ILE C 557 31.89 -34.01 15.45
C ILE C 557 30.56 -33.99 14.63
N GLY C 558 30.31 -35.00 13.78
CA GLY C 558 31.13 -36.20 13.63
C GLY C 558 30.89 -37.26 14.70
N GLY C 559 31.99 -37.79 15.25
CA GLY C 559 31.97 -38.83 16.29
C GLY C 559 31.35 -38.43 17.62
N ILE C 560 31.04 -37.15 17.76
CA ILE C 560 30.35 -36.65 18.92
C ILE C 560 28.92 -37.17 18.89
N ILE C 561 28.21 -36.87 17.82
CA ILE C 561 26.75 -37.05 17.77
C ILE C 561 26.30 -38.46 17.36
N THR C 562 26.29 -38.74 16.05
CA THR C 562 25.70 -39.96 15.50
C THR C 562 26.39 -41.23 16.00
N ALA C 563 27.72 -41.19 16.13
CA ALA C 563 28.49 -42.35 16.59
C ALA C 563 28.18 -42.74 18.03
N VAL C 564 28.35 -41.79 18.96
CA VAL C 564 28.02 -41.99 20.38
C VAL C 564 26.60 -42.56 20.54
N THR C 565 25.64 -41.88 19.92
CA THR C 565 24.24 -42.29 19.90
C THR C 565 24.07 -43.76 19.52
N GLY C 566 24.73 -44.16 18.44
CA GLY C 566 24.61 -45.51 17.86
C GLY C 566 24.93 -46.66 18.82
N ILE C 567 25.74 -46.37 19.85
CA ILE C 567 26.05 -47.35 20.91
C ILE C 567 24.82 -47.71 21.76
N LEU C 568 23.80 -46.85 21.71
CA LEU C 568 22.60 -46.99 22.55
C LEU C 568 21.41 -47.68 21.87
N LEU C 569 21.27 -47.49 20.56
CA LEU C 569 20.11 -47.98 19.80
C LEU C 569 19.91 -49.49 19.83
N GLY C 570 21.00 -50.24 19.63
CA GLY C 570 20.97 -51.69 19.72
C GLY C 570 20.36 -52.14 21.02
N PRO C 571 21.12 -52.05 22.13
CA PRO C 571 20.74 -52.36 23.53
C PRO C 571 19.33 -51.91 24.00
N ILE C 572 18.81 -50.82 23.47
CA ILE C 572 17.44 -50.40 23.77
C ILE C 572 16.40 -51.27 23.05
N GLY C 573 16.61 -51.49 21.75
CA GLY C 573 15.81 -52.47 20.99
C GLY C 573 15.79 -53.84 21.69
N PHE C 574 16.97 -54.35 22.04
CA PHE C 574 17.11 -55.54 22.88
C PHE C 574 16.10 -55.47 24.05
N ALA C 575 16.29 -54.49 24.92
CA ALA C 575 15.53 -54.35 26.18
C ALA C 575 14.03 -54.23 25.98
N LEU C 576 13.63 -53.53 24.92
CA LEU C 576 12.21 -53.39 24.57
C LEU C 576 11.54 -54.72 24.24
N LEU C 577 12.31 -55.71 23.79
CA LEU C 577 11.78 -57.06 23.59
C LEU C 577 11.67 -57.86 24.90
N GLY C 578 12.46 -57.47 25.89
CA GLY C 578 12.43 -58.10 27.21
C GLY C 578 11.19 -57.72 28.00
N LEU C 579 10.65 -56.55 27.70
CA LEU C 579 9.38 -56.09 28.29
C LEU C 579 8.19 -56.54 27.42
N GLY C 580 8.47 -56.91 26.16
CA GLY C 580 7.45 -57.41 25.26
C GLY C 580 6.63 -56.31 24.61
N VAL C 581 7.28 -55.22 24.21
CA VAL C 581 6.63 -54.16 23.44
C VAL C 581 6.22 -54.69 22.08
N GLY C 582 5.34 -53.96 21.40
CA GLY C 582 4.64 -54.50 20.25
C GLY C 582 3.32 -55.06 20.73
N PHE C 583 3.32 -55.64 21.93
CA PHE C 583 2.09 -55.98 22.61
C PHE C 583 1.73 -54.98 23.73
N LEU C 584 2.47 -53.89 23.82
CA LEU C 584 2.12 -52.80 24.74
C LEU C 584 1.52 -51.61 24.01
N GLN C 585 0.63 -50.88 24.67
CA GLN C 585 -0.02 -49.74 24.06
C GLN C 585 0.79 -48.49 24.30
N ALA C 586 0.51 -47.42 23.54
CA ALA C 586 1.38 -46.23 23.52
C ALA C 586 1.77 -45.74 24.91
N ASP C 587 0.80 -45.71 25.83
CA ASP C 587 1.05 -45.25 27.17
C ASP C 587 1.96 -46.20 27.95
N GLN C 588 1.73 -47.50 27.81
CA GLN C 588 2.58 -48.49 28.49
C GLN C 588 3.97 -48.42 27.89
N ALA C 589 4.02 -48.29 26.57
CA ALA C 589 5.28 -48.30 25.83
C ALA C 589 6.13 -47.08 26.15
N ARG C 590 5.45 -45.94 26.31
CA ARG C 590 6.11 -44.68 26.62
C ARG C 590 6.86 -44.79 27.95
N ARG C 591 6.12 -45.14 28.99
CA ARG C 591 6.65 -45.35 30.33
C ARG C 591 7.91 -46.22 30.31
N GLU C 592 7.82 -47.35 29.61
CA GLU C 592 8.93 -48.29 29.49
C GLU C 592 10.10 -47.79 28.63
N LEU C 593 9.83 -46.90 27.68
CA LEU C 593 10.87 -46.35 26.80
C LEU C 593 11.83 -45.46 27.59
N VAL C 594 11.29 -44.43 28.25
CA VAL C 594 12.08 -43.48 29.02
C VAL C 594 13.00 -44.20 29.97
N LYS C 595 12.45 -45.18 30.69
CA LYS C 595 13.20 -45.94 31.68
C LYS C 595 14.31 -46.78 31.06
N THR C 596 14.05 -47.35 29.88
CA THR C 596 15.07 -48.08 29.14
C THR C 596 16.09 -47.12 28.53
N ALA C 597 15.61 -45.95 28.14
CA ALA C 597 16.47 -44.88 27.62
C ALA C 597 17.43 -44.35 28.68
N LYS C 598 16.90 -44.02 29.85
CA LYS C 598 17.70 -43.55 30.99
C LYS C 598 18.73 -44.63 31.34
N LYS C 599 18.24 -45.83 31.65
CA LYS C 599 19.10 -46.93 32.08
C LYS C 599 20.29 -47.14 31.16
N GLU C 600 20.04 -47.09 29.85
CA GLU C 600 21.11 -47.28 28.88
C GLU C 600 22.07 -46.09 28.80
N LEU C 601 21.51 -44.88 28.77
CA LEU C 601 22.31 -43.67 28.73
C LEU C 601 23.28 -43.56 29.91
N VAL C 602 22.79 -43.84 31.12
CA VAL C 602 23.64 -43.78 32.31
C VAL C 602 24.73 -44.85 32.29
N LYS C 603 24.56 -45.87 31.45
CA LYS C 603 25.55 -46.95 31.35
C LYS C 603 26.83 -46.49 30.66
N HIS C 604 26.69 -45.58 29.70
CA HIS C 604 27.85 -45.06 28.96
C HIS C 604 28.34 -43.70 29.44
N LEU C 605 27.65 -43.14 30.44
CA LEU C 605 28.03 -41.82 30.95
C LEU C 605 29.49 -41.70 31.42
N PRO C 606 30.01 -42.68 32.19
CA PRO C 606 31.41 -42.55 32.62
C PRO C 606 32.44 -42.67 31.49
N GLN C 607 32.19 -43.54 30.50
CA GLN C 607 33.13 -43.72 29.39
C GLN C 607 33.21 -42.52 28.43
N VAL C 608 32.10 -41.81 28.25
CA VAL C 608 32.07 -40.58 27.46
C VAL C 608 32.84 -39.47 28.20
N ALA C 609 32.56 -39.33 29.50
CA ALA C 609 33.15 -38.27 30.32
C ALA C 609 34.64 -38.47 30.56
N HIS C 610 35.14 -39.68 30.28
CA HIS C 610 36.57 -39.96 30.33
C HIS C 610 37.23 -39.61 29.00
N GLU C 611 36.71 -40.19 27.92
CA GLU C 611 37.29 -39.98 26.59
C GLU C 611 37.11 -38.55 26.09
N GLN C 612 35.90 -38.03 26.20
CA GLN C 612 35.56 -36.74 25.60
C GLN C 612 35.98 -35.52 26.43
N SER C 613 36.23 -35.74 27.71
CA SER C 613 36.66 -34.69 28.61
C SER C 613 38.05 -34.20 28.27
N GLN C 614 38.93 -35.16 27.93
CA GLN C 614 40.32 -34.90 27.56
C GLN C 614 40.43 -34.27 26.16
N VAL C 615 39.37 -34.38 25.37
CA VAL C 615 39.30 -33.67 24.09
C VAL C 615 39.00 -32.20 24.36
N VAL C 616 38.08 -31.94 25.29
CA VAL C 616 37.77 -30.58 25.72
C VAL C 616 39.03 -29.95 26.26
N TYR C 617 39.72 -30.65 27.17
CA TYR C 617 41.00 -30.19 27.72
C TYR C 617 41.88 -29.60 26.61
N ASN C 618 42.22 -30.41 25.63
CA ASN C 618 43.12 -30.01 24.55
C ASN C 618 42.60 -28.86 23.69
N ALA C 619 41.28 -28.78 23.53
CA ALA C 619 40.65 -27.69 22.79
C ALA C 619 40.84 -26.36 23.52
N VAL C 620 40.58 -26.37 24.82
CA VAL C 620 40.72 -25.18 25.65
C VAL C 620 42.21 -24.81 25.80
N LYS C 621 43.07 -25.82 25.74
CA LYS C 621 44.50 -25.60 25.81
C LYS C 621 44.98 -24.88 24.56
N GLU C 622 44.60 -25.38 23.38
CA GLU C 622 45.10 -24.82 22.10
C GLU C 622 44.58 -23.42 21.89
N CYS C 623 43.57 -23.06 22.67
CA CYS C 623 42.96 -21.76 22.62
C CYS C 623 43.94 -20.74 23.17
N PHE C 624 44.30 -20.89 24.44
CA PHE C 624 45.22 -19.97 25.09
C PHE C 624 46.65 -20.12 24.59
N ASP C 625 47.02 -21.31 24.16
CA ASP C 625 48.31 -21.53 23.51
C ASP C 625 48.43 -20.71 22.21
N SER C 626 47.34 -20.59 21.46
CA SER C 626 47.32 -19.78 20.24
C SER C 626 47.57 -18.30 20.55
N TYR C 627 46.84 -17.80 21.55
CA TYR C 627 47.03 -16.46 22.10
C TYR C 627 48.49 -16.26 22.55
N GLU C 628 48.96 -17.13 23.45
CA GLU C 628 50.32 -17.07 23.98
C GLU C 628 51.39 -17.02 22.89
N ARG C 629 51.14 -17.75 21.81
CA ARG C 629 52.06 -17.86 20.69
C ARG C 629 52.13 -16.53 19.94
N GLU C 630 50.96 -15.95 19.64
CA GLU C 630 50.91 -14.65 18.94
C GLU C 630 51.50 -13.53 19.79
N VAL C 631 51.17 -13.51 21.09
CA VAL C 631 51.59 -12.45 22.00
C VAL C 631 53.10 -12.44 22.23
N SER C 632 53.66 -13.60 22.57
CA SER C 632 55.11 -13.72 22.71
C SER C 632 55.83 -13.24 21.45
N LYS C 633 55.24 -13.49 20.28
CA LYS C 633 55.85 -13.06 19.03
C LYS C 633 55.86 -11.53 18.95
N ARG C 634 54.70 -10.92 19.17
CA ARG C 634 54.55 -9.48 19.02
C ARG C 634 55.39 -8.68 20.02
N ILE C 635 55.57 -9.21 21.23
CA ILE C 635 56.36 -8.56 22.27
C ILE C 635 57.86 -8.70 22.00
N ASN C 636 58.28 -9.85 21.47
CA ASN C 636 59.66 -10.00 21.03
C ASN C 636 59.98 -9.16 19.80
N ASP C 637 59.09 -9.20 18.81
CA ASP C 637 59.25 -8.40 17.60
C ASP C 637 59.56 -6.95 18.00
N ASP C 638 58.88 -6.46 19.03
CA ASP C 638 59.14 -5.13 19.55
C ASP C 638 60.53 -5.01 20.18
N ILE C 639 60.83 -5.84 21.17
CA ILE C 639 62.12 -5.83 21.84
C ILE C 639 63.22 -5.93 20.80
N VAL C 640 63.14 -6.95 19.95
CA VAL C 640 64.14 -7.19 18.91
C VAL C 640 64.30 -5.98 17.98
N SER C 641 63.20 -5.41 17.53
CA SER C 641 63.24 -4.21 16.70
C SER C 641 64.06 -3.13 17.36
N ARG C 642 63.69 -2.79 18.59
CA ARG C 642 64.36 -1.74 19.34
C ARG C 642 65.88 -1.98 19.46
N LYS C 643 66.28 -3.23 19.68
CA LYS C 643 67.70 -3.60 19.67
C LYS C 643 68.35 -3.39 18.29
N SER C 644 67.68 -3.88 17.25
CA SER C 644 68.17 -3.75 15.87
C SER C 644 68.34 -2.29 15.46
N GLU C 645 67.35 -1.46 15.81
CA GLU C 645 67.35 -0.06 15.45
C GLU C 645 68.61 0.61 15.96
N LEU C 646 69.06 0.19 17.14
CA LEU C 646 70.28 0.72 17.72
C LEU C 646 71.48 0.12 17.04
N ASP C 647 71.54 -1.22 17.00
CA ASP C 647 72.64 -1.95 16.36
C ASP C 647 72.94 -1.50 14.93
N ASN C 648 71.90 -1.32 14.12
CA ASN C 648 72.07 -0.86 12.74
C ASN C 648 72.98 0.36 12.68
N LEU C 649 72.66 1.35 13.52
CA LEU C 649 73.42 2.59 13.62
C LEU C 649 74.87 2.35 14.00
N VAL C 650 75.10 1.46 14.95
CA VAL C 650 76.46 1.12 15.37
C VAL C 650 77.24 0.63 14.15
N LYS C 651 76.67 -0.36 13.47
CA LYS C 651 77.26 -0.87 12.23
C LYS C 651 77.52 0.24 11.21
N GLN C 652 76.57 1.16 11.05
CA GLN C 652 76.76 2.30 10.16
C GLN C 652 78.00 3.10 10.53
N LYS C 653 78.02 3.64 11.75
CA LYS C 653 79.12 4.49 12.19
C LYS C 653 80.49 3.82 12.03
N GLN C 654 80.54 2.52 12.24
CA GLN C 654 81.76 1.74 12.12
C GLN C 654 82.23 1.56 10.68
N THR C 655 81.30 1.48 9.74
CA THR C 655 81.61 1.15 8.35
C THR C 655 81.49 2.33 7.38
N ARG C 656 80.27 2.81 7.19
CA ARG C 656 79.96 3.88 6.24
C ARG C 656 80.25 5.26 6.81
N GLU C 657 80.41 6.24 5.94
CA GLU C 657 80.42 7.65 6.33
C GLU C 657 79.13 8.25 5.79
N ILE C 658 78.54 9.20 6.53
CA ILE C 658 77.28 9.83 6.10
C ILE C 658 77.25 11.36 6.29
N ASN C 659 76.57 12.03 5.37
CA ASN C 659 76.27 13.45 5.51
C ASN C 659 75.17 13.59 6.57
N ARG C 660 75.56 13.95 7.79
CA ARG C 660 74.64 14.04 8.92
C ARG C 660 73.40 14.87 8.58
N GLU C 661 73.57 15.90 7.76
CA GLU C 661 72.46 16.78 7.44
C GLU C 661 71.49 16.22 6.37
N SER C 662 72.03 15.60 5.33
CA SER C 662 71.21 14.94 4.30
C SER C 662 70.33 13.91 4.96
N GLU C 663 70.96 13.08 5.78
CA GLU C 663 70.28 12.06 6.56
C GLU C 663 69.24 12.70 7.46
N PHE C 664 69.62 13.71 8.22
CA PHE C 664 68.68 14.41 9.07
C PHE C 664 67.45 14.81 8.26
N ASN C 665 67.67 15.33 7.06
CA ASN C 665 66.56 15.79 6.22
C ASN C 665 65.76 14.65 5.62
N ARG C 666 66.46 13.61 5.19
CA ARG C 666 65.80 12.39 4.73
C ARG C 666 64.90 11.79 5.81
N LEU C 667 65.33 11.88 7.07
CA LEU C 667 64.60 11.31 8.20
C LEU C 667 63.46 12.18 8.72
N LYS C 668 63.57 13.50 8.53
CA LYS C 668 62.47 14.40 8.87
C LYS C 668 61.36 14.32 7.83
N ASN C 669 61.74 13.98 6.59
CA ASN C 669 60.81 13.67 5.51
C ASN C 669 59.91 12.48 5.83
N LEU C 670 60.51 11.40 6.34
CA LEU C 670 59.77 10.20 6.73
C LEU C 670 58.65 10.54 7.72
N GLN C 671 59.02 11.16 8.84
CA GLN C 671 58.06 11.69 9.81
C GLN C 671 57.00 12.55 9.13
N GLU C 672 57.41 13.35 8.16
CA GLU C 672 56.51 14.25 7.48
C GLU C 672 55.55 13.53 6.51
N ASP C 673 56.12 12.70 5.62
CA ASP C 673 55.37 11.90 4.65
C ASP C 673 54.32 11.03 5.31
N VAL C 674 54.72 10.39 6.40
CA VAL C 674 53.93 9.40 7.10
C VAL C 674 52.80 10.03 7.90
N ILE C 675 53.10 11.14 8.56
CA ILE C 675 52.10 11.90 9.31
C ILE C 675 51.00 12.43 8.38
N ALA C 676 51.34 12.66 7.12
CA ALA C 676 50.42 13.19 6.10
C ALA C 676 49.38 12.16 5.72
N GLN C 677 49.86 10.98 5.35
CA GLN C 677 49.02 9.85 5.04
C GLN C 677 48.13 9.50 6.23
N LEU C 678 48.65 9.66 7.44
CA LEU C 678 47.88 9.42 8.65
C LEU C 678 46.71 10.36 8.70
N GLN C 679 46.97 11.64 8.42
CA GLN C 679 45.94 12.66 8.47
C GLN C 679 44.81 12.40 7.50
N LYS C 680 45.16 11.91 6.31
CA LYS C 680 44.18 11.56 5.30
C LYS C 680 43.23 10.48 5.83
N ILE C 681 43.82 9.45 6.41
CA ILE C 681 43.08 8.37 7.07
C ILE C 681 42.23 8.92 8.19
N GLU C 682 42.80 9.78 9.02
CA GLU C 682 42.04 10.36 10.12
C GLU C 682 40.93 11.29 9.65
N ALA C 683 41.15 11.94 8.49
CA ALA C 683 40.13 12.79 7.87
C ALA C 683 38.98 11.96 7.32
N ALA C 684 39.29 10.90 6.58
CA ALA C 684 38.27 10.00 6.04
C ALA C 684 37.33 9.53 7.14
N TYR C 685 37.92 8.93 8.18
CA TYR C 685 37.15 8.49 9.36
C TYR C 685 36.35 9.66 9.94
N SER C 686 37.04 10.77 10.20
CA SER C 686 36.45 11.96 10.80
C SER C 686 35.23 12.50 10.03
N ASN C 687 35.36 12.57 8.70
CA ASN C 687 34.31 13.06 7.80
C ASN C 687 33.07 12.18 7.84
N LEU C 688 33.31 10.86 7.79
CA LEU C 688 32.25 9.87 7.90
C LEU C 688 31.49 10.12 9.20
N LEU C 689 32.16 9.90 10.34
CA LEU C 689 31.53 10.05 11.65
C LEU C 689 30.79 11.38 11.87
N ALA C 690 31.28 12.45 11.24
CA ALA C 690 30.66 13.77 11.35
C ALA C 690 29.44 13.88 10.45
N TYR C 691 29.51 13.26 9.27
CA TYR C 691 28.35 13.15 8.39
C TYR C 691 27.19 12.52 9.15
N TYR C 692 27.46 11.37 9.77
CA TYR C 692 26.46 10.62 10.54
C TYR C 692 25.89 11.42 11.71
N SER C 693 26.75 12.20 12.38
CA SER C 693 26.33 12.97 13.54
C SER C 693 25.33 14.08 13.20
N HIS C 694 25.39 14.60 11.98
CA HIS C 694 24.50 15.68 11.56
C HIS C 694 23.38 15.21 10.62
N HIS C 695 23.24 13.88 10.48
CA HIS C 695 22.24 13.29 9.58
C HIS C 695 21.61 12.03 10.20
N GLN D 4 18.75 30.46 17.27
CA GLN D 4 18.15 30.16 18.61
C GLN D 4 19.13 29.53 19.59
N VAL D 5 19.31 30.19 20.75
CA VAL D 5 20.25 29.73 21.78
C VAL D 5 19.66 28.66 22.72
N ALA D 6 20.55 27.91 23.36
CA ALA D 6 20.18 26.86 24.30
C ALA D 6 19.35 27.39 25.47
N THR D 7 19.62 28.63 25.88
CA THR D 7 18.90 29.26 27.00
C THR D 7 17.39 29.33 26.75
N ASP D 8 17.01 29.85 25.59
CA ASP D 8 15.61 29.94 25.19
C ASP D 8 15.05 28.57 24.85
N ARG D 9 15.80 27.79 24.07
CA ARG D 9 15.44 26.42 23.73
C ARG D 9 15.07 25.60 24.98
N PHE D 10 15.69 25.91 26.11
CA PHE D 10 15.37 25.29 27.39
C PHE D 10 14.09 25.88 27.96
N ILE D 11 13.93 27.20 27.88
CA ILE D 11 12.72 27.86 28.38
C ILE D 11 11.51 27.52 27.50
N GLN D 12 11.77 27.25 26.22
CA GLN D 12 10.76 26.87 25.25
C GLN D 12 10.19 25.50 25.61
N ASP D 13 11.08 24.50 25.66
CA ASP D 13 10.73 23.13 26.04
C ASP D 13 10.00 23.04 27.37
N LEU D 14 10.52 23.79 28.34
CA LEU D 14 10.00 23.81 29.70
C LEU D 14 8.56 24.28 29.76
N GLU D 15 8.21 25.24 28.88
CA GLU D 15 6.86 25.80 28.81
C GLU D 15 5.91 24.86 28.08
N ARG D 16 6.40 24.22 27.03
CA ARG D 16 5.64 23.19 26.34
C ARG D 16 5.16 22.13 27.34
N VAL D 17 6.06 21.65 28.19
CA VAL D 17 5.71 20.66 29.21
C VAL D 17 4.65 21.22 30.15
N ALA D 18 4.85 22.45 30.65
CA ALA D 18 3.88 23.06 31.57
C ALA D 18 2.49 23.19 30.94
N GLN D 19 2.46 23.54 29.66
CA GLN D 19 1.23 23.57 28.86
C GLN D 19 0.58 22.19 28.87
N VAL D 20 1.32 21.21 28.34
CA VAL D 20 0.88 19.83 28.24
C VAL D 20 0.50 19.30 29.62
N ARG D 21 1.15 19.82 30.65
CA ARG D 21 0.83 19.50 32.03
C ARG D 21 -0.52 20.08 32.42
N SER D 22 -0.74 21.34 32.07
CA SER D 22 -1.94 22.06 32.49
C SER D 22 -3.22 21.52 31.84
N GLU D 23 -3.16 21.15 30.56
CA GLU D 23 -4.33 20.58 29.89
C GLU D 23 -4.78 19.29 30.57
N MET D 24 -3.85 18.35 30.74
CA MET D 24 -4.14 17.12 31.47
C MET D 24 -4.85 17.43 32.79
N SER D 25 -4.36 18.44 33.51
CA SER D 25 -4.94 18.83 34.78
C SER D 25 -6.38 19.31 34.63
N VAL D 26 -6.64 20.08 33.57
CA VAL D 26 -7.99 20.55 33.25
C VAL D 26 -8.88 19.38 32.80
N CYS D 27 -8.32 18.48 32.00
CA CYS D 27 -9.00 17.26 31.61
C CYS D 27 -9.32 16.38 32.80
N LEU D 28 -8.37 16.23 33.74
CA LEU D 28 -8.56 15.40 34.92
C LEU D 28 -9.64 15.93 35.84
N ASN D 29 -9.64 17.24 36.08
CA ASN D 29 -10.71 17.89 36.85
C ASN D 29 -12.09 17.70 36.23
N LYS D 30 -12.19 17.77 34.91
CA LYS D 30 -13.45 17.57 34.19
C LYS D 30 -13.87 16.11 34.22
N LEU D 31 -12.89 15.21 34.26
CA LEU D 31 -13.15 13.79 34.36
C LEU D 31 -13.74 13.44 35.73
N ALA D 32 -13.05 13.82 36.80
CA ALA D 32 -13.51 13.54 38.16
C ALA D 32 -14.88 14.17 38.42
N GLU D 33 -15.07 15.38 37.90
CA GLU D 33 -16.35 16.08 37.97
C GLU D 33 -17.45 15.28 37.28
N THR D 34 -17.14 14.77 36.08
CA THR D 34 -18.07 13.90 35.32
C THR D 34 -18.46 12.64 36.10
N ILE D 35 -17.48 11.82 36.47
CA ILE D 35 -17.72 10.64 37.31
C ILE D 35 -18.56 11.01 38.52
N ASN D 36 -18.17 12.07 39.22
CA ASN D 36 -18.86 12.49 40.43
C ASN D 36 -20.32 12.91 40.20
N LYS D 37 -20.55 13.65 39.11
CA LYS D 37 -21.88 14.15 38.78
C LYS D 37 -22.80 12.98 38.46
N ALA D 38 -22.29 12.07 37.64
CA ALA D 38 -23.02 10.86 37.27
C ALA D 38 -23.33 10.05 38.52
N GLU D 39 -22.55 10.29 39.56
CA GLU D 39 -22.64 9.51 40.78
C GLU D 39 -23.71 10.07 41.70
N LEU D 40 -23.67 11.38 41.92
CA LEU D 40 -24.65 12.06 42.77
C LEU D 40 -26.00 12.17 42.07
N ALA D 41 -26.05 11.77 40.81
CA ALA D 41 -27.31 11.61 40.08
C ALA D 41 -27.74 10.14 40.10
N GLY D 42 -26.89 9.30 40.68
CA GLY D 42 -27.02 7.86 40.59
C GLY D 42 -27.87 7.22 41.67
N ASP D 43 -27.56 7.50 42.94
CA ASP D 43 -28.24 6.80 44.04
C ASP D 43 -29.67 7.27 44.25
N SER D 44 -30.19 8.06 43.30
CA SER D 44 -31.61 8.40 43.23
C SER D 44 -32.20 7.80 41.95
N SER D 45 -31.31 7.33 41.09
CA SER D 45 -31.68 6.64 39.86
C SER D 45 -31.41 5.13 39.99
N SER D 46 -30.54 4.60 39.14
CA SER D 46 -30.23 3.16 39.13
C SER D 46 -29.36 2.73 40.30
N GLY D 47 -28.69 3.68 40.91
CA GLY D 47 -27.79 3.39 42.02
C GLY D 47 -26.35 3.64 41.60
N LYS D 48 -25.58 4.14 42.55
CA LYS D 48 -24.16 4.40 42.36
C LYS D 48 -23.42 3.19 41.84
N LEU D 49 -22.60 3.38 40.82
CA LEU D 49 -21.51 2.45 40.55
C LEU D 49 -20.55 2.84 41.64
N SER D 50 -19.76 1.91 42.13
CA SER D 50 -18.88 2.30 43.23
C SER D 50 -17.51 2.73 42.72
N LEU D 51 -17.41 4.03 42.39
CA LEU D 51 -16.23 4.59 41.74
C LEU D 51 -15.59 5.70 42.58
N GLU D 52 -15.81 5.67 43.90
CA GLU D 52 -15.24 6.65 44.83
C GLU D 52 -13.71 6.61 44.83
N ARG D 53 -13.15 5.41 44.73
CA ARG D 53 -11.71 5.19 44.73
C ARG D 53 -11.03 5.85 43.53
N ASP D 54 -11.77 5.96 42.42
CA ASP D 54 -11.23 6.54 41.18
C ASP D 54 -11.34 8.05 41.14
N ILE D 55 -12.36 8.60 41.81
CA ILE D 55 -12.59 10.04 41.83
C ILE D 55 -11.44 10.75 42.57
N GLU D 56 -11.08 10.24 43.75
CA GLU D 56 -10.00 10.85 44.51
C GLU D 56 -8.63 10.68 43.84
N ASP D 57 -8.29 9.49 43.36
CA ASP D 57 -7.02 9.28 42.64
C ASP D 57 -6.87 10.28 41.48
N ILE D 58 -7.97 10.50 40.78
CA ILE D 58 -8.03 11.50 39.70
C ILE D 58 -7.84 12.91 40.28
N THR D 59 -8.62 13.26 41.30
CA THR D 59 -8.52 14.57 41.96
C THR D 59 -7.10 14.84 42.45
N ILE D 60 -6.57 13.93 43.28
CA ILE D 60 -5.21 14.01 43.77
C ILE D 60 -4.25 14.24 42.62
N ALA D 61 -4.32 13.41 41.58
CA ALA D 61 -3.44 13.53 40.41
C ALA D 61 -3.51 14.91 39.75
N SER D 62 -4.71 15.45 39.64
CA SER D 62 -4.90 16.77 39.05
C SER D 62 -4.28 17.88 39.91
N LYS D 63 -4.48 17.81 41.23
CA LYS D 63 -3.88 18.78 42.15
C LYS D 63 -2.36 18.73 42.12
N ASN D 64 -1.80 17.53 41.99
CA ASN D 64 -0.36 17.39 41.95
C ASN D 64 0.25 17.78 40.60
N LEU D 65 -0.58 17.79 39.55
CA LEU D 65 -0.15 18.26 38.24
C LEU D 65 0.02 19.78 38.15
N GLN D 66 -0.90 20.54 38.73
CA GLN D 66 -0.80 22.01 38.64
C GLN D 66 0.25 22.58 39.60
N GLN D 67 0.54 21.86 40.68
CA GLN D 67 1.55 22.30 41.64
C GLN D 67 2.95 21.84 41.25
N GLY D 68 3.13 20.52 41.13
CA GLY D 68 4.41 19.90 40.77
C GLY D 68 5.41 20.74 39.98
N VAL D 69 6.65 20.73 40.45
CA VAL D 69 7.73 21.55 39.91
C VAL D 69 9.02 20.73 39.82
N PHE D 70 9.85 21.02 38.82
CA PHE D 70 11.17 20.40 38.71
C PHE D 70 12.12 20.94 39.78
N ARG D 71 12.65 20.05 40.62
CA ARG D 71 13.53 20.47 41.69
C ARG D 71 15.01 20.15 41.38
N LEU D 72 15.85 21.15 41.50
CA LEU D 72 17.28 21.00 41.26
C LEU D 72 18.03 21.30 42.54
N LEU D 73 18.75 20.31 43.04
CA LEU D 73 19.56 20.47 44.24
C LEU D 73 20.99 20.79 43.84
N VAL D 74 21.49 21.92 44.31
CA VAL D 74 22.81 22.39 43.96
C VAL D 74 23.81 22.18 45.11
N LEU D 75 24.74 21.25 44.94
CA LEU D 75 25.70 20.88 45.99
C LEU D 75 27.13 21.25 45.63
N GLY D 76 27.97 21.40 46.65
CA GLY D 76 29.38 21.71 46.46
C GLY D 76 29.99 22.48 47.62
N ASP D 77 31.31 22.34 47.77
CA ASP D 77 32.06 23.16 48.72
C ASP D 77 31.90 24.65 48.51
N MET D 78 32.32 25.41 49.52
CA MET D 78 32.48 26.85 49.41
C MET D 78 33.70 27.11 48.55
N LYS D 79 33.74 28.27 47.91
CA LYS D 79 34.87 28.68 47.09
C LYS D 79 35.02 27.87 45.81
N ARG D 80 33.92 27.31 45.31
CA ARG D 80 33.91 26.62 44.01
C ARG D 80 33.10 27.38 42.95
N GLY D 81 32.54 28.53 43.34
CA GLY D 81 31.79 29.36 42.43
C GLY D 81 30.37 28.85 42.20
N LYS D 82 29.86 28.11 43.17
CA LYS D 82 28.51 27.56 43.12
C LYS D 82 27.44 28.63 42.90
N SER D 83 27.59 29.80 43.51
CA SER D 83 26.51 30.78 43.42
C SER D 83 26.66 31.63 42.20
N THR D 84 27.88 31.71 41.71
CA THR D 84 28.17 32.31 40.42
C THR D 84 27.60 31.42 39.33
N PHE D 85 27.80 30.11 39.46
CA PHE D 85 27.19 29.14 38.57
C PHE D 85 25.70 29.37 38.52
N LEU D 86 25.09 29.45 39.70
CA LEU D 86 23.65 29.63 39.79
C LEU D 86 23.22 30.93 39.18
N ASN D 87 23.91 32.01 39.54
CA ASN D 87 23.60 33.32 38.97
C ASN D 87 23.60 33.28 37.45
N ALA D 88 24.60 32.63 36.86
CA ALA D 88 24.64 32.47 35.42
C ALA D 88 23.40 31.72 34.96
N LEU D 89 23.08 30.61 35.65
CA LEU D 89 21.96 29.75 35.29
C LEU D 89 20.67 30.55 35.26
N ILE D 90 20.37 31.23 36.36
CA ILE D 90 19.09 31.91 36.51
C ILE D 90 18.98 33.16 35.65
N GLY D 91 20.06 33.91 35.52
CA GLY D 91 20.05 35.11 34.66
C GLY D 91 20.55 36.41 35.25
N GLU D 92 20.87 36.42 36.54
CA GLU D 92 21.39 37.63 37.17
C GLU D 92 22.13 37.39 38.49
N ASN D 93 22.91 38.41 38.88
CA ASN D 93 23.75 38.38 40.06
C ASN D 93 22.91 38.48 41.32
N LEU D 94 22.28 37.37 41.68
CA LEU D 94 21.26 37.34 42.72
C LEU D 94 21.73 36.82 44.09
N LEU D 95 22.39 35.66 44.09
CA LEU D 95 22.96 35.08 45.32
C LEU D 95 24.33 35.69 45.57
N PRO D 96 24.65 36.06 46.82
CA PRO D 96 26.01 36.49 47.13
C PRO D 96 26.96 35.30 47.02
N SER D 97 28.22 35.55 46.66
CA SER D 97 29.12 34.43 46.38
C SER D 97 29.58 33.70 47.64
N ASP D 98 29.49 32.36 47.59
CA ASP D 98 29.79 31.47 48.71
C ASP D 98 31.27 31.36 49.05
N VAL D 99 31.73 32.21 49.98
CA VAL D 99 33.13 32.20 50.38
C VAL D 99 33.32 32.05 51.88
N ASN D 100 32.40 32.58 52.67
CA ASN D 100 32.51 32.48 54.13
C ASN D 100 31.75 31.30 54.70
N PRO D 101 32.49 30.32 55.28
CA PRO D 101 31.98 29.07 55.88
C PRO D 101 30.70 29.22 56.70
N CYS D 102 30.49 30.38 57.31
CA CYS D 102 29.32 30.60 58.16
C CYS D 102 28.77 32.01 57.98
N THR D 103 28.31 32.28 56.77
CA THR D 103 27.53 33.46 56.44
C THR D 103 26.36 32.94 55.63
N ALA D 104 26.66 31.96 54.77
CA ALA D 104 25.66 31.39 53.87
C ALA D 104 24.70 30.46 54.60
N VAL D 105 23.44 30.50 54.18
CA VAL D 105 22.40 29.62 54.68
C VAL D 105 21.62 28.98 53.53
N LEU D 106 20.96 27.88 53.81
CA LEU D 106 20.27 27.11 52.79
C LEU D 106 19.14 27.93 52.17
N THR D 107 19.17 28.04 50.84
CA THR D 107 18.22 28.88 50.11
C THR D 107 17.40 28.06 49.13
N VAL D 108 16.09 28.31 49.10
CA VAL D 108 15.22 27.72 48.09
C VAL D 108 14.79 28.88 47.21
N LEU D 109 14.74 28.61 45.91
CA LEU D 109 14.53 29.65 44.92
C LEU D 109 13.44 29.21 43.97
N ARG D 110 12.37 29.97 43.89
CA ARG D 110 11.24 29.63 43.01
C ARG D 110 10.53 30.87 42.48
N TYR D 111 9.63 30.66 41.53
CA TYR D 111 8.93 31.77 40.88
C TYR D 111 8.05 32.58 41.83
N GLY D 112 7.92 33.87 41.52
CA GLY D 112 7.03 34.77 42.25
C GLY D 112 6.92 36.10 41.53
N PRO D 113 5.70 36.67 41.47
CA PRO D 113 5.47 37.93 40.74
C PRO D 113 6.29 39.07 41.33
N GLU D 114 6.39 39.12 42.66
CA GLU D 114 7.22 40.10 43.34
C GLU D 114 8.32 39.46 44.17
N LYS D 115 9.43 40.16 44.32
CA LYS D 115 10.61 39.66 45.00
C LYS D 115 10.39 39.58 46.51
N LYS D 116 9.98 38.42 46.98
CA LYS D 116 9.71 38.19 48.41
C LYS D 116 10.64 37.11 48.97
N VAL D 117 11.10 37.33 50.20
CA VAL D 117 11.90 36.32 50.90
C VAL D 117 11.19 35.87 52.19
N THR D 118 10.83 34.59 52.24
CA THR D 118 10.22 33.97 53.43
C THR D 118 11.30 33.28 54.28
N ILE D 119 11.60 33.85 55.45
CA ILE D 119 12.61 33.25 56.34
C ILE D 119 12.00 32.26 57.37
N HIS D 120 12.42 30.99 57.28
CA HIS D 120 12.04 29.97 58.24
C HIS D 120 13.08 29.86 59.34
N PHE D 121 12.63 29.73 60.59
CA PHE D 121 13.55 29.65 61.73
C PHE D 121 13.67 28.23 62.32
N ASN D 122 14.73 28.01 63.10
CA ASN D 122 14.96 26.71 63.76
C ASN D 122 14.70 26.71 65.27
N ASP D 123 14.71 27.91 65.87
CA ASP D 123 14.43 28.07 67.31
C ASP D 123 12.95 28.40 67.61
N GLY D 124 12.05 27.97 66.72
CA GLY D 124 10.62 27.99 66.98
C GLY D 124 9.82 29.18 66.50
N LYS D 125 10.45 30.37 66.45
CA LYS D 125 9.71 31.61 66.13
C LYS D 125 9.12 31.63 64.72
N SER D 126 8.02 32.37 64.56
CA SER D 126 7.27 32.45 63.31
C SER D 126 8.11 32.80 62.08
N PRO D 127 7.83 32.14 60.92
CA PRO D 127 8.50 32.48 59.67
C PRO D 127 8.34 33.97 59.29
N GLN D 128 9.39 34.74 59.56
CA GLN D 128 9.45 36.18 59.26
C GLN D 128 9.39 36.43 57.75
N GLN D 129 8.43 37.24 57.31
CA GLN D 129 8.34 37.63 55.90
C GLN D 129 8.89 39.03 55.66
N LEU D 130 9.62 39.19 54.56
CA LEU D 130 10.12 40.50 54.12
C LEU D 130 10.38 40.56 52.61
N ASP D 131 10.29 41.76 52.04
CA ASP D 131 10.61 42.02 50.64
C ASP D 131 12.11 41.83 50.40
N PHE D 132 12.46 41.46 49.17
CA PHE D 132 13.82 41.07 48.82
C PHE D 132 14.88 42.07 49.22
N GLN D 133 14.67 43.35 48.90
CA GLN D 133 15.65 44.38 49.24
C GLN D 133 15.74 44.60 50.76
N ASN D 134 14.62 44.42 51.45
CA ASN D 134 14.58 44.44 52.91
C ASN D 134 15.45 43.31 53.46
N PHE D 135 15.13 42.09 53.04
CA PHE D 135 15.93 40.89 53.34
C PHE D 135 17.42 41.09 53.11
N LYS D 136 17.78 41.50 51.88
CA LYS D 136 19.19 41.55 51.51
C LYS D 136 19.98 42.43 52.44
N TYR D 137 19.42 43.59 52.77
CA TYR D 137 20.09 44.57 53.62
C TYR D 137 20.30 44.06 55.05
N LYS D 138 19.32 43.33 55.57
CA LYS D 138 19.38 42.81 56.94
C LYS D 138 20.30 41.62 57.13
N TYR D 139 20.43 40.79 56.10
CA TYR D 139 21.22 39.57 56.22
C TYR D 139 22.59 39.60 55.55
N THR D 140 23.03 40.79 55.15
CA THR D 140 24.38 40.97 54.62
C THR D 140 25.26 41.62 55.69
N ILE D 141 26.25 40.87 56.16
CA ILE D 141 27.20 41.39 57.14
C ILE D 141 28.41 42.03 56.47
N ASP D 142 29.04 42.98 57.16
CA ASP D 142 30.23 43.68 56.65
C ASP D 142 31.47 42.77 56.60
N PRO D 143 32.43 43.07 55.70
CA PRO D 143 33.69 42.30 55.58
C PRO D 143 34.42 42.01 56.90
N ALA D 144 34.35 42.94 57.85
CA ALA D 144 35.01 42.80 59.16
C ALA D 144 34.34 41.75 60.04
N GLU D 145 33.04 41.93 60.30
CA GLU D 145 32.22 40.98 61.04
C GLU D 145 32.45 39.55 60.55
N ALA D 146 32.47 39.39 59.23
CA ALA D 146 32.69 38.09 58.60
C ALA D 146 34.00 37.42 59.03
N LYS D 147 35.12 38.15 58.98
CA LYS D 147 36.43 37.61 59.35
C LYS D 147 36.51 37.12 60.80
N LYS D 148 35.93 37.92 61.70
CA LYS D 148 35.94 37.63 63.13
C LYS D 148 35.11 36.40 63.49
N LEU D 149 33.86 36.37 63.05
CA LEU D 149 33.02 35.19 63.23
C LEU D 149 33.63 33.96 62.57
N GLU D 150 34.19 34.15 61.38
CA GLU D 150 34.77 33.07 60.57
C GLU D 150 35.88 32.33 61.31
N GLN D 151 36.91 33.07 61.73
CA GLN D 151 38.08 32.48 62.38
C GLN D 151 37.84 32.16 63.87
N GLU D 152 36.61 31.78 64.18
CA GLU D 152 36.21 31.34 65.51
C GLU D 152 35.35 30.08 65.43
N LYS D 153 34.04 30.25 65.56
CA LYS D 153 33.10 29.13 65.61
C LYS D 153 31.76 29.54 65.03
N LYS D 154 31.32 30.74 65.42
CA LYS D 154 29.91 31.11 65.33
C LYS D 154 29.35 31.26 63.92
N GLN D 155 28.32 30.47 63.66
CA GLN D 155 27.47 30.61 62.49
C GLN D 155 26.73 31.96 62.60
N ALA D 156 26.92 32.82 61.60
CA ALA D 156 26.43 34.22 61.64
C ALA D 156 24.95 34.39 61.98
N PHE D 157 24.11 33.49 61.47
CA PHE D 157 22.68 33.50 61.78
C PHE D 157 22.25 32.16 62.38
N PRO D 158 22.44 32.00 63.70
CA PRO D 158 22.20 30.74 64.41
C PRO D 158 20.75 30.31 64.34
N ASP D 159 19.85 31.26 64.53
CA ASP D 159 18.40 31.02 64.55
C ASP D 159 17.82 30.67 63.18
N VAL D 160 18.60 30.96 62.13
CA VAL D 160 18.13 30.83 60.75
C VAL D 160 18.20 29.40 60.25
N ASP D 161 17.04 28.84 59.89
CA ASP D 161 16.98 27.51 59.31
C ASP D 161 17.19 27.60 57.81
N TYR D 162 16.21 28.14 57.09
CA TYR D 162 16.28 28.25 55.64
C TYR D 162 15.41 29.38 55.08
N ALA D 163 15.95 30.08 54.08
CA ALA D 163 15.23 31.16 53.42
C ALA D 163 14.63 30.71 52.10
N VAL D 164 13.39 31.12 51.87
CA VAL D 164 12.72 30.91 50.59
C VAL D 164 12.68 32.25 49.84
N VAL D 165 13.35 32.30 48.69
CA VAL D 165 13.34 33.49 47.84
C VAL D 165 12.46 33.25 46.61
N GLU D 166 11.45 34.08 46.43
CA GLU D 166 10.66 34.12 45.21
C GLU D 166 11.11 35.30 44.36
N TYR D 167 11.36 35.04 43.10
CA TYR D 167 11.87 36.08 42.21
C TYR D 167 11.19 35.94 40.86
N PRO D 168 10.97 37.06 40.16
CA PRO D 168 10.34 36.90 38.86
C PRO D 168 11.37 36.58 37.78
N LEU D 169 12.12 35.50 37.98
CA LEU D 169 13.04 35.04 36.97
C LEU D 169 12.29 34.11 36.06
N THR D 170 12.46 34.31 34.76
CA THR D 170 11.68 33.56 33.78
C THR D 170 12.02 32.07 33.79
N LEU D 171 13.28 31.71 33.96
CA LEU D 171 13.67 30.30 34.12
C LEU D 171 12.87 29.59 35.22
N LEU D 172 12.69 30.24 36.37
CA LEU D 172 11.94 29.68 37.48
C LEU D 172 10.44 29.76 37.26
N GLN D 173 10.00 30.54 36.28
CA GLN D 173 8.56 30.68 36.00
C GLN D 173 7.99 29.44 35.31
N LYS D 174 8.82 28.80 34.50
CA LYS D 174 8.38 27.67 33.71
C LYS D 174 8.43 26.36 34.50
N GLY D 175 8.45 26.48 35.83
CA GLY D 175 8.35 25.31 36.72
C GLY D 175 9.69 24.72 37.13
N ILE D 176 10.58 25.58 37.63
CA ILE D 176 11.86 25.14 38.18
C ILE D 176 11.97 25.64 39.62
N GLU D 177 12.53 24.80 40.48
CA GLU D 177 12.90 25.18 41.82
C GLU D 177 14.35 24.80 42.02
N ILE D 178 15.12 25.72 42.58
CA ILE D 178 16.52 25.50 42.82
C ILE D 178 16.76 25.55 44.31
N VAL D 179 17.34 24.49 44.85
CA VAL D 179 17.74 24.49 46.24
C VAL D 179 19.26 24.66 46.31
N ASP D 180 19.69 25.83 46.78
CA ASP D 180 21.10 26.14 46.89
C ASP D 180 21.61 25.79 48.28
N SER D 181 22.17 24.58 48.41
CA SER D 181 22.74 24.15 49.68
C SER D 181 24.02 24.91 49.99
N PRO D 182 24.35 25.07 51.29
CA PRO D 182 25.67 25.54 51.66
C PRO D 182 26.73 24.46 51.43
N GLY D 183 27.84 24.53 52.16
CA GLY D 183 28.98 23.65 51.96
C GLY D 183 28.68 22.19 52.22
N LEU D 184 29.67 21.34 51.95
CA LEU D 184 29.52 19.91 52.10
C LEU D 184 29.41 19.48 53.56
N ASN D 185 30.20 20.10 54.43
CA ASN D 185 30.11 19.88 55.88
C ASN D 185 28.77 20.32 56.47
N ASP D 186 28.43 21.59 56.28
CA ASP D 186 27.17 22.14 56.78
C ASP D 186 25.94 21.38 56.25
N THR D 187 26.03 20.87 55.01
CA THR D 187 24.97 20.01 54.46
C THR D 187 24.96 18.61 55.06
N GLU D 188 26.14 18.05 55.35
CA GLU D 188 26.23 16.79 56.09
C GLU D 188 25.51 16.93 57.44
N ALA D 189 25.89 17.97 58.18
CA ALA D 189 25.29 18.33 59.47
C ALA D 189 23.76 18.49 59.44
N ARG D 190 23.17 18.44 58.25
CA ARG D 190 21.72 18.61 58.07
C ARG D 190 21.09 17.47 57.29
N ASN D 191 20.34 16.61 57.98
CA ASN D 191 19.72 15.45 57.35
C ASN D 191 18.50 15.72 56.47
N GLU D 192 17.85 16.87 56.69
CA GLU D 192 16.80 17.36 55.77
C GLU D 192 17.39 17.75 54.40
N LEU D 193 18.72 17.85 54.35
CA LEU D 193 19.48 18.07 53.13
C LEU D 193 20.04 16.74 52.60
N SER D 194 21.10 16.28 53.23
CA SER D 194 21.87 15.10 52.80
C SER D 194 21.07 13.80 52.69
N LEU D 195 19.85 13.81 53.22
CA LEU D 195 18.93 12.68 53.05
C LEU D 195 17.59 13.18 52.51
N GLY D 196 17.15 14.35 52.98
CA GLY D 196 15.88 14.93 52.58
C GLY D 196 15.84 15.26 51.10
N TYR D 197 16.54 16.33 50.72
CA TYR D 197 16.50 16.82 49.35
C TYR D 197 17.24 15.95 48.35
N VAL D 198 18.31 15.29 48.78
CA VAL D 198 19.04 14.36 47.91
C VAL D 198 18.05 13.38 47.31
N ASN D 199 17.21 12.79 48.16
CA ASN D 199 16.30 11.75 47.71
C ASN D 199 14.96 12.22 47.12
N ASN D 200 14.57 13.47 47.39
CA ASN D 200 13.45 14.08 46.65
C ASN D 200 13.79 15.35 45.86
N CYS D 201 14.46 15.15 44.72
CA CYS D 201 14.69 16.20 43.74
C CYS D 201 14.88 15.52 42.38
N HIS D 202 14.71 16.28 41.31
CA HIS D 202 14.81 15.69 39.97
C HIS D 202 16.25 15.44 39.53
N ALA D 203 17.16 16.33 39.95
CA ALA D 203 18.57 16.23 39.58
C ALA D 203 19.44 17.00 40.55
N ILE D 204 20.66 16.50 40.74
CA ILE D 204 21.64 17.16 41.57
C ILE D 204 22.68 17.85 40.68
N LEU D 205 22.87 19.14 40.92
CA LEU D 205 23.91 19.90 40.28
C LEU D 205 25.06 19.99 41.26
N PHE D 206 26.15 19.30 40.97
CA PHE D 206 27.29 19.25 41.89
C PHE D 206 28.39 20.13 41.35
N VAL D 207 28.69 21.21 42.05
CA VAL D 207 29.65 22.19 41.55
C VAL D 207 31.03 21.89 42.10
N MET D 208 31.96 21.65 41.19
CA MET D 208 33.38 21.49 41.54
C MET D 208 34.22 22.54 40.82
N ARG D 209 35.34 22.91 41.42
CA ARG D 209 36.31 23.81 40.79
C ARG D 209 37.40 22.99 40.08
N ALA D 210 37.77 23.41 38.87
CA ALA D 210 38.77 22.69 38.05
C ALA D 210 40.17 22.60 38.69
N SER D 211 40.64 23.71 39.27
CA SER D 211 41.97 23.76 39.91
C SER D 211 42.15 22.63 40.91
N GLN D 212 41.07 22.24 41.60
CA GLN D 212 41.12 21.24 42.66
C GLN D 212 40.15 20.11 42.40
N PRO D 213 40.51 19.21 41.48
CA PRO D 213 39.59 18.15 41.12
C PRO D 213 39.41 17.20 42.27
N CYS D 214 38.17 16.74 42.45
CA CYS D 214 37.82 15.64 43.36
C CYS D 214 38.56 15.64 44.70
N THR D 215 38.26 16.65 45.50
CA THR D 215 38.76 16.79 46.86
C THR D 215 38.38 15.59 47.71
N LEU D 216 39.15 15.38 48.79
CA LEU D 216 38.81 14.37 49.79
C LEU D 216 37.41 14.66 50.28
N GLY D 217 37.14 15.92 50.61
CA GLY D 217 35.80 16.34 51.01
C GLY D 217 34.66 15.92 50.09
N GLU D 218 34.90 16.05 48.79
CA GLU D 218 33.90 15.82 47.74
C GLU D 218 33.56 14.36 47.53
N ARG D 219 34.59 13.55 47.30
CA ARG D 219 34.39 12.11 47.12
C ARG D 219 33.88 11.41 48.39
N ARG D 220 34.21 11.97 49.55
CA ARG D 220 33.61 11.52 50.80
C ARG D 220 32.09 11.77 50.77
N TYR D 221 31.66 12.96 50.38
CA TYR D 221 30.24 13.25 50.27
C TYR D 221 29.60 12.33 49.23
N LEU D 222 30.25 12.18 48.08
CA LEU D 222 29.65 11.46 46.96
C LEU D 222 29.45 10.01 47.31
N GLU D 223 30.44 9.45 47.99
CA GLU D 223 30.42 8.07 48.45
C GLU D 223 29.35 7.83 49.53
N ASN D 224 29.26 8.75 50.48
CA ASN D 224 28.33 8.59 51.58
C ASN D 224 26.87 8.78 51.22
N TYR D 225 26.59 9.60 50.21
CA TYR D 225 25.22 10.04 49.96
C TYR D 225 24.72 9.86 48.54
N ILE D 226 25.62 9.62 47.59
CA ILE D 226 25.23 9.56 46.19
C ILE D 226 25.64 8.26 45.52
N LYS D 227 26.80 7.71 45.88
CA LYS D 227 27.23 6.48 45.24
C LYS D 227 26.20 5.38 45.38
N GLY D 228 25.77 4.84 44.24
CA GLY D 228 24.98 3.63 44.21
C GLY D 228 23.48 3.76 44.38
N ARG D 229 22.97 4.87 44.91
CA ARG D 229 21.52 4.99 45.04
C ARG D 229 20.77 5.52 43.79
N GLY D 230 21.38 5.32 42.63
CA GLY D 230 20.78 5.66 41.32
C GLY D 230 20.09 7.01 41.18
N LEU D 231 20.73 8.09 41.64
CA LEU D 231 20.24 9.45 41.47
C LEU D 231 20.77 10.02 40.15
N THR D 232 20.21 11.13 39.67
CA THR D 232 20.80 11.80 38.53
C THR D 232 21.57 13.02 38.98
N VAL D 233 22.89 12.92 38.93
CA VAL D 233 23.73 14.04 39.30
C VAL D 233 24.54 14.50 38.09
N PHE D 234 24.43 15.81 37.81
CA PHE D 234 25.25 16.53 36.84
C PHE D 234 26.44 17.08 37.59
N PHE D 235 27.63 16.90 37.03
CA PHE D 235 28.85 17.40 37.65
C PHE D 235 29.39 18.56 36.84
N LEU D 236 29.43 19.73 37.44
CA LEU D 236 29.93 20.91 36.75
C LEU D 236 31.31 21.22 37.26
N VAL D 237 32.28 21.09 36.37
CA VAL D 237 33.66 21.45 36.65
C VAL D 237 33.76 22.92 36.29
N ASN D 238 33.86 23.75 37.31
CA ASN D 238 33.79 25.18 37.14
C ASN D 238 35.18 25.77 37.03
N ALA D 239 35.24 27.09 36.83
CA ALA D 239 36.51 27.82 36.75
C ALA D 239 37.51 27.09 35.87
N TRP D 240 37.01 26.58 34.75
CA TRP D 240 37.79 25.77 33.83
C TRP D 240 38.93 26.56 33.21
N ASP D 241 38.68 27.85 33.00
CA ASP D 241 39.63 28.79 32.39
C ASP D 241 40.77 29.25 33.30
N GLN D 242 40.80 28.77 34.54
CA GLN D 242 41.85 29.18 35.48
C GLN D 242 42.91 28.11 35.67
N VAL D 243 42.79 27.02 34.90
CA VAL D 243 43.78 25.97 34.89
C VAL D 243 45.13 26.63 34.63
N ARG D 244 45.07 27.76 33.96
CA ARG D 244 46.25 28.47 33.50
C ARG D 244 47.14 29.01 34.63
N GLU D 245 46.56 29.30 35.80
CA GLU D 245 47.33 29.86 36.95
C GLU D 245 48.43 28.92 37.40
N SER D 246 48.11 27.64 37.40
CA SER D 246 48.99 26.63 37.91
C SER D 246 50.16 26.32 36.99
N LEU D 247 50.15 26.86 35.77
CA LEU D 247 51.16 26.48 34.77
C LEU D 247 52.53 27.01 35.10
N ILE D 248 53.56 26.26 34.70
CA ILE D 248 54.94 26.74 34.76
C ILE D 248 55.03 28.05 33.97
N ASP D 249 54.84 27.94 32.65
CA ASP D 249 54.76 29.06 31.75
C ASP D 249 53.30 29.25 31.34
N PRO D 250 52.66 30.30 31.86
CA PRO D 250 51.25 30.59 31.57
C PRO D 250 50.94 30.89 30.09
N ASP D 251 51.96 31.12 29.26
CA ASP D 251 51.72 31.50 27.86
C ASP D 251 51.92 30.35 26.86
N ASP D 252 52.00 29.13 27.39
CA ASP D 252 52.37 27.95 26.61
C ASP D 252 51.14 27.10 26.37
N VAL D 253 50.62 27.14 25.14
CA VAL D 253 49.38 26.42 24.83
C VAL D 253 49.51 24.93 25.03
N GLU D 254 50.69 24.39 24.70
CA GLU D 254 50.95 22.97 24.79
C GLU D 254 50.91 22.47 26.22
N GLU D 255 51.61 23.17 27.12
CA GLU D 255 51.55 22.87 28.55
C GLU D 255 50.12 22.97 29.09
N LEU D 256 49.38 23.96 28.61
CA LEU D 256 47.98 24.14 28.97
C LEU D 256 47.13 22.93 28.57
N GLN D 257 47.25 22.50 27.31
CA GLN D 257 46.44 21.39 26.85
C GLN D 257 46.75 20.14 27.67
N ALA D 258 48.04 19.90 27.95
CA ALA D 258 48.47 18.81 28.84
C ALA D 258 47.76 18.90 30.19
N SER D 259 47.94 20.03 30.85
CA SER D 259 47.37 20.32 32.15
C SER D 259 45.84 20.19 32.18
N GLU D 260 45.16 20.57 31.10
CA GLU D 260 43.71 20.35 31.02
C GLU D 260 43.39 18.85 30.89
N ASN D 261 44.11 18.16 30.01
CA ASN D 261 43.84 16.76 29.73
C ASN D 261 44.07 15.83 30.90
N ARG D 262 45.11 16.11 31.68
CA ARG D 262 45.39 15.27 32.83
C ARG D 262 44.49 15.61 34.01
N LEU D 263 44.07 16.87 34.09
CA LEU D 263 42.96 17.27 34.95
C LEU D 263 41.71 16.50 34.55
N ARG D 264 41.36 16.55 33.25
CA ARG D 264 40.18 15.84 32.73
C ARG D 264 40.18 14.39 33.18
N GLN D 265 41.36 13.75 33.16
CA GLN D 265 41.52 12.36 33.58
C GLN D 265 41.14 12.12 35.05
N VAL D 266 41.64 12.98 35.94
CA VAL D 266 41.32 12.89 37.36
C VAL D 266 39.81 12.83 37.52
N PHE D 267 39.11 13.74 36.85
CA PHE D 267 37.67 13.83 36.95
C PHE D 267 37.03 12.54 36.48
N ASN D 268 37.44 12.11 35.30
CA ASN D 268 36.93 10.89 34.71
C ASN D 268 37.25 9.63 35.52
N ALA D 269 38.42 9.60 36.16
CA ALA D 269 38.77 8.45 36.98
C ALA D 269 37.81 8.36 38.16
N ASN D 270 37.67 9.43 38.94
CA ASN D 270 36.84 9.46 40.14
C ASN D 270 35.33 9.51 39.91
N LEU D 271 34.91 10.01 38.74
CA LEU D 271 33.49 10.30 38.50
C LEU D 271 32.74 9.39 37.54
N ALA D 272 33.48 8.59 36.76
CA ALA D 272 32.88 7.77 35.70
C ALA D 272 31.78 6.89 36.27
N GLU D 273 32.10 6.22 37.39
CA GLU D 273 31.19 5.30 38.05
C GLU D 273 29.86 5.96 38.47
N TYR D 274 29.83 7.28 38.57
CA TYR D 274 28.62 8.01 38.92
C TYR D 274 27.79 8.34 37.71
N CYS D 275 28.40 8.29 36.53
CA CYS D 275 27.72 8.65 35.29
C CYS D 275 27.40 7.42 34.44
N THR D 276 27.20 6.28 35.11
CA THR D 276 26.86 5.03 34.44
C THR D 276 25.70 4.39 35.18
N VAL D 277 24.56 4.26 34.51
CA VAL D 277 23.31 3.90 35.20
C VAL D 277 23.08 2.38 35.30
N GLU D 278 22.99 1.73 34.15
CA GLU D 278 22.52 0.35 34.05
C GLU D 278 23.50 -0.47 33.19
N GLY D 279 24.78 -0.13 33.32
CA GLY D 279 25.79 -0.67 32.42
C GLY D 279 26.23 0.39 31.42
N GLN D 280 25.27 1.16 30.92
CA GLN D 280 25.54 2.21 29.93
C GLN D 280 26.26 3.42 30.53
N ASN D 281 27.36 3.82 29.90
CA ASN D 281 28.13 5.00 30.33
C ASN D 281 27.71 6.29 29.60
N ILE D 282 27.38 7.32 30.39
CA ILE D 282 26.90 8.59 29.83
C ILE D 282 27.65 9.81 30.39
N TYR D 283 28.94 9.63 30.67
CA TYR D 283 29.81 10.68 31.21
C TYR D 283 29.62 12.00 30.48
N ASP D 284 29.72 11.97 29.16
CA ASP D 284 29.59 13.15 28.30
C ASP D 284 28.30 13.95 28.48
N GLU D 285 27.29 13.34 29.09
CA GLU D 285 26.01 14.02 29.28
C GLU D 285 25.74 14.39 30.72
N ARG D 286 26.80 14.40 31.53
CA ARG D 286 26.68 14.63 32.97
C ARG D 286 27.82 15.47 33.55
N VAL D 287 28.94 15.49 32.86
CA VAL D 287 30.16 16.14 33.34
C VAL D 287 30.47 17.29 32.39
N PHE D 288 30.36 18.51 32.89
CA PHE D 288 30.50 19.67 32.04
C PHE D 288 31.53 20.67 32.55
N GLU D 289 32.41 21.10 31.66
CA GLU D 289 33.40 22.11 31.99
C GLU D 289 32.82 23.47 31.69
N LEU D 290 32.42 24.18 32.74
CA LEU D 290 31.83 25.49 32.61
C LEU D 290 32.80 26.60 32.94
N SER D 291 32.54 27.78 32.38
CA SER D 291 33.10 29.02 32.87
C SER D 291 31.92 29.91 33.28
N SER D 292 31.48 29.77 34.54
CA SER D 292 30.35 30.51 35.06
C SER D 292 30.56 32.00 34.96
N ILE D 293 31.74 32.47 35.34
CA ILE D 293 31.97 33.89 35.39
C ILE D 293 31.75 34.52 34.03
N GLN D 294 32.33 33.90 33.01
CA GLN D 294 32.22 34.36 31.63
C GLN D 294 30.74 34.35 31.24
N ALA D 295 30.01 33.33 31.65
CA ALA D 295 28.57 33.24 31.39
C ALA D 295 27.79 34.29 32.14
N LEU D 296 28.12 34.52 33.41
CA LEU D 296 27.42 35.55 34.18
C LEU D 296 27.57 36.94 33.55
N ARG D 297 28.81 37.29 33.19
CA ARG D 297 29.12 38.55 32.53
C ARG D 297 28.26 38.77 31.30
N ARG D 298 28.28 37.79 30.41
CA ARG D 298 27.54 37.87 29.15
C ARG D 298 26.04 38.14 29.37
N ARG D 299 25.43 37.33 30.22
CA ARG D 299 23.99 37.37 30.46
C ARG D 299 23.58 38.62 31.23
N LEU D 300 24.53 39.13 32.01
CA LEU D 300 24.35 40.40 32.71
C LEU D 300 24.32 41.55 31.71
N LYS D 301 25.06 41.40 30.60
CA LYS D 301 25.10 42.39 29.52
C LYS D 301 23.89 42.25 28.57
N ASN D 302 23.42 41.02 28.37
CA ASN D 302 22.25 40.70 27.56
C ASN D 302 21.64 39.39 27.99
N PRO D 303 20.44 39.42 28.60
CA PRO D 303 19.77 38.21 29.05
C PRO D 303 19.79 37.05 28.03
N GLN D 304 19.75 37.39 26.73
CA GLN D 304 19.62 36.40 25.65
C GLN D 304 20.95 36.05 24.95
N ALA D 305 22.06 36.55 25.48
CA ALA D 305 23.38 36.38 24.85
C ALA D 305 23.74 34.93 24.52
N ASP D 306 24.49 34.75 23.43
CA ASP D 306 25.03 33.46 23.02
C ASP D 306 26.09 33.03 24.03
N LEU D 307 25.98 31.80 24.52
CA LEU D 307 26.88 31.33 25.56
C LEU D 307 27.90 30.33 25.03
N ASP D 308 28.07 30.28 23.71
CA ASP D 308 29.05 29.35 23.14
C ASP D 308 30.45 29.66 23.67
N GLY D 309 31.16 28.62 24.07
CA GLY D 309 32.50 28.77 24.63
C GLY D 309 32.54 28.83 26.13
N THR D 310 31.38 29.04 26.76
CA THR D 310 31.28 29.08 28.22
C THR D 310 31.08 27.67 28.79
N GLY D 311 30.85 26.70 27.91
CA GLY D 311 30.58 25.32 28.34
C GLY D 311 29.12 25.08 28.70
N PHE D 312 28.36 26.17 28.84
CA PHE D 312 26.97 26.13 29.29
C PHE D 312 25.96 25.46 28.33
N PRO D 313 25.91 25.90 27.05
CA PRO D 313 24.95 25.31 26.12
C PRO D 313 24.94 23.80 26.14
N LYS D 314 26.10 23.16 26.05
CA LYS D 314 26.18 21.70 26.10
C LYS D 314 25.57 21.10 27.39
N PHE D 315 25.82 21.75 28.53
CA PHE D 315 25.24 21.34 29.80
C PHE D 315 23.73 21.55 29.80
N MET D 316 23.30 22.72 29.36
CA MET D 316 21.87 23.08 29.40
C MET D 316 20.98 22.22 28.51
N ASP D 317 21.52 21.71 27.42
CA ASP D 317 20.80 20.74 26.62
C ASP D 317 20.58 19.48 27.42
N SER D 318 21.64 18.96 28.02
CA SER D 318 21.56 17.66 28.65
C SER D 318 20.62 17.68 29.81
N LEU D 319 20.63 18.78 30.56
CA LEU D 319 19.67 18.98 31.65
C LEU D 319 18.28 19.11 31.07
N ASN D 320 18.20 19.78 29.93
CA ASN D 320 16.92 19.88 29.20
C ASN D 320 16.35 18.51 28.86
N THR D 321 17.06 17.72 28.04
CA THR D 321 16.59 16.39 27.62
C THR D 321 16.18 15.53 28.83
N PHE D 322 16.95 15.65 29.90
CA PHE D 322 16.67 14.88 31.09
C PHE D 322 15.35 15.30 31.69
N LEU D 323 15.16 16.60 31.91
CA LEU D 323 13.93 17.07 32.54
C LEU D 323 12.68 17.00 31.65
N THR D 324 12.82 17.34 30.37
CA THR D 324 11.64 17.50 29.53
C THR D 324 11.27 16.27 28.70
N ARG D 325 12.21 15.34 28.57
CA ARG D 325 11.97 14.13 27.76
C ARG D 325 12.01 12.82 28.57
N GLU D 326 12.59 12.86 29.76
CA GLU D 326 12.62 11.68 30.60
C GLU D 326 11.81 11.85 31.87
N ARG D 327 12.21 12.77 32.75
CA ARG D 327 11.45 12.97 33.97
C ARG D 327 10.04 13.54 33.74
N ALA D 328 9.78 14.00 32.52
CA ALA D 328 8.49 14.60 32.17
C ALA D 328 7.57 13.58 31.53
N ILE D 329 8.06 12.93 30.47
CA ILE D 329 7.33 11.84 29.82
C ILE D 329 6.93 10.77 30.86
N ALA D 330 7.81 10.45 31.80
CA ALA D 330 7.49 9.53 32.89
C ALA D 330 6.32 10.03 33.74
N GLU D 331 6.42 11.27 34.23
CA GLU D 331 5.37 11.91 35.01
C GLU D 331 4.02 11.81 34.30
N LEU D 332 4.01 12.07 33.00
CA LEU D 332 2.78 12.10 32.22
C LEU D 332 2.27 10.70 31.84
N ARG D 333 3.19 9.74 31.67
CA ARG D 333 2.84 8.35 31.37
C ARG D 333 1.89 7.82 32.44
N GLN D 334 2.31 7.94 33.69
CA GLN D 334 1.51 7.58 34.86
C GLN D 334 0.16 8.29 34.86
N VAL D 335 0.17 9.56 34.46
CA VAL D 335 -1.05 10.36 34.48
C VAL D 335 -2.08 9.81 33.50
N ARG D 336 -1.65 9.41 32.31
CA ARG D 336 -2.59 8.83 31.35
C ARG D 336 -3.00 7.42 31.78
N THR D 337 -2.04 6.62 32.26
CA THR D 337 -2.33 5.34 32.90
C THR D 337 -3.47 5.47 33.91
N LEU D 338 -3.33 6.42 34.83
CA LEU D 338 -4.31 6.70 35.88
C LEU D 338 -5.66 7.07 35.29
N ALA D 339 -5.64 7.82 34.19
CA ALA D 339 -6.86 8.23 33.50
C ALA D 339 -7.44 7.06 32.73
N ARG D 340 -6.57 6.19 32.21
CA ARG D 340 -7.00 4.97 31.53
C ARG D 340 -7.60 4.00 32.53
N LEU D 341 -7.19 4.10 33.80
CA LEU D 341 -7.76 3.26 34.85
C LEU D 341 -9.16 3.69 35.22
N ALA D 342 -9.34 4.99 35.43
CA ALA D 342 -10.61 5.53 35.91
C ALA D 342 -11.64 5.32 34.82
N CYS D 343 -11.18 5.46 33.59
CA CYS D 343 -12.02 5.34 32.43
C CYS D 343 -12.43 3.89 32.17
N ASN D 344 -11.50 2.96 32.34
CA ASN D 344 -11.82 1.53 32.23
C ASN D 344 -12.77 1.08 33.32
N HIS D 345 -12.50 1.48 34.56
CA HIS D 345 -13.31 1.06 35.69
C HIS D 345 -14.74 1.53 35.56
N THR D 346 -14.95 2.67 34.89
CA THR D 346 -16.30 3.17 34.61
C THR D 346 -16.93 2.37 33.47
N ARG D 347 -16.25 2.36 32.33
CA ARG D 347 -16.63 1.58 31.16
C ARG D 347 -17.07 0.17 31.59
N GLU D 348 -16.17 -0.56 32.25
CA GLU D 348 -16.46 -1.89 32.79
C GLU D 348 -17.69 -1.95 33.70
N ALA D 349 -17.88 -0.92 34.53
CA ALA D 349 -18.98 -0.92 35.51
C ALA D 349 -20.35 -0.73 34.84
N VAL D 350 -20.41 0.20 33.91
CA VAL D 350 -21.61 0.44 33.13
C VAL D 350 -21.95 -0.81 32.29
N ALA D 351 -20.92 -1.55 31.89
CA ALA D 351 -21.10 -2.78 31.13
C ALA D 351 -21.76 -3.90 31.96
N ARG D 352 -21.49 -3.93 33.26
CA ARG D 352 -22.16 -4.89 34.15
C ARG D 352 -23.57 -4.42 34.53
N ARG D 353 -23.73 -3.12 34.69
CA ARG D 353 -25.01 -2.55 35.07
C ARG D 353 -26.06 -2.66 33.97
N ILE D 354 -25.68 -2.33 32.72
CA ILE D 354 -26.63 -2.28 31.60
C ILE D 354 -27.54 -3.52 31.50
N PRO D 355 -26.93 -4.72 31.36
CA PRO D 355 -27.74 -5.92 31.14
C PRO D 355 -28.59 -6.31 32.34
N LEU D 356 -28.20 -5.84 33.53
CA LEU D 356 -28.89 -6.20 34.77
C LEU D 356 -30.12 -5.35 35.03
N LEU D 357 -30.23 -4.24 34.30
CA LEU D 357 -31.38 -3.33 34.43
C LEU D 357 -32.70 -4.02 34.11
N GLU D 358 -32.66 -4.90 33.11
CA GLU D 358 -33.88 -5.54 32.61
C GLU D 358 -34.20 -6.83 33.37
N GLN D 359 -33.26 -7.33 34.15
CA GLN D 359 -33.55 -8.40 35.12
C GLN D 359 -34.30 -7.81 36.32
N ASP D 360 -34.66 -8.65 37.28
CA ASP D 360 -35.36 -8.22 38.49
C ASP D 360 -35.96 -9.45 39.10
N VAL D 361 -35.67 -9.75 40.37
CA VAL D 361 -34.70 -9.08 41.23
C VAL D 361 -34.15 -10.27 42.01
N ASN D 362 -34.94 -11.34 41.93
CA ASN D 362 -34.57 -12.66 42.39
C ASN D 362 -33.57 -13.27 41.44
N GLU D 363 -33.58 -12.83 40.19
CA GLU D 363 -32.61 -13.26 39.20
C GLU D 363 -31.32 -12.49 39.47
N LEU D 364 -31.50 -11.24 39.88
CA LEU D 364 -30.37 -10.43 40.27
C LEU D 364 -29.74 -11.08 41.50
N LYS D 365 -30.56 -11.33 42.52
CA LYS D 365 -30.12 -12.00 43.74
C LYS D 365 -29.51 -13.38 43.43
N LYS D 366 -30.12 -14.12 42.50
CA LYS D 366 -29.63 -15.43 42.05
C LYS D 366 -28.24 -15.34 41.44
N ARG D 367 -28.07 -14.40 40.51
CA ARG D 367 -26.79 -14.16 39.86
C ARG D 367 -25.71 -13.79 40.86
N ILE D 368 -26.02 -12.85 41.74
CA ILE D 368 -25.11 -12.41 42.79
C ILE D 368 -24.66 -13.61 43.63
N ASP D 369 -25.61 -14.42 44.07
CA ASP D 369 -25.27 -15.62 44.85
C ASP D 369 -24.34 -16.55 44.09
N SER D 370 -24.51 -16.64 42.77
CA SER D 370 -23.71 -17.54 41.95
C SER D 370 -22.24 -17.13 41.88
N VAL D 371 -21.94 -15.91 42.31
CA VAL D 371 -20.59 -15.37 42.22
C VAL D 371 -19.86 -15.32 43.56
N GLU D 372 -20.58 -15.60 44.65
CA GLU D 372 -19.97 -15.60 45.98
C GLU D 372 -18.73 -16.50 46.09
N PRO D 373 -18.70 -17.66 45.39
CA PRO D 373 -17.44 -18.43 45.39
C PRO D 373 -16.24 -17.64 44.90
N GLU D 374 -16.46 -16.72 43.96
CA GLU D 374 -15.37 -15.97 43.32
C GLU D 374 -14.93 -14.73 44.05
N PHE D 375 -15.88 -14.02 44.65
CA PHE D 375 -15.54 -12.94 45.55
C PHE D 375 -14.68 -13.52 46.67
N ASN D 376 -15.04 -14.70 47.14
CA ASN D 376 -14.24 -15.44 48.12
C ASN D 376 -12.84 -15.76 47.58
N LYS D 377 -12.74 -15.92 46.26
CA LYS D 377 -11.47 -16.16 45.58
C LYS D 377 -10.63 -14.89 45.51
N LEU D 378 -11.26 -13.76 45.20
CA LEU D 378 -10.56 -12.47 45.18
C LEU D 378 -9.98 -12.18 46.57
N THR D 379 -10.81 -12.41 47.60
CA THR D 379 -10.38 -12.29 49.00
C THR D 379 -9.17 -13.19 49.30
N GLY D 380 -9.19 -14.40 48.76
CA GLY D 380 -8.03 -15.30 48.86
C GLY D 380 -6.76 -14.63 48.35
N ILE D 381 -6.87 -13.90 47.24
CA ILE D 381 -5.73 -13.17 46.67
C ILE D 381 -5.27 -12.07 47.63
N ARG D 382 -6.20 -11.25 48.12
CA ARG D 382 -5.89 -10.26 49.16
C ARG D 382 -5.12 -10.90 50.32
N ASP D 383 -5.66 -11.99 50.87
CA ASP D 383 -5.05 -12.68 52.00
C ASP D 383 -3.74 -13.43 51.74
N GLU D 384 -3.58 -13.99 50.54
CA GLU D 384 -2.33 -14.67 50.20
C GLU D 384 -1.20 -13.69 49.93
N PHE D 385 -1.51 -12.60 49.24
CA PHE D 385 -0.53 -11.56 48.96
C PHE D 385 -0.15 -10.85 50.25
N GLN D 386 -1.18 -10.52 51.03
CA GLN D 386 -1.03 -9.94 52.36
C GLN D 386 -0.03 -10.77 53.16
N LYS D 387 -0.24 -12.09 53.18
CA LYS D 387 0.63 -12.99 53.92
C LYS D 387 2.04 -13.06 53.35
N GLU D 388 2.16 -12.85 52.05
CA GLU D 388 3.46 -12.87 51.40
C GLU D 388 4.26 -11.59 51.69
N ILE D 389 3.54 -10.46 51.75
CA ILE D 389 4.14 -9.18 52.08
C ILE D 389 4.68 -9.21 53.52
N ILE D 390 3.87 -9.69 54.44
CA ILE D 390 4.28 -9.80 55.84
C ILE D 390 5.45 -10.79 56.02
N ASN D 391 5.40 -11.90 55.30
CA ASN D 391 6.47 -12.88 55.37
C ASN D 391 7.80 -12.28 54.94
N THR D 392 7.73 -11.35 54.00
CA THR D 392 8.90 -10.62 53.50
C THR D 392 9.41 -9.59 54.50
N ARG D 393 8.51 -8.82 55.12
CA ARG D 393 8.93 -7.86 56.13
C ARG D 393 9.53 -8.55 57.34
N ASP D 394 9.21 -9.81 57.54
CA ASP D 394 9.85 -10.55 58.60
C ASP D 394 11.19 -11.08 58.15
N THR D 395 11.23 -11.70 56.97
CA THR D 395 12.48 -12.23 56.44
C THR D 395 13.50 -11.11 56.30
N GLN D 396 13.07 -9.98 55.76
CA GLN D 396 13.96 -8.90 55.43
C GLN D 396 14.43 -8.15 56.67
N ALA D 397 13.49 -7.84 57.57
CA ALA D 397 13.81 -7.10 58.81
C ALA D 397 14.75 -7.85 59.75
N ARG D 398 14.70 -9.17 59.70
CA ARG D 398 15.63 -9.99 60.46
C ARG D 398 17.00 -9.99 59.78
N THR D 399 17.00 -10.32 58.47
CA THR D 399 18.22 -10.39 57.68
C THR D 399 19.06 -9.11 57.71
N ILE D 400 18.41 -7.96 57.53
CA ILE D 400 19.09 -6.67 57.54
C ILE D 400 19.62 -6.32 58.95
N SER D 401 18.93 -6.80 59.98
CA SER D 401 19.38 -6.60 61.36
C SER D 401 20.64 -7.39 61.72
N GLU D 402 20.69 -8.66 61.33
CA GLU D 402 21.90 -9.46 61.52
C GLU D 402 23.06 -8.91 60.66
N SER D 403 22.74 -8.40 59.48
CA SER D 403 23.71 -7.77 58.60
C SER D 403 24.31 -6.53 59.25
N PHE D 404 23.48 -5.80 59.98
CA PHE D 404 23.93 -4.67 60.78
C PHE D 404 24.85 -5.15 61.89
N ARG D 405 24.34 -6.00 62.77
CA ARG D 405 25.14 -6.65 63.82
C ARG D 405 26.50 -7.09 63.29
N SER D 406 26.46 -7.88 62.22
CA SER D 406 27.65 -8.50 61.63
C SER D 406 28.64 -7.48 61.06
N TYR D 407 28.11 -6.34 60.62
CA TYR D 407 28.94 -5.23 60.14
C TYR D 407 29.57 -4.51 61.31
N VAL D 408 28.75 -4.16 62.30
CA VAL D 408 29.19 -3.44 63.48
C VAL D 408 30.27 -4.19 64.27
N LEU D 409 30.11 -5.50 64.49
CA LEU D 409 31.13 -6.31 65.19
C LEU D 409 32.40 -6.55 64.36
N ASN D 410 32.30 -6.41 63.04
CA ASN D 410 33.43 -6.57 62.13
C ASN D 410 34.23 -5.29 61.88
N LEU D 411 34.04 -4.30 62.75
CA LEU D 411 34.71 -3.01 62.58
C LEU D 411 36.16 -3.03 63.03
N GLY D 412 36.43 -3.71 64.14
CA GLY D 412 37.78 -3.83 64.68
C GLY D 412 38.82 -4.44 63.74
N ASN D 413 38.38 -4.89 62.57
CA ASN D 413 39.29 -5.45 61.56
C ASN D 413 39.93 -4.38 60.66
N THR D 414 39.22 -3.92 59.64
CA THR D 414 39.72 -2.79 58.85
C THR D 414 39.48 -1.51 59.63
N PHE D 415 40.16 -1.34 60.75
CA PHE D 415 40.10 -0.07 61.47
C PHE D 415 41.29 0.80 61.12
N GLU D 416 42.49 0.27 61.35
CA GLU D 416 43.74 0.98 61.08
C GLU D 416 43.72 1.67 59.72
N ASN D 417 43.56 0.90 58.64
CA ASN D 417 43.45 1.45 57.27
C ASN D 417 42.38 2.54 57.16
N ASP D 418 41.23 2.27 57.76
CA ASP D 418 40.08 3.15 57.61
C ASP D 418 40.23 4.43 58.43
N PHE D 419 40.69 4.30 59.69
CA PHE D 419 40.74 5.45 60.61
C PHE D 419 41.91 6.41 60.35
N LEU D 420 43.07 5.84 60.01
CA LEU D 420 44.29 6.61 59.78
C LEU D 420 44.13 7.85 58.91
N ARG D 421 43.21 7.81 57.95
CA ARG D 421 42.99 8.97 57.09
C ARG D 421 42.19 10.11 57.73
N TYR D 422 41.61 9.89 58.91
CA TYR D 422 40.95 10.95 59.65
C TYR D 422 41.75 11.37 60.87
N GLN D 423 42.64 10.51 61.32
CA GLN D 423 43.34 10.70 62.59
C GLN D 423 44.05 12.05 62.65
N PRO D 424 43.75 12.84 63.70
CA PRO D 424 44.42 14.12 63.94
C PRO D 424 45.89 13.94 64.27
N GLU D 425 46.71 14.83 63.72
CA GLU D 425 48.13 14.84 64.02
C GLU D 425 48.32 15.36 65.44
N LEU D 426 49.40 14.93 66.07
CA LEU D 426 49.67 15.31 67.46
C LEU D 426 51.17 15.38 67.72
N ASN D 427 51.78 16.53 67.42
CA ASN D 427 53.22 16.71 67.66
C ASN D 427 53.55 16.97 69.11
N LEU D 428 54.85 17.08 69.38
CA LEU D 428 55.42 17.00 70.72
C LEU D 428 54.60 17.62 71.85
N PHE D 429 54.91 18.84 72.25
CA PHE D 429 54.38 19.33 73.52
C PHE D 429 52.90 19.75 73.50
N ASP D 430 52.17 19.30 72.47
CA ASP D 430 50.75 19.67 72.30
C ASP D 430 49.89 19.30 73.50
N PHE D 431 49.89 18.03 73.88
CA PHE D 431 49.02 17.54 74.93
C PHE D 431 49.31 18.13 76.33
N LEU D 432 50.29 19.04 76.40
CA LEU D 432 50.64 19.75 77.62
C LEU D 432 49.83 21.04 77.77
N SER D 433 49.57 21.68 76.63
CA SER D 433 48.76 22.91 76.56
C SER D 433 47.26 22.63 76.42
N SER D 434 46.49 23.01 77.45
CA SER D 434 45.02 22.84 77.50
C SER D 434 44.22 23.33 76.26
N GLY D 435 44.76 24.31 75.54
CA GLY D 435 44.11 24.80 74.33
C GLY D 435 44.40 23.94 73.12
N LYS D 436 45.65 23.49 73.02
CA LYS D 436 46.09 22.63 71.93
C LYS D 436 45.49 21.27 72.11
N ARG D 437 45.31 20.89 73.39
CA ARG D 437 44.65 19.65 73.77
C ARG D 437 43.15 19.73 73.47
N GLU D 438 42.63 20.95 73.41
CA GLU D 438 41.22 21.18 73.03
C GLU D 438 41.05 21.03 71.53
N ALA D 439 41.85 21.79 70.76
CA ALA D 439 41.83 21.71 69.29
C ALA D 439 41.95 20.27 68.85
N PHE D 440 42.98 19.57 69.36
CA PHE D 440 43.14 18.15 69.11
C PHE D 440 41.89 17.35 69.47
N ASN D 441 41.34 17.61 70.65
CA ASN D 441 40.13 16.93 71.12
C ASN D 441 38.90 17.11 70.22
N ALA D 442 38.74 18.31 69.66
CA ALA D 442 37.68 18.58 68.69
C ALA D 442 37.95 17.80 67.41
N ALA D 443 39.21 17.81 66.98
CA ALA D 443 39.65 17.12 65.75
C ALA D 443 39.48 15.60 65.85
N LEU D 444 39.70 15.05 67.04
CA LEU D 444 39.50 13.63 67.29
C LEU D 444 38.01 13.34 67.26
N GLN D 445 37.24 14.23 67.90
CA GLN D 445 35.78 14.23 67.82
C GLN D 445 35.31 14.13 66.37
N LYS D 446 35.76 15.07 65.54
CA LYS D 446 35.38 15.14 64.14
C LYS D 446 35.77 13.88 63.37
N ALA D 447 36.99 13.42 63.61
CA ALA D 447 37.53 12.19 63.00
C ALA D 447 36.59 10.99 63.17
N PHE D 448 36.25 10.69 64.42
CA PHE D 448 35.38 9.57 64.71
C PHE D 448 34.02 9.72 64.08
N GLU D 449 33.51 10.95 64.04
CA GLU D 449 32.24 11.20 63.40
C GLU D 449 32.35 10.89 61.94
N GLN D 450 33.38 11.43 61.29
CA GLN D 450 33.63 11.15 59.90
C GLN D 450 33.80 9.67 59.67
N TYR D 451 34.63 9.03 60.50
CA TYR D 451 34.79 7.58 60.47
C TYR D 451 33.43 6.88 60.49
N ILE D 452 32.73 6.98 61.61
CA ILE D 452 31.42 6.34 61.76
C ILE D 452 30.48 6.62 60.57
N THR D 453 30.29 7.89 60.26
CA THR D 453 29.42 8.28 59.14
C THR D 453 29.81 7.56 57.85
N ASP D 454 31.10 7.52 57.55
CA ASP D 454 31.60 6.81 56.37
C ASP D 454 31.19 5.35 56.37
N LYS D 455 31.32 4.71 57.53
CA LYS D 455 31.10 3.27 57.68
C LYS D 455 29.62 2.88 57.64
N SER D 456 28.81 3.54 58.45
CA SER D 456 27.40 3.20 58.52
C SER D 456 26.69 3.53 57.22
N ALA D 457 27.11 4.60 56.55
CA ALA D 457 26.61 4.94 55.21
C ALA D 457 26.99 3.87 54.21
N ALA D 458 28.21 3.35 54.32
CA ALA D 458 28.64 2.26 53.47
C ALA D 458 27.68 1.10 53.63
N TRP D 459 27.35 0.80 54.89
CA TRP D 459 26.48 -0.35 55.21
C TRP D 459 25.05 -0.16 54.70
N THR D 460 24.53 1.06 54.77
CA THR D 460 23.16 1.31 54.33
C THR D 460 23.02 1.04 52.84
N LEU D 461 23.99 1.50 52.06
CA LEU D 461 24.08 1.24 50.63
C LEU D 461 23.97 -0.26 50.34
N THR D 462 24.33 -1.07 51.32
CA THR D 462 24.27 -2.52 51.20
C THR D 462 22.88 -3.04 51.53
N ALA D 463 22.24 -2.43 52.55
CA ALA D 463 20.85 -2.72 52.90
C ALA D 463 19.90 -2.31 51.79
N GLU D 464 20.05 -1.08 51.30
CA GLU D 464 19.27 -0.55 50.16
C GLU D 464 19.08 -1.60 49.09
N LYS D 465 20.20 -2.17 48.65
CA LYS D 465 20.19 -3.19 47.62
C LYS D 465 19.22 -4.33 47.93
N ASP D 466 19.25 -4.82 49.18
CA ASP D 466 18.35 -5.89 49.66
C ASP D 466 16.88 -5.46 49.71
N ILE D 467 16.61 -4.28 50.28
CA ILE D 467 15.26 -3.73 50.33
C ILE D 467 14.70 -3.61 48.91
N ASN D 468 15.46 -3.03 47.99
CA ASN D 468 15.05 -2.92 46.60
C ASN D 468 14.74 -4.25 45.93
N ALA D 469 15.55 -5.26 46.23
CA ALA D 469 15.42 -6.59 45.65
C ALA D 469 14.12 -7.23 46.08
N ALA D 470 13.78 -7.05 47.36
CA ALA D 470 12.55 -7.57 47.95
C ALA D 470 11.30 -6.93 47.32
N PHE D 471 11.33 -5.61 47.18
CA PHE D 471 10.24 -4.85 46.56
C PHE D 471 10.01 -5.16 45.08
N LYS D 472 11.08 -5.49 44.35
CA LYS D 472 10.95 -5.87 42.95
C LYS D 472 10.26 -7.23 42.84
N GLU D 473 10.52 -8.09 43.83
CA GLU D 473 9.95 -9.43 43.85
C GLU D 473 8.49 -9.40 44.23
N LEU D 474 8.13 -8.43 45.08
CA LEU D 474 6.74 -8.21 45.47
C LEU D 474 6.01 -7.56 44.31
N SER D 475 6.73 -6.74 43.56
CA SER D 475 6.21 -6.11 42.35
C SER D 475 5.82 -7.15 41.31
N ARG D 476 6.59 -8.24 41.21
CA ARG D 476 6.30 -9.34 40.29
C ARG D 476 5.15 -10.22 40.79
N SER D 477 5.05 -10.40 42.10
CA SER D 477 3.95 -11.15 42.70
C SER D 477 2.64 -10.40 42.57
N ALA D 478 2.72 -9.08 42.66
CA ALA D 478 1.55 -8.25 42.45
C ALA D 478 1.08 -8.40 41.01
N SER D 479 2.03 -8.51 40.08
CA SER D 479 1.72 -8.73 38.68
C SER D 479 0.97 -10.05 38.47
N GLN D 480 1.47 -11.13 39.10
CA GLN D 480 0.84 -12.45 39.08
C GLN D 480 -0.55 -12.43 39.70
N TYR D 481 -0.62 -12.08 40.98
CA TYR D 481 -1.89 -12.00 41.68
C TYR D 481 -2.84 -11.13 40.90
N GLY D 482 -2.34 -10.05 40.31
CA GLY D 482 -3.13 -9.19 39.42
C GLY D 482 -3.73 -9.94 38.23
N ALA D 483 -2.90 -10.71 37.53
CA ALA D 483 -3.35 -11.48 36.39
C ALA D 483 -4.40 -12.48 36.85
N SER D 484 -4.11 -13.12 37.98
CA SER D 484 -5.02 -14.09 38.56
C SER D 484 -6.30 -13.40 39.03
N TYR D 485 -6.17 -12.17 39.50
CA TYR D 485 -7.31 -11.35 39.93
C TYR D 485 -8.22 -10.99 38.76
N ASN D 486 -7.63 -10.81 37.58
CA ASN D 486 -8.42 -10.47 36.40
C ASN D 486 -9.19 -11.69 35.89
N GLN D 487 -8.58 -12.87 36.00
CA GLN D 487 -9.27 -14.13 35.70
C GLN D 487 -10.59 -14.12 36.42
N ILE D 488 -10.52 -14.10 37.75
CA ILE D 488 -11.70 -14.13 38.61
C ILE D 488 -12.67 -13.00 38.26
N THR D 489 -12.11 -11.90 37.78
CA THR D 489 -12.90 -10.70 37.58
C THR D 489 -13.78 -10.78 36.34
N ASP D 490 -13.22 -11.30 35.24
CA ASP D 490 -13.98 -11.56 34.01
C ASP D 490 -15.06 -12.61 34.25
N GLN D 491 -14.75 -13.61 35.08
CA GLN D 491 -15.71 -14.64 35.48
C GLN D 491 -16.92 -14.04 36.19
N ILE D 492 -16.68 -13.00 36.98
CA ILE D 492 -17.78 -12.25 37.61
C ILE D 492 -18.66 -11.60 36.53
N THR D 493 -18.06 -10.80 35.65
CA THR D 493 -18.80 -10.13 34.58
C THR D 493 -19.55 -11.12 33.69
N GLU D 494 -18.97 -12.30 33.50
CA GLU D 494 -19.60 -13.37 32.74
C GLU D 494 -20.81 -13.93 33.50
N LYS D 495 -20.55 -14.58 34.63
CA LYS D 495 -21.61 -15.16 35.47
C LYS D 495 -22.74 -14.19 35.78
N LEU D 496 -22.51 -12.89 35.56
CA LEU D 496 -23.52 -11.88 35.77
C LEU D 496 -24.30 -11.53 34.52
N THR D 497 -23.58 -11.33 33.42
CA THR D 497 -24.21 -10.94 32.15
C THR D 497 -24.66 -12.13 31.31
N GLY D 498 -23.70 -13.03 31.03
CA GLY D 498 -23.90 -14.12 30.08
C GLY D 498 -22.77 -14.08 29.06
N LYS D 499 -22.70 -12.98 28.32
CA LYS D 499 -21.66 -12.77 27.30
C LYS D 499 -20.42 -12.07 27.84
N ASP D 500 -19.26 -12.45 27.30
CA ASP D 500 -17.96 -11.89 27.68
C ASP D 500 -17.65 -10.62 26.86
N VAL D 501 -16.44 -10.09 27.03
CA VAL D 501 -15.91 -9.01 26.18
C VAL D 501 -14.42 -9.23 25.90
N GLU D 510 -0.08 -3.86 24.66
CA GLU D 510 1.33 -3.78 25.07
C GLU D 510 1.61 -2.95 26.34
N GLU D 511 0.73 -2.00 26.66
CA GLU D 511 0.76 -1.33 27.97
C GLU D 511 0.17 -2.29 29.02
N ASP D 512 1.04 -2.78 29.92
CA ASP D 512 0.64 -3.77 30.92
C ASP D 512 -0.63 -3.36 31.69
N ASN D 513 -1.71 -4.11 31.50
CA ASN D 513 -2.97 -3.81 32.18
C ASN D 513 -3.42 -4.85 33.22
N SER D 514 -2.67 -4.90 34.32
CA SER D 514 -3.11 -5.54 35.55
C SER D 514 -4.03 -4.56 36.30
N PRO D 515 -4.78 -5.03 37.31
CA PRO D 515 -5.82 -4.20 37.91
C PRO D 515 -5.27 -3.02 38.69
N GLY D 516 -6.10 -1.98 38.85
CA GLY D 516 -5.75 -0.78 39.59
C GLY D 516 -4.78 -1.01 40.71
N TRP D 517 -5.22 -1.71 41.75
CA TRP D 517 -4.39 -2.00 42.92
C TRP D 517 -3.03 -2.60 42.58
N ALA D 518 -3.02 -3.53 41.61
CA ALA D 518 -1.80 -4.22 41.24
C ALA D 518 -0.79 -3.25 40.63
N LYS D 519 -1.30 -2.26 39.90
CA LYS D 519 -0.45 -1.22 39.36
C LYS D 519 0.21 -0.46 40.50
N TRP D 520 -0.59 0.15 41.36
CA TRP D 520 -0.06 0.81 42.56
C TRP D 520 0.98 -0.06 43.30
N ALA D 521 0.59 -1.30 43.61
CA ALA D 521 1.48 -2.26 44.26
C ALA D 521 2.79 -2.46 43.48
N MET D 522 2.69 -2.45 42.16
CA MET D 522 3.87 -2.64 41.32
C MET D 522 4.75 -1.40 41.24
N GLY D 523 4.23 -0.25 41.65
CA GLY D 523 5.00 0.98 41.62
C GLY D 523 4.79 1.78 40.34
N LEU D 524 4.06 1.20 39.41
CA LEU D 524 3.72 1.84 38.15
C LEU D 524 2.97 3.17 38.32
N LEU D 525 2.38 3.38 39.51
CA LEU D 525 1.70 4.62 39.81
C LEU D 525 2.20 5.22 41.10
N SER D 526 2.55 6.50 41.05
CA SER D 526 2.99 7.25 42.24
C SER D 526 2.99 8.75 41.96
N ALA D 540 11.45 5.03 40.32
CA ALA D 540 11.65 4.74 41.74
C ALA D 540 10.40 4.11 42.40
N GLY D 541 9.72 3.21 41.69
CA GLY D 541 8.57 2.43 42.19
C GLY D 541 7.85 2.89 43.46
N PHE D 542 7.87 2.06 44.49
CA PHE D 542 7.30 2.41 45.79
C PHE D 542 8.32 3.24 46.57
N ASP D 543 7.82 4.19 47.37
CA ASP D 543 8.69 5.18 48.00
C ASP D 543 9.18 4.77 49.39
N TRP D 544 9.74 3.56 49.48
CA TRP D 544 10.20 3.00 50.75
C TRP D 544 11.28 3.86 51.39
N LYS D 545 12.09 4.51 50.54
CA LYS D 545 13.20 5.36 50.95
C LYS D 545 12.73 6.46 51.87
N ASN D 546 11.62 7.10 51.51
CA ASN D 546 11.01 8.17 52.34
C ASN D 546 10.26 7.69 53.57
N ILE D 547 9.57 6.55 53.44
CA ILE D 547 8.95 5.87 54.58
C ILE D 547 10.04 5.55 55.61
N LEU D 548 11.15 5.00 55.13
CA LEU D 548 12.34 4.72 55.94
C LEU D 548 12.94 6.01 56.50
N LEU D 549 12.87 7.08 55.72
CA LEU D 549 13.49 8.36 56.07
C LEU D 549 12.64 9.21 57.02
N ASN D 550 11.32 9.18 56.85
CA ASN D 550 10.40 9.90 57.73
C ASN D 550 10.40 9.27 59.11
N TYR D 551 10.48 7.95 59.16
CA TYR D 551 10.56 7.19 60.43
C TYR D 551 11.85 7.43 61.20
N PHE D 552 12.97 7.57 60.48
CA PHE D 552 14.27 7.84 61.11
C PHE D 552 14.37 9.23 61.75
N THR D 553 13.49 10.14 61.33
CA THR D 553 13.39 11.49 61.89
C THR D 553 12.69 11.50 63.26
N VAL D 554 11.63 10.68 63.41
CA VAL D 554 10.87 10.59 64.67
C VAL D 554 11.58 9.77 65.77
N ILE D 555 12.87 9.50 65.58
CA ILE D 555 13.70 8.85 66.62
C ILE D 555 14.98 9.68 66.90
N GLY D 556 15.78 9.97 65.87
CA GLY D 556 17.02 10.75 66.03
C GLY D 556 18.20 10.12 65.29
N ILE D 557 19.12 10.97 64.85
CA ILE D 557 20.34 10.52 64.14
C ILE D 557 21.42 11.60 63.85
N GLY D 558 21.71 12.50 64.81
CA GLY D 558 21.17 12.49 66.18
C GLY D 558 21.95 11.60 67.12
N GLY D 559 21.22 10.81 67.92
CA GLY D 559 21.80 9.85 68.87
C GLY D 559 22.74 8.82 68.25
N ILE D 560 22.70 8.73 66.93
CA ILE D 560 23.60 7.86 66.17
C ILE D 560 25.03 8.39 66.34
N ILE D 561 25.32 9.51 65.71
CA ILE D 561 26.71 9.96 65.50
C ILE D 561 27.38 10.56 66.75
N THR D 562 27.05 11.81 67.05
CA THR D 562 27.75 12.60 68.08
C THR D 562 27.60 12.03 69.50
N ALA D 563 26.46 11.41 69.80
CA ALA D 563 26.27 10.76 71.10
C ALA D 563 27.26 9.61 71.29
N VAL D 564 27.19 8.63 70.40
CA VAL D 564 28.09 7.47 70.41
C VAL D 564 29.56 7.89 70.55
N THR D 565 30.02 8.73 69.62
CA THR D 565 31.40 9.23 69.59
C THR D 565 31.87 9.79 70.94
N GLY D 566 31.04 10.60 71.59
CA GLY D 566 31.36 11.22 72.88
C GLY D 566 31.78 10.24 73.95
N ILE D 567 31.14 9.06 73.96
CA ILE D 567 31.46 7.99 74.94
C ILE D 567 32.90 7.48 74.82
N LEU D 568 33.56 7.82 73.71
CA LEU D 568 34.91 7.34 73.40
C LEU D 568 36.03 8.34 73.74
N LEU D 569 35.73 9.63 73.61
CA LEU D 569 36.74 10.68 73.74
C LEU D 569 37.37 10.80 75.13
N GLY D 570 36.56 10.74 76.17
CA GLY D 570 37.07 10.71 77.54
C GLY D 570 38.17 9.68 77.71
N PRO D 571 37.80 8.37 77.74
CA PRO D 571 38.69 7.21 77.87
C PRO D 571 39.94 7.18 76.97
N ILE D 572 39.91 7.86 75.83
CA ILE D 572 41.08 8.00 74.98
C ILE D 572 42.07 9.03 75.57
N GLY D 573 41.57 10.21 75.94
CA GLY D 573 42.37 11.19 76.70
C GLY D 573 43.02 10.56 77.92
N PHE D 574 42.22 9.87 78.74
CA PHE D 574 42.70 9.07 79.87
C PHE D 574 43.91 8.23 79.42
N ALA D 575 43.68 7.34 78.46
CA ALA D 575 44.68 6.36 78.01
C ALA D 575 45.94 7.01 77.44
N LEU D 576 45.76 8.15 76.75
CA LEU D 576 46.88 8.90 76.19
C LEU D 576 47.75 9.55 77.27
N LEU D 577 47.22 9.70 78.48
CA LEU D 577 48.05 10.10 79.62
C LEU D 577 48.85 8.90 80.15
N GLY D 578 48.29 7.70 79.95
CA GLY D 578 48.86 6.45 80.46
C GLY D 578 50.18 6.04 79.82
N LEU D 579 50.44 6.58 78.63
CA LEU D 579 51.75 6.39 77.98
C LEU D 579 52.55 7.70 77.88
N GLY D 580 51.95 8.79 78.37
CA GLY D 580 52.65 10.07 78.48
C GLY D 580 52.89 10.79 77.17
N VAL D 581 51.86 10.81 76.30
CA VAL D 581 51.89 11.67 75.11
C VAL D 581 51.94 13.11 75.59
N GLY D 582 52.39 14.00 74.72
CA GLY D 582 52.77 15.33 75.16
C GLY D 582 54.28 15.35 75.31
N PHE D 583 54.86 14.22 75.72
CA PHE D 583 56.30 14.01 75.56
C PHE D 583 56.65 13.00 74.46
N LEU D 584 55.66 12.61 73.66
CA LEU D 584 55.92 11.79 72.47
C LEU D 584 55.81 12.63 71.21
N GLN D 585 56.60 12.27 70.20
CA GLN D 585 56.64 13.01 68.96
C GLN D 585 55.54 12.53 68.03
N ALA D 586 55.30 13.26 66.95
CA ALA D 586 54.16 12.97 66.06
C ALA D 586 54.09 11.50 65.67
N ASP D 587 55.24 10.94 65.27
CA ASP D 587 55.30 9.55 64.84
C ASP D 587 55.02 8.59 65.99
N GLN D 588 55.54 8.89 67.18
CA GLN D 588 55.35 8.05 68.35
C GLN D 588 53.90 8.11 68.75
N ALA D 589 53.34 9.32 68.72
CA ALA D 589 51.97 9.56 69.15
C ALA D 589 50.94 8.98 68.17
N ARG D 590 51.28 8.95 66.89
CA ARG D 590 50.43 8.40 65.84
C ARG D 590 50.24 6.90 66.07
N ARG D 591 51.35 6.18 66.16
CA ARG D 591 51.38 4.75 66.45
C ARG D 591 50.44 4.45 67.62
N GLU D 592 50.62 5.16 68.73
CA GLU D 592 49.83 4.93 69.95
C GLU D 592 48.37 5.35 69.88
N LEU D 593 48.04 6.38 69.11
CA LEU D 593 46.66 6.86 69.02
C LEU D 593 45.74 5.80 68.42
N VAL D 594 46.08 5.30 67.23
CA VAL D 594 45.27 4.32 66.51
C VAL D 594 44.94 3.17 67.43
N LYS D 595 45.97 2.59 68.04
CA LYS D 595 45.80 1.43 68.91
C LYS D 595 44.84 1.74 70.07
N THR D 596 44.99 2.92 70.67
CA THR D 596 44.08 3.35 71.74
C THR D 596 42.66 3.61 71.23
N ALA D 597 42.56 4.05 69.98
CA ALA D 597 41.26 4.21 69.33
C ALA D 597 40.60 2.85 69.07
N LYS D 598 41.34 1.94 68.43
CA LYS D 598 40.86 0.59 68.14
C LYS D 598 40.41 -0.08 69.44
N LYS D 599 41.28 -0.05 70.45
CA LYS D 599 40.97 -0.67 71.73
C LYS D 599 39.65 -0.15 72.27
N GLU D 600 39.43 1.16 72.13
CA GLU D 600 38.24 1.79 72.68
C GLU D 600 36.97 1.47 71.89
N LEU D 601 37.05 1.64 70.57
CA LEU D 601 35.94 1.36 69.69
C LEU D 601 35.43 -0.09 69.81
N VAL D 602 36.35 -1.04 69.85
CA VAL D 602 35.99 -2.45 70.02
C VAL D 602 35.35 -2.71 71.39
N LYS D 603 35.67 -1.87 72.38
CA LYS D 603 35.09 -2.01 73.72
C LYS D 603 33.61 -1.65 73.75
N HIS D 604 33.13 -0.95 72.71
CA HIS D 604 31.72 -0.58 72.65
C HIS D 604 30.94 -1.12 71.46
N LEU D 605 31.59 -1.94 70.63
CA LEU D 605 30.91 -2.56 69.50
C LEU D 605 29.69 -3.42 69.90
N PRO D 606 29.82 -4.28 70.95
CA PRO D 606 28.66 -5.11 71.26
C PRO D 606 27.42 -4.32 71.71
N GLN D 607 27.61 -3.29 72.53
CA GLN D 607 26.49 -2.50 73.06
C GLN D 607 25.80 -1.66 71.97
N VAL D 608 26.55 -1.22 70.97
CA VAL D 608 25.97 -0.51 69.82
C VAL D 608 25.21 -1.49 68.93
N ALA D 609 25.83 -2.64 68.65
CA ALA D 609 25.22 -3.68 67.81
C ALA D 609 23.93 -4.21 68.42
N HIS D 610 23.87 -4.25 69.75
CA HIS D 610 22.66 -4.70 70.46
C HIS D 610 21.56 -3.65 70.38
N GLU D 611 21.79 -2.49 70.98
CA GLU D 611 20.78 -1.44 71.05
C GLU D 611 20.30 -0.98 69.67
N GLN D 612 21.25 -0.78 68.76
CA GLN D 612 20.96 -0.17 67.46
C GLN D 612 20.45 -1.14 66.41
N SER D 613 20.70 -2.42 66.63
CA SER D 613 20.23 -3.46 65.72
C SER D 613 18.72 -3.51 65.70
N GLN D 614 18.13 -3.34 66.88
CA GLN D 614 16.67 -3.38 67.08
C GLN D 614 15.97 -2.18 66.44
N VAL D 615 16.67 -1.06 66.35
CA VAL D 615 16.14 0.12 65.66
C VAL D 615 16.13 -0.13 64.15
N VAL D 616 17.22 -0.72 63.65
CA VAL D 616 17.29 -1.08 62.23
C VAL D 616 16.15 -2.03 61.89
N TYR D 617 15.91 -3.02 62.75
CA TYR D 617 14.81 -3.97 62.60
C TYR D 617 13.48 -3.25 62.38
N ASN D 618 13.15 -2.35 63.29
CA ASN D 618 11.85 -1.68 63.26
C ASN D 618 11.68 -0.79 62.04
N ALA D 619 12.79 -0.21 61.60
CA ALA D 619 12.78 0.61 60.39
C ALA D 619 12.37 -0.24 59.19
N VAL D 620 12.99 -1.41 59.07
CA VAL D 620 12.74 -2.30 57.94
C VAL D 620 11.34 -2.90 58.05
N LYS D 621 10.83 -2.99 59.27
CA LYS D 621 9.49 -3.48 59.52
C LYS D 621 8.46 -2.47 59.07
N GLU D 622 8.62 -1.21 59.48
CA GLU D 622 7.64 -0.15 59.16
C GLU D 622 7.62 0.10 57.67
N CYS D 623 8.74 -0.25 57.05
CA CYS D 623 8.94 -0.10 55.63
C CYS D 623 7.95 -0.97 54.88
N PHE D 624 7.99 -2.27 55.13
CA PHE D 624 7.11 -3.22 54.47
C PHE D 624 5.69 -3.19 55.03
N ASP D 625 5.56 -2.84 56.30
CA ASP D 625 4.24 -2.64 56.88
C ASP D 625 3.51 -1.48 56.20
N SER D 626 4.24 -0.45 55.81
CA SER D 626 3.65 0.68 55.11
C SER D 626 3.05 0.28 53.76
N TYR D 627 3.78 -0.57 53.04
CA TYR D 627 3.33 -1.16 51.78
C TYR D 627 2.10 -2.02 52.01
N GLU D 628 2.21 -2.98 52.93
CA GLU D 628 1.13 -3.91 53.28
C GLU D 628 -0.18 -3.19 53.58
N ARG D 629 -0.07 -2.04 54.22
CA ARG D 629 -1.22 -1.28 54.66
C ARG D 629 -1.90 -0.64 53.46
N GLU D 630 -1.11 0.01 52.60
CA GLU D 630 -1.65 0.66 51.38
C GLU D 630 -2.24 -0.36 50.39
N VAL D 631 -1.61 -1.53 50.29
CA VAL D 631 -2.05 -2.57 49.35
C VAL D 631 -3.37 -3.18 49.78
N SER D 632 -3.41 -3.73 50.99
CA SER D 632 -4.64 -4.27 51.56
C SER D 632 -5.81 -3.32 51.35
N LYS D 633 -5.58 -2.03 51.63
CA LYS D 633 -6.61 -1.02 51.42
C LYS D 633 -7.09 -1.03 49.97
N ARG D 634 -6.16 -0.96 49.03
CA ARG D 634 -6.52 -0.87 47.60
C ARG D 634 -7.22 -2.12 47.05
N ILE D 635 -6.80 -3.30 47.50
CA ILE D 635 -7.44 -4.56 47.10
C ILE D 635 -8.83 -4.69 47.75
N ASN D 636 -8.96 -4.27 49.00
CA ASN D 636 -10.28 -4.27 49.65
C ASN D 636 -11.23 -3.26 49.06
N ASP D 637 -10.72 -2.06 48.78
CA ASP D 637 -11.53 -1.02 48.16
C ASP D 637 -12.14 -1.57 46.87
N ASP D 638 -11.34 -2.27 46.07
CA ASP D 638 -11.81 -2.88 44.84
C ASP D 638 -12.93 -3.90 45.10
N ILE D 639 -12.62 -4.92 45.91
CA ILE D 639 -13.62 -5.93 46.24
C ILE D 639 -14.88 -5.25 46.73
N VAL D 640 -14.76 -4.43 47.76
CA VAL D 640 -15.90 -3.71 48.33
C VAL D 640 -16.69 -2.96 47.25
N SER D 641 -16.01 -2.16 46.45
CA SER D 641 -16.64 -1.47 45.32
C SER D 641 -17.51 -2.39 44.51
N ARG D 642 -16.88 -3.41 43.94
CA ARG D 642 -17.54 -4.40 43.10
C ARG D 642 -18.80 -5.00 43.74
N LYS D 643 -18.77 -5.20 45.06
CA LYS D 643 -19.94 -5.63 45.82
C LYS D 643 -21.01 -4.52 45.90
N SER D 644 -20.61 -3.32 46.33
CA SER D 644 -21.51 -2.17 46.44
C SER D 644 -22.23 -1.92 45.12
N GLU D 645 -21.50 -2.06 44.02
CA GLU D 645 -21.99 -1.83 42.68
C GLU D 645 -23.23 -2.68 42.41
N LEU D 646 -23.17 -3.92 42.89
CA LEU D 646 -24.27 -4.84 42.76
C LEU D 646 -25.40 -4.49 43.72
N ASP D 647 -25.10 -4.40 45.01
CA ASP D 647 -26.11 -4.10 46.02
C ASP D 647 -26.93 -2.85 45.76
N ASN D 648 -26.26 -1.78 45.32
CA ASN D 648 -26.96 -0.52 45.04
C ASN D 648 -28.14 -0.75 44.11
N LEU D 649 -27.91 -1.54 43.07
CA LEU D 649 -28.94 -1.92 42.11
C LEU D 649 -30.05 -2.69 42.80
N VAL D 650 -29.67 -3.70 43.58
CA VAL D 650 -30.62 -4.51 44.33
C VAL D 650 -31.52 -3.58 45.12
N LYS D 651 -30.91 -2.71 45.94
CA LYS D 651 -31.69 -1.75 46.71
C LYS D 651 -32.58 -0.88 45.84
N GLN D 652 -32.08 -0.44 44.68
CA GLN D 652 -32.91 0.31 43.74
C GLN D 652 -34.15 -0.49 43.34
N LYS D 653 -33.92 -1.65 42.73
CA LYS D 653 -35.03 -2.45 42.21
C LYS D 653 -36.09 -2.72 43.27
N GLN D 654 -35.67 -2.86 44.52
CA GLN D 654 -36.58 -3.11 45.65
C GLN D 654 -37.37 -1.88 46.10
N THR D 655 -36.87 -0.68 45.80
CA THR D 655 -37.50 0.56 46.27
C THR D 655 -38.00 1.43 45.12
N ARG D 656 -37.09 2.15 44.48
CA ARG D 656 -37.39 3.07 43.38
C ARG D 656 -37.91 2.34 42.14
N GLU D 657 -38.72 3.06 41.36
CA GLU D 657 -39.05 2.64 40.00
C GLU D 657 -38.18 3.47 39.06
N ILE D 658 -37.66 2.87 38.00
CA ILE D 658 -36.85 3.61 37.01
C ILE D 658 -37.23 3.32 35.55
N ASN D 659 -37.16 4.37 34.74
CA ASN D 659 -37.27 4.24 33.29
C ASN D 659 -35.99 3.59 32.77
N ARG D 660 -36.09 2.34 32.33
CA ARG D 660 -34.94 1.59 31.82
C ARG D 660 -34.25 2.35 30.68
N GLU D 661 -35.04 2.91 29.77
CA GLU D 661 -34.45 3.58 28.61
C GLU D 661 -33.65 4.87 28.92
N SER D 662 -34.20 5.74 29.77
CA SER D 662 -33.49 6.96 30.19
C SER D 662 -32.18 6.60 30.88
N GLU D 663 -32.28 5.69 31.84
CA GLU D 663 -31.14 5.22 32.61
C GLU D 663 -30.09 4.56 31.73
N PHE D 664 -30.54 3.84 30.70
CA PHE D 664 -29.63 3.26 29.72
C PHE D 664 -28.85 4.39 29.07
N ASN D 665 -29.57 5.41 28.60
CA ASN D 665 -28.97 6.54 27.91
C ASN D 665 -28.01 7.31 28.81
N ARG D 666 -28.44 7.55 30.04
CA ARG D 666 -27.64 8.24 31.05
C ARG D 666 -26.28 7.55 31.26
N LEU D 667 -26.29 6.22 31.21
CA LEU D 667 -25.09 5.42 31.42
C LEU D 667 -24.23 5.24 30.17
N LYS D 668 -24.84 5.31 28.99
CA LYS D 668 -24.08 5.31 27.75
C LYS D 668 -23.40 6.67 27.55
N ASN D 669 -24.08 7.73 27.99
CA ASN D 669 -23.49 9.07 28.08
C ASN D 669 -22.19 9.09 28.87
N LEU D 670 -22.21 8.49 30.07
CA LEU D 670 -21.05 8.44 30.95
C LEU D 670 -19.82 7.86 30.23
N GLN D 671 -19.98 6.63 29.71
CA GLN D 671 -18.95 6.01 28.88
C GLN D 671 -18.45 6.97 27.82
N GLU D 672 -19.39 7.62 27.13
CA GLU D 672 -19.06 8.56 26.05
C GLU D 672 -18.29 9.81 26.56
N ASP D 673 -18.78 10.40 27.66
CA ASP D 673 -18.20 11.61 28.26
C ASP D 673 -16.79 11.37 28.76
N VAL D 674 -16.64 10.27 29.51
CA VAL D 674 -15.39 9.89 30.12
C VAL D 674 -14.37 9.47 29.08
N ILE D 675 -14.81 8.73 28.07
CA ILE D 675 -13.95 8.29 26.98
C ILE D 675 -13.40 9.50 26.20
N ALA D 676 -14.17 10.60 26.18
CA ALA D 676 -13.80 11.83 25.47
C ALA D 676 -12.67 12.55 26.18
N GLN D 677 -12.81 12.66 27.50
CA GLN D 677 -11.80 13.25 28.35
C GLN D 677 -10.49 12.46 28.32
N LEU D 678 -10.61 11.13 28.23
CA LEU D 678 -9.45 10.26 28.14
C LEU D 678 -8.69 10.55 26.86
N GLN D 679 -9.42 10.63 25.76
CA GLN D 679 -8.81 10.82 24.44
C GLN D 679 -8.03 12.13 24.34
N LYS D 680 -8.52 13.16 25.01
CA LYS D 680 -7.81 14.44 25.10
C LYS D 680 -6.47 14.28 25.82
N ILE D 681 -6.51 13.58 26.95
CA ILE D 681 -5.33 13.25 27.74
C ILE D 681 -4.36 12.41 26.93
N GLU D 682 -4.91 11.43 26.21
CA GLU D 682 -4.09 10.56 25.37
C GLU D 682 -3.51 11.28 24.16
N ALA D 683 -4.24 12.26 23.64
CA ALA D 683 -3.74 13.10 22.55
C ALA D 683 -2.64 14.03 23.05
N ALA D 684 -2.88 14.69 24.18
CA ALA D 684 -1.87 15.57 24.78
C ALA D 684 -0.55 14.84 24.88
N TYR D 685 -0.56 13.69 25.56
CA TYR D 685 0.63 12.85 25.70
C TYR D 685 1.20 12.52 24.32
N SER D 686 0.33 12.00 23.45
CA SER D 686 0.69 11.56 22.12
C SER D 686 1.37 12.66 21.28
N ASN D 687 0.79 13.86 21.31
CA ASN D 687 1.29 15.01 20.54
C ASN D 687 2.68 15.45 20.97
N LEU D 688 2.90 15.41 22.29
CA LEU D 688 4.19 15.75 22.88
C LEU D 688 5.23 14.75 22.40
N LEU D 689 5.02 13.47 22.72
CA LEU D 689 5.97 12.42 22.34
C LEU D 689 6.21 12.36 20.83
N ALA D 690 5.21 12.75 20.04
CA ALA D 690 5.31 12.81 18.58
C ALA D 690 6.15 13.99 18.13
N TYR D 691 6.03 15.10 18.86
CA TYR D 691 6.85 16.27 18.59
C TYR D 691 8.34 16.00 18.90
N TYR D 692 8.59 15.37 20.04
CA TYR D 692 9.95 15.00 20.45
C TYR D 692 10.63 14.05 19.46
N SER D 693 9.87 13.07 18.99
CA SER D 693 10.40 12.05 18.07
C SER D 693 10.86 12.63 16.72
N HIS D 694 10.16 13.65 16.23
CA HIS D 694 10.51 14.24 14.94
C HIS D 694 11.40 15.49 15.03
N HIS D 695 11.91 15.78 16.22
CA HIS D 695 12.76 16.95 16.46
C HIS D 695 13.91 16.63 17.41
#